data_2GGE
#
_entry.id   2GGE
#
_cell.length_a   112.417
_cell.length_b   110.654
_cell.length_c   129.308
_cell.angle_alpha   90.00
_cell.angle_beta   105.77
_cell.angle_gamma   90.00
#
_symmetry.space_group_name_H-M   'P 1 21 1'
#
loop_
_entity.id
_entity.type
_entity.pdbx_description
1 polymer yitF
2 non-polymer 'MAGNESIUM ION'
3 non-polymer 'CHLORIDE ION'
4 water water
#
_entity_poly.entity_id   1
_entity_poly.type   'polypeptide(L)'
_entity_poly.pdbx_seq_one_letter_code
;MALVKIVRIETFPLFHRLEKPYGDANGFKRYRTCYLIRIITESGIDGWGECVDWLPALHVGFTKRIIPFLLGKQAGSRLS
LVRTIQKWHQRAASAVSMALTEIAAKAADCSVCELWGGRYREEIPVYASFQSYSDSPQWISRSVSNVEAQLKKGFEQIKV
KIGGTSFKEDVRHINALQHTAGSSITMILDANQSYDAAAAFKWERYFSEWTNIGWLEEPLPFDQPQDYAMLRSRLSVPVA
GGENMKGPAQYVPLLSQRCLDIIQPDVMHVNGIDEFRDCLQLARYFGVRASAHAYDGSLSRLYALFAQACLPPWSKMKND
HIEPIEWDVMENPFTDLVSLQPSKGMVHIPKGKGIGTEINMEIVNRYKWDGSAYEGHHHHHH
;
_entity_poly.pdbx_strand_id   A,B,C,D,E,F,G,H
#
# COMPACT_ATOMS: atom_id res chain seq x y z
N LEU A 3 10.37 10.50 55.40
CA LEU A 3 11.58 9.79 54.88
C LEU A 3 12.04 10.36 53.52
N VAL A 4 11.16 10.32 52.51
CA VAL A 4 11.64 10.70 51.19
C VAL A 4 11.07 12.01 50.61
N LYS A 5 10.41 12.84 51.41
CA LYS A 5 10.17 14.19 50.91
C LYS A 5 11.46 14.95 50.47
N ILE A 6 11.38 15.62 49.32
CA ILE A 6 12.54 16.40 48.78
C ILE A 6 12.75 17.68 49.57
N VAL A 7 13.92 17.80 50.18
CA VAL A 7 14.21 19.02 50.98
C VAL A 7 15.18 20.05 50.40
N ARG A 8 16.13 19.59 49.59
CA ARG A 8 17.12 20.53 48.98
C ARG A 8 17.62 19.98 47.64
N ILE A 9 17.87 20.89 46.68
CA ILE A 9 18.46 20.54 45.37
C ILE A 9 19.63 21.49 45.01
N GLU A 10 20.80 20.93 44.73
CA GLU A 10 22.00 21.70 44.33
C GLU A 10 22.25 21.48 42.79
N THR A 11 22.67 22.51 42.06
CA THR A 11 22.86 22.40 40.61
C THR A 11 24.28 22.81 40.33
N PHE A 12 24.83 22.25 39.25
CA PHE A 12 26.24 22.41 38.91
C PHE A 12 26.41 22.56 37.39
N PRO A 13 26.20 23.78 36.85
CA PRO A 13 26.52 23.97 35.42
C PRO A 13 28.02 23.90 35.31
N LEU A 14 28.53 23.02 34.44
CA LEU A 14 29.95 22.96 34.16
C LEU A 14 30.34 23.36 32.70
N PHE A 15 31.56 23.89 32.54
CA PHE A 15 31.99 24.39 31.20
C PHE A 15 33.49 24.17 30.96
N HIS A 16 33.87 23.73 29.77
CA HIS A 16 35.25 23.57 29.40
C HIS A 16 35.45 24.09 27.97
N ARG A 17 36.25 25.16 27.78
CA ARG A 17 36.66 25.51 26.42
C ARG A 17 37.71 24.54 25.88
N LEU A 18 37.49 24.01 24.67
CA LEU A 18 38.40 23.06 24.08
C LEU A 18 39.75 23.69 23.73
N GLU A 19 40.80 23.03 24.15
CA GLU A 19 42.17 23.26 23.73
C GLU A 19 42.23 23.31 22.20
N LYS A 20 41.80 22.23 21.56
CA LYS A 20 41.83 22.13 20.11
C LYS A 20 40.44 21.76 19.56
N PRO A 21 39.82 22.67 18.78
CA PRO A 21 38.48 22.38 18.29
C PRO A 21 38.38 21.12 17.40
N TYR A 22 37.20 20.52 17.38
CA TYR A 22 36.94 19.36 16.53
C TYR A 22 35.49 19.40 16.05
N GLY A 23 35.19 18.65 14.99
CA GLY A 23 33.91 18.81 14.33
C GLY A 23 33.30 17.64 13.62
N ASP A 24 32.03 17.81 13.27
CA ASP A 24 31.37 16.94 12.34
C ASP A 24 30.71 17.76 11.16
N ALA A 25 29.74 17.16 10.46
CA ALA A 25 29.08 17.87 9.33
C ALA A 25 28.35 19.16 9.73
N ASN A 26 27.96 19.28 11.02
CA ASN A 26 27.37 20.49 11.63
C ASN A 26 28.32 21.58 12.03
N GLY A 27 29.61 21.28 12.05
CA GLY A 27 30.63 22.33 12.16
C GLY A 27 31.57 22.05 13.28
N PHE A 28 32.43 23.01 13.61
CA PHE A 28 33.41 22.84 14.67
C PHE A 28 32.77 23.08 16.05
N LYS A 29 33.07 22.17 16.97
CA LYS A 29 32.79 22.32 18.40
C LYS A 29 33.90 23.14 19.09
N ARG A 30 33.52 24.08 19.95
CA ARG A 30 34.50 24.99 20.62
C ARG A 30 34.63 24.78 22.13
N TYR A 31 33.60 24.20 22.71
CA TYR A 31 33.53 23.92 24.15
C TYR A 31 32.63 22.68 24.48
N ARG A 32 32.79 22.11 25.71
CA ARG A 32 31.92 21.06 26.22
C ARG A 32 31.31 21.58 27.52
N THR A 33 30.07 21.21 27.75
CA THR A 33 29.33 21.60 28.94
C THR A 33 28.61 20.41 29.48
N CYS A 34 28.00 20.60 30.63
CA CYS A 34 27.43 19.54 31.39
C CYS A 34 26.67 20.24 32.55
N TYR A 35 25.59 19.62 33.06
CA TYR A 35 24.73 20.26 34.09
C TYR A 35 24.24 19.18 35.01
N LEU A 36 24.84 19.14 36.21
CA LEU A 36 24.52 18.13 37.20
C LEU A 36 23.59 18.74 38.24
N ILE A 37 22.73 17.88 38.80
CA ILE A 37 21.83 18.24 39.91
C ILE A 37 21.99 17.20 41.00
N ARG A 38 21.79 17.64 42.26
CA ARG A 38 21.84 16.74 43.38
C ARG A 38 20.58 17.04 44.16
N ILE A 39 19.70 16.03 44.23
CA ILE A 39 18.43 16.12 44.98
C ILE A 39 18.67 15.41 46.31
N ILE A 40 18.30 16.05 47.43
CA ILE A 40 18.54 15.54 48.79
C ILE A 40 17.17 15.47 49.51
N THR A 41 16.86 14.32 50.11
CA THR A 41 15.58 14.07 50.81
C THR A 41 15.69 14.29 52.35
N GLU A 42 14.53 14.41 53.02
CA GLU A 42 14.47 14.54 54.51
C GLU A 42 15.44 13.62 55.19
N SER A 43 15.47 12.34 54.83
CA SER A 43 16.32 11.36 55.53
C SER A 43 17.83 11.48 55.25
N GLY A 44 18.23 12.40 54.39
CA GLY A 44 19.62 12.42 53.97
C GLY A 44 19.94 11.64 52.69
N ILE A 45 19.04 10.79 52.21
CA ILE A 45 19.38 10.01 50.99
C ILE A 45 19.44 11.01 49.86
N ASP A 46 20.51 10.96 49.07
CA ASP A 46 20.62 11.88 47.91
C ASP A 46 20.81 11.09 46.58
N GLY A 47 20.56 11.76 45.47
CA GLY A 47 20.84 11.20 44.14
C GLY A 47 21.19 12.31 43.17
N TRP A 48 22.00 11.95 42.17
CA TRP A 48 22.46 12.84 41.11
C TRP A 48 21.83 12.53 39.77
N GLY A 49 21.63 13.59 39.00
CA GLY A 49 21.21 13.45 37.61
C GLY A 49 22.01 14.41 36.74
N GLU A 50 21.97 14.19 35.42
CA GLU A 50 22.73 15.02 34.48
C GLU A 50 21.82 15.39 33.28
N CYS A 51 21.96 16.60 32.78
CA CYS A 51 21.31 16.99 31.54
C CYS A 51 22.26 17.90 30.75
N VAL A 52 21.83 18.30 29.55
CA VAL A 52 22.66 19.09 28.64
C VAL A 52 21.68 19.90 27.83
N ASP A 53 22.06 21.18 27.69
CA ASP A 53 21.35 22.18 26.93
C ASP A 53 22.19 23.42 27.20
N TRP A 54 21.91 24.50 26.49
CA TRP A 54 22.65 25.74 26.57
C TRP A 54 22.52 26.29 27.99
N LEU A 55 23.65 26.59 28.66
CA LEU A 55 23.65 26.76 30.12
C LEU A 55 22.83 27.91 30.72
N PRO A 56 22.89 29.13 30.14
CA PRO A 56 22.06 30.23 30.71
C PRO A 56 20.55 29.84 30.81
N ALA A 57 19.98 29.25 29.77
CA ALA A 57 18.57 28.92 29.82
C ALA A 57 18.24 27.73 30.73
N LEU A 58 19.13 26.74 30.70
CA LEU A 58 18.99 25.56 31.47
C LEU A 58 19.10 25.97 32.94
N HIS A 59 20.04 26.85 33.27
CA HIS A 59 20.22 27.15 34.66
C HIS A 59 19.01 27.92 35.20
N VAL A 60 18.49 28.86 34.45
CA VAL A 60 17.31 29.57 34.96
C VAL A 60 16.04 28.69 35.07
N GLY A 61 15.96 27.72 34.15
CA GLY A 61 14.88 26.75 34.18
C GLY A 61 14.86 26.03 35.50
N PHE A 62 16.04 25.60 35.94
CA PHE A 62 16.14 24.94 37.22
C PHE A 62 15.90 25.85 38.41
N THR A 63 16.53 27.01 38.44
CA THR A 63 16.39 27.84 39.63
C THR A 63 15.03 28.49 39.74
N LYS A 64 14.42 28.88 38.61
CA LYS A 64 13.17 29.62 38.68
C LYS A 64 11.96 28.72 38.70
N ARG A 65 12.04 27.53 38.08
CA ARG A 65 10.85 26.64 37.95
C ARG A 65 10.96 25.26 38.59
N ILE A 66 11.96 24.49 38.20
CA ILE A 66 11.97 23.10 38.62
C ILE A 66 12.31 22.92 40.11
N ILE A 67 13.31 23.65 40.59
CA ILE A 67 13.64 23.50 42.02
C ILE A 67 12.45 23.99 42.87
N PRO A 68 11.93 25.19 42.60
CA PRO A 68 10.70 25.60 43.27
C PRO A 68 9.65 24.51 43.29
N PHE A 69 9.43 23.77 42.19
CA PHE A 69 8.33 22.79 42.14
C PHE A 69 8.60 21.51 42.86
N LEU A 70 9.86 21.05 42.85
CA LEU A 70 10.21 19.76 43.47
C LEU A 70 10.33 19.81 44.99
N LEU A 71 10.74 20.94 45.53
CA LEU A 71 10.79 21.10 46.97
C LEU A 71 9.46 20.69 47.66
N GLY A 72 9.55 19.86 48.70
CA GLY A 72 8.37 19.40 49.50
C GLY A 72 7.70 18.16 48.94
N LYS A 73 8.02 17.82 47.69
CA LYS A 73 7.42 16.65 47.00
C LYS A 73 8.03 15.35 47.46
N GLN A 74 7.22 14.32 47.37
CA GLN A 74 7.59 12.98 47.69
C GLN A 74 8.45 12.41 46.57
N ALA A 75 9.66 12.03 46.94
CA ALA A 75 10.72 11.65 46.00
C ALA A 75 10.41 10.26 45.37
N GLY A 76 9.47 9.56 46.00
CA GLY A 76 9.01 8.24 45.63
C GLY A 76 7.99 8.27 44.52
N SER A 77 7.52 9.47 44.18
CA SER A 77 6.53 9.56 43.11
C SER A 77 7.27 9.89 41.84
N ARG A 78 8.19 9.01 41.46
CA ARG A 78 9.05 9.27 40.31
C ARG A 78 8.27 9.50 39.03
N LEU A 79 7.35 8.61 38.69
CA LEU A 79 6.79 8.58 37.34
C LEU A 79 6.00 9.85 37.04
N SER A 80 5.22 10.23 38.03
CA SER A 80 4.36 11.37 38.14
C SER A 80 5.12 12.72 38.07
N LEU A 81 6.16 12.84 38.87
CA LEU A 81 6.99 14.07 38.91
C LEU A 81 7.72 14.33 37.59
N VAL A 82 8.36 13.28 37.07
CA VAL A 82 9.01 13.36 35.78
C VAL A 82 7.94 13.73 34.68
N ARG A 83 6.76 13.08 34.70
CA ARG A 83 5.79 13.36 33.65
C ARG A 83 5.39 14.85 33.65
N THR A 84 5.23 15.42 34.82
CA THR A 84 4.88 16.83 34.98
C THR A 84 5.99 17.76 34.50
N ILE A 85 7.23 17.50 34.89
CA ILE A 85 8.35 18.33 34.40
C ILE A 85 8.52 18.18 32.85
N GLN A 86 8.31 16.97 32.30
CA GLN A 86 8.47 16.74 30.86
C GLN A 86 7.65 17.70 30.03
N LYS A 87 6.51 18.11 30.60
CA LYS A 87 5.65 19.09 29.95
C LYS A 87 6.35 20.45 29.80
N TRP A 88 7.05 20.95 30.81
CA TRP A 88 7.74 22.25 30.68
C TRP A 88 9.07 22.15 29.95
N HIS A 89 9.74 21.02 30.11
CA HIS A 89 11.18 20.97 29.93
C HIS A 89 11.68 19.55 29.92
N GLN A 90 11.87 19.00 28.74
CA GLN A 90 12.12 17.57 28.70
C GLN A 90 13.55 17.28 29.08
N ARG A 91 14.43 18.24 28.76
CA ARG A 91 15.86 18.10 29.10
C ARG A 91 16.05 17.93 30.59
N ALA A 92 15.36 18.75 31.41
CA ALA A 92 15.42 18.65 32.84
C ALA A 92 14.78 17.40 33.42
N ALA A 93 13.72 16.91 32.76
CA ALA A 93 12.95 15.75 33.26
C ALA A 93 13.91 14.57 33.33
N SER A 94 14.84 14.58 32.41
CA SER A 94 15.73 13.44 32.37
C SER A 94 16.72 13.45 33.55
N ALA A 95 17.24 14.62 33.90
CA ALA A 95 18.17 14.65 35.00
C ALA A 95 17.43 14.35 36.28
N VAL A 96 16.23 14.91 36.42
CA VAL A 96 15.36 14.60 37.58
C VAL A 96 15.11 13.10 37.76
N SER A 97 14.79 12.39 36.67
CA SER A 97 14.45 10.97 36.70
C SER A 97 15.63 10.13 37.18
N MET A 98 16.85 10.51 36.79
CA MET A 98 18.05 9.83 37.21
C MET A 98 18.27 10.08 38.74
N ALA A 99 18.18 11.32 39.22
CA ALA A 99 18.33 11.55 40.72
C ALA A 99 17.38 10.72 41.53
N LEU A 100 16.11 10.71 41.15
CA LEU A 100 15.07 9.96 41.79
C LEU A 100 15.25 8.47 41.77
N THR A 101 15.78 7.91 40.68
CA THR A 101 16.17 6.48 40.64
C THR A 101 17.28 6.10 41.59
N GLU A 102 18.35 6.91 41.63
CA GLU A 102 19.40 6.67 42.61
C GLU A 102 18.83 6.69 44.05
N ILE A 103 18.01 7.70 44.36
CA ILE A 103 17.32 7.72 45.66
C ILE A 103 16.48 6.43 45.88
N ALA A 104 15.66 6.03 44.90
CA ALA A 104 14.94 4.74 45.05
C ALA A 104 15.84 3.52 45.38
N ALA A 105 16.91 3.34 44.59
CA ALA A 105 17.82 2.22 44.73
C ALA A 105 18.40 2.21 46.16
N LYS A 106 18.94 3.36 46.59
CA LYS A 106 19.57 3.47 47.92
C LYS A 106 18.53 3.16 49.03
N ALA A 107 17.33 3.74 48.93
CA ALA A 107 16.24 3.50 49.95
C ALA A 107 15.87 2.01 50.00
N ALA A 108 15.98 1.34 48.84
CA ALA A 108 15.71 -0.06 48.75
C ALA A 108 16.92 -0.90 49.10
N ASP A 109 18.04 -0.25 49.36
CA ASP A 109 19.26 -0.97 49.71
C ASP A 109 19.79 -1.92 48.57
N CYS A 110 19.60 -1.51 47.32
CA CYS A 110 20.06 -2.31 46.16
C CYS A 110 20.72 -1.40 45.12
N SER A 111 21.28 -2.04 44.09
CA SER A 111 21.70 -1.28 42.91
C SER A 111 20.51 -0.94 41.99
N VAL A 112 20.76 0.07 41.15
CA VAL A 112 19.81 0.50 40.13
C VAL A 112 19.42 -0.72 39.27
N CYS A 113 20.40 -1.56 38.95
CA CYS A 113 20.10 -2.73 38.10
C CYS A 113 19.12 -3.68 38.81
N GLU A 114 19.37 -3.96 40.10
CA GLU A 114 18.49 -4.79 40.92
C GLU A 114 17.11 -4.21 41.01
N LEU A 115 17.03 -2.90 41.20
CA LEU A 115 15.75 -2.20 41.30
C LEU A 115 14.94 -2.43 40.01
N TRP A 116 15.65 -2.40 38.88
CA TRP A 116 14.96 -2.70 37.61
C TRP A 116 14.64 -4.18 37.30
N GLY A 117 15.09 -5.10 38.13
CA GLY A 117 14.71 -6.48 37.98
C GLY A 117 15.89 -7.40 37.76
N GLY A 118 17.10 -6.92 37.98
CA GLY A 118 18.29 -7.72 37.85
C GLY A 118 19.00 -7.63 36.48
N ARG A 119 20.33 -7.50 36.46
CA ARG A 119 21.03 -7.51 35.21
C ARG A 119 21.08 -8.89 34.50
N TYR A 120 21.18 -8.85 33.13
CA TYR A 120 21.57 -10.01 32.32
C TYR A 120 23.07 -10.21 32.24
N ARG A 121 23.86 -9.16 32.47
CA ARG A 121 25.31 -9.28 32.24
C ARG A 121 26.05 -8.15 32.94
N GLU A 122 27.36 -8.35 33.08
CA GLU A 122 28.25 -7.43 33.78
C GLU A 122 29.12 -6.58 32.91
N GLU A 123 29.25 -6.96 31.63
CA GLU A 123 30.16 -6.27 30.69
C GLU A 123 29.38 -5.79 29.52
N ILE A 124 29.57 -4.52 29.21
CA ILE A 124 28.99 -3.87 28.05
C ILE A 124 30.09 -3.34 27.08
N PRO A 125 30.05 -3.82 25.80
CA PRO A 125 30.93 -3.32 24.68
C PRO A 125 30.59 -1.87 24.32
N VAL A 126 31.60 -1.11 23.96
CA VAL A 126 31.44 0.28 23.57
C VAL A 126 32.31 0.53 22.30
N TYR A 127 31.94 1.51 21.51
CA TYR A 127 32.81 1.88 20.41
C TYR A 127 33.38 3.24 20.71
N ALA A 128 34.58 3.47 20.20
CA ALA A 128 35.22 4.83 20.27
C ALA A 128 34.63 5.81 19.24
N SER A 129 34.12 6.91 19.76
CA SER A 129 33.45 7.83 18.95
C SER A 129 34.24 9.14 18.81
N PHE A 130 34.50 9.50 17.52
CA PHE A 130 35.37 10.60 17.10
C PHE A 130 34.62 11.69 16.39
N GLN A 131 35.09 12.92 16.63
CA GLN A 131 34.71 14.12 15.91
C GLN A 131 35.89 14.36 14.98
N SER A 132 35.78 13.73 13.82
CA SER A 132 36.86 13.52 12.85
C SER A 132 37.43 14.78 12.19
N TYR A 133 36.65 15.83 11.98
CA TYR A 133 37.20 16.97 11.32
C TYR A 133 37.96 17.83 12.35
N SER A 134 38.87 18.64 11.85
CA SER A 134 39.56 19.68 12.64
C SER A 134 39.95 20.76 11.63
N ASP A 135 40.26 21.96 12.10
CA ASP A 135 40.44 23.07 11.18
C ASP A 135 41.89 23.13 10.80
N SER A 136 42.28 22.24 9.90
CA SER A 136 43.66 22.03 9.51
C SER A 136 43.59 21.37 8.18
N PRO A 137 44.46 21.83 7.25
CA PRO A 137 44.56 21.15 5.95
C PRO A 137 45.10 19.73 6.12
N GLN A 138 45.80 19.49 7.23
CA GLN A 138 46.26 18.13 7.61
C GLN A 138 45.21 17.33 8.45
N TRP A 139 43.90 17.60 8.31
CA TRP A 139 42.88 16.93 9.19
C TRP A 139 42.85 15.43 9.00
N ILE A 140 43.07 14.98 7.78
CA ILE A 140 43.03 13.55 7.58
C ILE A 140 44.10 12.86 8.39
N SER A 141 45.30 13.40 8.32
CA SER A 141 46.38 12.77 9.08
C SER A 141 46.20 12.92 10.63
N ARG A 142 45.66 14.03 11.11
CA ARG A 142 45.27 14.07 12.56
C ARG A 142 44.25 12.97 12.96
N SER A 143 43.19 12.85 12.14
CA SER A 143 42.19 11.82 12.34
C SER A 143 42.82 10.43 12.39
N VAL A 144 43.74 10.12 11.47
CA VAL A 144 44.41 8.83 11.48
C VAL A 144 45.18 8.56 12.78
N SER A 145 46.00 9.53 13.18
CA SER A 145 46.70 9.55 14.48
C SER A 145 45.78 9.33 15.70
N ASN A 146 44.75 10.16 15.81
CA ASN A 146 43.72 9.97 16.79
C ASN A 146 43.15 8.55 16.91
N VAL A 147 42.81 7.93 15.78
CA VAL A 147 42.19 6.62 15.75
C VAL A 147 43.18 5.54 16.14
N GLU A 148 44.37 5.61 15.56
CA GLU A 148 45.51 4.79 15.94
C GLU A 148 45.71 4.71 17.44
N ALA A 149 45.76 5.87 18.09
CA ALA A 149 45.88 6.00 19.54
C ALA A 149 44.85 5.15 20.24
N GLN A 150 43.63 5.12 19.70
CA GLN A 150 42.56 4.44 20.42
C GLN A 150 42.58 3.00 20.10
N LEU A 151 43.00 2.65 18.90
CA LEU A 151 43.17 1.23 18.53
C LEU A 151 44.15 0.52 19.47
N LYS A 152 45.22 1.24 19.81
CA LYS A 152 46.27 0.78 20.72
C LYS A 152 45.70 0.42 22.06
N LYS A 153 44.72 1.21 22.52
CA LYS A 153 43.97 0.89 23.74
C LYS A 153 43.10 -0.32 23.65
N GLY A 154 42.95 -0.90 22.48
CA GLY A 154 42.20 -2.13 22.38
C GLY A 154 40.74 -1.95 21.97
N PHE A 155 40.29 -0.72 21.59
CA PHE A 155 38.94 -0.60 21.03
C PHE A 155 38.86 -1.38 19.71
N GLU A 156 37.77 -2.15 19.53
CA GLU A 156 37.53 -2.90 18.28
C GLU A 156 36.52 -2.29 17.31
N GLN A 157 35.82 -1.25 17.78
CA GLN A 157 34.87 -0.58 16.94
C GLN A 157 34.99 0.93 17.09
N ILE A 158 34.73 1.63 15.98
CA ILE A 158 34.88 3.07 15.92
C ILE A 158 33.79 3.71 15.14
N LYS A 159 33.47 4.94 15.54
CA LYS A 159 32.60 5.79 14.83
C LYS A 159 33.35 7.04 14.40
N VAL A 160 33.26 7.33 13.09
CA VAL A 160 33.88 8.48 12.51
C VAL A 160 32.86 9.27 11.65
N LYS A 161 33.25 10.47 11.30
CA LYS A 161 32.37 11.45 10.67
C LYS A 161 32.58 11.58 9.16
N ILE A 162 31.46 11.62 8.41
CA ILE A 162 31.45 11.83 6.95
C ILE A 162 30.40 12.93 6.73
N GLY A 163 30.33 13.51 5.51
CA GLY A 163 29.24 14.41 5.15
C GLY A 163 29.48 15.91 5.30
N GLY A 164 30.67 16.26 5.76
CA GLY A 164 30.95 17.69 6.01
C GLY A 164 31.88 18.27 4.95
N THR A 165 32.38 17.42 4.06
CA THR A 165 33.12 17.91 2.91
C THR A 165 32.70 17.00 1.77
N SER A 166 33.20 17.25 0.58
CA SER A 166 32.76 16.49 -0.56
C SER A 166 32.98 15.00 -0.42
N PHE A 167 32.19 14.17 -1.13
CA PHE A 167 32.44 12.73 -1.28
C PHE A 167 33.88 12.32 -1.53
N LYS A 168 34.50 12.85 -2.59
CA LYS A 168 35.95 12.57 -2.87
C LYS A 168 36.82 12.76 -1.59
N GLU A 169 36.63 13.87 -0.88
CA GLU A 169 37.47 14.12 0.29
C GLU A 169 37.18 13.10 1.43
N ASP A 170 35.89 12.83 1.70
CA ASP A 170 35.56 11.92 2.83
C ASP A 170 36.01 10.51 2.54
N VAL A 171 35.84 10.07 1.30
CA VAL A 171 36.35 8.73 0.88
C VAL A 171 37.87 8.59 1.07
N ARG A 172 38.63 9.62 0.69
CA ARG A 172 40.03 9.61 0.89
C ARG A 172 40.31 9.35 2.39
N HIS A 173 39.59 10.06 3.25
CA HIS A 173 39.78 9.96 4.74
C HIS A 173 39.53 8.54 5.23
N ILE A 174 38.42 7.94 4.80
CA ILE A 174 37.99 6.63 5.28
C ILE A 174 38.88 5.53 4.71
N ASN A 175 39.35 5.68 3.45
CA ASN A 175 40.38 4.77 2.89
C ASN A 175 41.65 4.81 3.76
N ALA A 176 42.09 5.99 4.12
CA ALA A 176 43.20 6.17 5.02
C ALA A 176 42.93 5.44 6.35
N LEU A 177 41.74 5.58 6.95
CA LEU A 177 41.40 4.79 8.15
C LEU A 177 41.33 3.32 7.87
N GLN A 178 40.73 2.87 6.76
CA GLN A 178 40.72 1.42 6.43
C GLN A 178 42.17 0.86 6.38
N HIS A 179 43.11 1.67 5.89
CA HIS A 179 44.44 1.14 5.68
C HIS A 179 45.15 0.90 6.98
N THR A 180 45.00 1.84 7.89
CA THR A 180 45.57 1.80 9.23
C THR A 180 44.87 0.76 10.10
N ALA A 181 43.55 0.79 10.09
CA ALA A 181 42.75 -0.07 10.95
C ALA A 181 42.72 -1.54 10.51
N GLY A 182 42.38 -1.76 9.24
CA GLY A 182 42.26 -3.11 8.72
C GLY A 182 40.86 -3.64 8.94
N SER A 183 40.58 -4.81 8.36
CA SER A 183 39.22 -5.36 8.43
C SER A 183 38.73 -5.96 9.78
N SER A 184 39.62 -6.15 10.77
CA SER A 184 39.21 -6.66 12.09
C SER A 184 38.58 -5.58 12.99
N ILE A 185 38.63 -4.34 12.52
CA ILE A 185 38.03 -3.21 13.21
C ILE A 185 36.75 -2.82 12.53
N THR A 186 35.67 -2.88 13.27
CA THR A 186 34.39 -2.38 12.86
C THR A 186 34.38 -0.88 12.84
N MET A 187 33.98 -0.38 11.70
CA MET A 187 33.88 1.04 11.40
C MET A 187 32.42 1.54 11.17
N ILE A 188 32.04 2.53 11.92
CA ILE A 188 30.72 3.11 11.81
C ILE A 188 30.90 4.46 11.15
N LEU A 189 30.07 4.77 10.15
CA LEU A 189 30.24 6.09 9.48
C LEU A 189 29.02 6.90 9.77
N ASP A 190 29.23 8.10 10.32
CA ASP A 190 28.15 8.96 10.73
C ASP A 190 28.12 10.24 9.90
N ALA A 191 26.98 10.46 9.23
CA ALA A 191 26.85 11.55 8.31
C ALA A 191 26.07 12.69 8.88
N ASN A 192 25.59 12.58 10.12
CA ASN A 192 24.90 13.75 10.77
C ASN A 192 23.85 14.43 9.90
N GLN A 193 23.05 13.62 9.21
CA GLN A 193 22.00 14.07 8.29
C GLN A 193 22.42 15.06 7.16
N SER A 194 23.66 14.96 6.67
CA SER A 194 24.16 15.84 5.62
C SER A 194 23.48 15.53 4.27
N TYR A 195 23.03 14.29 4.08
CA TYR A 195 22.73 13.81 2.70
C TYR A 195 21.28 13.75 2.27
N ASP A 196 21.03 13.58 0.97
CA ASP A 196 19.79 12.97 0.56
C ASP A 196 20.09 11.56 0.12
N ALA A 197 19.07 10.79 -0.34
CA ALA A 197 19.30 9.38 -0.57
C ALA A 197 20.36 9.12 -1.64
N ALA A 198 20.35 9.95 -2.69
CA ALA A 198 21.28 9.81 -3.81
C ALA A 198 22.71 10.09 -3.36
N ALA A 199 22.89 11.06 -2.47
CA ALA A 199 24.21 11.35 -2.00
C ALA A 199 24.66 10.20 -1.11
N ALA A 200 23.76 9.71 -0.23
CA ALA A 200 24.16 8.60 0.65
C ALA A 200 24.49 7.34 -0.21
N PHE A 201 23.75 7.19 -1.30
CA PHE A 201 23.97 6.03 -2.19
C PHE A 201 25.37 5.96 -2.87
N LYS A 202 26.01 7.07 -3.09
CA LYS A 202 27.37 7.05 -3.57
C LYS A 202 28.27 6.14 -2.80
N TRP A 203 27.99 5.91 -1.50
CA TRP A 203 28.92 5.10 -0.67
C TRP A 203 28.77 3.63 -0.97
N GLU A 204 27.62 3.25 -1.53
CA GLU A 204 27.33 1.81 -1.80
C GLU A 204 28.48 1.12 -2.58
N ARG A 205 29.14 1.80 -3.51
CA ARG A 205 30.21 1.13 -4.27
C ARG A 205 31.43 0.80 -3.39
N TYR A 206 31.63 1.57 -2.32
CA TYR A 206 32.59 1.22 -1.28
C TYR A 206 32.02 0.20 -0.28
N PHE A 207 30.74 0.32 0.11
CA PHE A 207 30.11 -0.63 1.04
C PHE A 207 30.17 -2.09 0.53
N SER A 208 30.10 -2.23 -0.79
CA SER A 208 30.12 -3.52 -1.48
C SER A 208 31.40 -4.25 -1.34
N GLU A 209 32.49 -3.50 -1.19
CA GLU A 209 33.77 -4.11 -1.18
C GLU A 209 34.38 -4.12 0.23
N TRP A 210 33.78 -3.36 1.16
CA TRP A 210 34.23 -3.31 2.54
C TRP A 210 33.45 -4.34 3.34
N THR A 211 34.15 -5.02 4.21
CA THR A 211 33.52 -6.06 4.97
C THR A 211 33.26 -5.61 6.42
N ASN A 212 33.76 -4.43 6.81
CA ASN A 212 33.81 -4.01 8.22
C ASN A 212 33.00 -2.77 8.57
N ILE A 213 31.95 -2.47 7.83
CA ILE A 213 31.17 -1.27 8.16
C ILE A 213 30.08 -1.72 9.14
N GLY A 214 30.01 -1.15 10.31
CA GLY A 214 29.02 -1.63 11.27
C GLY A 214 27.67 -1.06 10.92
N TRP A 215 27.62 0.24 10.66
CA TRP A 215 26.43 0.78 10.05
C TRP A 215 26.69 2.19 9.52
N LEU A 216 25.66 2.69 8.84
CA LEU A 216 25.66 4.07 8.33
C LEU A 216 24.67 4.84 9.20
N GLU A 217 25.16 5.84 9.91
CA GLU A 217 24.38 6.57 10.89
C GLU A 217 23.79 7.87 10.40
N GLU A 218 22.47 8.02 10.56
CA GLU A 218 21.64 9.17 10.19
C GLU A 218 22.11 9.79 8.89
N PRO A 219 22.06 9.03 7.76
CA PRO A 219 22.56 9.67 6.55
C PRO A 219 21.62 10.88 6.19
N LEU A 220 20.33 10.78 6.51
CA LEU A 220 19.33 11.79 6.13
C LEU A 220 18.64 12.46 7.34
N PRO A 221 17.97 13.59 7.10
CA PRO A 221 17.00 14.17 8.07
C PRO A 221 15.82 13.22 8.28
N PHE A 222 15.07 13.40 9.38
CA PHE A 222 13.97 12.46 9.61
C PHE A 222 12.55 12.90 9.19
N ASP A 223 12.38 14.00 8.46
CA ASP A 223 11.01 14.43 8.14
C ASP A 223 10.25 13.51 7.18
N GLN A 224 10.97 12.73 6.36
CA GLN A 224 10.36 11.78 5.45
C GLN A 224 10.83 10.35 5.81
N PRO A 225 10.16 9.71 6.77
CA PRO A 225 10.40 8.28 7.07
C PRO A 225 10.53 7.34 5.81
N GLN A 226 9.72 7.56 4.77
CA GLN A 226 9.73 6.68 3.57
C GLN A 226 11.06 6.70 2.78
N ASP A 227 11.80 7.81 2.82
CA ASP A 227 13.15 7.85 2.21
C ASP A 227 14.16 6.95 2.98
N TYR A 228 14.00 6.83 4.30
CA TYR A 228 14.86 5.96 5.10
C TYR A 228 14.49 4.53 4.72
N ALA A 229 13.21 4.20 4.67
CA ALA A 229 12.89 2.80 4.29
C ALA A 229 13.41 2.51 2.85
N MET A 230 13.29 3.49 1.97
CA MET A 230 13.88 3.39 0.58
C MET A 230 15.42 3.21 0.51
N LEU A 231 16.16 4.07 1.20
CA LEU A 231 17.61 4.01 1.24
C LEU A 231 18.06 2.72 1.90
N ARG A 232 17.35 2.32 2.94
CA ARG A 232 17.76 1.16 3.69
C ARG A 232 17.69 -0.12 2.84
N SER A 233 16.64 -0.17 2.01
CA SER A 233 16.44 -1.28 1.09
C SER A 233 17.46 -1.28 -0.05
N ARG A 234 18.14 -0.17 -0.31
CA ARG A 234 19.20 -0.15 -1.34
C ARG A 234 20.65 -0.36 -0.94
N LEU A 235 20.95 -0.26 0.36
CA LEU A 235 22.32 -0.25 0.88
C LEU A 235 22.70 -1.60 1.36
N SER A 236 24.01 -1.90 1.29
CA SER A 236 24.58 -3.16 1.76
C SER A 236 25.07 -3.17 3.20
N VAL A 237 24.78 -2.09 3.95
CA VAL A 237 25.09 -2.05 5.38
C VAL A 237 23.88 -1.53 6.13
N PRO A 238 23.70 -1.89 7.41
CA PRO A 238 22.64 -1.32 8.25
C PRO A 238 22.63 0.21 8.38
N VAL A 239 21.43 0.71 8.63
CA VAL A 239 21.22 2.13 8.83
C VAL A 239 20.75 2.35 10.29
N ALA A 240 21.40 3.27 10.99
CA ALA A 240 21.05 3.61 12.36
C ALA A 240 20.60 5.07 12.48
N GLY A 241 19.88 5.38 13.55
CA GLY A 241 19.48 6.72 13.82
C GLY A 241 18.51 6.88 15.00
N GLY A 242 18.09 8.12 15.18
CA GLY A 242 17.05 8.43 16.08
C GLY A 242 17.58 9.18 17.32
N GLU A 243 18.77 9.79 17.19
CA GLU A 243 19.42 10.37 18.38
C GLU A 243 18.58 11.53 18.96
N ASN A 244 17.79 12.21 18.12
CA ASN A 244 17.03 13.34 18.63
C ASN A 244 15.60 13.02 19.03
N MET A 245 15.22 11.73 18.98
CA MET A 245 13.81 11.40 19.27
C MET A 245 13.57 11.52 20.77
N LYS A 246 12.37 11.92 21.17
CA LYS A 246 12.11 12.30 22.55
C LYS A 246 11.54 11.13 23.32
N GLY A 247 11.16 10.09 22.62
CA GLY A 247 10.65 8.94 23.36
C GLY A 247 10.07 7.91 22.44
N PRO A 248 9.57 6.79 23.06
CA PRO A 248 9.08 5.66 22.29
C PRO A 248 8.03 6.10 21.32
N ALA A 249 7.22 7.12 21.65
CA ALA A 249 6.10 7.49 20.75
C ALA A 249 6.63 7.96 19.38
N GLN A 250 7.76 8.63 19.33
CA GLN A 250 8.34 9.05 18.04
C GLN A 250 9.07 7.92 17.29
N TYR A 251 9.59 6.91 17.99
CA TYR A 251 10.18 5.74 17.29
C TYR A 251 9.16 4.78 16.61
N VAL A 252 7.93 4.79 17.07
CA VAL A 252 6.93 3.79 16.66
C VAL A 252 6.68 3.87 15.18
N PRO A 253 6.36 5.07 14.65
CA PRO A 253 6.07 5.14 13.24
C PRO A 253 7.28 4.77 12.32
N LEU A 254 8.50 5.08 12.77
CA LEU A 254 9.78 4.68 12.15
C LEU A 254 9.98 3.18 12.14
N LEU A 255 9.60 2.53 13.26
CA LEU A 255 9.71 1.09 13.38
C LEU A 255 8.65 0.39 12.58
N SER A 256 7.43 0.93 12.61
CA SER A 256 6.30 0.38 11.82
C SER A 256 6.63 0.50 10.35
N GLN A 257 7.37 1.53 9.95
CA GLN A 257 7.65 1.75 8.55
C GLN A 257 9.00 1.15 8.10
N ARG A 258 9.57 0.31 8.96
CA ARG A 258 10.82 -0.37 8.71
C ARG A 258 11.95 0.54 8.22
N CYS A 259 12.16 1.69 8.87
CA CYS A 259 13.10 2.70 8.41
C CYS A 259 14.56 2.47 8.79
N LEU A 260 14.76 1.78 9.92
CA LEU A 260 16.07 1.69 10.59
C LEU A 260 16.41 0.27 11.03
N ASP A 261 17.67 -0.12 10.93
CA ASP A 261 18.12 -1.39 11.53
C ASP A 261 18.38 -1.23 13.06
N ILE A 262 18.82 -0.02 13.45
CA ILE A 262 19.34 0.27 14.81
C ILE A 262 18.75 1.62 15.25
N ILE A 263 18.11 1.64 16.40
CA ILE A 263 17.69 2.91 16.97
C ILE A 263 18.76 3.35 18.00
N GLN A 264 18.80 4.65 18.22
CA GLN A 264 19.90 5.23 18.97
C GLN A 264 19.39 6.27 19.92
N PRO A 265 18.56 5.86 20.92
CA PRO A 265 18.12 6.87 21.89
C PRO A 265 19.26 7.42 22.74
N ASP A 266 19.06 8.66 23.18
CA ASP A 266 19.98 9.26 24.14
C ASP A 266 19.24 9.56 25.48
N VAL A 267 19.79 9.09 26.60
CA VAL A 267 19.08 9.22 27.90
C VAL A 267 18.68 10.72 28.13
N MET A 268 19.62 11.60 27.75
CA MET A 268 19.45 13.02 27.96
C MET A 268 18.60 13.75 26.90
N HIS A 269 18.23 13.03 25.84
CA HIS A 269 17.26 13.52 24.89
C HIS A 269 15.82 13.03 25.07
N VAL A 270 15.64 11.92 25.78
CA VAL A 270 14.30 11.36 25.98
C VAL A 270 13.74 11.80 27.32
N ASN A 271 12.50 11.46 27.57
CA ASN A 271 11.84 11.94 28.76
C ASN A 271 12.15 11.09 29.99
N GLY A 272 13.39 10.95 30.45
CA GLY A 272 13.56 10.20 31.66
C GLY A 272 14.16 8.84 31.39
N ILE A 273 14.79 8.26 32.42
CA ILE A 273 15.46 6.99 32.26
C ILE A 273 14.42 5.90 32.15
N ASP A 274 13.23 6.07 32.71
CA ASP A 274 12.16 5.08 32.46
C ASP A 274 11.69 5.00 30.96
N GLU A 275 11.45 6.15 30.32
CA GLU A 275 11.15 6.21 28.87
C GLU A 275 12.33 5.76 28.01
N PHE A 276 13.56 6.06 28.40
CA PHE A 276 14.72 5.54 27.68
C PHE A 276 14.76 4.03 27.70
N ARG A 277 14.64 3.43 28.90
CA ARG A 277 14.52 1.95 28.98
C ARG A 277 13.35 1.42 28.10
N ASP A 278 12.23 2.16 28.03
CA ASP A 278 11.09 1.80 27.15
C ASP A 278 11.50 1.84 25.64
N CYS A 279 12.37 2.81 25.25
CA CYS A 279 12.93 2.90 23.86
C CYS A 279 13.61 1.61 23.55
N LEU A 280 14.46 1.13 24.49
CA LEU A 280 15.21 -0.12 24.25
C LEU A 280 14.37 -1.38 24.12
N GLN A 281 13.40 -1.51 25.00
CA GLN A 281 12.46 -2.64 24.91
C GLN A 281 11.56 -2.57 23.69
N LEU A 282 11.04 -1.38 23.44
CA LEU A 282 10.34 -1.16 22.17
C LEU A 282 11.06 -1.75 20.95
N ALA A 283 12.37 -1.47 20.84
CA ALA A 283 13.19 -1.98 19.72
C ALA A 283 13.19 -3.49 19.77
N ARG A 284 13.43 -4.06 20.97
CA ARG A 284 13.33 -5.52 21.15
C ARG A 284 12.00 -6.09 20.64
N TYR A 285 10.88 -5.43 20.96
CA TYR A 285 9.61 -5.91 20.51
C TYR A 285 9.36 -5.76 18.97
N PHE A 286 9.95 -4.73 18.35
CA PHE A 286 9.88 -4.58 16.88
C PHE A 286 10.88 -5.49 16.15
N GLY A 287 11.70 -6.20 16.89
CA GLY A 287 12.80 -6.98 16.28
C GLY A 287 13.98 -6.14 15.73
N VAL A 288 14.18 -4.95 16.27
CA VAL A 288 15.25 -4.12 15.79
C VAL A 288 16.28 -3.89 16.93
N ARG A 289 17.51 -3.57 16.56
CA ARG A 289 18.56 -3.21 17.51
C ARG A 289 18.44 -1.83 18.12
N ALA A 290 19.15 -1.64 19.24
CA ALA A 290 19.14 -0.39 20.02
C ALA A 290 20.58 -0.12 20.53
N SER A 291 21.21 0.94 20.09
CA SER A 291 22.56 1.21 20.59
C SER A 291 22.56 2.68 21.10
N ALA A 292 22.69 2.84 22.41
CA ALA A 292 22.53 4.13 23.04
C ALA A 292 23.53 5.14 22.50
N HIS A 293 23.03 6.34 22.28
CA HIS A 293 23.79 7.45 21.81
C HIS A 293 24.25 8.24 23.04
N ALA A 294 25.49 8.77 22.99
CA ALA A 294 26.05 9.45 24.17
C ALA A 294 27.22 10.29 23.76
N TYR A 295 27.02 11.27 22.90
CA TYR A 295 28.05 12.23 22.57
C TYR A 295 28.42 12.95 23.88
N ASP A 296 27.46 13.65 24.49
CA ASP A 296 27.63 14.15 25.85
C ASP A 296 27.10 13.10 26.82
N GLY A 297 27.60 13.06 28.03
CA GLY A 297 27.08 12.07 28.97
C GLY A 297 28.21 11.39 29.71
N SER A 298 28.04 11.26 31.02
CA SER A 298 29.04 10.65 31.84
C SER A 298 28.24 9.86 32.87
N LEU A 299 27.63 10.59 33.79
CA LEU A 299 26.62 10.04 34.66
C LEU A 299 25.44 9.45 33.85
N SER A 300 24.92 10.16 32.83
CA SER A 300 23.82 9.60 32.06
C SER A 300 24.25 8.38 31.20
N ARG A 301 25.48 8.40 30.71
CA ARG A 301 26.11 7.27 30.11
C ARG A 301 26.24 6.03 31.02
N LEU A 302 26.48 6.23 32.32
CA LEU A 302 26.41 5.17 33.29
C LEU A 302 24.97 4.56 33.33
N TYR A 303 23.96 5.43 33.31
CA TYR A 303 22.55 4.93 33.23
C TYR A 303 22.31 4.19 31.93
N ALA A 304 22.88 4.66 30.82
CA ALA A 304 22.69 3.88 29.56
C ALA A 304 23.33 2.52 29.67
N LEU A 305 24.47 2.43 30.38
CA LEU A 305 25.18 1.18 30.64
C LEU A 305 24.36 0.27 31.52
N PHE A 306 23.77 0.84 32.58
CA PHE A 306 22.91 0.00 33.46
C PHE A 306 21.71 -0.53 32.63
N ALA A 307 21.11 0.32 31.81
CA ALA A 307 19.93 -0.11 31.02
C ALA A 307 20.33 -1.20 30.02
N GLN A 308 21.53 -1.07 29.46
CA GLN A 308 21.98 -2.04 28.46
C GLN A 308 22.29 -3.37 29.13
N ALA A 309 22.80 -3.30 30.35
CA ALA A 309 23.01 -4.52 31.15
C ALA A 309 21.72 -5.25 31.54
N CYS A 310 20.60 -4.53 31.63
CA CYS A 310 19.26 -5.12 31.94
C CYS A 310 18.41 -5.50 30.73
N LEU A 311 19.02 -5.40 29.53
CA LEU A 311 18.34 -5.67 28.23
C LEU A 311 18.62 -7.08 27.86
N PRO A 312 17.58 -7.76 27.40
CA PRO A 312 17.80 -9.12 26.92
C PRO A 312 18.65 -9.12 25.63
N PRO A 313 19.30 -10.24 25.32
CA PRO A 313 20.04 -10.31 24.03
C PRO A 313 19.13 -10.10 22.79
N TRP A 314 19.72 -9.55 21.73
CA TRP A 314 19.04 -9.36 20.41
C TRP A 314 19.21 -10.56 19.46
N SER A 315 20.25 -11.37 19.67
CA SER A 315 20.46 -12.53 18.86
C SER A 315 20.68 -13.79 19.75
N LYS A 316 20.69 -14.96 19.12
CA LYS A 316 21.23 -16.24 19.67
C LYS A 316 22.73 -16.47 19.54
N MET A 317 23.49 -15.48 19.04
CA MET A 317 24.92 -15.67 18.89
C MET A 317 25.54 -15.51 20.26
N LYS A 318 26.27 -16.56 20.69
CA LYS A 318 26.85 -16.68 22.02
C LYS A 318 27.83 -15.55 22.33
N ASN A 319 28.44 -14.98 21.32
CA ASN A 319 29.36 -13.85 21.58
C ASN A 319 29.20 -12.63 20.66
N ASP A 320 27.95 -12.37 20.28
CA ASP A 320 27.54 -11.15 19.57
C ASP A 320 26.01 -11.03 19.72
N HIS A 321 25.57 -10.72 20.92
CA HIS A 321 24.14 -10.66 21.20
C HIS A 321 23.76 -9.43 22.03
N ILE A 322 24.61 -8.43 22.11
CA ILE A 322 24.23 -7.17 22.72
C ILE A 322 24.95 -6.07 22.05
N GLU A 323 24.26 -4.97 21.81
CA GLU A 323 24.78 -3.82 21.05
C GLU A 323 25.78 -3.01 21.89
N PRO A 324 26.80 -2.44 21.25
CA PRO A 324 27.61 -1.49 21.97
C PRO A 324 26.92 -0.16 22.16
N ILE A 325 27.45 0.58 23.14
CA ILE A 325 27.03 1.92 23.49
C ILE A 325 28.17 2.84 23.00
N GLU A 326 27.81 4.08 22.68
CA GLU A 326 28.76 5.06 22.23
C GLU A 326 29.68 5.57 23.36
N TRP A 327 30.98 5.58 23.06
CA TRP A 327 32.00 6.11 23.99
C TRP A 327 32.84 7.26 23.35
N ASP A 328 32.36 8.53 23.50
CA ASP A 328 33.10 9.73 23.07
C ASP A 328 34.57 9.63 23.54
N VAL A 329 35.52 9.73 22.62
CA VAL A 329 36.94 9.65 23.00
C VAL A 329 37.65 10.95 22.68
N MET A 330 36.90 11.99 22.39
CA MET A 330 37.55 13.26 22.12
C MET A 330 37.88 13.97 23.46
N GLU A 331 38.68 15.03 23.39
CA GLU A 331 38.96 15.91 24.55
C GLU A 331 37.67 16.32 25.24
N ASN A 332 37.53 15.86 26.48
CA ASN A 332 36.33 16.09 27.28
C ASN A 332 36.57 15.64 28.71
N PRO A 333 36.83 16.62 29.60
CA PRO A 333 37.20 16.34 30.98
C PRO A 333 36.03 15.75 31.81
N PHE A 334 34.79 15.94 31.35
CA PHE A 334 33.63 15.32 31.92
C PHE A 334 33.47 13.84 31.78
N THR A 335 34.28 13.18 30.97
CA THR A 335 34.29 11.74 31.02
C THR A 335 34.75 11.22 32.42
N ASP A 336 35.46 12.08 33.18
CA ASP A 336 35.99 11.71 34.52
C ASP A 336 35.09 12.13 35.69
N LEU A 337 33.87 12.61 35.40
CA LEU A 337 32.89 12.85 36.48
C LEU A 337 32.56 11.61 37.26
N VAL A 338 32.63 10.46 36.59
CA VAL A 338 32.52 9.20 37.23
C VAL A 338 33.82 8.46 36.88
N SER A 339 34.36 7.70 37.81
CA SER A 339 35.53 6.92 37.53
C SER A 339 35.20 5.60 36.86
N LEU A 340 34.98 5.61 35.54
CA LEU A 340 34.65 4.38 34.86
C LEU A 340 35.05 4.55 33.43
N GLN A 341 35.83 3.62 32.95
CA GLN A 341 36.40 3.71 31.59
C GLN A 341 36.52 2.25 31.07
N PRO A 342 36.38 2.06 29.74
CA PRO A 342 36.54 0.73 29.17
C PRO A 342 37.94 0.22 29.22
N SER A 343 38.03 -1.13 29.29
CA SER A 343 39.26 -1.84 29.09
C SER A 343 39.09 -2.62 27.80
N LYS A 344 39.88 -2.35 26.74
CA LYS A 344 39.77 -3.16 25.51
C LYS A 344 38.33 -3.09 24.91
N GLY A 345 37.74 -1.91 24.95
CA GLY A 345 36.38 -1.69 24.49
C GLY A 345 35.29 -2.41 25.24
N MET A 346 35.51 -2.87 26.48
CA MET A 346 34.39 -3.40 27.26
C MET A 346 34.30 -2.57 28.53
N VAL A 347 33.09 -2.19 28.92
CA VAL A 347 32.85 -1.62 30.27
C VAL A 347 32.36 -2.65 31.27
N HIS A 348 33.01 -2.73 32.41
CA HIS A 348 32.53 -3.55 33.53
C HIS A 348 31.61 -2.73 34.41
N ILE A 349 30.36 -3.13 34.47
CA ILE A 349 29.30 -2.33 35.13
C ILE A 349 29.54 -2.30 36.65
N PRO A 350 29.45 -1.11 37.30
CA PRO A 350 29.41 -1.08 38.82
C PRO A 350 28.26 -1.91 39.42
N LYS A 351 28.54 -2.75 40.42
CA LYS A 351 27.48 -3.54 41.05
C LYS A 351 27.08 -3.15 42.48
N GLY A 352 27.75 -2.14 43.09
CA GLY A 352 27.34 -1.67 44.42
C GLY A 352 26.01 -0.94 44.47
N LYS A 353 25.59 -0.58 45.68
CA LYS A 353 24.29 0.01 45.94
C LYS A 353 24.26 1.35 45.28
N GLY A 354 23.03 1.84 45.01
CA GLY A 354 22.80 3.04 44.23
C GLY A 354 23.35 2.83 42.83
N ILE A 355 24.19 3.78 42.36
CA ILE A 355 24.80 3.66 41.06
C ILE A 355 26.16 3.01 41.23
N GLY A 356 26.46 2.63 42.47
CA GLY A 356 27.66 1.87 42.87
C GLY A 356 28.97 2.61 42.68
N THR A 357 28.93 3.92 42.52
CA THR A 357 30.12 4.73 42.34
C THR A 357 29.78 6.14 42.82
N GLU A 358 30.78 7.03 42.84
CA GLU A 358 30.56 8.43 43.26
C GLU A 358 30.85 9.44 42.15
N ILE A 359 30.12 10.53 42.15
CA ILE A 359 30.39 11.74 41.33
C ILE A 359 31.69 12.35 41.84
N ASN A 360 32.61 12.72 40.95
CA ASN A 360 33.95 13.17 41.31
C ASN A 360 33.98 14.70 41.50
N MET A 361 33.80 15.17 42.74
CA MET A 361 33.72 16.62 42.98
C MET A 361 34.94 17.42 42.50
N GLU A 362 36.12 16.80 42.37
CA GLU A 362 37.28 17.58 41.89
C GLU A 362 36.98 18.08 40.46
N ILE A 363 36.19 17.26 39.73
CA ILE A 363 35.94 17.57 38.30
C ILE A 363 34.83 18.57 38.35
N VAL A 364 33.79 18.29 39.13
CA VAL A 364 32.70 19.27 39.29
C VAL A 364 33.29 20.65 39.63
N ASN A 365 34.20 20.73 40.62
CA ASN A 365 34.68 22.05 41.02
C ASN A 365 35.67 22.65 40.04
N ARG A 366 36.47 21.79 39.42
CA ARG A 366 37.46 22.23 38.41
C ARG A 366 36.80 22.95 37.23
N TYR A 367 35.56 22.56 36.89
CA TYR A 367 34.94 23.09 35.68
C TYR A 367 33.66 23.91 35.90
N LYS A 368 33.44 24.38 37.14
CA LYS A 368 32.35 25.31 37.45
C LYS A 368 32.25 26.39 36.41
N TRP A 369 31.11 26.44 35.71
CA TRP A 369 30.75 27.54 34.82
C TRP A 369 30.79 28.90 35.55
N ASP A 370 31.42 29.90 34.94
CA ASP A 370 31.52 31.21 35.57
C ASP A 370 30.34 32.11 35.30
N GLY A 371 29.27 31.60 34.65
CA GLY A 371 28.04 32.38 34.45
C GLY A 371 27.94 33.20 33.17
N SER A 372 29.03 33.34 32.43
CA SER A 372 28.95 34.09 31.16
C SER A 372 28.78 33.22 29.91
N ALA A 373 28.10 33.76 28.88
CA ALA A 373 28.02 33.04 27.59
C ALA A 373 29.32 33.21 26.79
N TYR A 374 29.94 32.07 26.44
CA TYR A 374 30.84 31.97 25.30
C TYR A 374 29.88 32.53 24.29
N GLU A 375 30.32 33.13 23.17
CA GLU A 375 29.30 33.65 22.19
C GLU A 375 28.80 35.09 22.55
N ALA B 2 19.76 -7.88 46.32
CA ALA B 2 20.61 -8.68 47.26
C ALA B 2 21.05 -9.93 46.55
N LEU B 3 21.92 -10.69 47.22
CA LEU B 3 22.28 -11.99 46.70
C LEU B 3 21.46 -13.19 47.25
N VAL B 4 20.33 -12.92 47.90
CA VAL B 4 19.48 -14.00 48.51
C VAL B 4 18.88 -15.13 47.57
N LYS B 5 19.12 -16.40 47.91
CA LYS B 5 18.73 -17.54 47.15
C LYS B 5 17.29 -18.00 47.43
N ILE B 6 16.66 -18.59 46.40
CA ILE B 6 15.44 -19.38 46.50
C ILE B 6 15.72 -20.76 47.13
N VAL B 7 15.01 -21.13 48.21
CA VAL B 7 15.27 -22.37 48.96
C VAL B 7 14.07 -23.33 48.98
N ARG B 8 12.87 -22.79 48.78
CA ARG B 8 11.70 -23.62 48.74
C ARG B 8 10.62 -23.00 47.91
N ILE B 9 9.83 -23.84 47.20
CA ILE B 9 8.65 -23.34 46.54
C ILE B 9 7.48 -24.27 46.82
N GLU B 10 6.42 -23.70 47.33
CA GLU B 10 5.23 -24.44 47.56
C GLU B 10 4.17 -24.13 46.51
N THR B 11 3.36 -25.14 46.19
CA THR B 11 2.29 -25.06 45.18
C THR B 11 0.89 -25.30 45.73
N PHE B 12 -0.07 -24.50 45.31
CA PHE B 12 -1.46 -24.72 45.74
C PHE B 12 -2.43 -24.75 44.58
N PRO B 13 -2.61 -25.92 43.96
CA PRO B 13 -3.72 -26.09 43.05
C PRO B 13 -5.10 -26.13 43.74
N LEU B 14 -6.02 -25.27 43.23
CA LEU B 14 -7.31 -25.15 43.83
C LEU B 14 -8.38 -25.48 42.82
N PHE B 15 -9.55 -25.98 43.27
CA PHE B 15 -10.56 -26.36 42.35
C PHE B 15 -11.93 -26.16 42.95
N HIS B 16 -12.88 -25.67 42.15
CA HIS B 16 -14.24 -25.50 42.59
C HIS B 16 -15.26 -25.86 41.52
N ARG B 17 -16.15 -26.80 41.83
CA ARG B 17 -17.19 -27.20 40.89
C ARG B 17 -18.39 -26.26 41.03
N LEU B 18 -18.86 -25.75 39.91
CA LEU B 18 -19.92 -24.75 39.95
C LEU B 18 -21.25 -25.38 40.33
N GLU B 19 -22.03 -24.65 41.11
CA GLU B 19 -23.35 -25.13 41.51
C GLU B 19 -24.28 -25.04 40.32
N LYS B 20 -24.27 -23.90 39.66
CA LYS B 20 -24.99 -23.68 38.39
C LYS B 20 -23.96 -23.28 37.27
N PRO B 21 -23.93 -24.03 36.14
CA PRO B 21 -22.97 -23.67 35.08
C PRO B 21 -23.35 -22.35 34.43
N TYR B 22 -22.39 -21.67 33.81
CA TYR B 22 -22.68 -20.43 33.09
C TYR B 22 -21.76 -20.46 31.89
N GLY B 23 -22.07 -19.67 30.88
CA GLY B 23 -21.28 -19.77 29.65
C GLY B 23 -21.22 -18.56 28.77
N ASP B 24 -20.43 -18.72 27.71
CA ASP B 24 -20.20 -17.77 26.66
C ASP B 24 -20.24 -18.53 25.31
N ALA B 25 -19.75 -17.92 24.22
CA ALA B 25 -19.79 -18.62 22.91
C ALA B 25 -18.99 -19.94 22.81
N ASN B 26 -18.00 -20.14 23.67
CA ASN B 26 -17.21 -21.39 23.75
C ASN B 26 -17.88 -22.50 24.56
N GLY B 27 -18.92 -22.18 25.32
CA GLY B 27 -19.81 -23.24 25.92
C GLY B 27 -19.92 -23.07 27.42
N PHE B 28 -20.54 -24.06 28.11
CA PHE B 28 -20.73 -23.91 29.57
C PHE B 28 -19.47 -24.23 30.39
N LYS B 29 -19.20 -23.37 31.38
CA LYS B 29 -18.15 -23.65 32.33
C LYS B 29 -18.75 -24.46 33.48
N ARG B 30 -18.02 -25.47 33.91
CA ARG B 30 -18.53 -26.37 34.95
C ARG B 30 -17.77 -26.21 36.26
N TYR B 31 -16.66 -25.51 36.23
CA TYR B 31 -15.87 -25.36 37.43
C TYR B 31 -14.98 -24.12 37.28
N ARG B 32 -14.40 -23.69 38.40
CA ARG B 32 -13.33 -22.66 38.44
C ARG B 32 -12.09 -23.23 39.12
N THR B 33 -10.92 -22.65 38.82
CA THR B 33 -9.65 -23.12 39.36
C THR B 33 -8.70 -21.93 39.56
N CYS B 34 -7.60 -22.19 40.25
CA CYS B 34 -6.61 -21.19 40.68
C CYS B 34 -5.39 -22.06 40.90
N TYR B 35 -4.21 -21.58 40.59
CA TYR B 35 -2.99 -22.27 40.97
C TYR B 35 -2.07 -21.24 41.57
N LEU B 36 -1.76 -21.38 42.87
CA LEU B 36 -0.92 -20.42 43.59
C LEU B 36 0.41 -21.00 43.89
N ILE B 37 1.42 -20.14 43.92
CA ILE B 37 2.74 -20.58 44.30
C ILE B 37 3.32 -19.69 45.41
N ARG B 38 4.20 -20.25 46.22
CA ARG B 38 4.87 -19.46 47.20
C ARG B 38 6.33 -19.76 47.11
N ILE B 39 7.08 -18.71 46.79
CA ILE B 39 8.50 -18.76 46.70
C ILE B 39 9.13 -18.20 48.01
N ILE B 40 10.03 -18.98 48.59
CA ILE B 40 10.64 -18.68 49.88
C ILE B 40 12.10 -18.60 49.67
N THR B 41 12.69 -17.49 50.09
CA THR B 41 14.15 -17.29 50.02
C THR B 41 14.89 -17.66 51.35
N GLU B 42 16.21 -17.71 51.26
CA GLU B 42 17.10 -17.93 52.40
C GLU B 42 16.79 -17.13 53.69
N SER B 43 16.37 -15.89 53.50
CA SER B 43 16.12 -14.95 54.58
C SER B 43 14.70 -15.02 55.06
N GLY B 44 13.92 -15.89 54.45
CA GLY B 44 12.58 -16.06 54.94
C GLY B 44 11.65 -15.08 54.29
N ILE B 45 12.19 -14.17 53.47
CA ILE B 45 11.25 -13.34 52.69
C ILE B 45 10.55 -14.24 51.70
N ASP B 46 9.23 -14.12 51.61
CA ASP B 46 8.53 -14.92 50.61
C ASP B 46 7.66 -14.09 49.70
N GLY B 47 7.26 -14.68 48.57
CA GLY B 47 6.27 -14.05 47.69
C GLY B 47 5.38 -15.10 47.03
N TRP B 48 4.19 -14.65 46.70
CA TRP B 48 3.17 -15.42 46.01
C TRP B 48 2.96 -14.98 44.55
N GLY B 49 2.65 -15.99 43.73
CA GLY B 49 2.16 -15.77 42.37
C GLY B 49 0.95 -16.67 42.09
N GLU B 50 0.26 -16.40 41.00
CA GLU B 50 -0.95 -17.11 40.62
C GLU B 50 -0.88 -17.33 39.09
N CYS B 51 -1.34 -18.50 38.64
CA CYS B 51 -1.46 -18.77 37.20
C CYS B 51 -2.71 -19.59 36.91
N VAL B 52 -3.03 -19.75 35.63
CA VAL B 52 -4.18 -20.59 35.28
C VAL B 52 -3.90 -21.36 33.99
N ASP B 53 -4.27 -22.62 34.03
CA ASP B 53 -4.19 -23.53 32.90
C ASP B 53 -4.82 -24.82 33.44
N TRP B 54 -4.97 -25.79 32.56
CA TRP B 54 -5.48 -27.12 32.92
C TRP B 54 -4.58 -27.68 34.05
N LEU B 55 -5.16 -27.98 35.23
CA LEU B 55 -4.40 -28.25 36.48
C LEU B 55 -3.42 -29.38 36.41
N PRO B 56 -3.80 -30.56 35.87
CA PRO B 56 -2.79 -31.60 35.82
C PRO B 56 -1.49 -31.20 35.06
N ALA B 57 -1.56 -30.52 33.90
CA ALA B 57 -0.32 -30.15 33.18
C ALA B 57 0.46 -29.03 33.90
N LEU B 58 -0.25 -28.01 34.35
CA LEU B 58 0.32 -26.97 35.16
C LEU B 58 1.08 -27.50 36.34
N HIS B 59 0.46 -28.45 37.06
CA HIS B 59 1.03 -28.93 38.31
C HIS B 59 2.34 -29.62 38.02
N VAL B 60 2.41 -30.54 37.02
CA VAL B 60 3.70 -31.16 36.65
C VAL B 60 4.75 -30.17 36.06
N GLY B 61 4.32 -29.15 35.32
CA GLY B 61 5.28 -28.11 34.82
C GLY B 61 6.05 -27.50 35.97
N PHE B 62 5.32 -27.16 37.04
CA PHE B 62 5.99 -26.67 38.27
C PHE B 62 6.83 -27.68 38.97
N THR B 63 6.26 -28.83 39.30
CA THR B 63 6.97 -29.75 40.19
C THR B 63 8.08 -30.46 39.47
N LYS B 64 7.95 -30.68 38.13
CA LYS B 64 9.00 -31.53 37.50
C LYS B 64 10.02 -30.75 36.66
N ARG B 65 9.75 -29.48 36.50
CA ARG B 65 10.71 -28.64 35.81
C ARG B 65 10.92 -27.23 36.38
N ILE B 66 9.86 -26.50 36.59
CA ILE B 66 10.05 -25.11 36.96
C ILE B 66 10.66 -25.01 38.34
N ILE B 67 10.07 -25.70 39.32
CA ILE B 67 10.67 -25.63 40.68
C ILE B 67 12.10 -26.20 40.78
N PRO B 68 12.31 -27.45 40.30
CA PRO B 68 13.69 -27.91 40.19
C PRO B 68 14.69 -26.88 39.60
N PHE B 69 14.29 -26.11 38.60
CA PHE B 69 15.19 -25.12 38.03
C PHE B 69 15.39 -23.93 38.95
N LEU B 70 14.30 -23.48 39.59
CA LEU B 70 14.39 -22.29 40.41
C LEU B 70 15.25 -22.47 41.67
N LEU B 71 15.06 -23.58 42.37
CA LEU B 71 15.79 -23.84 43.65
C LEU B 71 17.27 -23.48 43.51
N GLY B 72 17.74 -22.62 44.38
CA GLY B 72 19.13 -22.27 44.39
C GLY B 72 19.41 -21.03 43.58
N LYS B 73 18.42 -20.58 42.80
CA LYS B 73 18.68 -19.36 41.97
C LYS B 73 18.55 -18.08 42.84
N GLN B 74 19.04 -16.96 42.32
CA GLN B 74 18.98 -15.74 43.05
C GLN B 74 17.66 -15.11 42.81
N ALA B 75 16.93 -14.82 43.88
CA ALA B 75 15.57 -14.26 43.69
C ALA B 75 15.60 -12.88 43.00
N GLY B 76 16.72 -12.14 43.08
CA GLY B 76 16.79 -10.78 42.51
C GLY B 76 16.99 -10.77 40.99
N SER B 77 17.21 -11.96 40.40
CA SER B 77 17.41 -12.09 38.93
C SER B 77 16.10 -12.32 38.21
N ARG B 78 15.12 -11.49 38.49
CA ARG B 78 13.74 -11.68 38.01
C ARG B 78 13.69 -11.67 36.49
N LEU B 79 14.28 -10.64 35.85
CA LEU B 79 14.16 -10.52 34.38
C LEU B 79 14.62 -11.81 33.72
N SER B 80 15.78 -12.27 34.16
CA SER B 80 16.45 -13.41 33.55
C SER B 80 15.80 -14.77 33.83
N LEU B 81 15.34 -14.96 35.06
CA LEU B 81 14.70 -16.20 35.45
C LEU B 81 13.40 -16.30 34.70
N VAL B 82 12.63 -15.22 34.66
CA VAL B 82 11.34 -15.25 33.99
C VAL B 82 11.51 -15.56 32.49
N ARG B 83 12.51 -14.90 31.89
CA ARG B 83 12.80 -15.12 30.47
C ARG B 83 13.08 -16.58 30.15
N THR B 84 13.82 -17.27 30.99
CA THR B 84 14.06 -18.68 30.76
C THR B 84 12.82 -19.50 30.97
N ILE B 85 12.10 -19.27 32.07
CA ILE B 85 10.86 -20.01 32.28
C ILE B 85 9.81 -19.86 31.16
N GLN B 86 9.74 -18.64 30.58
CA GLN B 86 8.85 -18.30 29.47
C GLN B 86 8.88 -19.32 28.35
N LYS B 87 10.07 -19.86 28.10
CA LYS B 87 10.39 -20.82 27.03
C LYS B 87 9.88 -22.23 27.35
N TRP B 88 9.74 -22.56 28.62
CA TRP B 88 9.28 -23.89 28.99
C TRP B 88 7.78 -23.91 29.26
N HIS B 89 7.31 -22.93 29.99
CA HIS B 89 5.93 -22.84 30.29
C HIS B 89 5.58 -21.41 30.38
N GLN B 90 5.07 -20.86 29.28
CA GLN B 90 4.50 -19.53 29.29
C GLN B 90 3.61 -19.21 30.51
N ARG B 91 2.60 -20.04 30.79
CA ARG B 91 1.65 -19.69 31.86
C ARG B 91 2.30 -19.59 33.23
N ALA B 92 3.39 -20.30 33.44
CA ALA B 92 4.01 -20.32 34.74
C ALA B 92 4.88 -19.09 35.02
N ALA B 93 5.33 -18.46 33.94
CA ALA B 93 6.19 -17.25 34.00
C ALA B 93 5.53 -16.11 34.75
N SER B 94 4.26 -15.86 34.52
CA SER B 94 3.56 -14.79 35.19
C SER B 94 3.53 -15.05 36.71
N ALA B 95 3.23 -16.28 37.08
CA ALA B 95 3.17 -16.60 38.48
C ALA B 95 4.53 -16.39 39.14
N VAL B 96 5.60 -16.88 38.51
CA VAL B 96 6.96 -16.70 39.03
C VAL B 96 7.31 -15.21 39.18
N SER B 97 6.96 -14.43 38.15
CA SER B 97 7.28 -12.99 38.08
C SER B 97 6.60 -12.19 39.18
N MET B 98 5.34 -12.50 39.41
CA MET B 98 4.57 -12.01 40.53
C MET B 98 5.22 -12.25 41.88
N ALA B 99 5.66 -13.47 42.13
CA ALA B 99 6.17 -13.87 43.44
C ALA B 99 7.52 -13.24 43.69
N LEU B 100 8.35 -13.16 42.65
CA LEU B 100 9.63 -12.39 42.69
C LEU B 100 9.41 -10.91 42.83
N THR B 101 8.35 -10.37 42.28
CA THR B 101 8.04 -8.96 42.48
C THR B 101 7.69 -8.71 43.96
N GLU B 102 6.89 -9.58 44.56
CA GLU B 102 6.57 -9.42 46.01
C GLU B 102 7.82 -9.47 46.86
N ILE B 103 8.65 -10.45 46.55
CA ILE B 103 9.91 -10.56 47.26
C ILE B 103 10.74 -9.26 47.14
N ALA B 104 10.84 -8.76 45.89
CA ALA B 104 11.62 -7.55 45.63
C ALA B 104 11.07 -6.37 46.45
N ALA B 105 9.75 -6.25 46.54
CA ALA B 105 9.17 -5.07 47.18
C ALA B 105 9.32 -5.25 48.71
N LYS B 106 9.15 -6.47 49.20
CA LYS B 106 9.34 -6.68 50.63
C LYS B 106 10.80 -6.45 50.96
N ALA B 107 11.71 -6.97 50.12
CA ALA B 107 13.16 -6.77 50.36
C ALA B 107 13.54 -5.28 50.41
N ALA B 108 12.82 -4.46 49.68
CA ALA B 108 13.15 -3.03 49.56
C ALA B 108 12.29 -2.20 50.54
N ASP B 109 11.40 -2.87 51.28
CA ASP B 109 10.58 -2.21 52.29
C ASP B 109 9.68 -1.14 51.67
N CYS B 110 9.07 -1.47 50.52
CA CYS B 110 8.13 -0.56 49.84
C CYS B 110 6.97 -1.37 49.25
N SER B 111 5.95 -0.68 48.75
CA SER B 111 4.88 -1.34 48.09
C SER B 111 5.36 -1.70 46.64
N VAL B 112 4.56 -2.53 45.99
CA VAL B 112 4.78 -2.88 44.59
C VAL B 112 4.74 -1.65 43.71
N CYS B 113 3.73 -0.80 43.85
CA CYS B 113 3.65 0.41 43.08
C CYS B 113 4.85 1.33 43.25
N GLU B 114 5.39 1.46 44.48
CA GLU B 114 6.61 2.25 44.69
C GLU B 114 7.82 1.61 44.04
N LEU B 115 7.86 0.29 44.01
CA LEU B 115 8.96 -0.38 43.29
C LEU B 115 9.02 0.07 41.81
N TRP B 116 7.84 0.23 41.21
CA TRP B 116 7.62 0.64 39.83
C TRP B 116 7.82 2.16 39.48
N GLY B 117 7.92 2.98 40.53
CA GLY B 117 8.23 4.38 40.38
C GLY B 117 7.08 5.23 40.93
N GLY B 118 6.14 4.59 41.57
CA GLY B 118 5.09 5.34 42.23
C GLY B 118 3.83 5.40 41.43
N ARG B 119 2.71 5.35 42.13
CA ARG B 119 1.41 5.28 41.46
C ARG B 119 1.00 6.71 40.99
N TYR B 120 0.08 6.79 40.04
CA TYR B 120 -0.53 8.05 39.60
C TYR B 120 -1.88 8.27 40.25
N ARG B 121 -2.48 7.20 40.71
CA ARG B 121 -3.83 7.31 41.30
C ARG B 121 -4.01 6.13 42.25
N GLU B 122 -5.02 6.20 43.11
CA GLU B 122 -5.34 5.11 44.04
C GLU B 122 -6.71 4.45 43.87
N GLU B 123 -7.43 4.81 42.80
CA GLU B 123 -8.76 4.35 42.53
C GLU B 123 -8.80 3.95 41.07
N ILE B 124 -9.26 2.73 40.80
CA ILE B 124 -9.32 2.22 39.40
C ILE B 124 -10.74 1.79 39.17
N PRO B 125 -11.37 2.27 38.09
CA PRO B 125 -12.74 1.86 37.75
C PRO B 125 -12.75 0.40 37.19
N VAL B 126 -13.81 -0.35 37.47
CA VAL B 126 -13.96 -1.75 36.99
C VAL B 126 -15.35 -1.93 36.37
N TYR B 127 -15.50 -2.82 35.37
CA TYR B 127 -16.83 -3.16 34.90
C TYR B 127 -17.22 -4.57 35.40
N ALA B 128 -18.52 -4.81 35.60
CA ALA B 128 -19.04 -6.13 35.98
C ALA B 128 -19.06 -7.12 34.79
N SER B 129 -18.33 -8.21 34.91
CA SER B 129 -18.15 -9.06 33.72
C SER B 129 -18.98 -10.37 33.92
N PHE B 130 -19.88 -10.66 32.97
CA PHE B 130 -20.85 -11.76 33.10
C PHE B 130 -20.61 -12.85 32.07
N GLN B 131 -20.87 -14.09 32.50
CA GLN B 131 -21.02 -15.24 31.61
C GLN B 131 -22.53 -15.44 31.44
N SER B 132 -23.12 -14.73 30.50
CA SER B 132 -24.56 -14.56 30.43
C SER B 132 -25.28 -15.77 29.92
N TYR B 133 -24.61 -16.73 29.30
CA TYR B 133 -25.39 -17.92 28.94
C TYR B 133 -25.56 -18.87 30.14
N SER B 134 -26.75 -19.46 30.25
CA SER B 134 -27.03 -20.50 31.27
C SER B 134 -27.81 -21.66 30.67
N ASP B 135 -27.80 -22.79 31.33
CA ASP B 135 -28.37 -24.01 30.68
C ASP B 135 -29.89 -24.15 30.90
N SER B 136 -30.67 -23.29 30.25
CA SER B 136 -32.10 -23.12 30.55
C SER B 136 -32.79 -22.23 29.53
N PRO B 137 -34.02 -22.64 29.08
CA PRO B 137 -34.85 -21.79 28.21
C PRO B 137 -35.15 -20.42 28.77
N GLN B 138 -35.07 -20.26 30.09
CA GLN B 138 -35.27 -18.95 30.71
C GLN B 138 -33.95 -18.18 30.98
N TRP B 139 -32.95 -18.43 30.15
CA TRP B 139 -31.62 -17.82 30.39
C TRP B 139 -31.64 -16.31 30.21
N ILE B 140 -32.48 -15.79 29.32
CA ILE B 140 -32.53 -14.34 29.19
C ILE B 140 -32.99 -13.69 30.47
N SER B 141 -34.01 -14.23 31.12
CA SER B 141 -34.48 -13.57 32.34
C SER B 141 -33.50 -13.73 33.53
N ARG B 142 -32.86 -14.90 33.67
CA ARG B 142 -31.80 -15.08 34.65
C ARG B 142 -30.69 -14.06 34.45
N SER B 143 -30.34 -13.81 33.18
CA SER B 143 -29.32 -12.83 32.84
C SER B 143 -29.71 -11.45 33.38
N VAL B 144 -30.89 -11.01 32.97
CA VAL B 144 -31.46 -9.71 33.38
C VAL B 144 -31.42 -9.51 34.91
N SER B 145 -31.88 -10.50 35.70
CA SER B 145 -31.83 -10.26 37.16
C SER B 145 -30.43 -10.39 37.75
N ASN B 146 -29.57 -11.22 37.14
CA ASN B 146 -28.13 -11.25 37.54
C ASN B 146 -27.53 -9.84 37.35
N VAL B 147 -27.82 -9.25 36.20
CA VAL B 147 -27.40 -7.91 35.91
C VAL B 147 -27.95 -6.86 36.88
N GLU B 148 -29.30 -6.87 37.05
CA GLU B 148 -30.02 -6.11 38.07
C GLU B 148 -29.33 -6.15 39.41
N ALA B 149 -29.07 -7.37 39.89
CA ALA B 149 -28.39 -7.53 41.15
C ALA B 149 -27.06 -6.80 41.22
N GLN B 150 -26.28 -6.77 40.13
CA GLN B 150 -25.02 -5.98 40.14
C GLN B 150 -25.19 -4.47 39.98
N LEU B 151 -26.18 -4.08 39.18
CA LEU B 151 -26.50 -2.66 39.05
C LEU B 151 -26.83 -2.03 40.42
N LYS B 152 -27.48 -2.80 41.32
CA LYS B 152 -27.78 -2.37 42.69
C LYS B 152 -26.52 -2.04 43.50
N LYS B 153 -25.40 -2.68 43.12
CA LYS B 153 -24.15 -2.42 43.86
C LYS B 153 -23.42 -1.20 43.32
N GLY B 154 -24.03 -0.47 42.40
CA GLY B 154 -23.40 0.69 41.84
C GLY B 154 -22.35 0.44 40.72
N PHE B 155 -22.34 -0.73 40.05
CA PHE B 155 -21.55 -0.87 38.83
C PHE B 155 -22.17 0.06 37.74
N GLU B 156 -21.36 0.85 37.07
CA GLU B 156 -21.86 1.69 35.97
C GLU B 156 -21.52 1.09 34.59
N GLN B 157 -20.72 0.03 34.56
CA GLN B 157 -20.47 -0.62 33.31
C GLN B 157 -20.50 -2.13 33.46
N ILE B 158 -20.91 -2.79 32.36
CA ILE B 158 -21.00 -4.25 32.34
C ILE B 158 -20.52 -4.80 31.02
N LYS B 159 -20.11 -6.07 31.08
CA LYS B 159 -19.76 -6.89 29.91
C LYS B 159 -20.65 -8.11 29.96
N VAL B 160 -21.39 -8.32 28.87
CA VAL B 160 -22.23 -9.49 28.70
C VAL B 160 -21.78 -10.22 27.39
N LYS B 161 -22.28 -11.44 27.16
CA LYS B 161 -21.83 -12.26 26.04
C LYS B 161 -22.82 -12.30 24.91
N ILE B 162 -22.28 -12.42 23.68
CA ILE B 162 -23.09 -12.60 22.46
C ILE B 162 -22.36 -13.68 21.62
N GLY B 163 -22.95 -14.05 20.47
CA GLY B 163 -22.36 -14.95 19.46
C GLY B 163 -22.47 -16.44 19.71
N GLY B 164 -23.18 -16.81 20.77
CA GLY B 164 -23.37 -18.20 21.21
C GLY B 164 -24.60 -18.90 20.61
N THR B 165 -25.51 -18.08 20.06
CA THR B 165 -26.76 -18.49 19.54
C THR B 165 -27.11 -17.57 18.30
N SER B 166 -28.17 -17.85 17.57
CA SER B 166 -28.59 -16.97 16.47
C SER B 166 -28.50 -15.45 16.80
N PHE B 167 -28.22 -14.61 15.79
CA PHE B 167 -28.26 -13.12 15.90
C PHE B 167 -29.57 -12.70 16.56
N LYS B 168 -30.68 -13.18 16.01
CA LYS B 168 -32.03 -12.86 16.53
C LYS B 168 -32.17 -13.03 18.02
N GLU B 169 -31.65 -14.13 18.56
CA GLU B 169 -31.84 -14.40 19.96
C GLU B 169 -30.90 -13.58 20.82
N ASP B 170 -29.68 -13.35 20.32
CA ASP B 170 -28.73 -12.46 21.02
C ASP B 170 -29.29 -11.05 21.09
N VAL B 171 -29.81 -10.56 19.97
CA VAL B 171 -30.53 -9.26 19.97
C VAL B 171 -31.61 -9.15 21.05
N ARG B 172 -32.42 -10.20 21.21
CA ARG B 172 -33.48 -10.23 22.19
C ARG B 172 -32.92 -10.01 23.59
N HIS B 173 -31.92 -10.79 23.94
CA HIS B 173 -31.23 -10.71 25.21
C HIS B 173 -30.68 -9.31 25.47
N ILE B 174 -29.92 -8.76 24.52
CA ILE B 174 -29.30 -7.43 24.67
C ILE B 174 -30.39 -6.38 24.83
N ASN B 175 -31.47 -6.52 24.03
CA ASN B 175 -32.61 -5.61 24.08
C ASN B 175 -33.26 -5.62 25.44
N ALA B 176 -33.27 -6.80 26.07
CA ALA B 176 -33.86 -6.94 27.38
C ALA B 176 -33.01 -6.26 28.42
N LEU B 177 -31.70 -6.36 28.25
CA LEU B 177 -30.76 -5.77 29.18
C LEU B 177 -30.83 -4.26 29.04
N GLN B 178 -30.86 -3.76 27.81
CA GLN B 178 -31.08 -2.33 27.59
C GLN B 178 -32.37 -1.77 28.25
N HIS B 179 -33.47 -2.49 28.14
CA HIS B 179 -34.73 -2.01 28.75
C HIS B 179 -34.59 -1.92 30.24
N THR B 180 -33.79 -2.80 30.84
CA THR B 180 -33.55 -2.82 32.29
C THR B 180 -32.48 -1.84 32.76
N ALA B 181 -31.41 -1.73 31.98
CA ALA B 181 -30.25 -0.94 32.39
C ALA B 181 -30.38 0.52 32.01
N GLY B 182 -30.85 0.79 30.80
CA GLY B 182 -31.02 2.19 30.38
C GLY B 182 -29.74 2.87 29.96
N SER B 183 -29.88 4.05 29.38
CA SER B 183 -28.78 4.68 28.64
C SER B 183 -27.59 5.06 29.50
N SER B 184 -27.75 5.08 30.82
CA SER B 184 -26.65 5.57 31.67
C SER B 184 -25.65 4.48 32.06
N ILE B 185 -26.02 3.21 31.86
CA ILE B 185 -25.12 2.09 32.06
C ILE B 185 -24.35 1.81 30.75
N THR B 186 -23.03 1.64 30.85
CA THR B 186 -22.23 1.33 29.66
C THR B 186 -22.18 -0.17 29.47
N MET B 187 -22.41 -0.60 28.23
CA MET B 187 -22.56 -2.02 27.93
C MET B 187 -21.45 -2.50 26.96
N ILE B 188 -20.69 -3.52 27.36
CA ILE B 188 -19.70 -4.13 26.51
C ILE B 188 -20.26 -5.47 26.03
N LEU B 189 -20.14 -5.69 24.74
CA LEU B 189 -20.63 -6.95 24.13
C LEU B 189 -19.43 -7.82 23.75
N ASP B 190 -19.36 -8.99 24.35
CA ASP B 190 -18.23 -9.89 24.11
C ASP B 190 -18.64 -11.09 23.24
N ALA B 191 -18.11 -11.15 21.99
CA ALA B 191 -18.49 -12.19 20.99
C ALA B 191 -17.61 -13.44 21.04
N ASN B 192 -16.55 -13.40 21.83
CA ASN B 192 -15.57 -14.49 21.98
C ASN B 192 -15.22 -15.14 20.64
N GLN B 193 -14.81 -14.34 19.65
CA GLN B 193 -14.32 -14.79 18.36
C GLN B 193 -15.36 -15.61 17.59
N SER B 194 -16.65 -15.34 17.75
CA SER B 194 -17.68 -16.22 17.13
C SER B 194 -17.88 -15.90 15.65
N TYR B 195 -17.61 -14.63 15.31
CA TYR B 195 -18.04 -14.10 14.03
C TYR B 195 -17.03 -14.00 12.93
N ASP B 196 -17.54 -13.86 11.69
CA ASP B 196 -16.73 -13.19 10.71
C ASP B 196 -17.22 -11.75 10.57
N ALA B 197 -16.58 -10.95 9.71
CA ALA B 197 -16.85 -9.52 9.58
C ALA B 197 -18.29 -9.22 9.23
N ALA B 198 -18.84 -9.97 8.27
CA ALA B 198 -20.25 -9.80 7.89
C ALA B 198 -21.18 -10.08 9.07
N ALA B 199 -20.90 -11.13 9.89
CA ALA B 199 -21.73 -11.47 11.03
C ALA B 199 -21.64 -10.39 12.12
N ALA B 200 -20.44 -9.85 12.33
CA ALA B 200 -20.23 -8.86 13.38
C ALA B 200 -21.02 -7.61 12.98
N PHE B 201 -20.88 -7.27 11.69
CA PHE B 201 -21.50 -6.11 11.09
C PHE B 201 -23.04 -6.03 11.22
N LYS B 202 -23.69 -7.19 11.29
CA LYS B 202 -25.13 -7.22 11.52
C LYS B 202 -25.57 -6.36 12.75
N TRP B 203 -24.70 -6.24 13.74
CA TRP B 203 -24.91 -5.43 14.97
C TRP B 203 -24.92 -3.92 14.72
N GLU B 204 -24.25 -3.50 13.66
CA GLU B 204 -24.13 -2.08 13.35
C GLU B 204 -25.46 -1.32 13.28
N ARG B 205 -26.54 -1.99 12.86
CA ARG B 205 -27.86 -1.31 12.72
C ARG B 205 -28.45 -0.99 14.10
N TYR B 206 -27.99 -1.71 15.13
CA TYR B 206 -28.25 -1.42 16.56
C TYR B 206 -27.23 -0.47 17.22
N PHE B 207 -25.94 -0.65 16.89
CA PHE B 207 -24.90 0.28 17.28
C PHE B 207 -25.17 1.70 16.78
N SER B 208 -25.91 1.79 15.69
CA SER B 208 -26.29 3.04 15.12
C SER B 208 -27.13 3.85 16.11
N GLU B 209 -28.12 3.17 16.66
CA GLU B 209 -29.12 3.74 17.50
C GLU B 209 -28.67 3.88 18.97
N TRP B 210 -28.09 2.84 19.58
CA TRP B 210 -27.65 2.88 20.99
C TRP B 210 -26.55 3.92 21.22
N THR B 211 -26.40 4.36 22.47
CA THR B 211 -25.44 5.44 22.77
C THR B 211 -24.53 5.04 23.93
N ASN B 212 -24.76 3.82 24.44
CA ASN B 212 -24.05 3.33 25.63
C ASN B 212 -23.22 2.06 25.39
N ILE B 213 -22.90 1.77 24.15
CA ILE B 213 -22.03 0.63 23.90
C ILE B 213 -20.57 1.04 24.07
N GLY B 214 -19.88 0.39 25.00
CA GLY B 214 -18.51 0.73 25.32
C GLY B 214 -17.57 0.19 24.26
N TRP B 215 -17.76 -1.08 23.90
CA TRP B 215 -17.02 -1.65 22.81
C TRP B 215 -17.53 -3.00 22.48
N LEU B 216 -17.14 -3.47 21.31
CA LEU B 216 -17.39 -4.80 20.90
C LEU B 216 -16.08 -5.60 20.96
N GLU B 217 -16.15 -6.67 21.71
CA GLU B 217 -14.97 -7.39 22.17
C GLU B 217 -14.77 -8.68 21.32
N GLU B 218 -13.57 -8.75 20.68
CA GLU B 218 -13.07 -9.94 20.01
C GLU B 218 -14.14 -10.57 19.13
N PRO B 219 -14.72 -9.77 18.20
CA PRO B 219 -15.78 -10.34 17.32
C PRO B 219 -15.23 -11.46 16.43
N LEU B 220 -13.96 -11.31 16.03
CA LEU B 220 -13.25 -12.23 15.10
C LEU B 220 -11.99 -12.89 15.69
N PRO B 221 -11.59 -14.06 15.12
CA PRO B 221 -10.28 -14.64 15.43
C PRO B 221 -9.15 -13.74 14.91
N PHE B 222 -7.94 -13.90 15.43
CA PHE B 222 -6.89 -12.94 15.10
C PHE B 222 -5.90 -13.42 14.05
N ASP B 223 -6.30 -14.44 13.26
CA ASP B 223 -5.42 -14.98 12.19
C ASP B 223 -5.14 -13.97 11.05
N GLN B 224 -6.14 -13.16 10.79
CA GLN B 224 -6.09 -12.24 9.71
C GLN B 224 -6.27 -10.79 10.26
N PRO B 225 -5.20 -10.15 10.76
CA PRO B 225 -5.24 -8.78 11.32
C PRO B 225 -5.92 -7.78 10.43
N GLN B 226 -5.83 -7.98 9.10
CA GLN B 226 -6.44 -7.05 8.12
C GLN B 226 -7.96 -7.06 8.19
N ASP B 227 -8.53 -8.19 8.56
CA ASP B 227 -9.98 -8.25 8.75
C ASP B 227 -10.50 -7.41 9.96
N TYR B 228 -9.73 -7.37 11.03
CA TYR B 228 -9.98 -6.35 12.09
C TYR B 228 -9.94 -4.90 11.62
N ALA B 229 -8.93 -4.48 10.85
CA ALA B 229 -8.87 -3.10 10.52
C ALA B 229 -10.00 -2.71 9.58
N MET B 230 -10.37 -3.66 8.67
CA MET B 230 -11.55 -3.55 7.83
C MET B 230 -12.81 -3.38 8.72
N LEU B 231 -13.04 -4.31 9.64
CA LEU B 231 -14.25 -4.25 10.48
C LEU B 231 -14.30 -2.99 11.33
N ARG B 232 -13.19 -2.75 12.01
CA ARG B 232 -13.05 -1.57 12.83
C ARG B 232 -13.49 -0.34 12.04
N SER B 233 -12.94 -0.17 10.82
CA SER B 233 -13.34 0.97 10.01
C SER B 233 -14.82 1.11 9.68
N ARG B 234 -15.59 0.02 9.74
CA ARG B 234 -17.01 0.08 9.36
C ARG B 234 -17.98 0.25 10.53
N LEU B 235 -17.49 0.07 11.76
CA LEU B 235 -18.36 0.03 12.91
C LEU B 235 -18.41 1.37 13.70
N SER B 236 -19.56 1.66 14.32
CA SER B 236 -19.79 2.87 15.07
C SER B 236 -19.40 2.78 16.56
N VAL B 237 -18.80 1.66 16.99
CA VAL B 237 -18.28 1.50 18.36
C VAL B 237 -16.84 0.96 18.28
N PRO B 238 -16.03 1.27 19.30
CA PRO B 238 -14.68 0.69 19.41
C PRO B 238 -14.63 -0.84 19.50
N VAL B 239 -13.51 -1.36 19.05
CA VAL B 239 -13.30 -2.82 19.05
C VAL B 239 -12.10 -3.04 19.91
N ALA B 240 -12.25 -3.98 20.83
CA ALA B 240 -11.20 -4.36 21.75
C ALA B 240 -10.84 -5.80 21.50
N GLY B 241 -9.69 -6.24 22.05
CA GLY B 241 -9.25 -7.61 21.88
C GLY B 241 -7.82 -7.88 22.30
N GLY B 242 -7.44 -9.13 22.28
CA GLY B 242 -6.10 -9.51 22.47
C GLY B 242 -5.89 -10.21 23.74
N GLU B 243 -6.95 -10.77 24.32
CA GLU B 243 -6.77 -11.45 25.65
C GLU B 243 -5.84 -12.67 25.57
N ASN B 244 -5.68 -13.25 24.38
CA ASN B 244 -4.70 -14.32 24.32
C ASN B 244 -3.31 -13.97 23.89
N MET B 245 -3.02 -12.72 23.64
CA MET B 245 -1.66 -12.42 23.15
C MET B 245 -0.59 -12.66 24.26
N LYS B 246 0.62 -13.08 23.92
CA LYS B 246 1.58 -13.48 24.99
C LYS B 246 2.47 -12.37 25.43
N GLY B 247 2.43 -11.29 24.68
CA GLY B 247 3.12 -10.10 25.10
C GLY B 247 3.24 -9.04 24.06
N PRO B 248 4.06 -8.01 24.36
CA PRO B 248 4.06 -6.84 23.52
C PRO B 248 4.44 -7.17 22.08
N ALA B 249 5.35 -8.15 21.87
CA ALA B 249 5.75 -8.49 20.46
C ALA B 249 4.52 -8.92 19.61
N GLN B 250 3.55 -9.60 20.22
CA GLN B 250 2.32 -9.96 19.48
C GLN B 250 1.40 -8.78 19.25
N TYR B 251 1.27 -7.85 20.19
CA TYR B 251 0.47 -6.62 19.97
C TYR B 251 1.02 -5.71 18.87
N VAL B 252 2.36 -5.61 18.78
CA VAL B 252 3.02 -4.59 17.85
C VAL B 252 2.41 -4.65 16.41
N PRO B 253 2.36 -5.84 15.79
CA PRO B 253 1.76 -5.79 14.43
C PRO B 253 0.26 -5.46 14.34
N LEU B 254 -0.52 -5.84 15.35
CA LEU B 254 -1.91 -5.41 15.48
C LEU B 254 -2.03 -3.91 15.56
N LEU B 255 -1.20 -3.25 16.38
CA LEU B 255 -1.27 -1.81 16.48
C LEU B 255 -0.66 -1.12 15.30
N SER B 256 0.42 -1.60 14.71
CA SER B 256 0.86 -1.01 13.40
C SER B 256 -0.22 -1.05 12.29
N GLN B 257 -1.02 -2.08 12.25
CA GLN B 257 -2.00 -2.23 11.23
C GLN B 257 -3.33 -1.58 11.66
N ARG B 258 -3.39 -1.09 12.89
CA ARG B 258 -4.58 -0.31 13.34
C ARG B 258 -5.82 -1.22 13.45
N CYS B 259 -5.64 -2.37 14.06
CA CYS B 259 -6.68 -3.39 14.18
C CYS B 259 -7.69 -3.16 15.35
N LEU B 260 -7.26 -2.39 16.37
CA LEU B 260 -7.94 -2.34 17.69
C LEU B 260 -7.97 -0.92 18.31
N ASP B 261 -9.07 -0.59 18.96
CA ASP B 261 -9.18 0.66 19.71
C ASP B 261 -8.63 0.47 21.10
N ILE B 262 -8.79 -0.76 21.61
CA ILE B 262 -8.43 -1.15 22.99
C ILE B 262 -7.73 -2.50 23.04
N ILE B 263 -6.55 -2.60 23.67
CA ILE B 263 -5.99 -3.92 23.82
C ILE B 263 -6.30 -4.43 25.24
N GLN B 264 -6.26 -5.75 25.40
CA GLN B 264 -6.77 -6.36 26.64
C GLN B 264 -5.83 -7.44 27.15
N PRO B 265 -4.63 -7.04 27.50
CA PRO B 265 -3.70 -8.08 27.98
C PRO B 265 -4.19 -8.72 29.29
N ASP B 266 -3.78 -9.94 29.58
CA ASP B 266 -4.15 -10.55 30.84
C ASP B 266 -2.85 -10.93 31.52
N VAL B 267 -2.67 -10.55 32.80
CA VAL B 267 -1.43 -10.93 33.56
C VAL B 267 -1.07 -12.42 33.39
N MET B 268 -2.05 -13.29 33.56
CA MET B 268 -1.75 -14.70 33.54
C MET B 268 -1.66 -15.29 32.11
N HIS B 269 -1.85 -14.47 31.06
CA HIS B 269 -1.57 -14.89 29.64
C HIS B 269 -0.34 -14.30 29.01
N VAL B 270 0.21 -13.26 29.61
CA VAL B 270 1.42 -12.67 29.04
C VAL B 270 2.63 -13.22 29.75
N ASN B 271 3.80 -12.91 29.21
CA ASN B 271 5.11 -13.34 29.71
C ASN B 271 5.65 -12.72 31.04
N GLY B 272 4.91 -12.75 32.15
CA GLY B 272 5.45 -12.05 33.34
C GLY B 272 4.86 -10.65 33.51
N ILE B 273 4.89 -10.13 34.73
CA ILE B 273 4.19 -8.89 35.03
C ILE B 273 4.92 -7.69 34.39
N ASP B 274 6.22 -7.81 34.26
CA ASP B 274 7.02 -6.78 33.56
C ASP B 274 6.61 -6.63 32.07
N GLU B 275 6.37 -7.76 31.41
CA GLU B 275 5.91 -7.76 30.02
C GLU B 275 4.48 -7.21 29.99
N PHE B 276 3.70 -7.51 31.01
CA PHE B 276 2.31 -7.05 31.09
C PHE B 276 2.28 -5.55 31.15
N ARG B 277 3.09 -4.96 32.05
CA ARG B 277 3.26 -3.52 32.11
C ARG B 277 3.74 -2.96 30.79
N ASP B 278 4.64 -3.67 30.07
CA ASP B 278 5.08 -3.21 28.75
C ASP B 278 3.97 -3.17 27.74
N CYS B 279 2.99 -4.10 27.82
CA CYS B 279 1.85 -4.04 26.91
C CYS B 279 1.07 -2.81 27.13
N LEU B 280 0.87 -2.45 28.38
CA LEU B 280 0.11 -1.24 28.66
C LEU B 280 0.83 0.01 28.16
N GLN B 281 2.11 0.08 28.27
CA GLN B 281 2.84 1.29 27.94
C GLN B 281 2.95 1.36 26.39
N LEU B 282 2.96 0.17 25.77
CA LEU B 282 3.08 0.05 24.28
C LEU B 282 1.81 0.68 23.74
N ALA B 283 0.67 0.28 24.32
CA ALA B 283 -0.61 0.86 23.97
C ALA B 283 -0.60 2.36 24.07
N ARG B 284 -0.07 2.88 25.16
CA ARG B 284 0.05 4.36 25.30
C ARG B 284 0.98 5.00 24.19
N TYR B 285 2.07 4.31 23.88
CA TYR B 285 3.01 4.85 22.87
C TYR B 285 2.35 4.86 21.48
N PHE B 286 1.47 3.88 21.24
CA PHE B 286 0.70 3.82 20.01
C PHE B 286 -0.53 4.74 20.02
N GLY B 287 -0.90 5.35 21.16
CA GLY B 287 -2.16 6.05 21.20
C GLY B 287 -3.43 5.19 21.28
N VAL B 288 -3.33 3.94 21.72
CA VAL B 288 -4.54 3.14 21.90
C VAL B 288 -4.78 2.85 23.38
N ARG B 289 -6.00 2.50 23.76
CA ARG B 289 -6.33 2.23 25.15
C ARG B 289 -6.03 0.78 25.50
N ALA B 290 -5.95 0.52 26.80
CA ALA B 290 -5.58 -0.77 27.29
C ALA B 290 -6.44 -1.03 28.53
N SER B 291 -7.26 -2.08 28.50
CA SER B 291 -8.10 -2.42 29.65
C SER B 291 -7.87 -3.92 29.90
N ALA B 292 -7.26 -4.20 31.04
CA ALA B 292 -6.83 -5.51 31.44
C ALA B 292 -7.96 -6.50 31.44
N HIS B 293 -7.66 -7.70 30.94
CA HIS B 293 -8.58 -8.80 30.93
C HIS B 293 -8.33 -9.66 32.19
N ALA B 294 -9.39 -10.19 32.77
CA ALA B 294 -9.23 -10.92 34.05
C ALA B 294 -10.41 -11.80 34.39
N TYR B 295 -10.78 -12.71 33.49
CA TYR B 295 -11.93 -13.58 33.76
C TYR B 295 -11.56 -14.41 34.99
N ASP B 296 -10.37 -15.02 34.96
CA ASP B 296 -9.75 -15.62 36.14
C ASP B 296 -8.77 -14.66 36.82
N GLY B 297 -8.65 -14.79 38.13
CA GLY B 297 -7.62 -14.07 38.80
C GLY B 297 -8.09 -13.25 39.97
N SER B 298 -7.27 -13.25 41.01
N SER B 298 -7.28 -13.27 41.02
CA SER B 298 -7.55 -12.52 42.26
CA SER B 298 -7.56 -12.52 42.27
C SER B 298 -6.27 -11.83 42.70
C SER B 298 -6.26 -11.83 42.66
N LEU B 299 -5.26 -12.63 42.96
CA LEU B 299 -3.89 -12.12 43.13
C LEU B 299 -3.33 -11.53 41.77
N SER B 300 -3.46 -12.23 40.66
CA SER B 300 -3.03 -11.59 39.40
C SER B 300 -3.84 -10.33 39.06
N ARG B 301 -5.12 -10.29 39.40
CA ARG B 301 -5.94 -9.11 39.16
C ARG B 301 -5.51 -7.91 40.03
N LEU B 302 -4.94 -8.22 41.19
CA LEU B 302 -4.46 -7.18 42.09
C LEU B 302 -3.26 -6.55 41.42
N TYR B 303 -2.39 -7.37 40.81
CA TYR B 303 -1.24 -6.83 40.01
C TYR B 303 -1.67 -6.03 38.80
N ALA B 304 -2.76 -6.45 38.14
CA ALA B 304 -3.32 -5.63 37.04
C ALA B 304 -3.78 -4.26 37.60
N LEU B 305 -4.30 -4.23 38.85
CA LEU B 305 -4.71 -2.97 39.51
C LEU B 305 -3.52 -2.11 39.85
N PHE B 306 -2.49 -2.71 40.46
CA PHE B 306 -1.25 -1.96 40.63
C PHE B 306 -0.76 -1.40 39.27
N ALA B 307 -0.65 -2.23 38.24
CA ALA B 307 -0.16 -1.77 36.89
C ALA B 307 -0.99 -0.59 36.40
N GLN B 308 -2.31 -0.70 36.51
CA GLN B 308 -3.17 0.35 36.00
C GLN B 308 -3.00 1.65 36.81
N ALA B 309 -2.63 1.53 38.08
CA ALA B 309 -2.49 2.66 38.97
C ALA B 309 -1.21 3.39 38.63
N CYS B 310 -0.24 2.64 38.06
CA CYS B 310 1.04 3.21 37.66
C CYS B 310 1.10 3.63 36.17
N LEU B 311 -0.04 3.64 35.52
CA LEU B 311 -0.16 4.02 34.07
C LEU B 311 -0.66 5.51 33.89
N PRO B 312 0.05 6.32 33.04
CA PRO B 312 -0.43 7.68 32.82
C PRO B 312 -1.78 7.73 32.21
N PRO B 313 -2.46 8.90 32.27
CA PRO B 313 -3.80 8.94 31.64
C PRO B 313 -3.73 8.76 30.13
N TRP B 314 -4.84 8.31 29.51
CA TRP B 314 -4.93 8.09 28.06
C TRP B 314 -5.49 9.35 27.40
N SER B 315 -6.20 10.18 28.17
CA SER B 315 -6.80 11.41 27.62
C SER B 315 -6.48 12.61 28.54
N LYS B 316 -6.94 13.79 28.14
CA LYS B 316 -6.88 14.95 28.95
C LYS B 316 -8.24 15.23 29.64
N MET B 317 -9.17 14.27 29.61
CA MET B 317 -10.50 14.47 30.20
C MET B 317 -10.34 14.23 31.68
N LYS B 318 -10.63 15.28 32.46
CA LYS B 318 -10.43 15.28 33.92
C LYS B 318 -11.17 14.13 34.54
N ASN B 319 -12.34 13.83 33.96
CA ASN B 319 -13.24 12.79 34.40
C ASN B 319 -13.25 11.42 33.73
N ASP B 320 -12.43 11.24 32.69
CA ASP B 320 -12.43 9.98 31.96
C ASP B 320 -11.07 9.72 31.29
N HIS B 321 -10.02 9.44 32.07
CA HIS B 321 -8.69 9.39 31.53
C HIS B 321 -7.98 8.12 31.98
N ILE B 322 -8.71 7.19 32.57
CA ILE B 322 -8.09 5.89 32.94
C ILE B 322 -9.08 4.79 32.61
N GLU B 323 -8.58 3.71 31.98
CA GLU B 323 -9.47 2.64 31.53
C GLU B 323 -9.88 1.78 32.71
N PRO B 324 -11.10 1.17 32.66
CA PRO B 324 -11.48 0.13 33.58
C PRO B 324 -10.76 -1.19 33.35
N ILE B 325 -10.92 -2.06 34.31
CA ILE B 325 -10.31 -3.37 34.34
C ILE B 325 -11.51 -4.32 34.51
N GLU B 326 -11.40 -5.53 33.97
CA GLU B 326 -12.53 -6.44 34.06
C GLU B 326 -12.73 -7.02 35.51
N TRP B 327 -13.95 -6.99 36.10
CA TRP B 327 -14.27 -7.64 37.41
C TRP B 327 -15.30 -8.79 37.22
N ASP B 328 -14.88 -10.04 37.22
CA ASP B 328 -15.79 -11.14 36.96
C ASP B 328 -16.66 -11.19 38.22
N VAL B 329 -17.96 -11.15 38.00
CA VAL B 329 -18.93 -11.22 39.11
C VAL B 329 -19.69 -12.54 39.13
N MET B 330 -19.22 -13.57 38.42
CA MET B 330 -19.95 -14.83 38.37
C MET B 330 -19.51 -15.66 39.60
N GLU B 331 -20.29 -16.67 40.02
CA GLU B 331 -19.91 -17.46 41.21
C GLU B 331 -18.45 -17.93 41.12
N ASN B 332 -17.63 -17.57 42.10
CA ASN B 332 -16.22 -18.00 42.13
C ASN B 332 -15.63 -17.68 43.50
N PRO B 333 -15.39 -18.74 44.30
CA PRO B 333 -14.94 -18.41 45.67
C PRO B 333 -13.54 -17.78 45.64
N PHE B 334 -12.82 -17.95 44.52
CA PHE B 334 -11.47 -17.44 44.46
C PHE B 334 -11.38 -15.92 44.31
N THR B 335 -12.48 -15.23 44.00
CA THR B 335 -12.51 -13.77 44.11
C THR B 335 -12.06 -13.23 45.46
N ASP B 336 -12.13 -14.08 46.49
CA ASP B 336 -11.79 -13.70 47.83
C ASP B 336 -10.38 -14.09 48.28
N LEU B 337 -9.56 -14.68 47.41
CA LEU B 337 -8.19 -15.04 47.81
C LEU B 337 -7.41 -13.85 48.40
N VAL B 338 -7.62 -12.67 47.83
CA VAL B 338 -7.23 -11.42 48.44
C VAL B 338 -8.54 -10.74 48.80
N SER B 339 -8.58 -10.04 49.91
CA SER B 339 -9.84 -9.44 50.40
C SER B 339 -9.95 -8.03 49.89
N LEU B 340 -10.35 -7.87 48.65
CA LEU B 340 -10.39 -6.58 47.99
C LEU B 340 -11.51 -6.63 46.98
N GLN B 341 -12.44 -5.66 47.10
CA GLN B 341 -13.62 -5.66 46.25
C GLN B 341 -13.95 -4.24 45.89
N PRO B 342 -14.63 -4.04 44.76
CA PRO B 342 -14.99 -2.68 44.37
C PRO B 342 -16.16 -2.11 45.24
N SER B 343 -16.29 -0.80 45.25
CA SER B 343 -17.41 -0.18 45.86
C SER B 343 -17.86 0.84 44.87
N LYS B 344 -19.09 0.65 44.39
CA LYS B 344 -19.75 1.50 43.43
C LYS B 344 -18.91 1.52 42.13
N GLY B 345 -18.37 0.34 41.77
CA GLY B 345 -17.62 0.18 40.53
C GLY B 345 -16.21 0.79 40.53
N MET B 346 -15.64 1.03 41.72
CA MET B 346 -14.23 1.50 41.89
C MET B 346 -13.51 0.64 42.90
N VAL B 347 -12.24 0.37 42.63
CA VAL B 347 -11.42 -0.38 43.54
C VAL B 347 -10.38 0.55 44.11
N HIS B 348 -10.24 0.54 45.44
CA HIS B 348 -9.20 1.30 46.08
C HIS B 348 -7.99 0.42 46.32
N ILE B 349 -6.88 0.84 45.73
CA ILE B 349 -5.56 0.17 45.77
C ILE B 349 -4.98 0.08 47.21
N PRO B 350 -4.63 -1.10 47.66
CA PRO B 350 -3.80 -1.22 48.87
C PRO B 350 -2.47 -0.41 48.79
N LYS B 351 -2.10 0.30 49.85
CA LYS B 351 -0.84 1.09 49.84
C LYS B 351 0.32 0.49 50.68
N GLY B 352 0.02 -0.57 51.40
CA GLY B 352 1.00 -1.15 52.32
C GLY B 352 2.16 -1.83 51.60
N LYS B 353 3.10 -2.31 52.40
CA LYS B 353 4.32 -2.84 51.86
C LYS B 353 4.06 -4.15 51.11
N GLY B 354 5.00 -4.52 50.22
CA GLY B 354 4.74 -5.62 49.25
C GLY B 354 3.42 -5.42 48.54
N ILE B 355 2.55 -6.44 48.54
CA ILE B 355 1.22 -6.33 48.00
C ILE B 355 0.14 -5.71 48.94
N GLY B 356 0.52 -5.21 50.12
CA GLY B 356 -0.42 -4.38 50.91
C GLY B 356 -1.62 -5.16 51.43
N THR B 357 -1.52 -6.49 51.40
CA THR B 357 -2.67 -7.39 51.66
C THR B 357 -2.23 -8.85 51.89
N GLU B 358 -3.07 -9.68 52.47
CA GLU B 358 -2.63 -11.06 52.67
C GLU B 358 -3.58 -11.99 51.93
N ILE B 359 -3.08 -13.15 51.56
CA ILE B 359 -3.88 -14.13 50.89
C ILE B 359 -4.66 -14.89 51.97
N ASN B 360 -5.92 -15.09 51.70
CA ASN B 360 -6.79 -15.90 52.54
C ASN B 360 -6.49 -17.40 52.52
N MET B 361 -5.66 -17.84 53.47
CA MET B 361 -5.35 -19.26 53.70
C MET B 361 -6.58 -20.10 53.99
N GLU B 362 -7.69 -19.48 54.42
CA GLU B 362 -8.89 -20.29 54.63
C GLU B 362 -9.36 -20.80 53.29
N ILE B 363 -9.48 -19.89 52.31
CA ILE B 363 -9.92 -20.29 50.96
C ILE B 363 -8.92 -21.29 50.32
N VAL B 364 -7.63 -21.04 50.48
CA VAL B 364 -6.57 -21.95 50.02
C VAL B 364 -6.89 -23.40 50.44
N ASN B 365 -7.00 -23.64 51.75
CA ASN B 365 -7.18 -25.03 52.26
C ASN B 365 -8.50 -25.65 51.89
N ARG B 366 -9.58 -24.88 51.90
CA ARG B 366 -10.93 -25.39 51.62
C ARG B 366 -11.05 -25.89 50.17
N TYR B 367 -10.31 -25.27 49.24
CA TYR B 367 -10.49 -25.60 47.82
C TYR B 367 -9.32 -26.36 47.25
N LYS B 368 -8.51 -26.87 48.14
CA LYS B 368 -7.41 -27.73 47.75
C LYS B 368 -7.86 -28.73 46.66
N TRP B 369 -7.13 -28.75 45.53
CA TRP B 369 -7.44 -29.75 44.50
C TRP B 369 -7.11 -31.20 44.94
N ASP B 370 -8.07 -32.11 44.76
CA ASP B 370 -7.86 -33.50 45.03
C ASP B 370 -7.02 -34.26 43.96
N GLY B 371 -6.47 -33.56 42.98
CA GLY B 371 -5.60 -34.22 42.04
C GLY B 371 -6.27 -35.07 40.98
N SER B 372 -7.60 -35.05 40.93
CA SER B 372 -8.31 -35.82 39.93
C SER B 372 -8.82 -34.86 38.81
N ALA B 373 -8.84 -35.33 37.57
CA ALA B 373 -9.33 -34.49 36.49
C ALA B 373 -10.86 -34.55 36.33
N TYR B 374 -11.49 -33.38 36.26
CA TYR B 374 -12.87 -33.30 35.95
C TYR B 374 -13.23 -34.15 34.69
N GLU B 375 -12.32 -34.30 33.71
CA GLU B 375 -12.56 -35.42 32.75
C GLU B 375 -11.41 -35.99 31.97
N ALA C 2 -8.21 -59.01 -9.41
CA ALA C 2 -9.14 -58.10 -10.11
C ALA C 2 -9.52 -57.04 -9.15
N LEU C 3 -9.20 -55.77 -9.43
CA LEU C 3 -9.75 -54.73 -8.58
C LEU C 3 -10.12 -53.48 -9.42
N VAL C 4 -9.23 -52.50 -9.48
CA VAL C 4 -9.65 -51.19 -9.92
C VAL C 4 -9.10 -50.66 -11.26
N LYS C 5 -8.44 -51.51 -12.03
CA LYS C 5 -8.23 -51.20 -13.45
C LYS C 5 -9.55 -50.84 -14.12
N ILE C 6 -9.53 -49.77 -14.89
CA ILE C 6 -10.75 -49.25 -15.50
C ILE C 6 -10.93 -50.06 -16.77
N VAL C 7 -12.07 -50.72 -16.89
CA VAL C 7 -12.29 -51.53 -18.11
C VAL C 7 -13.38 -51.05 -19.07
N ARG C 8 -14.41 -50.38 -18.55
CA ARG C 8 -15.51 -49.89 -19.35
C ARG C 8 -15.99 -48.47 -18.95
N ILE C 9 -16.20 -47.59 -19.92
CA ILE C 9 -16.92 -46.33 -19.64
C ILE C 9 -18.16 -46.10 -20.53
N GLU C 10 -19.31 -45.87 -19.88
CA GLU C 10 -20.58 -45.54 -20.49
C GLU C 10 -20.85 -44.05 -20.32
N THR C 11 -21.46 -43.39 -21.32
CA THR C 11 -21.85 -41.99 -21.18
C THR C 11 -23.30 -41.78 -21.54
N PHE C 12 -23.90 -40.73 -20.99
CA PHE C 12 -25.33 -40.47 -21.05
C PHE C 12 -25.63 -38.95 -21.25
N PRO C 13 -25.44 -38.47 -22.48
CA PRO C 13 -25.86 -37.11 -22.73
C PRO C 13 -27.39 -37.00 -22.64
N LEU C 14 -27.87 -36.12 -21.76
CA LEU C 14 -29.30 -35.98 -21.56
C LEU C 14 -29.79 -34.58 -21.89
N PHE C 15 -31.04 -34.46 -22.32
CA PHE C 15 -31.57 -33.19 -22.83
C PHE C 15 -33.06 -33.00 -22.53
N HIS C 16 -33.46 -31.78 -22.16
CA HIS C 16 -34.88 -31.46 -21.97
C HIS C 16 -35.16 -30.03 -22.46
N ARG C 17 -36.02 -29.87 -23.48
CA ARG C 17 -36.48 -28.54 -23.90
C ARG C 17 -37.46 -28.03 -22.84
N LEU C 18 -37.32 -26.77 -22.41
CA LEU C 18 -38.23 -26.26 -21.39
C LEU C 18 -39.56 -25.88 -21.99
N GLU C 19 -40.62 -26.14 -21.27
CA GLU C 19 -41.93 -25.74 -21.75
C GLU C 19 -42.13 -24.22 -21.68
N LYS C 20 -41.89 -23.64 -20.50
CA LYS C 20 -41.85 -22.20 -20.34
C LYS C 20 -40.38 -21.79 -20.05
N PRO C 21 -39.83 -20.83 -20.81
CA PRO C 21 -38.44 -20.41 -20.52
C PRO C 21 -38.39 -19.60 -19.25
N TYR C 22 -37.21 -19.49 -18.66
CA TYR C 22 -36.99 -18.55 -17.56
C TYR C 22 -35.60 -18.00 -17.69
N GLY C 23 -35.33 -16.82 -17.10
CA GLY C 23 -34.01 -16.23 -17.25
C GLY C 23 -33.34 -15.46 -16.10
N ASP C 24 -32.13 -14.99 -16.39
CA ASP C 24 -31.43 -14.01 -15.58
C ASP C 24 -30.93 -12.88 -16.46
N ALA C 25 -30.01 -12.05 -15.95
CA ALA C 25 -29.44 -10.94 -16.74
C ALA C 25 -28.72 -11.39 -18.02
N ASN C 26 -28.28 -12.64 -18.06
CA ASN C 26 -27.64 -13.17 -19.28
C ASN C 26 -28.64 -13.58 -20.36
N GLY C 27 -29.93 -13.60 -20.03
CA GLY C 27 -30.90 -14.06 -21.02
C GLY C 27 -31.70 -15.26 -20.58
N PHE C 28 -32.58 -15.72 -21.49
CA PHE C 28 -33.59 -16.72 -21.18
C PHE C 28 -33.01 -18.10 -21.43
N LYS C 29 -33.27 -19.02 -20.53
CA LYS C 29 -32.83 -20.36 -20.70
C LYS C 29 -33.93 -21.18 -21.42
N ARG C 30 -33.52 -21.94 -22.44
CA ARG C 30 -34.49 -22.64 -23.35
C ARG C 30 -34.58 -24.13 -23.07
N TYR C 31 -33.52 -24.65 -22.47
CA TYR C 31 -33.44 -26.09 -22.18
C TYR C 31 -32.49 -26.32 -21.02
N ARG C 32 -32.50 -27.56 -20.54
CA ARG C 32 -31.59 -28.03 -19.49
C ARG C 32 -30.88 -29.22 -20.11
N THR C 33 -29.65 -29.44 -19.70
CA THR C 33 -28.94 -30.63 -20.08
C THR C 33 -28.25 -31.24 -18.85
N CYS C 34 -27.69 -32.41 -19.08
CA CYS C 34 -26.99 -33.14 -18.05
C CYS C 34 -26.11 -34.10 -18.83
N TYR C 35 -25.00 -34.52 -18.22
CA TYR C 35 -24.10 -35.40 -18.89
C TYR C 35 -23.49 -36.33 -17.87
N LEU C 36 -23.95 -37.59 -17.90
CA LEU C 36 -23.53 -38.59 -16.94
C LEU C 36 -22.55 -39.55 -17.51
N ILE C 37 -21.56 -39.92 -16.69
CA ILE C 37 -20.64 -41.00 -16.94
C ILE C 37 -20.70 -42.11 -15.88
N ARG C 38 -20.36 -43.30 -16.34
CA ARG C 38 -20.24 -44.50 -15.52
C ARG C 38 -18.93 -45.21 -15.85
N ILE C 39 -18.06 -45.31 -14.85
CA ILE C 39 -16.76 -45.88 -15.04
C ILE C 39 -16.84 -47.17 -14.35
N ILE C 40 -16.48 -48.26 -15.05
CA ILE C 40 -16.59 -49.62 -14.50
C ILE C 40 -15.19 -50.26 -14.42
N THR C 41 -14.83 -50.86 -13.28
CA THR C 41 -13.49 -51.53 -13.14
C THR C 41 -13.54 -53.04 -13.27
N GLU C 42 -12.37 -53.68 -13.43
CA GLU C 42 -12.26 -55.18 -13.48
C GLU C 42 -13.13 -55.92 -12.48
N SER C 43 -13.01 -55.54 -11.20
CA SER C 43 -13.84 -56.13 -10.17
C SER C 43 -15.36 -55.93 -10.36
N GLY C 44 -15.78 -55.06 -11.27
CA GLY C 44 -17.21 -54.70 -11.42
C GLY C 44 -17.77 -53.57 -10.54
N ILE C 45 -16.97 -53.05 -9.61
CA ILE C 45 -17.28 -51.79 -8.92
C ILE C 45 -17.35 -50.64 -9.91
N ASP C 46 -18.41 -49.84 -9.86
CA ASP C 46 -18.47 -48.73 -10.78
C ASP C 46 -18.82 -47.43 -10.05
N GLY C 47 -18.64 -46.32 -10.75
CA GLY C 47 -18.92 -45.03 -10.13
C GLY C 47 -19.46 -44.07 -11.17
N TRP C 48 -20.33 -43.18 -10.69
CA TRP C 48 -20.96 -42.24 -11.56
C TRP C 48 -20.38 -40.82 -11.35
N GLY C 49 -20.25 -40.07 -12.44
CA GLY C 49 -19.97 -38.62 -12.46
C GLY C 49 -20.94 -37.86 -13.37
N GLU C 50 -20.89 -36.52 -13.32
CA GLU C 50 -21.79 -35.64 -14.03
C GLU C 50 -20.95 -34.43 -14.36
N CYS C 51 -21.18 -33.86 -15.53
CA CYS C 51 -20.49 -32.69 -15.93
C CYS C 51 -21.43 -31.90 -16.77
N VAL C 52 -21.05 -30.67 -17.09
CA VAL C 52 -21.94 -29.86 -17.89
C VAL C 52 -21.17 -28.88 -18.80
N ASP C 53 -21.50 -28.94 -20.09
CA ASP C 53 -21.05 -28.04 -21.14
C ASP C 53 -21.97 -28.21 -22.34
N TRP C 54 -21.69 -27.49 -23.42
CA TRP C 54 -22.37 -27.68 -24.69
C TRP C 54 -22.22 -29.15 -25.15
N LEU C 55 -23.35 -29.86 -25.30
CA LEU C 55 -23.34 -31.33 -25.48
C LEU C 55 -22.52 -31.83 -26.66
N PRO C 56 -22.76 -31.26 -27.87
CA PRO C 56 -21.98 -31.84 -28.99
C PRO C 56 -20.48 -31.87 -28.71
N ALA C 57 -19.92 -30.74 -28.29
CA ALA C 57 -18.48 -30.67 -28.03
C ALA C 57 -17.97 -31.60 -26.87
N LEU C 58 -18.72 -31.59 -25.76
CA LEU C 58 -18.49 -32.50 -24.64
C LEU C 58 -18.52 -33.98 -25.02
N HIS C 59 -19.55 -34.36 -25.75
CA HIS C 59 -19.70 -35.73 -26.17
C HIS C 59 -18.49 -36.21 -26.96
N VAL C 60 -18.01 -35.41 -27.92
CA VAL C 60 -16.84 -35.83 -28.68
C VAL C 60 -15.57 -35.80 -27.82
N GLY C 61 -15.44 -34.77 -26.97
CA GLY C 61 -14.43 -34.77 -25.88
C GLY C 61 -14.27 -36.12 -25.17
N PHE C 62 -15.38 -36.66 -24.70
CA PHE C 62 -15.32 -37.93 -24.03
C PHE C 62 -15.03 -39.08 -24.92
N THR C 63 -15.78 -39.23 -26.00
CA THR C 63 -15.65 -40.45 -26.78
C THR C 63 -14.27 -40.50 -27.45
N LYS C 64 -13.77 -39.37 -27.92
CA LYS C 64 -12.57 -39.38 -28.76
C LYS C 64 -11.24 -39.11 -28.03
N ARG C 65 -11.28 -38.52 -26.82
CA ARG C 65 -10.06 -38.38 -26.05
C ARG C 65 -10.14 -38.98 -24.63
N ILE C 66 -11.18 -38.63 -23.89
CA ILE C 66 -11.13 -38.91 -22.45
C ILE C 66 -11.28 -40.37 -22.14
N ILE C 67 -12.28 -41.02 -22.73
CA ILE C 67 -12.47 -42.45 -22.50
C ILE C 67 -11.27 -43.31 -22.90
N PRO C 68 -10.80 -43.18 -24.17
CA PRO C 68 -9.63 -43.95 -24.60
C PRO C 68 -8.44 -43.84 -23.63
N PHE C 69 -8.14 -42.61 -23.17
CA PHE C 69 -7.09 -42.38 -22.14
C PHE C 69 -7.33 -43.10 -20.83
N LEU C 70 -8.57 -43.18 -20.38
CA LEU C 70 -8.89 -43.78 -19.07
C LEU C 70 -8.94 -45.31 -19.03
N LEU C 71 -9.33 -45.90 -20.17
CA LEU C 71 -9.39 -47.35 -20.32
C LEU C 71 -8.03 -47.92 -19.98
N GLY C 72 -8.04 -48.94 -19.14
CA GLY C 72 -6.78 -49.58 -18.70
C GLY C 72 -5.98 -48.91 -17.56
N LYS C 73 -6.39 -47.69 -17.20
CA LYS C 73 -5.81 -46.95 -16.05
C LYS C 73 -6.28 -47.47 -14.71
N GLN C 74 -5.45 -47.21 -13.69
CA GLN C 74 -5.75 -47.62 -12.33
C GLN C 74 -6.68 -46.58 -11.70
N ALA C 75 -7.85 -47.01 -11.26
CA ALA C 75 -8.83 -46.05 -10.77
C ALA C 75 -8.46 -45.51 -9.40
N GLY C 76 -7.56 -46.23 -8.72
CA GLY C 76 -6.99 -45.76 -7.45
C GLY C 76 -6.10 -44.51 -7.57
N SER C 77 -5.64 -44.20 -8.79
CA SER C 77 -4.81 -43.01 -9.06
C SER C 77 -5.67 -41.77 -9.38
N ARG C 78 -6.51 -41.40 -8.44
CA ARG C 78 -7.50 -40.41 -8.70
C ARG C 78 -6.90 -39.06 -8.89
N LEU C 79 -6.02 -38.65 -7.98
CA LEU C 79 -5.45 -37.34 -8.03
C LEU C 79 -4.74 -37.14 -9.37
N SER C 80 -3.88 -38.07 -9.76
CA SER C 80 -3.04 -37.76 -10.92
C SER C 80 -3.80 -37.91 -12.25
N LEU C 81 -4.74 -38.85 -12.29
CA LEU C 81 -5.60 -39.01 -13.47
C LEU C 81 -6.48 -37.76 -13.66
N VAL C 82 -7.06 -37.23 -12.59
CA VAL C 82 -7.90 -36.04 -12.70
C VAL C 82 -7.06 -34.83 -13.15
N ARG C 83 -5.89 -34.66 -12.59
CA ARG C 83 -5.05 -33.50 -12.93
C ARG C 83 -4.58 -33.55 -14.41
N THR C 84 -4.27 -34.75 -14.89
CA THR C 84 -3.96 -34.97 -16.29
C THR C 84 -5.13 -34.58 -17.17
N ILE C 85 -6.33 -35.01 -16.81
CA ILE C 85 -7.50 -34.65 -17.59
C ILE C 85 -7.79 -33.14 -17.59
N GLN C 86 -7.61 -32.49 -16.42
CA GLN C 86 -7.92 -31.05 -16.24
C GLN C 86 -7.17 -30.19 -17.27
N LYS C 87 -5.98 -30.64 -17.68
CA LYS C 87 -5.14 -29.90 -18.58
C LYS C 87 -5.84 -29.64 -19.93
N TRP C 88 -6.61 -30.62 -20.40
CA TRP C 88 -7.34 -30.55 -21.67
C TRP C 88 -8.79 -30.17 -21.46
N HIS C 89 -9.38 -30.62 -20.36
CA HIS C 89 -10.81 -30.60 -20.26
C HIS C 89 -11.27 -30.51 -18.83
N GLN C 90 -11.26 -29.29 -18.29
CA GLN C 90 -11.64 -29.07 -16.90
C GLN C 90 -13.04 -29.59 -16.57
N ARG C 91 -14.04 -29.32 -17.43
CA ARG C 91 -15.40 -29.78 -17.18
C ARG C 91 -15.46 -31.30 -16.99
N ALA C 92 -14.66 -32.04 -17.74
CA ALA C 92 -14.67 -33.51 -17.71
C ALA C 92 -13.92 -34.15 -16.54
N ALA C 93 -12.84 -33.50 -16.09
CA ALA C 93 -12.07 -33.95 -14.92
C ALA C 93 -12.96 -34.11 -13.71
N SER C 94 -13.83 -33.15 -13.59
CA SER C 94 -14.78 -33.08 -12.55
C SER C 94 -15.70 -34.29 -12.56
N ALA C 95 -16.32 -34.57 -13.71
CA ALA C 95 -17.11 -35.80 -13.88
C ALA C 95 -16.38 -37.05 -13.46
N VAL C 96 -15.14 -37.17 -13.89
CA VAL C 96 -14.27 -38.30 -13.64
C VAL C 96 -13.88 -38.41 -12.14
N SER C 97 -13.66 -37.25 -11.49
CA SER C 97 -13.24 -37.27 -10.09
C SER C 97 -14.33 -37.89 -9.26
N MET C 98 -15.59 -37.57 -9.57
CA MET C 98 -16.72 -38.11 -8.78
C MET C 98 -16.87 -39.61 -8.92
N ALA C 99 -16.78 -40.08 -10.16
CA ALA C 99 -16.91 -41.49 -10.40
C ALA C 99 -15.80 -42.23 -9.71
N LEU C 100 -14.57 -41.68 -9.69
CA LEU C 100 -13.41 -42.40 -9.10
C LEU C 100 -13.56 -42.37 -7.61
N THR C 101 -14.20 -41.34 -7.10
CA THR C 101 -14.42 -41.24 -5.63
C THR C 101 -15.47 -42.28 -5.21
N GLU C 102 -16.55 -42.44 -6.01
CA GLU C 102 -17.59 -43.44 -5.68
C GLU C 102 -16.97 -44.87 -5.67
N ILE C 103 -16.17 -45.12 -6.67
CA ILE C 103 -15.39 -46.35 -6.82
C ILE C 103 -14.54 -46.58 -5.56
N ALA C 104 -13.83 -45.49 -5.15
CA ALA C 104 -12.96 -45.55 -3.96
C ALA C 104 -13.71 -45.87 -2.66
N ALA C 105 -14.80 -45.16 -2.40
CA ALA C 105 -15.66 -45.45 -1.29
C ALA C 105 -16.19 -46.90 -1.38
N LYS C 106 -16.61 -47.36 -2.54
CA LYS C 106 -17.16 -48.71 -2.57
C LYS C 106 -16.08 -49.70 -2.24
N ALA C 107 -14.90 -49.50 -2.80
CA ALA C 107 -13.78 -50.42 -2.68
C ALA C 107 -13.37 -50.48 -1.22
N ALA C 108 -13.61 -49.38 -0.46
CA ALA C 108 -13.20 -49.18 0.99
C ALA C 108 -14.30 -49.73 1.88
N ASP C 109 -15.44 -50.06 1.27
CA ASP C 109 -16.65 -50.53 1.98
C ASP C 109 -17.19 -49.43 2.94
N CYS C 110 -17.27 -48.19 2.44
CA CYS C 110 -17.69 -47.07 3.31
C CYS C 110 -18.44 -46.06 2.47
N SER C 111 -19.06 -45.08 3.12
CA SER C 111 -19.69 -43.93 2.45
C SER C 111 -18.62 -42.94 2.02
N VAL C 112 -18.94 -42.09 1.02
CA VAL C 112 -18.01 -41.02 0.63
C VAL C 112 -17.58 -40.11 1.85
N CYS C 113 -18.54 -39.64 2.66
CA CYS C 113 -18.18 -38.87 3.89
C CYS C 113 -17.13 -39.56 4.77
N GLU C 114 -17.29 -40.85 5.03
CA GLU C 114 -16.27 -41.62 5.80
C GLU C 114 -14.92 -41.65 5.13
N LEU C 115 -14.93 -41.77 3.79
CA LEU C 115 -13.72 -41.81 3.04
C LEU C 115 -12.93 -40.51 3.30
N TRP C 116 -13.67 -39.41 3.35
CA TRP C 116 -13.09 -38.10 3.60
C TRP C 116 -12.75 -37.84 5.06
N GLY C 117 -13.06 -38.77 5.96
CA GLY C 117 -12.67 -38.57 7.34
C GLY C 117 -13.88 -38.40 8.28
N GLY C 118 -15.09 -38.59 7.76
CA GLY C 118 -16.29 -38.67 8.60
C GLY C 118 -16.98 -37.31 8.66
N ARG C 119 -18.31 -37.31 8.66
CA ARG C 119 -19.06 -36.09 8.56
C ARG C 119 -19.09 -35.34 9.94
N TYR C 120 -19.38 -34.03 9.92
CA TYR C 120 -19.52 -33.37 11.21
C TYR C 120 -21.01 -33.40 11.50
N ARG C 121 -21.84 -33.61 10.48
CA ARG C 121 -23.29 -33.41 10.65
C ARG C 121 -23.95 -34.12 9.49
N GLU C 122 -25.26 -34.31 9.58
CA GLU C 122 -26.00 -35.01 8.53
C GLU C 122 -27.22 -34.22 7.97
N GLU C 123 -27.40 -32.98 8.42
CA GLU C 123 -28.46 -32.14 7.87
C GLU C 123 -27.78 -30.86 7.40
N ILE C 124 -28.06 -30.46 6.16
CA ILE C 124 -27.45 -29.28 5.55
C ILE C 124 -28.58 -28.38 5.08
N PRO C 125 -28.55 -27.09 5.45
CA PRO C 125 -29.60 -26.21 4.91
C PRO C 125 -29.41 -25.87 3.46
N VAL C 126 -30.51 -25.52 2.80
CA VAL C 126 -30.43 -25.11 1.42
C VAL C 126 -31.31 -23.87 1.20
N TYR C 127 -31.03 -23.13 0.15
CA TYR C 127 -31.95 -22.11 -0.26
C TYR C 127 -32.54 -22.42 -1.62
N ALA C 128 -33.76 -21.91 -1.84
CA ALA C 128 -34.49 -22.09 -3.10
C ALA C 128 -34.02 -21.04 -4.11
N SER C 129 -33.49 -21.47 -5.22
CA SER C 129 -32.88 -20.55 -6.10
C SER C 129 -33.75 -20.49 -7.38
N PHE C 130 -34.04 -19.26 -7.81
CA PHE C 130 -35.00 -18.92 -8.89
C PHE C 130 -34.32 -18.23 -10.02
N GLN C 131 -34.71 -18.60 -11.24
CA GLN C 131 -34.52 -17.76 -12.43
C GLN C 131 -35.77 -16.88 -12.62
N SER C 132 -35.73 -15.70 -11.97
CA SER C 132 -36.83 -14.78 -11.79
C SER C 132 -37.50 -14.27 -13.05
N TYR C 133 -36.76 -14.14 -14.14
CA TYR C 133 -37.30 -13.44 -15.29
C TYR C 133 -38.00 -14.39 -16.26
N SER C 134 -39.21 -14.01 -16.65
CA SER C 134 -39.92 -14.76 -17.68
C SER C 134 -40.35 -13.78 -18.74
N ASP C 135 -40.67 -14.32 -19.92
CA ASP C 135 -40.91 -13.58 -21.17
C ASP C 135 -42.34 -13.01 -21.25
N SER C 136 -42.77 -12.30 -20.21
CA SER C 136 -44.15 -11.92 -20.05
C SER C 136 -44.20 -10.56 -19.37
N PRO C 137 -45.10 -9.66 -19.88
CA PRO C 137 -45.14 -8.35 -19.24
C PRO C 137 -45.56 -8.51 -17.79
N GLN C 138 -45.97 -9.74 -17.44
CA GLN C 138 -46.44 -10.13 -16.11
C GLN C 138 -45.40 -10.88 -15.23
N TRP C 139 -44.13 -10.87 -15.68
CA TRP C 139 -43.05 -11.63 -15.02
C TRP C 139 -42.92 -11.41 -13.51
N ILE C 140 -43.27 -10.21 -13.02
CA ILE C 140 -43.18 -9.90 -11.62
C ILE C 140 -44.19 -10.73 -10.86
N SER C 141 -45.48 -10.65 -11.18
CA SER C 141 -46.42 -11.51 -10.42
C SER C 141 -46.23 -12.98 -10.68
N ARG C 142 -45.68 -13.38 -11.83
CA ARG C 142 -45.29 -14.80 -12.05
C ARG C 142 -44.22 -15.23 -11.01
N SER C 143 -43.27 -14.32 -10.74
CA SER C 143 -42.23 -14.57 -9.76
C SER C 143 -42.73 -14.69 -8.31
N VAL C 144 -43.50 -13.71 -7.88
CA VAL C 144 -44.26 -13.80 -6.65
C VAL C 144 -44.97 -15.17 -6.52
N SER C 145 -45.66 -15.61 -7.54
CA SER C 145 -46.44 -16.82 -7.40
C SER C 145 -45.45 -17.96 -7.14
N ASN C 146 -44.40 -17.96 -7.95
CA ASN C 146 -43.38 -19.00 -7.88
C ASN C 146 -42.68 -19.08 -6.53
N VAL C 147 -42.29 -17.93 -5.99
CA VAL C 147 -41.70 -17.81 -4.65
C VAL C 147 -42.67 -18.26 -3.56
N GLU C 148 -43.93 -17.80 -3.65
CA GLU C 148 -45.04 -18.30 -2.81
C GLU C 148 -45.09 -19.82 -2.71
N ALA C 149 -44.97 -20.50 -3.86
CA ALA C 149 -45.16 -21.93 -3.87
C ALA C 149 -44.07 -22.66 -3.10
N GLN C 150 -42.84 -22.15 -3.16
CA GLN C 150 -41.71 -22.75 -2.44
C GLN C 150 -41.66 -22.41 -0.96
N LEU C 151 -42.15 -21.21 -0.61
CA LEU C 151 -42.33 -20.84 0.80
C LEU C 151 -43.32 -21.75 1.53
N LYS C 152 -44.23 -22.35 0.78
CA LYS C 152 -45.21 -23.31 1.31
C LYS C 152 -44.54 -24.63 1.61
N LYS C 153 -43.41 -24.88 0.96
CA LYS C 153 -42.68 -26.08 1.25
C LYS C 153 -41.77 -25.93 2.46
N GLY C 154 -41.61 -24.71 2.93
CA GLY C 154 -40.81 -24.58 4.17
C GLY C 154 -39.39 -24.08 3.97
N PHE C 155 -39.05 -23.65 2.77
CA PHE C 155 -37.79 -22.93 2.52
C PHE C 155 -37.87 -21.61 3.25
N GLU C 156 -36.80 -21.19 3.92
CA GLU C 156 -36.83 -19.91 4.56
C GLU C 156 -35.73 -19.00 3.97
N GLN C 157 -35.08 -19.46 2.92
CA GLN C 157 -34.18 -18.58 2.20
C GLN C 157 -34.33 -18.83 0.70
N ILE C 158 -34.20 -17.75 -0.05
CA ILE C 158 -34.40 -17.79 -1.49
C ILE C 158 -33.37 -16.93 -2.17
N LYS C 159 -33.15 -17.19 -3.47
CA LYS C 159 -32.30 -16.35 -4.30
C LYS C 159 -33.05 -16.01 -5.57
N VAL C 160 -33.05 -14.71 -5.88
CA VAL C 160 -33.74 -14.16 -7.10
C VAL C 160 -32.81 -13.27 -7.92
N LYS C 161 -33.18 -13.06 -9.18
CA LYS C 161 -32.37 -12.33 -10.11
C LYS C 161 -32.67 -10.86 -10.18
N ILE C 162 -31.58 -10.09 -10.29
CA ILE C 162 -31.64 -8.64 -10.55
C ILE C 162 -30.66 -8.41 -11.69
N GLY C 163 -30.68 -7.21 -12.27
CA GLY C 163 -29.63 -6.76 -13.18
C GLY C 163 -29.94 -6.88 -14.64
N GLY C 164 -31.13 -7.42 -14.97
CA GLY C 164 -31.48 -7.79 -16.35
C GLY C 164 -32.40 -6.73 -16.95
N THR C 165 -32.81 -5.78 -16.12
CA THR C 165 -33.66 -4.65 -16.54
C THR C 165 -33.28 -3.45 -15.65
N SER C 166 -33.97 -2.33 -15.77
CA SER C 166 -33.59 -1.15 -15.03
C SER C 166 -33.62 -1.37 -13.52
N PHE C 167 -32.90 -0.51 -12.80
CA PHE C 167 -32.97 -0.53 -11.33
C PHE C 167 -34.43 -0.32 -10.86
N LYS C 168 -35.11 0.66 -11.44
CA LYS C 168 -36.52 1.01 -11.03
C LYS C 168 -37.42 -0.28 -11.03
N GLU C 169 -37.35 -1.01 -12.13
CA GLU C 169 -38.12 -2.24 -12.32
C GLU C 169 -37.65 -3.49 -11.54
N ASP C 170 -36.33 -3.66 -11.36
CA ASP C 170 -35.90 -4.71 -10.43
C ASP C 170 -36.32 -4.34 -9.02
N VAL C 171 -36.16 -3.08 -8.61
CA VAL C 171 -36.67 -2.68 -7.26
C VAL C 171 -38.19 -3.00 -7.12
N ARG C 172 -39.00 -2.76 -8.17
CA ARG C 172 -40.42 -3.13 -8.06
C ARG C 172 -40.57 -4.62 -7.72
N HIS C 173 -39.86 -5.47 -8.45
CA HIS C 173 -39.89 -6.88 -8.22
C HIS C 173 -39.49 -7.22 -6.77
N ILE C 174 -38.34 -6.73 -6.33
CA ILE C 174 -37.92 -7.05 -4.97
C ILE C 174 -38.88 -6.49 -3.93
N ASN C 175 -39.39 -5.28 -4.12
CA ASN C 175 -40.40 -4.81 -3.17
C ASN C 175 -41.62 -5.74 -3.20
N ALA C 176 -41.97 -6.24 -4.37
CA ALA C 176 -43.12 -7.10 -4.45
C ALA C 176 -42.89 -8.34 -3.63
N LEU C 177 -41.66 -8.84 -3.64
CA LEU C 177 -41.33 -10.09 -2.95
C LEU C 177 -41.24 -9.85 -1.46
N GLN C 178 -40.67 -8.71 -1.09
CA GLN C 178 -40.59 -8.31 0.29
C GLN C 178 -41.98 -8.35 0.89
N HIS C 179 -42.96 -7.80 0.16
CA HIS C 179 -44.38 -7.74 0.61
C HIS C 179 -45.06 -9.08 0.69
N THR C 180 -44.56 -10.07 -0.06
CA THR C 180 -45.19 -11.40 -0.05
C THR C 180 -44.50 -12.36 0.91
N ALA C 181 -43.17 -12.42 0.81
CA ALA C 181 -42.37 -13.34 1.60
C ALA C 181 -42.10 -12.74 2.99
N GLY C 182 -41.81 -11.45 3.02
CA GLY C 182 -41.66 -10.73 4.27
C GLY C 182 -40.37 -11.03 5.00
N SER C 183 -40.16 -10.30 6.08
CA SER C 183 -38.88 -10.23 6.70
C SER C 183 -38.39 -11.52 7.37
N SER C 184 -39.21 -12.55 7.48
CA SER C 184 -38.72 -13.78 8.12
C SER C 184 -38.01 -14.67 7.13
N ILE C 185 -38.07 -14.26 5.85
CA ILE C 185 -37.43 -14.99 4.76
C ILE C 185 -36.11 -14.28 4.33
N THR C 186 -35.04 -15.05 4.25
CA THR C 186 -33.79 -14.50 3.81
C THR C 186 -33.80 -14.46 2.31
N MET C 187 -33.39 -13.32 1.77
CA MET C 187 -33.43 -13.07 0.34
C MET C 187 -32.05 -12.79 -0.15
N ILE C 188 -31.60 -13.53 -1.17
CA ILE C 188 -30.32 -13.34 -1.74
C ILE C 188 -30.60 -12.67 -3.10
N LEU C 189 -29.86 -11.61 -3.46
CA LEU C 189 -30.06 -10.92 -4.72
C LEU C 189 -28.85 -11.15 -5.62
N ASP C 190 -29.09 -11.60 -6.86
CA ASP C 190 -28.06 -12.08 -7.76
C ASP C 190 -28.13 -11.29 -9.09
N ALA C 191 -27.08 -10.54 -9.35
CA ALA C 191 -27.02 -9.65 -10.49
C ALA C 191 -26.24 -10.22 -11.64
N ASN C 192 -25.70 -11.44 -11.50
CA ASN C 192 -25.04 -12.17 -12.64
C ASN C 192 -24.08 -11.25 -13.39
N GLN C 193 -23.27 -10.54 -12.58
CA GLN C 193 -22.21 -9.64 -13.09
C GLN C 193 -22.72 -8.54 -13.99
N SER C 194 -23.98 -8.13 -13.84
CA SER C 194 -24.50 -7.11 -14.70
C SER C 194 -23.92 -5.75 -14.41
N TYR C 195 -23.41 -5.52 -13.20
CA TYR C 195 -23.21 -4.10 -12.75
C TYR C 195 -21.79 -3.57 -12.85
N ASP C 196 -21.62 -2.27 -12.70
CA ASP C 196 -20.37 -1.72 -12.17
C ASP C 196 -20.60 -1.28 -10.75
N ALA C 197 -19.59 -0.70 -10.06
CA ALA C 197 -19.74 -0.48 -8.64
C ALA C 197 -20.82 0.59 -8.30
N ALA C 198 -20.90 1.64 -9.10
CA ALA C 198 -21.97 2.64 -8.95
C ALA C 198 -23.37 2.07 -9.05
N ALA C 199 -23.63 1.25 -10.08
CA ALA C 199 -24.96 0.64 -10.24
C ALA C 199 -25.24 -0.31 -9.10
N ALA C 200 -24.25 -1.10 -8.75
CA ALA C 200 -24.44 -2.04 -7.65
C ALA C 200 -24.79 -1.21 -6.37
N PHE C 201 -24.05 -0.12 -6.17
CA PHE C 201 -24.24 0.76 -4.98
C PHE C 201 -25.68 1.35 -4.77
N LYS C 202 -26.44 1.45 -5.83
CA LYS C 202 -27.75 2.06 -5.78
C LYS C 202 -28.66 1.29 -4.86
N TRP C 203 -28.28 0.03 -4.63
CA TRP C 203 -29.07 -0.84 -3.75
C TRP C 203 -28.80 -0.50 -2.28
N GLU C 204 -27.72 0.21 -2.01
CA GLU C 204 -27.36 0.41 -0.61
C GLU C 204 -28.52 1.08 0.15
N ARG C 205 -29.26 1.94 -0.54
CA ARG C 205 -30.32 2.64 0.14
C ARG C 205 -31.49 1.77 0.50
N TYR C 206 -31.63 0.58 -0.09
CA TYR C 206 -32.62 -0.38 0.39
C TYR C 206 -31.96 -1.36 1.32
N PHE C 207 -30.67 -1.64 1.06
CA PHE C 207 -29.90 -2.44 2.00
C PHE C 207 -29.84 -1.80 3.45
N SER C 208 -29.90 -0.48 3.53
CA SER C 208 -29.95 0.28 4.79
C SER C 208 -31.21 -0.04 5.58
N GLU C 209 -32.30 -0.30 4.86
CA GLU C 209 -33.63 -0.41 5.43
C GLU C 209 -33.99 -1.89 5.66
N TRP C 210 -33.90 -2.70 4.60
CA TRP C 210 -34.15 -4.17 4.65
C TRP C 210 -33.23 -4.88 5.66
N THR C 211 -33.78 -5.81 6.42
CA THR C 211 -33.00 -6.60 7.39
C THR C 211 -32.79 -8.08 7.03
N ASN C 212 -33.25 -8.45 5.83
CA ASN C 212 -33.32 -9.85 5.49
C ASN C 212 -32.52 -10.22 4.24
N ILE C 213 -31.56 -9.38 3.82
CA ILE C 213 -30.74 -9.77 2.67
C ILE C 213 -29.57 -10.63 3.12
N GLY C 214 -29.56 -11.87 2.65
CA GLY C 214 -28.47 -12.82 2.95
C GLY C 214 -27.19 -12.28 2.33
N TRP C 215 -27.21 -12.08 1.02
CA TRP C 215 -26.10 -11.43 0.36
C TRP C 215 -26.44 -10.86 -1.00
N LEU C 216 -25.53 -10.00 -1.49
CA LEU C 216 -25.54 -9.58 -2.89
C LEU C 216 -24.52 -10.44 -3.67
N GLU C 217 -25.03 -11.16 -4.66
CA GLU C 217 -24.26 -12.16 -5.43
C GLU C 217 -23.76 -11.62 -6.78
N GLU C 218 -22.44 -11.81 -7.02
CA GLU C 218 -21.73 -11.35 -8.27
C GLU C 218 -22.23 -10.11 -8.91
N PRO C 219 -22.18 -9.00 -8.13
CA PRO C 219 -22.60 -7.76 -8.75
C PRO C 219 -21.75 -7.35 -9.95
N LEU C 220 -20.46 -7.70 -9.97
CA LEU C 220 -19.51 -7.22 -10.98
C LEU C 220 -18.78 -8.35 -11.65
N PRO C 221 -18.19 -8.08 -12.85
CA PRO C 221 -17.22 -9.00 -13.44
C PRO C 221 -16.02 -9.10 -12.51
N PHE C 222 -15.15 -10.08 -12.75
CA PHE C 222 -14.09 -10.42 -11.81
C PHE C 222 -12.71 -9.95 -12.26
N ASP C 223 -12.68 -9.33 -13.43
CA ASP C 223 -11.47 -8.75 -14.01
C ASP C 223 -10.78 -7.73 -13.08
N GLN C 224 -11.52 -6.96 -12.29
CA GLN C 224 -10.93 -5.97 -11.37
C GLN C 224 -11.24 -6.29 -9.89
N PRO C 225 -10.46 -7.17 -9.27
CA PRO C 225 -10.71 -7.53 -7.87
C PRO C 225 -10.77 -6.37 -6.91
N GLN C 226 -10.09 -5.26 -7.20
CA GLN C 226 -9.98 -4.16 -6.25
C GLN C 226 -11.32 -3.39 -6.25
N ASP C 227 -12.08 -3.56 -7.30
CA ASP C 227 -13.45 -3.06 -7.37
C ASP C 227 -14.46 -3.81 -6.43
N TYR C 228 -14.33 -5.14 -6.33
CA TYR C 228 -15.03 -5.93 -5.32
C TYR C 228 -14.62 -5.46 -3.91
N ALA C 229 -13.31 -5.32 -3.69
CA ALA C 229 -12.80 -4.93 -2.38
C ALA C 229 -13.41 -3.58 -2.01
N MET C 230 -13.35 -2.65 -2.96
CA MET C 230 -13.91 -1.29 -2.83
C MET C 230 -15.43 -1.37 -2.55
N LEU C 231 -16.18 -2.10 -3.38
CA LEU C 231 -17.63 -2.24 -3.19
C LEU C 231 -18.07 -2.87 -1.88
N ARG C 232 -17.38 -3.94 -1.48
CA ARG C 232 -17.69 -4.66 -0.24
C ARG C 232 -17.58 -3.71 0.97
N SER C 233 -16.61 -2.81 0.95
CA SER C 233 -16.38 -1.97 2.11
C SER C 233 -17.50 -0.92 2.25
N ARG C 234 -18.24 -0.71 1.16
CA ARG C 234 -19.32 0.27 1.15
C ARG C 234 -20.74 -0.24 1.36
N LEU C 235 -20.97 -1.54 1.32
CA LEU C 235 -22.35 -2.05 1.31
C LEU C 235 -22.76 -2.51 2.69
N SER C 236 -24.04 -2.45 3.03
CA SER C 236 -24.46 -2.93 4.35
C SER C 236 -24.80 -4.41 4.30
N VAL C 237 -24.58 -5.11 3.18
CA VAL C 237 -24.87 -6.58 3.11
C VAL C 237 -23.63 -7.37 2.69
N PRO C 238 -23.50 -8.68 3.07
CA PRO C 238 -22.31 -9.37 2.51
C PRO C 238 -22.34 -9.55 0.95
N VAL C 239 -21.15 -9.75 0.38
CA VAL C 239 -21.03 -9.95 -1.04
C VAL C 239 -20.50 -11.34 -1.28
N ALA C 240 -21.12 -12.09 -2.19
CA ALA C 240 -20.71 -13.45 -2.46
C ALA C 240 -20.28 -13.51 -3.93
N GLY C 241 -19.51 -14.52 -4.27
CA GLY C 241 -19.22 -14.86 -5.65
C GLY C 241 -18.16 -15.92 -5.93
N GLY C 242 -17.82 -16.08 -7.20
CA GLY C 242 -16.81 -17.00 -7.70
C GLY C 242 -17.29 -18.30 -8.34
N GLU C 243 -18.50 -18.31 -8.90
CA GLU C 243 -19.07 -19.52 -9.47
C GLU C 243 -18.32 -20.10 -10.68
N ASN C 244 -17.59 -19.28 -11.45
CA ASN C 244 -16.82 -19.73 -12.57
C ASN C 244 -15.33 -19.96 -12.31
N MET C 245 -14.90 -19.89 -11.03
CA MET C 245 -13.48 -20.07 -10.73
C MET C 245 -13.18 -21.55 -10.86
N LYS C 246 -11.93 -21.88 -11.20
CA LYS C 246 -11.65 -23.26 -11.64
C LYS C 246 -11.05 -24.03 -10.52
N GLY C 247 -10.75 -23.31 -9.43
CA GLY C 247 -10.25 -23.93 -8.21
C GLY C 247 -9.51 -22.95 -7.29
N PRO C 248 -8.93 -23.51 -6.21
CA PRO C 248 -8.41 -22.69 -5.15
C PRO C 248 -7.35 -21.72 -5.57
N ALA C 249 -6.53 -22.01 -6.58
CA ALA C 249 -5.55 -21.03 -6.98
C ALA C 249 -6.19 -19.72 -7.50
N GLN C 250 -7.41 -19.81 -8.07
CA GLN C 250 -8.13 -18.59 -8.51
C GLN C 250 -8.77 -17.82 -7.34
N TYR C 251 -9.10 -18.52 -6.26
CA TYR C 251 -9.67 -17.79 -5.15
C TYR C 251 -8.64 -17.07 -4.27
N VAL C 252 -7.41 -17.58 -4.24
CA VAL C 252 -6.41 -17.07 -3.32
C VAL C 252 -6.25 -15.55 -3.46
N PRO C 253 -5.99 -15.01 -4.70
CA PRO C 253 -5.75 -13.54 -4.79
C PRO C 253 -7.04 -12.72 -4.45
N LEU C 254 -8.24 -13.26 -4.73
CA LEU C 254 -9.49 -12.67 -4.28
C LEU C 254 -9.64 -12.58 -2.73
N LEU C 255 -9.25 -13.66 -2.02
CA LEU C 255 -9.29 -13.72 -0.55
C LEU C 255 -8.15 -12.87 0.04
N SER C 256 -6.95 -12.91 -0.55
CA SER C 256 -5.88 -12.02 -0.06
C SER C 256 -6.28 -10.55 -0.18
N GLN C 257 -7.06 -10.23 -1.19
CA GLN C 257 -7.44 -8.86 -1.36
C GLN C 257 -8.78 -8.48 -0.69
N ARG C 258 -9.42 -9.43 -0.04
CA ARG C 258 -10.60 -9.14 0.76
C ARG C 258 -11.78 -8.73 -0.17
N CYS C 259 -11.89 -9.40 -1.31
CA CYS C 259 -12.93 -9.10 -2.27
C CYS C 259 -14.31 -9.64 -1.83
N LEU C 260 -14.36 -10.70 -1.05
CA LEU C 260 -15.66 -11.44 -0.89
C LEU C 260 -15.93 -11.90 0.52
N ASP C 261 -17.21 -11.89 0.93
CA ASP C 261 -17.57 -12.40 2.23
C ASP C 261 -17.80 -13.92 2.13
N ILE C 262 -18.16 -14.40 0.95
CA ILE C 262 -18.66 -15.77 0.73
C ILE C 262 -18.24 -16.20 -0.65
N ILE C 263 -17.48 -17.30 -0.75
CA ILE C 263 -17.13 -17.88 -2.06
C ILE C 263 -18.13 -18.93 -2.47
N GLN C 264 -18.26 -19.17 -3.77
CA GLN C 264 -19.31 -20.07 -4.22
C GLN C 264 -18.84 -21.01 -5.31
N PRO C 265 -17.96 -21.96 -4.96
CA PRO C 265 -17.44 -22.88 -5.96
C PRO C 265 -18.60 -23.87 -6.39
N ASP C 266 -18.43 -24.47 -7.55
CA ASP C 266 -19.38 -25.36 -8.11
C ASP C 266 -18.56 -26.59 -8.43
N VAL C 267 -18.95 -27.74 -7.89
CA VAL C 267 -18.32 -29.01 -8.20
C VAL C 267 -17.94 -29.14 -9.71
N MET C 268 -18.87 -28.78 -10.58
CA MET C 268 -18.72 -29.00 -12.04
C MET C 268 -17.90 -27.91 -12.75
N HIS C 269 -17.54 -26.84 -12.02
CA HIS C 269 -16.68 -25.79 -12.65
C HIS C 269 -15.24 -25.86 -12.13
N VAL C 270 -15.05 -26.62 -11.09
CA VAL C 270 -13.72 -26.67 -10.53
C VAL C 270 -13.09 -27.94 -11.01
N ASN C 271 -11.78 -28.04 -10.92
CA ASN C 271 -11.06 -29.26 -11.29
C ASN C 271 -11.28 -30.50 -10.42
N GLY C 272 -12.51 -31.04 -10.36
CA GLY C 272 -12.74 -32.22 -9.52
C GLY C 272 -13.11 -31.97 -8.05
N ILE C 273 -13.49 -33.06 -7.38
CA ILE C 273 -14.17 -32.94 -6.09
C ILE C 273 -13.15 -32.73 -4.96
N ASP C 274 -11.94 -33.22 -5.14
CA ASP C 274 -10.87 -32.92 -4.24
C ASP C 274 -10.46 -31.42 -4.23
N GLU C 275 -10.39 -30.79 -5.40
CA GLU C 275 -10.19 -29.34 -5.50
C GLU C 275 -11.35 -28.53 -4.94
N PHE C 276 -12.57 -28.92 -5.29
CA PHE C 276 -13.74 -28.40 -4.64
C PHE C 276 -13.65 -28.33 -3.11
N ARG C 277 -13.35 -29.46 -2.46
CA ARG C 277 -13.25 -29.55 -1.01
C ARG C 277 -12.14 -28.64 -0.55
N ASP C 278 -11.11 -28.50 -1.38
CA ASP C 278 -9.97 -27.62 -1.11
C ASP C 278 -10.41 -26.17 -1.14
N CYS C 279 -11.37 -25.87 -1.98
CA CYS C 279 -11.95 -24.50 -1.99
C CYS C 279 -12.68 -24.11 -0.69
N LEU C 280 -13.48 -25.04 -0.16
CA LEU C 280 -14.19 -24.84 1.07
C LEU C 280 -13.20 -24.74 2.22
N GLN C 281 -12.19 -25.62 2.31
CA GLN C 281 -11.21 -25.48 3.40
C GLN C 281 -10.47 -24.16 3.31
N LEU C 282 -10.11 -23.76 2.11
CA LEU C 282 -9.38 -22.51 1.92
C LEU C 282 -10.18 -21.35 2.48
N ALA C 283 -11.46 -21.35 2.19
CA ALA C 283 -12.33 -20.32 2.72
C ALA C 283 -12.27 -20.35 4.24
N ARG C 284 -12.37 -21.56 4.85
CA ARG C 284 -12.29 -21.69 6.35
C ARG C 284 -10.94 -21.12 6.87
N TYR C 285 -9.86 -21.44 6.15
CA TYR C 285 -8.55 -20.92 6.51
C TYR C 285 -8.39 -19.41 6.35
N PHE C 286 -9.09 -18.83 5.39
CA PHE C 286 -9.08 -17.39 5.19
C PHE C 286 -10.03 -16.67 6.14
N GLY C 287 -10.91 -17.42 6.76
CA GLY C 287 -11.94 -16.87 7.63
C GLY C 287 -13.12 -16.32 6.83
N VAL C 288 -13.39 -16.87 5.64
CA VAL C 288 -14.53 -16.40 4.85
C VAL C 288 -15.54 -17.55 4.73
N ARG C 289 -16.77 -17.25 4.34
CA ARG C 289 -17.76 -18.34 4.14
C ARG C 289 -17.69 -19.01 2.76
N ALA C 290 -18.30 -20.20 2.65
CA ALA C 290 -18.35 -20.98 1.44
C ALA C 290 -19.77 -21.53 1.29
N SER C 291 -20.41 -21.17 0.19
CA SER C 291 -21.75 -21.72 -0.07
C SER C 291 -21.71 -22.24 -1.52
N ALA C 292 -21.74 -23.57 -1.65
CA ALA C 292 -21.69 -24.22 -2.98
C ALA C 292 -22.76 -23.69 -3.94
N HIS C 293 -22.34 -23.48 -5.17
CA HIS C 293 -23.20 -23.04 -6.23
C HIS C 293 -23.69 -24.28 -7.03
N ALA C 294 -24.94 -24.26 -7.48
CA ALA C 294 -25.47 -25.46 -8.14
C ALA C 294 -26.70 -25.19 -8.98
N TYR C 295 -26.62 -24.23 -9.91
CA TYR C 295 -27.73 -24.07 -10.83
C TYR C 295 -28.00 -25.43 -11.53
N ASP C 296 -27.02 -25.98 -12.24
CA ASP C 296 -27.15 -27.33 -12.77
C ASP C 296 -26.56 -28.27 -11.75
N GLY C 297 -26.83 -29.57 -11.84
CA GLY C 297 -26.29 -30.39 -10.78
C GLY C 297 -27.33 -31.19 -10.05
N SER C 298 -27.04 -32.46 -9.86
CA SER C 298 -27.96 -33.28 -9.15
C SER C 298 -27.16 -34.37 -8.42
N LEU C 299 -26.43 -35.20 -9.18
CA LEU C 299 -25.32 -36.02 -8.64
C LEU C 299 -24.16 -35.13 -8.11
N SER C 300 -23.74 -34.16 -8.89
CA SER C 300 -22.73 -33.20 -8.42
C SER C 300 -23.20 -32.43 -7.17
N ARG C 301 -24.48 -32.05 -7.15
CA ARG C 301 -25.07 -31.42 -6.00
C ARG C 301 -25.01 -32.36 -4.79
N LEU C 302 -25.11 -33.67 -5.02
CA LEU C 302 -24.98 -34.60 -3.91
C LEU C 302 -23.55 -34.55 -3.31
N TYR C 303 -22.56 -34.54 -4.18
CA TYR C 303 -21.18 -34.33 -3.73
C TYR C 303 -20.98 -33.00 -2.98
N ALA C 304 -21.61 -31.93 -3.44
CA ALA C 304 -21.57 -30.66 -2.67
C ALA C 304 -22.13 -30.85 -1.29
N LEU C 305 -23.24 -31.57 -1.20
CA LEU C 305 -23.85 -31.77 0.10
C LEU C 305 -22.91 -32.59 1.03
N PHE C 306 -22.30 -33.63 0.51
CA PHE C 306 -21.38 -34.48 1.30
C PHE C 306 -20.18 -33.63 1.73
N ALA C 307 -19.66 -32.86 0.80
CA ALA C 307 -18.55 -31.91 1.14
C ALA C 307 -18.94 -30.96 2.33
N GLN C 308 -20.13 -30.38 2.28
CA GLN C 308 -20.65 -29.48 3.31
C GLN C 308 -20.82 -30.15 4.65
N ALA C 309 -21.23 -31.41 4.63
CA ALA C 309 -21.40 -32.22 5.82
C ALA C 309 -20.07 -32.53 6.50
N CYS C 310 -18.98 -32.54 5.74
CA CYS C 310 -17.62 -32.75 6.29
C CYS C 310 -16.90 -31.41 6.55
N LEU C 311 -17.58 -30.27 6.46
CA LEU C 311 -16.91 -29.01 6.63
C LEU C 311 -17.04 -28.56 8.09
N PRO C 312 -15.92 -28.12 8.74
CA PRO C 312 -16.19 -27.65 10.15
C PRO C 312 -17.07 -26.42 10.16
N PRO C 313 -17.70 -26.10 11.32
CA PRO C 313 -18.55 -24.87 11.39
C PRO C 313 -17.80 -23.54 11.16
N TRP C 314 -18.48 -22.52 10.62
CA TRP C 314 -17.84 -21.24 10.43
C TRP C 314 -17.94 -20.30 11.68
N SER C 315 -18.91 -20.49 12.58
CA SER C 315 -19.13 -19.61 13.74
C SER C 315 -19.31 -20.49 15.00
N LYS C 316 -19.43 -19.82 16.15
CA LYS C 316 -19.70 -20.49 17.43
C LYS C 316 -21.19 -20.35 17.78
N MET C 317 -21.98 -19.85 16.83
CA MET C 317 -23.43 -19.80 17.03
C MET C 317 -24.03 -21.19 16.90
N LYS C 318 -24.54 -21.72 18.01
CA LYS C 318 -25.04 -23.11 18.11
C LYS C 318 -26.08 -23.47 17.03
N ASN C 319 -26.80 -22.46 16.53
CA ASN C 319 -27.74 -22.73 15.46
C ASN C 319 -27.59 -21.97 14.13
N ASP C 320 -26.46 -21.27 13.93
CA ASP C 320 -26.16 -20.64 12.62
C ASP C 320 -24.66 -20.71 12.41
N HIS C 321 -24.17 -21.91 12.07
CA HIS C 321 -22.72 -22.18 11.96
C HIS C 321 -22.36 -23.07 10.75
N ILE C 322 -23.35 -23.35 9.89
CA ILE C 322 -23.03 -23.93 8.57
C ILE C 322 -23.81 -23.24 7.46
N GLU C 323 -23.08 -22.87 6.41
CA GLU C 323 -23.66 -22.17 5.28
C GLU C 323 -24.64 -23.06 4.50
N PRO C 324 -25.71 -22.48 3.91
CA PRO C 324 -26.61 -23.25 3.00
C PRO C 324 -26.01 -23.40 1.60
N ILE C 325 -26.59 -24.30 0.80
CA ILE C 325 -26.18 -24.64 -0.54
C ILE C 325 -27.32 -24.30 -1.53
N GLU C 326 -26.97 -23.98 -2.78
CA GLU C 326 -27.96 -23.62 -3.77
C GLU C 326 -28.88 -24.83 -4.11
N TRP C 327 -30.20 -24.67 -3.96
CA TRP C 327 -31.16 -25.68 -4.50
C TRP C 327 -32.00 -25.06 -5.58
N ASP C 328 -31.68 -25.37 -6.85
CA ASP C 328 -32.49 -24.91 -7.98
C ASP C 328 -33.92 -25.41 -7.84
N VAL C 329 -34.89 -24.49 -7.82
CA VAL C 329 -36.28 -24.92 -7.83
C VAL C 329 -37.06 -24.68 -9.16
N MET C 330 -36.39 -24.39 -10.28
CA MET C 330 -37.04 -24.18 -11.57
C MET C 330 -37.25 -25.53 -12.26
N GLU C 331 -38.21 -25.59 -13.18
CA GLU C 331 -38.43 -26.78 -14.00
C GLU C 331 -37.11 -27.41 -14.45
N ASN C 332 -36.84 -28.59 -13.90
CA ASN C 332 -35.73 -29.40 -14.31
C ASN C 332 -35.97 -30.87 -14.02
N PRO C 333 -36.22 -31.68 -15.08
CA PRO C 333 -36.43 -33.10 -14.82
C PRO C 333 -35.20 -33.71 -14.13
N PHE C 334 -34.01 -33.19 -14.41
CA PHE C 334 -32.76 -33.81 -13.95
C PHE C 334 -32.52 -33.70 -12.45
N THR C 335 -33.43 -33.01 -11.77
CA THR C 335 -33.38 -32.87 -10.35
C THR C 335 -33.64 -34.16 -9.60
N ASP C 336 -34.37 -35.08 -10.23
CA ASP C 336 -34.63 -36.38 -9.61
C ASP C 336 -33.66 -37.46 -10.12
N LEU C 337 -32.52 -37.08 -10.68
CA LEU C 337 -31.55 -38.10 -11.15
C LEU C 337 -31.08 -38.85 -9.95
N VAL C 338 -30.99 -38.10 -8.86
CA VAL C 338 -30.78 -38.64 -7.56
C VAL C 338 -32.01 -38.30 -6.71
N SER C 339 -32.58 -39.32 -6.04
CA SER C 339 -33.82 -39.19 -5.29
C SER C 339 -33.50 -38.57 -3.94
N LEU C 340 -33.44 -37.24 -3.89
CA LEU C 340 -33.16 -36.50 -2.65
C LEU C 340 -33.59 -35.07 -2.83
N GLN C 341 -34.52 -34.66 -1.96
CA GLN C 341 -35.06 -33.30 -1.91
C GLN C 341 -35.10 -32.75 -0.51
N PRO C 342 -35.07 -31.43 -0.37
CA PRO C 342 -35.24 -30.82 0.97
C PRO C 342 -36.60 -31.04 1.56
N SER C 343 -36.66 -31.20 2.89
CA SER C 343 -37.88 -30.95 3.64
C SER C 343 -37.67 -29.75 4.54
N LYS C 344 -38.59 -28.79 4.44
CA LYS C 344 -38.53 -27.55 5.22
C LYS C 344 -37.17 -26.84 5.16
N GLY C 345 -36.53 -26.90 4.00
CA GLY C 345 -35.30 -26.17 3.83
C GLY C 345 -34.03 -26.89 4.21
N MET C 346 -34.16 -28.12 4.70
CA MET C 346 -32.99 -28.93 5.09
C MET C 346 -32.96 -30.17 4.25
N VAL C 347 -31.77 -30.54 3.83
CA VAL C 347 -31.50 -31.81 3.15
C VAL C 347 -30.82 -32.76 4.11
N HIS C 348 -31.40 -33.96 4.24
CA HIS C 348 -30.81 -35.05 5.05
C HIS C 348 -29.95 -35.95 4.16
N ILE C 349 -28.66 -35.93 4.46
CA ILE C 349 -27.56 -36.63 3.79
C ILE C 349 -27.70 -38.12 3.96
N PRO C 350 -27.66 -38.90 2.84
CA PRO C 350 -27.60 -40.37 2.78
C PRO C 350 -26.33 -40.85 3.45
N LYS C 351 -26.47 -41.80 4.38
CA LYS C 351 -25.34 -42.35 5.12
C LYS C 351 -24.84 -43.71 4.62
N GLY C 352 -25.51 -44.27 3.61
CA GLY C 352 -25.15 -45.62 3.10
C GLY C 352 -23.83 -45.67 2.33
N LYS C 353 -23.37 -46.88 1.96
CA LYS C 353 -22.10 -47.05 1.25
C LYS C 353 -22.04 -46.41 -0.13
N GLY C 354 -20.82 -46.12 -0.62
CA GLY C 354 -20.65 -45.20 -1.76
C GLY C 354 -21.39 -43.88 -1.49
N ILE C 355 -22.30 -43.54 -2.39
CA ILE C 355 -23.08 -42.30 -2.30
C ILE C 355 -24.44 -42.54 -1.63
N GLY C 356 -24.66 -43.79 -1.22
CA GLY C 356 -25.79 -44.15 -0.42
C GLY C 356 -27.12 -43.96 -1.10
N THR C 357 -27.13 -44.00 -2.43
CA THR C 357 -28.34 -43.84 -3.19
C THR C 357 -28.08 -44.33 -4.62
N GLU C 358 -29.11 -44.34 -5.47
CA GLU C 358 -29.08 -44.90 -6.82
C GLU C 358 -29.37 -43.84 -7.87
N ILE C 359 -28.62 -43.82 -8.97
CA ILE C 359 -29.06 -43.05 -10.13
C ILE C 359 -30.39 -43.61 -10.66
N ASN C 360 -31.37 -42.72 -10.83
CA ASN C 360 -32.68 -43.02 -11.39
C ASN C 360 -32.65 -43.23 -12.91
N MET C 361 -32.62 -44.50 -13.33
CA MET C 361 -32.42 -44.83 -14.75
C MET C 361 -33.62 -44.57 -15.68
N GLU C 362 -34.82 -44.50 -15.09
CA GLU C 362 -35.99 -44.09 -15.85
C GLU C 362 -35.66 -42.75 -16.44
N ILE C 363 -35.25 -41.81 -15.57
CA ILE C 363 -34.89 -40.44 -15.96
C ILE C 363 -33.84 -40.49 -17.05
N VAL C 364 -32.84 -41.34 -16.87
CA VAL C 364 -31.74 -41.38 -17.78
C VAL C 364 -32.31 -41.72 -19.17
N ASN C 365 -33.15 -42.76 -19.24
CA ASN C 365 -33.65 -43.26 -20.56
C ASN C 365 -34.56 -42.29 -21.28
N ARG C 366 -35.51 -41.72 -20.52
CA ARG C 366 -36.52 -40.80 -21.05
C ARG C 366 -35.86 -39.59 -21.70
N TYR C 367 -34.74 -39.13 -21.10
CA TYR C 367 -34.14 -37.86 -21.55
C TYR C 367 -32.90 -38.02 -22.36
N LYS C 368 -32.65 -39.27 -22.81
CA LYS C 368 -31.59 -39.58 -23.75
C LYS C 368 -31.46 -38.50 -24.81
N TRP C 369 -30.24 -38.04 -25.06
CA TRP C 369 -30.04 -36.94 -26.01
C TRP C 369 -29.99 -37.53 -27.40
N ASP C 370 -30.66 -36.85 -28.34
CA ASP C 370 -30.89 -37.39 -29.68
C ASP C 370 -29.80 -37.04 -30.65
N GLY C 371 -28.74 -36.36 -30.18
CA GLY C 371 -27.59 -36.12 -31.02
C GLY C 371 -27.65 -34.85 -31.85
N SER C 372 -28.80 -34.20 -31.91
CA SER C 372 -28.91 -32.93 -32.62
C SER C 372 -28.79 -31.72 -31.70
N ALA C 373 -28.21 -30.64 -32.23
CA ALA C 373 -28.14 -29.41 -31.47
C ALA C 373 -29.43 -28.58 -31.61
N TYR C 374 -30.05 -28.24 -30.48
CA TYR C 374 -30.87 -27.03 -30.36
C TYR C 374 -29.86 -26.00 -30.90
N GLU C 375 -30.25 -24.75 -31.17
CA GLU C 375 -29.37 -23.84 -31.95
C GLU C 375 -28.65 -24.54 -33.12
N ALA D 2 -19.34 -48.92 8.94
CA ALA D 2 -18.16 -48.36 9.66
C ALA D 2 -18.47 -47.58 10.96
N LEU D 3 -19.18 -48.24 11.88
CA LEU D 3 -19.46 -47.72 13.22
C LEU D 3 -18.58 -48.39 14.31
N VAL D 4 -17.46 -48.97 13.90
CA VAL D 4 -16.53 -49.52 14.91
C VAL D 4 -16.09 -48.47 15.96
N LYS D 5 -16.00 -48.89 17.22
CA LYS D 5 -15.72 -48.00 18.34
C LYS D 5 -14.30 -48.20 18.85
N ILE D 6 -13.72 -47.14 19.41
CA ILE D 6 -12.47 -47.26 20.09
C ILE D 6 -12.75 -47.94 21.47
N VAL D 7 -11.97 -48.95 21.82
CA VAL D 7 -12.16 -49.71 23.05
C VAL D 7 -10.93 -49.62 23.95
N ARG D 8 -9.76 -49.27 23.37
CA ARG D 8 -8.52 -49.34 24.11
C ARG D 8 -7.41 -48.47 23.49
N ILE D 9 -6.63 -47.77 24.31
CA ILE D 9 -5.52 -46.96 23.78
C ILE D 9 -4.32 -47.15 24.65
N GLU D 10 -3.18 -47.48 24.05
CA GLU D 10 -1.95 -47.71 24.76
C GLU D 10 -0.96 -46.62 24.46
N THR D 11 -0.10 -46.28 25.43
CA THR D 11 0.83 -45.16 25.23
C THR D 11 2.23 -45.56 25.59
N PHE D 12 3.22 -44.96 24.92
CA PHE D 12 4.58 -45.46 25.03
C PHE D 12 5.54 -44.25 25.02
N PRO D 13 5.65 -43.53 26.17
CA PRO D 13 6.64 -42.45 26.23
C PRO D 13 8.05 -43.07 26.23
N LEU D 14 8.96 -42.46 25.45
CA LEU D 14 10.29 -42.99 25.16
C LEU D 14 11.33 -41.90 25.35
N PHE D 15 12.55 -42.30 25.73
CA PHE D 15 13.59 -41.40 26.18
C PHE D 15 14.94 -42.01 25.96
N HIS D 16 15.90 -41.23 25.47
CA HIS D 16 17.24 -41.73 25.22
C HIS D 16 18.20 -40.56 25.55
N ARG D 17 19.11 -40.76 26.48
CA ARG D 17 20.09 -39.72 26.83
C ARG D 17 21.18 -39.81 25.79
N LEU D 18 21.59 -38.65 25.31
CA LEU D 18 22.59 -38.60 24.27
C LEU D 18 24.01 -38.94 24.73
N GLU D 19 24.60 -39.90 24.04
CA GLU D 19 26.00 -40.27 24.26
C GLU D 19 26.98 -39.05 24.08
N LYS D 20 26.79 -38.22 23.05
CA LYS D 20 27.47 -36.91 22.94
C LYS D 20 26.45 -35.80 22.54
N PRO D 21 26.40 -34.69 23.28
CA PRO D 21 25.36 -33.68 22.93
C PRO D 21 25.71 -33.00 21.61
N TYR D 22 24.71 -32.43 20.97
CA TYR D 22 24.94 -31.69 19.73
C TYR D 22 23.93 -30.58 19.75
N GLY D 23 24.10 -29.55 18.93
CA GLY D 23 23.19 -28.46 19.07
C GLY D 23 23.06 -27.50 17.94
N ASP D 24 22.17 -26.55 18.16
CA ASP D 24 21.95 -25.46 17.28
C ASP D 24 22.03 -24.07 17.98
N ALA D 25 21.46 -23.04 17.36
CA ALA D 25 21.52 -21.69 18.04
C ALA D 25 20.75 -21.66 19.39
N ASN D 26 19.76 -22.55 19.55
CA ASN D 26 19.02 -22.64 20.81
C ASN D 26 19.81 -23.31 21.92
N GLY D 27 20.83 -24.05 21.56
CA GLY D 27 21.75 -24.59 22.57
C GLY D 27 21.97 -26.06 22.35
N PHE D 28 22.62 -26.71 23.31
CA PHE D 28 22.92 -28.13 23.18
C PHE D 28 21.75 -28.99 23.63
N LYS D 29 21.40 -29.95 22.77
CA LYS D 29 20.47 -31.01 23.08
C LYS D 29 21.18 -32.09 23.87
N ARG D 30 20.50 -32.71 24.84
CA ARG D 30 21.12 -33.75 25.69
C ARG D 30 20.41 -35.11 25.70
N TYR D 31 19.20 -35.13 25.14
CA TYR D 31 18.44 -36.38 25.06
C TYR D 31 17.45 -36.29 23.89
N ARG D 32 16.81 -37.38 23.53
CA ARG D 32 15.80 -37.33 22.46
C ARG D 32 14.62 -38.10 23.04
N THR D 33 13.42 -37.68 22.73
CA THR D 33 12.25 -38.35 23.22
C THR D 33 11.30 -38.68 22.05
N CYS D 34 10.38 -39.59 22.29
CA CYS D 34 9.34 -39.90 21.36
C CYS D 34 8.09 -40.27 22.24
N TYR D 35 6.90 -39.96 21.76
CA TYR D 35 5.66 -40.43 22.42
C TYR D 35 4.79 -41.20 21.40
N LEU D 36 4.65 -42.52 21.56
CA LEU D 36 3.78 -43.31 20.69
C LEU D 36 2.49 -43.63 21.36
N ILE D 37 1.41 -43.65 20.58
CA ILE D 37 0.13 -44.20 21.00
C ILE D 37 -0.33 -45.25 20.03
N ARG D 38 -1.16 -46.13 20.54
CA ARG D 38 -1.72 -47.20 19.73
C ARG D 38 -3.19 -47.28 20.10
N ILE D 39 -4.04 -46.99 19.12
CA ILE D 39 -5.49 -46.94 19.32
C ILE D 39 -6.00 -48.33 18.84
N ILE D 40 -6.80 -49.00 19.66
CA ILE D 40 -7.41 -50.29 19.31
C ILE D 40 -8.91 -50.21 19.29
N THR D 41 -9.50 -50.77 18.22
CA THR D 41 -10.97 -50.75 18.02
C THR D 41 -11.61 -52.10 18.38
N GLU D 42 -12.95 -52.09 18.39
CA GLU D 42 -13.81 -53.25 18.76
C GLU D 42 -13.42 -54.43 17.93
N SER D 43 -13.33 -54.26 16.61
CA SER D 43 -12.88 -55.34 15.70
C SER D 43 -11.41 -55.79 15.80
N GLY D 44 -10.55 -55.07 16.53
CA GLY D 44 -9.16 -55.54 16.73
C GLY D 44 -8.25 -54.81 15.73
N ILE D 45 -8.84 -54.06 14.81
CA ILE D 45 -7.98 -53.14 14.00
C ILE D 45 -7.35 -52.06 14.95
N ASP D 46 -6.04 -51.85 14.80
CA ASP D 46 -5.36 -50.83 15.49
C ASP D 46 -4.62 -49.85 14.59
N GLY D 47 -4.18 -48.76 15.20
CA GLY D 47 -3.41 -47.76 14.48
C GLY D 47 -2.46 -47.11 15.47
N TRP D 48 -1.38 -46.55 14.91
CA TRP D 48 -0.33 -45.95 15.71
C TRP D 48 -0.23 -44.48 15.38
N GLY D 49 0.12 -43.68 16.38
CA GLY D 49 0.44 -42.29 16.20
C GLY D 49 1.65 -41.87 17.02
N GLU D 50 2.30 -40.77 16.62
CA GLU D 50 3.49 -40.30 17.26
C GLU D 50 3.32 -38.77 17.50
N CYS D 51 3.74 -38.27 18.68
CA CYS D 51 3.81 -36.83 18.93
C CYS D 51 5.06 -36.54 19.73
N VAL D 52 5.47 -35.28 19.74
CA VAL D 52 6.64 -34.90 20.56
C VAL D 52 6.27 -33.70 21.38
N ASP D 53 6.71 -33.74 22.61
CA ASP D 53 6.51 -32.63 23.47
C ASP D 53 7.08 -33.08 24.81
N TRP D 54 7.18 -32.13 25.72
CA TRP D 54 7.69 -32.41 27.08
C TRP D 54 6.90 -33.56 27.69
N LEU D 55 7.60 -34.63 28.11
CA LEU D 55 6.91 -35.91 28.36
C LEU D 55 5.89 -35.89 29.53
N PRO D 56 6.29 -35.34 30.69
CA PRO D 56 5.30 -35.40 31.81
C PRO D 56 3.94 -34.77 31.45
N ALA D 57 3.93 -33.66 30.72
CA ALA D 57 2.66 -32.98 30.45
C ALA D 57 1.91 -33.76 29.31
N LEU D 58 2.65 -34.39 28.41
CA LEU D 58 2.02 -35.07 27.28
C LEU D 58 1.39 -36.27 27.89
N HIS D 59 2.15 -36.92 28.78
CA HIS D 59 1.66 -38.08 29.47
C HIS D 59 0.39 -37.88 30.27
N VAL D 60 0.31 -36.86 31.13
CA VAL D 60 -0.98 -36.59 31.82
C VAL D 60 -2.11 -36.18 30.89
N GLY D 61 -1.80 -35.44 29.84
CA GLY D 61 -2.83 -35.06 28.84
C GLY D 61 -3.48 -36.28 28.19
N PHE D 62 -2.73 -37.35 27.92
CA PHE D 62 -3.37 -38.57 27.42
C PHE D 62 -4.12 -39.36 28.51
N THR D 63 -3.44 -39.69 29.60
CA THR D 63 -4.01 -40.55 30.62
C THR D 63 -5.17 -39.85 31.33
N LYS D 64 -5.11 -38.55 31.54
CA LYS D 64 -6.21 -37.90 32.28
C LYS D 64 -7.32 -37.27 31.50
N ARG D 65 -7.13 -37.09 30.19
CA ARG D 65 -8.17 -36.39 29.42
C ARG D 65 -8.44 -37.02 28.02
N ILE D 66 -7.40 -37.16 27.18
CA ILE D 66 -7.62 -37.64 25.79
C ILE D 66 -8.13 -39.08 25.71
N ILE D 67 -7.41 -40.05 26.28
CA ILE D 67 -7.91 -41.42 26.34
C ILE D 67 -9.30 -41.50 26.95
N PRO D 68 -9.51 -40.93 28.16
CA PRO D 68 -10.89 -41.04 28.61
C PRO D 68 -11.93 -40.45 27.62
N PHE D 69 -11.57 -39.42 26.85
CA PHE D 69 -12.51 -38.84 25.89
C PHE D 69 -12.75 -39.84 24.73
N LEU D 70 -11.67 -40.49 24.26
CA LEU D 70 -11.80 -41.21 23.00
C LEU D 70 -12.52 -42.55 23.16
N LEU D 71 -12.38 -43.17 24.34
CA LEU D 71 -12.85 -44.55 24.54
C LEU D 71 -14.33 -44.47 24.27
N GLY D 72 -14.89 -45.41 23.48
CA GLY D 72 -16.33 -45.37 23.16
C GLY D 72 -16.69 -44.59 21.89
N LYS D 73 -15.79 -43.72 21.40
CA LYS D 73 -16.05 -42.95 20.19
C LYS D 73 -15.83 -43.82 18.95
N GLN D 74 -16.52 -43.45 17.87
CA GLN D 74 -16.40 -44.07 16.56
C GLN D 74 -15.09 -43.67 15.95
N ALA D 75 -14.25 -44.65 15.71
CA ALA D 75 -12.94 -44.38 15.09
C ALA D 75 -13.06 -43.68 13.72
N GLY D 76 -14.25 -43.76 13.11
CA GLY D 76 -14.55 -43.20 11.75
C GLY D 76 -14.79 -41.70 11.73
N SER D 77 -15.01 -41.13 12.92
CA SER D 77 -15.25 -39.71 13.06
C SER D 77 -13.97 -38.93 13.22
N ARG D 78 -13.10 -39.03 12.22
CA ARG D 78 -11.75 -38.63 12.41
C ARG D 78 -11.65 -37.09 12.40
N LEU D 79 -12.29 -36.40 11.46
CA LEU D 79 -12.10 -34.94 11.39
C LEU D 79 -12.55 -34.27 12.71
N SER D 80 -13.62 -34.79 13.25
CA SER D 80 -14.35 -34.20 14.32
C SER D 80 -13.69 -34.55 15.68
N LEU D 81 -13.23 -35.80 15.85
CA LEU D 81 -12.42 -36.16 17.04
C LEU D 81 -11.14 -35.35 17.10
N VAL D 82 -10.52 -35.16 15.95
CA VAL D 82 -9.23 -34.55 15.99
C VAL D 82 -9.47 -33.07 16.37
N ARG D 83 -10.51 -32.49 15.83
CA ARG D 83 -10.76 -31.08 16.03
C ARG D 83 -11.07 -30.75 17.50
N THR D 84 -11.82 -31.62 18.17
CA THR D 84 -12.07 -31.52 19.64
C THR D 84 -10.80 -31.59 20.46
N ILE D 85 -9.89 -32.47 20.09
CA ILE D 85 -8.66 -32.67 20.82
C ILE D 85 -7.67 -31.54 20.61
N GLN D 86 -7.72 -30.91 19.46
CA GLN D 86 -6.87 -29.77 19.13
C GLN D 86 -6.97 -28.64 20.13
N LYS D 87 -8.16 -28.47 20.72
CA LYS D 87 -8.42 -27.47 21.78
C LYS D 87 -7.69 -27.72 23.07
N TRP D 88 -7.38 -28.97 23.39
CA TRP D 88 -6.77 -29.29 24.69
C TRP D 88 -5.29 -29.45 24.55
N HIS D 89 -4.91 -30.10 23.48
CA HIS D 89 -3.54 -30.41 23.25
C HIS D 89 -3.36 -30.52 21.72
N GLN D 90 -2.95 -29.40 21.15
CA GLN D 90 -2.45 -29.31 19.77
C GLN D 90 -1.64 -30.53 19.32
N ARG D 91 -0.59 -30.75 20.16
CA ARG D 91 0.46 -31.71 19.90
C ARG D 91 -0.07 -33.11 19.85
N ALA D 92 -1.00 -33.46 20.76
CA ALA D 92 -1.56 -34.79 20.78
C ALA D 92 -2.51 -35.10 19.64
N ALA D 93 -3.20 -34.09 19.14
CA ALA D 93 -4.13 -34.31 18.04
C ALA D 93 -3.38 -34.91 16.84
N SER D 94 -2.13 -34.53 16.60
CA SER D 94 -1.37 -35.09 15.48
C SER D 94 -1.35 -36.62 15.60
N ALA D 95 -0.93 -37.10 16.76
CA ALA D 95 -0.79 -38.51 17.07
C ALA D 95 -2.11 -39.29 16.93
N VAL D 96 -3.19 -38.71 17.45
CA VAL D 96 -4.52 -39.27 17.27
C VAL D 96 -4.88 -39.33 15.76
N SER D 97 -4.68 -38.23 15.05
CA SER D 97 -4.92 -38.17 13.56
C SER D 97 -4.21 -39.28 12.84
N MET D 98 -2.95 -39.55 13.17
CA MET D 98 -2.20 -40.58 12.42
C MET D 98 -2.82 -41.93 12.74
N ALA D 99 -3.08 -42.17 14.02
CA ALA D 99 -3.67 -43.48 14.40
C ALA D 99 -4.98 -43.82 13.74
N LEU D 100 -5.85 -42.82 13.70
CA LEU D 100 -7.17 -42.93 13.08
C LEU D 100 -7.05 -43.04 11.55
N THR D 101 -6.01 -42.43 11.01
CA THR D 101 -5.70 -42.65 9.55
C THR D 101 -5.29 -44.11 9.22
N GLU D 102 -4.40 -44.70 10.03
CA GLU D 102 -3.96 -46.12 9.85
C GLU D 102 -5.16 -47.06 9.92
N ILE D 103 -6.00 -46.82 10.91
CA ILE D 103 -7.21 -47.62 11.11
C ILE D 103 -8.13 -47.46 9.87
N ALA D 104 -8.33 -46.24 9.43
CA ALA D 104 -9.11 -46.01 8.19
C ALA D 104 -8.53 -46.81 6.98
N ALA D 105 -7.23 -46.73 6.72
CA ALA D 105 -6.63 -47.38 5.56
C ALA D 105 -6.78 -48.91 5.70
N LYS D 106 -6.54 -49.42 6.90
CA LYS D 106 -6.69 -50.86 7.16
C LYS D 106 -8.12 -51.32 6.97
N ALA D 107 -9.11 -50.56 7.47
CA ALA D 107 -10.56 -50.92 7.29
C ALA D 107 -10.93 -50.90 5.82
N ALA D 108 -10.23 -50.06 5.06
CA ALA D 108 -10.49 -49.83 3.65
C ALA D 108 -9.73 -50.87 2.82
N ASP D 109 -8.88 -51.67 3.48
CA ASP D 109 -7.89 -52.55 2.83
C ASP D 109 -7.05 -51.83 1.78
N CYS D 110 -6.49 -50.68 2.16
CA CYS D 110 -5.72 -49.93 1.17
C CYS D 110 -4.47 -49.34 1.81
N SER D 111 -3.58 -48.76 0.99
CA SER D 111 -2.48 -48.01 1.59
C SER D 111 -2.98 -46.64 2.11
N VAL D 112 -2.15 -45.98 2.97
CA VAL D 112 -2.40 -44.58 3.27
C VAL D 112 -2.50 -43.65 2.05
N CYS D 113 -1.53 -43.68 1.13
CA CYS D 113 -1.59 -42.93 -0.13
C CYS D 113 -2.88 -43.21 -0.94
N GLU D 114 -3.25 -44.48 -1.13
CA GLU D 114 -4.52 -44.78 -1.80
C GLU D 114 -5.72 -44.14 -1.10
N LEU D 115 -5.77 -44.20 0.23
CA LEU D 115 -6.84 -43.51 0.93
C LEU D 115 -6.97 -42.04 0.53
N TRP D 116 -5.85 -41.36 0.32
CA TRP D 116 -5.86 -39.95 0.05
C TRP D 116 -6.10 -39.66 -1.45
N GLY D 117 -6.37 -40.69 -2.26
CA GLY D 117 -6.42 -40.51 -3.75
C GLY D 117 -5.28 -40.97 -4.65
N GLY D 118 -4.26 -41.61 -4.14
CA GLY D 118 -3.25 -42.20 -4.99
C GLY D 118 -1.98 -41.38 -5.05
N ARG D 119 -0.83 -42.05 -5.12
CA ARG D 119 0.38 -41.30 -5.09
C ARG D 119 0.59 -40.75 -6.49
N TYR D 120 1.40 -39.69 -6.60
CA TYR D 120 1.96 -39.19 -7.88
C TYR D 120 3.29 -39.84 -8.21
N ARG D 121 4.02 -40.36 -7.20
CA ARG D 121 5.41 -40.84 -7.37
C ARG D 121 5.67 -41.72 -6.17
N GLU D 122 6.72 -42.55 -6.20
CA GLU D 122 7.07 -43.39 -5.04
C GLU D 122 8.49 -43.14 -4.46
N GLU D 123 9.18 -42.12 -4.93
CA GLU D 123 10.51 -41.83 -4.41
C GLU D 123 10.50 -40.36 -4.02
N ILE D 124 10.98 -40.07 -2.82
CA ILE D 124 10.99 -38.68 -2.30
C ILE D 124 12.41 -38.28 -1.93
N PRO D 125 12.92 -37.17 -2.42
CA PRO D 125 14.29 -36.84 -2.01
C PRO D 125 14.28 -36.35 -0.57
N VAL D 126 15.38 -36.56 0.08
CA VAL D 126 15.52 -36.07 1.44
C VAL D 126 16.86 -35.31 1.51
N TYR D 127 16.98 -34.40 2.47
CA TYR D 127 18.28 -33.89 2.86
C TYR D 127 18.73 -34.35 4.26
N ALA D 128 20.05 -34.50 4.41
CA ALA D 128 20.70 -34.94 5.67
C ALA D 128 20.79 -33.74 6.63
N SER D 129 20.12 -33.84 7.76
CA SER D 129 19.91 -32.69 8.64
C SER D 129 20.81 -32.82 9.90
N PHE D 130 21.69 -31.82 10.16
CA PHE D 130 22.75 -31.89 11.19
C PHE D 130 22.56 -30.81 12.31
N GLN D 131 22.83 -31.17 13.56
CA GLN D 131 22.99 -30.22 14.71
C GLN D 131 24.48 -30.06 14.86
N SER D 132 24.96 -29.10 14.09
CA SER D 132 26.37 -28.88 13.75
C SER D 132 27.26 -28.51 14.93
N TYR D 133 26.68 -27.90 15.96
CA TYR D 133 27.48 -27.43 17.06
C TYR D 133 27.72 -28.57 18.03
N SER D 134 28.89 -28.60 18.65
CA SER D 134 29.09 -29.52 19.77
C SER D 134 29.96 -28.83 20.80
N ASP D 135 30.05 -29.42 21.99
CA ASP D 135 30.58 -28.65 23.09
C ASP D 135 32.08 -28.86 23.09
N SER D 136 32.77 -28.23 22.14
CA SER D 136 34.14 -28.55 21.88
C SER D 136 34.80 -27.45 21.03
N PRO D 137 36.00 -27.03 21.44
CA PRO D 137 36.82 -26.10 20.61
C PRO D 137 37.14 -26.69 19.24
N GLN D 138 37.06 -28.00 19.06
CA GLN D 138 37.19 -28.52 17.69
C GLN D 138 35.88 -28.93 17.04
N TRP D 139 34.81 -28.23 17.41
CA TRP D 139 33.50 -28.48 16.84
C TRP D 139 33.47 -28.38 15.31
N ILE D 140 34.25 -27.49 14.71
CA ILE D 140 34.29 -27.39 13.24
C ILE D 140 34.75 -28.69 12.55
N SER D 141 35.88 -29.22 13.01
CA SER D 141 36.38 -30.42 12.38
C SER D 141 35.46 -31.64 12.65
N ARG D 142 34.75 -31.67 13.78
CA ARG D 142 33.79 -32.75 14.00
C ARG D 142 32.59 -32.70 13.06
N SER D 143 32.09 -31.49 12.83
CA SER D 143 30.98 -31.25 11.91
C SER D 143 31.42 -31.70 10.55
N VAL D 144 32.61 -31.29 10.16
CA VAL D 144 33.21 -31.66 8.86
C VAL D 144 33.25 -33.18 8.71
N SER D 145 33.64 -33.91 9.76
CA SER D 145 33.69 -35.35 9.72
C SER D 145 32.34 -35.99 9.68
N ASN D 146 31.41 -35.54 10.54
CA ASN D 146 30.04 -36.06 10.47
C ASN D 146 29.42 -35.82 9.09
N VAL D 147 29.72 -34.71 8.47
CA VAL D 147 29.18 -34.40 7.16
C VAL D 147 29.73 -35.33 6.06
N GLU D 148 31.06 -35.52 6.05
CA GLU D 148 31.74 -36.55 5.25
C GLU D 148 31.16 -37.94 5.41
N ALA D 149 30.89 -38.33 6.64
CA ALA D 149 30.29 -39.63 6.87
C ALA D 149 28.99 -39.78 6.13
N GLN D 150 28.21 -38.70 6.01
CA GLN D 150 26.88 -38.81 5.39
C GLN D 150 26.98 -38.64 3.88
N LEU D 151 27.95 -37.88 3.39
CA LEU D 151 28.11 -37.81 1.91
C LEU D 151 28.54 -39.17 1.33
N LYS D 152 29.41 -39.86 2.06
CA LYS D 152 29.76 -41.26 1.78
C LYS D 152 28.52 -42.18 1.57
N LYS D 153 27.43 -41.92 2.28
CA LYS D 153 26.17 -42.63 2.08
C LYS D 153 25.36 -42.07 0.91
N GLY D 154 25.90 -41.12 0.18
CA GLY D 154 25.26 -40.69 -1.04
C GLY D 154 24.19 -39.63 -0.86
N PHE D 155 24.12 -38.99 0.33
CA PHE D 155 23.28 -37.77 0.39
C PHE D 155 23.85 -36.72 -0.57
N GLU D 156 23.00 -35.96 -1.23
CA GLU D 156 23.46 -34.87 -2.08
C GLU D 156 23.01 -33.51 -1.58
N GLN D 157 22.20 -33.52 -0.51
CA GLN D 157 21.78 -32.28 0.11
C GLN D 157 21.91 -32.43 1.63
N ILE D 158 22.34 -31.35 2.25
CA ILE D 158 22.57 -31.26 3.69
C ILE D 158 21.98 -29.99 4.26
N LYS D 159 21.62 -30.00 5.56
CA LYS D 159 21.24 -28.81 6.28
C LYS D 159 22.15 -28.71 7.50
N VAL D 160 22.74 -27.53 7.72
CA VAL D 160 23.67 -27.33 8.84
C VAL D 160 23.31 -26.06 9.59
N LYS D 161 23.77 -25.95 10.85
CA LYS D 161 23.36 -24.81 11.71
C LYS D 161 24.32 -23.62 11.67
N ILE D 162 23.75 -22.42 11.69
CA ILE D 162 24.47 -21.14 11.83
C ILE D 162 23.69 -20.31 12.90
N GLY D 163 24.24 -19.16 13.36
CA GLY D 163 23.54 -18.18 14.24
C GLY D 163 23.78 -18.39 15.74
N GLY D 164 24.55 -19.44 16.11
CA GLY D 164 24.82 -19.76 17.55
C GLY D 164 26.10 -19.12 18.04
N THR D 165 26.90 -18.62 17.10
CA THR D 165 28.20 -18.06 17.44
C THR D 165 28.40 -16.93 16.45
N SER D 166 29.55 -16.29 16.46
CA SER D 166 29.67 -15.09 15.67
C SER D 166 29.60 -15.39 14.15
N PHE D 167 29.25 -14.36 13.40
CA PHE D 167 29.38 -14.45 11.95
C PHE D 167 30.72 -15.02 11.43
N LYS D 168 31.84 -14.47 11.88
CA LYS D 168 33.18 -14.92 11.48
C LYS D 168 33.36 -16.37 11.76
N GLU D 169 32.96 -16.80 12.95
CA GLU D 169 33.14 -18.23 13.25
C GLU D 169 32.22 -19.19 12.45
N ASP D 170 31.00 -18.74 12.23
CA ASP D 170 30.05 -19.53 11.43
C ASP D 170 30.52 -19.60 9.95
N VAL D 171 31.01 -18.51 9.42
CA VAL D 171 31.54 -18.50 8.02
C VAL D 171 32.70 -19.49 7.88
N ARG D 172 33.62 -19.48 8.85
CA ARG D 172 34.74 -20.42 8.95
C ARG D 172 34.25 -21.87 8.82
N HIS D 173 33.22 -22.19 9.59
CA HIS D 173 32.58 -23.48 9.54
C HIS D 173 32.00 -23.74 8.18
N ILE D 174 31.19 -22.78 7.67
CA ILE D 174 30.57 -23.06 6.37
C ILE D 174 31.59 -23.23 5.22
N ASN D 175 32.68 -22.42 5.28
CA ASN D 175 33.84 -22.50 4.36
C ASN D 175 34.45 -23.83 4.43
N ALA D 176 34.61 -24.38 5.63
CA ALA D 176 35.22 -25.68 5.76
C ALA D 176 34.36 -26.81 5.17
N LEU D 177 33.05 -26.70 5.28
CA LEU D 177 32.16 -27.62 4.63
C LEU D 177 32.15 -27.48 3.09
N GLN D 178 32.22 -26.25 2.58
CA GLN D 178 32.26 -25.98 1.13
C GLN D 178 33.49 -26.68 0.57
N HIS D 179 34.52 -26.72 1.39
CA HIS D 179 35.83 -27.16 0.93
C HIS D 179 35.87 -28.67 0.89
N THR D 180 35.24 -29.28 1.87
CA THR D 180 35.06 -30.72 1.92
C THR D 180 34.06 -31.28 0.89
N ALA D 181 32.90 -30.63 0.78
CA ALA D 181 31.70 -31.10 0.07
C ALA D 181 31.59 -30.63 -1.37
N GLY D 182 31.93 -29.37 -1.66
CA GLY D 182 31.90 -28.93 -3.05
C GLY D 182 30.51 -28.61 -3.57
N SER D 183 30.41 -28.22 -4.82
CA SER D 183 29.20 -27.50 -5.24
C SER D 183 28.21 -28.39 -5.96
N SER D 184 28.60 -29.66 -6.11
CA SER D 184 27.64 -30.69 -6.52
C SER D 184 26.67 -30.95 -5.36
N ILE D 185 27.11 -30.71 -4.10
CA ILE D 185 26.27 -30.84 -2.87
C ILE D 185 25.52 -29.53 -2.55
N THR D 186 24.20 -29.61 -2.44
CA THR D 186 23.37 -28.48 -2.11
C THR D 186 23.48 -28.31 -0.57
N MET D 187 23.61 -27.09 -0.10
CA MET D 187 23.78 -26.86 1.32
C MET D 187 22.67 -25.89 1.81
N ILE D 188 21.92 -26.30 2.83
CA ILE D 188 20.86 -25.47 3.40
C ILE D 188 21.47 -24.92 4.75
N LEU D 189 21.36 -23.61 5.00
CA LEU D 189 21.87 -23.00 6.24
C LEU D 189 20.71 -22.63 7.16
N ASP D 190 20.77 -23.15 8.41
CA ASP D 190 19.61 -22.99 9.30
C ASP D 190 20.01 -22.11 10.47
N ALA D 191 19.38 -20.94 10.54
CA ALA D 191 19.75 -19.95 11.52
C ALA D 191 18.96 -20.10 12.82
N ASN D 192 17.91 -20.93 12.86
CA ASN D 192 17.07 -21.09 14.06
C ASN D 192 16.61 -19.76 14.72
N GLN D 193 16.20 -18.85 13.86
CA GLN D 193 15.64 -17.52 14.25
C GLN D 193 16.60 -16.65 15.01
N SER D 194 17.91 -16.83 14.77
CA SER D 194 18.91 -16.13 15.59
C SER D 194 19.01 -14.62 15.32
N TYR D 195 18.59 -14.17 14.13
CA TYR D 195 19.13 -12.92 13.54
C TYR D 195 18.03 -11.95 13.43
N ASP D 196 18.40 -10.69 13.13
CA ASP D 196 17.49 -9.72 12.54
C ASP D 196 17.91 -9.62 11.07
N ALA D 197 17.27 -8.76 10.29
CA ALA D 197 17.54 -8.71 8.83
C ALA D 197 18.96 -8.27 8.48
N ALA D 198 19.53 -7.33 9.23
CA ALA D 198 20.89 -6.86 8.91
C ALA D 198 21.91 -8.02 9.16
N ALA D 199 21.67 -8.82 10.20
CA ALA D 199 22.64 -9.83 10.51
C ALA D 199 22.54 -10.96 9.48
N ALA D 200 21.30 -11.28 9.08
CA ALA D 200 21.08 -12.29 8.01
C ALA D 200 21.68 -11.82 6.65
N PHE D 201 21.43 -10.57 6.31
CA PHE D 201 21.99 -9.97 5.12
C PHE D 201 23.52 -10.08 5.02
N LYS D 202 24.22 -10.07 6.13
CA LYS D 202 25.70 -10.17 6.09
C LYS D 202 26.15 -11.41 5.32
N TRP D 203 25.26 -12.40 5.18
CA TRP D 203 25.65 -13.65 4.47
C TRP D 203 25.60 -13.44 2.91
N GLU D 204 24.95 -12.35 2.47
CA GLU D 204 24.69 -12.11 1.07
C GLU D 204 26.01 -12.03 0.28
N ARG D 205 27.07 -11.54 0.91
CA ARG D 205 28.32 -11.46 0.15
C ARG D 205 28.93 -12.84 -0.10
N TYR D 206 28.52 -13.86 0.67
CA TYR D 206 28.87 -15.25 0.37
C TYR D 206 27.85 -15.95 -0.53
N PHE D 207 26.61 -15.52 -0.43
CA PHE D 207 25.57 -16.11 -1.27
C PHE D 207 25.88 -15.80 -2.74
N SER D 208 26.20 -14.55 -3.03
CA SER D 208 26.57 -14.08 -4.36
C SER D 208 27.56 -14.97 -5.07
N GLU D 209 28.56 -15.42 -4.31
CA GLU D 209 29.67 -16.24 -4.79
C GLU D 209 29.33 -17.74 -4.82
N TRP D 210 28.37 -18.17 -4.00
CA TRP D 210 28.03 -19.59 -3.88
C TRP D 210 26.91 -19.95 -4.80
N THR D 211 26.96 -21.16 -5.33
CA THR D 211 25.89 -21.56 -6.22
C THR D 211 25.13 -22.72 -5.63
N ASN D 212 25.64 -23.33 -4.53
CA ASN D 212 25.04 -24.54 -3.93
C ASN D 212 24.13 -24.35 -2.68
N ILE D 213 23.77 -23.15 -2.34
CA ILE D 213 22.90 -22.93 -1.18
C ILE D 213 21.46 -23.22 -1.53
N GLY D 214 20.89 -24.29 -0.96
CA GLY D 214 19.48 -24.62 -1.14
C GLY D 214 18.58 -23.51 -0.69
N TRP D 215 18.70 -23.10 0.58
CA TRP D 215 17.94 -21.95 1.03
C TRP D 215 18.54 -21.51 2.38
N LEU D 216 18.12 -20.32 2.84
CA LEU D 216 18.45 -19.79 4.18
C LEU D 216 17.20 -20.09 5.04
N GLU D 217 17.35 -20.89 6.09
CA GLU D 217 16.19 -21.37 6.91
C GLU D 217 15.98 -20.51 8.21
N GLU D 218 14.76 -20.05 8.39
CA GLU D 218 14.31 -19.26 9.54
C GLU D 218 15.34 -18.28 10.07
N PRO D 219 15.81 -17.34 9.22
CA PRO D 219 16.80 -16.40 9.71
C PRO D 219 16.25 -15.55 10.86
N LEU D 220 14.93 -15.26 10.85
CA LEU D 220 14.36 -14.33 11.80
C LEU D 220 13.16 -14.88 12.50
N PRO D 221 12.80 -14.28 13.65
CA PRO D 221 11.52 -14.66 14.27
C PRO D 221 10.34 -14.29 13.38
N PHE D 222 9.15 -14.85 13.62
CA PHE D 222 8.00 -14.56 12.82
C PHE D 222 7.03 -13.46 13.24
N ASP D 223 7.41 -12.68 14.25
CA ASP D 223 6.56 -11.59 14.72
C ASP D 223 6.21 -10.53 13.72
N GLN D 224 7.20 -10.21 12.89
CA GLN D 224 7.15 -9.18 11.86
C GLN D 224 7.29 -9.79 10.43
N PRO D 225 6.19 -10.39 9.91
CA PRO D 225 6.19 -10.96 8.56
C PRO D 225 6.84 -10.02 7.55
N GLN D 226 6.59 -8.70 7.69
CA GLN D 226 7.09 -7.72 6.72
C GLN D 226 8.60 -7.73 6.61
N ASP D 227 9.30 -8.11 7.67
CA ASP D 227 10.77 -8.15 7.59
C ASP D 227 11.18 -9.38 6.80
N TYR D 228 10.43 -10.46 6.89
CA TYR D 228 10.61 -11.56 5.93
C TYR D 228 10.45 -11.12 4.47
N ALA D 229 9.35 -10.45 4.13
CA ALA D 229 9.17 -9.94 2.77
C ALA D 229 10.41 -9.06 2.38
N MET D 230 10.71 -8.05 3.20
CA MET D 230 11.87 -7.19 2.96
C MET D 230 13.15 -8.01 2.72
N LEU D 231 13.51 -8.87 3.67
CA LEU D 231 14.75 -9.66 3.54
C LEU D 231 14.76 -10.56 2.28
N ARG D 232 13.64 -11.21 2.01
CA ARG D 232 13.61 -12.17 0.90
C ARG D 232 13.96 -11.41 -0.33
N SER D 233 13.49 -10.17 -0.40
CA SER D 233 13.67 -9.34 -1.62
C SER D 233 15.12 -8.91 -1.85
N ARG D 234 15.98 -9.09 -0.86
CA ARG D 234 17.35 -8.64 -1.05
C ARG D 234 18.35 -9.79 -1.08
N LEU D 235 17.94 -11.02 -0.82
CA LEU D 235 18.90 -12.14 -0.78
C LEU D 235 18.92 -12.85 -2.08
N SER D 236 20.06 -13.46 -2.40
CA SER D 236 20.28 -14.20 -3.68
C SER D 236 19.95 -15.67 -3.60
N VAL D 237 19.39 -16.08 -2.47
CA VAL D 237 18.98 -17.49 -2.19
C VAL D 237 17.53 -17.47 -1.67
N PRO D 238 16.75 -18.54 -1.91
CA PRO D 238 15.41 -18.59 -1.32
C PRO D 238 15.45 -18.63 0.25
N VAL D 239 14.33 -18.26 0.83
CA VAL D 239 14.14 -18.18 2.31
C VAL D 239 13.04 -19.14 2.65
N ALA D 240 13.32 -20.04 3.62
CA ALA D 240 12.39 -21.07 4.05
C ALA D 240 11.98 -20.91 5.56
N GLY D 241 10.77 -21.38 5.87
CA GLY D 241 10.40 -21.49 7.33
C GLY D 241 8.97 -21.81 7.70
N GLY D 242 8.67 -21.65 9.01
CA GLY D 242 7.31 -21.86 9.49
C GLY D 242 7.16 -23.20 10.16
N GLU D 243 8.26 -23.75 10.64
CA GLU D 243 8.28 -24.99 11.34
C GLU D 243 7.34 -25.05 12.60
N ASN D 244 7.13 -23.91 13.28
CA ASN D 244 6.23 -23.89 14.46
C ASN D 244 4.78 -23.41 14.16
N MET D 245 4.45 -23.13 12.91
CA MET D 245 3.07 -22.72 12.59
C MET D 245 2.11 -23.86 12.94
N LYS D 246 0.93 -23.52 13.41
CA LYS D 246 -0.02 -24.54 13.90
C LYS D 246 -0.95 -25.08 12.81
N GLY D 247 -1.01 -24.37 11.71
CA GLY D 247 -1.65 -24.89 10.50
C GLY D 247 -1.80 -23.85 9.43
N PRO D 248 -2.63 -24.19 8.43
CA PRO D 248 -2.83 -23.41 7.20
C PRO D 248 -3.26 -21.99 7.52
N ALA D 249 -4.21 -21.78 8.43
CA ALA D 249 -4.58 -20.37 8.77
C ALA D 249 -3.40 -19.45 9.18
N GLN D 250 -2.34 -19.99 9.81
CA GLN D 250 -1.17 -19.21 10.19
C GLN D 250 -0.22 -18.97 9.01
N TYR D 251 -0.15 -19.90 8.05
CA TYR D 251 0.58 -19.65 6.78
C TYR D 251 -0.08 -18.64 5.84
N VAL D 252 -1.38 -18.59 5.86
CA VAL D 252 -2.12 -17.75 4.95
C VAL D 252 -1.50 -16.32 4.91
N PRO D 253 -1.43 -15.57 6.05
CA PRO D 253 -0.86 -14.20 6.03
C PRO D 253 0.62 -14.14 5.58
N LEU D 254 1.42 -15.14 5.91
CA LEU D 254 2.79 -15.14 5.50
C LEU D 254 2.84 -15.23 3.95
N LEU D 255 1.98 -16.04 3.32
CA LEU D 255 1.97 -16.22 1.85
C LEU D 255 1.32 -15.04 1.13
N SER D 256 0.23 -14.55 1.71
CA SER D 256 -0.37 -13.33 1.21
C SER D 256 0.64 -12.22 1.15
N GLN D 257 1.48 -12.11 2.15
CA GLN D 257 2.51 -11.04 2.11
C GLN D 257 3.80 -11.43 1.45
N ARG D 258 3.88 -12.59 0.85
CA ARG D 258 5.05 -12.98 0.05
C ARG D 258 6.29 -13.06 0.90
N CYS D 259 6.15 -13.61 2.08
CA CYS D 259 7.27 -13.76 3.05
C CYS D 259 8.26 -14.88 2.84
N LEU D 260 7.86 -15.93 2.12
CA LEU D 260 8.66 -17.17 2.06
C LEU D 260 8.67 -17.78 0.70
N ASP D 261 9.82 -18.32 0.28
CA ASP D 261 9.87 -19.14 -0.94
C ASP D 261 9.40 -20.56 -0.67
N ILE D 262 9.67 -21.11 0.53
CA ILE D 262 9.38 -22.48 0.90
C ILE D 262 8.74 -22.45 2.29
N ILE D 263 7.59 -23.09 2.48
CA ILE D 263 7.07 -23.26 3.83
C ILE D 263 7.52 -24.63 4.36
N GLN D 264 7.56 -24.77 5.69
CA GLN D 264 8.06 -25.99 6.27
C GLN D 264 7.21 -26.55 7.43
N PRO D 265 6.00 -27.04 7.16
CA PRO D 265 5.16 -27.59 8.23
C PRO D 265 5.74 -28.88 8.81
N ASP D 266 5.43 -29.13 10.09
CA ASP D 266 5.83 -30.34 10.78
C ASP D 266 4.51 -31.06 11.15
N VAL D 267 4.45 -32.34 10.80
CA VAL D 267 3.25 -33.10 10.98
C VAL D 267 2.85 -32.97 12.46
N MET D 268 3.83 -33.10 13.36
CA MET D 268 3.61 -33.07 14.83
C MET D 268 3.44 -31.64 15.41
N HIS D 269 3.58 -30.58 14.63
CA HIS D 269 3.35 -29.21 15.15
C HIS D 269 2.06 -28.65 14.64
N VAL D 270 1.50 -29.26 13.63
CA VAL D 270 0.22 -28.84 13.14
C VAL D 270 -0.92 -29.69 13.69
N ASN D 271 -2.12 -29.22 13.42
CA ASN D 271 -3.25 -29.83 14.06
C ASN D 271 -3.63 -31.18 13.43
N GLY D 272 -2.69 -32.12 13.23
CA GLY D 272 -3.09 -33.35 12.57
C GLY D 272 -2.70 -33.50 11.12
N ILE D 273 -2.77 -34.73 10.65
CA ILE D 273 -2.22 -35.03 9.32
C ILE D 273 -3.05 -34.47 8.20
N ASP D 274 -4.38 -34.36 8.39
CA ASP D 274 -5.23 -33.77 7.37
C ASP D 274 -4.90 -32.28 7.17
N GLU D 275 -4.87 -31.52 8.27
CA GLU D 275 -4.34 -30.17 8.28
C GLU D 275 -2.89 -30.04 7.74
N PHE D 276 -1.97 -30.93 8.09
CA PHE D 276 -0.64 -30.96 7.44
C PHE D 276 -0.71 -31.02 5.89
N ARG D 277 -1.54 -31.92 5.31
CA ARG D 277 -1.70 -31.99 3.85
C ARG D 277 -2.24 -30.73 3.29
N ASP D 278 -3.19 -30.13 4.02
CA ASP D 278 -3.79 -28.85 3.60
C ASP D 278 -2.66 -27.75 3.52
N CYS D 279 -1.66 -27.79 4.40
CA CYS D 279 -0.58 -26.79 4.38
C CYS D 279 0.19 -26.98 3.09
N LEU D 280 0.53 -28.22 2.79
CA LEU D 280 1.19 -28.56 1.51
C LEU D 280 0.40 -28.06 0.35
N GLN D 281 -0.91 -28.29 0.32
CA GLN D 281 -1.65 -27.93 -0.88
C GLN D 281 -1.84 -26.43 -0.92
N LEU D 282 -1.90 -25.79 0.25
CA LEU D 282 -2.08 -24.35 0.31
C LEU D 282 -0.88 -23.69 -0.36
N ALA D 283 0.28 -24.27 -0.13
CA ALA D 283 1.52 -23.77 -0.72
C ALA D 283 1.42 -23.89 -2.26
N ARG D 284 1.02 -25.06 -2.79
CA ARG D 284 0.78 -25.24 -4.23
C ARG D 284 -0.13 -24.17 -4.77
N TYR D 285 -1.23 -23.88 -4.04
CA TYR D 285 -2.20 -22.91 -4.53
C TYR D 285 -1.67 -21.51 -4.61
N PHE D 286 -0.81 -21.18 -3.67
CA PHE D 286 -0.13 -19.93 -3.65
C PHE D 286 1.10 -19.92 -4.55
N GLY D 287 1.38 -21.03 -5.20
CA GLY D 287 2.63 -21.16 -5.93
C GLY D 287 3.93 -21.07 -5.16
N VAL D 288 3.98 -21.58 -3.92
CA VAL D 288 5.24 -21.52 -3.11
C VAL D 288 5.60 -22.98 -2.78
N ARG D 289 6.86 -23.28 -2.56
CA ARG D 289 7.24 -24.68 -2.31
C ARG D 289 6.95 -25.10 -0.84
N ALA D 290 6.97 -26.40 -0.56
CA ALA D 290 6.72 -26.90 0.78
C ALA D 290 7.72 -28.05 1.00
N SER D 291 8.53 -27.93 2.04
CA SER D 291 9.45 -28.99 2.38
C SER D 291 9.23 -29.40 3.83
N ALA D 292 8.78 -30.61 4.08
CA ALA D 292 8.34 -30.91 5.45
C ALA D 292 9.52 -30.83 6.37
N HIS D 293 9.23 -30.27 7.54
CA HIS D 293 10.14 -30.28 8.67
C HIS D 293 10.02 -31.57 9.54
N ALA D 294 11.15 -32.06 10.02
CA ALA D 294 11.12 -33.29 10.80
C ALA D 294 12.42 -33.53 11.53
N TYR D 295 12.70 -32.66 12.50
CA TYR D 295 13.89 -32.82 13.32
C TYR D 295 13.63 -34.10 14.16
N ASP D 296 12.43 -34.15 14.73
CA ASP D 296 11.95 -35.31 15.49
C ASP D 296 10.97 -35.98 14.62
N GLY D 297 10.84 -37.28 14.75
CA GLY D 297 9.89 -37.88 13.84
C GLY D 297 10.40 -39.16 13.20
N SER D 298 9.59 -40.19 13.28
N SER D 298 9.59 -40.19 13.28
CA SER D 298 9.91 -41.44 12.64
CA SER D 298 9.91 -41.42 12.60
C SER D 298 8.67 -41.95 11.91
C SER D 298 8.66 -41.96 11.89
N LEU D 299 7.65 -42.33 12.69
CA LEU D 299 6.35 -42.64 12.20
C LEU D 299 5.70 -41.36 11.61
N SER D 300 5.87 -40.22 12.25
CA SER D 300 5.29 -39.01 11.70
C SER D 300 6.07 -38.56 10.42
N ARG D 301 7.38 -38.80 10.34
CA ARG D 301 8.17 -38.69 9.10
C ARG D 301 7.61 -39.51 7.94
N LEU D 302 7.18 -40.74 8.24
CA LEU D 302 6.60 -41.62 7.26
C LEU D 302 5.31 -40.98 6.73
N TYR D 303 4.45 -40.49 7.62
CA TYR D 303 3.35 -39.65 7.16
C TYR D 303 3.68 -38.48 6.33
N ALA D 304 4.74 -37.73 6.69
CA ALA D 304 5.20 -36.60 5.84
C ALA D 304 5.60 -37.07 4.43
N LEU D 305 6.34 -38.19 4.40
CA LEU D 305 6.68 -38.85 3.12
C LEU D 305 5.43 -39.24 2.21
N PHE D 306 4.48 -40.02 2.74
CA PHE D 306 3.19 -40.29 2.09
C PHE D 306 2.53 -39.03 1.61
N ALA D 307 2.46 -38.01 2.45
CA ALA D 307 1.91 -36.75 1.95
C ALA D 307 2.68 -36.13 0.80
N GLN D 308 4.03 -36.15 0.80
CA GLN D 308 4.81 -35.57 -0.29
C GLN D 308 4.61 -36.43 -1.56
N ALA D 309 4.39 -37.75 -1.40
CA ALA D 309 4.08 -38.70 -2.53
C ALA D 309 2.79 -38.33 -3.24
N CYS D 310 1.82 -37.86 -2.48
CA CYS D 310 0.53 -37.45 -2.99
C CYS D 310 0.41 -36.00 -3.36
N LEU D 311 1.56 -35.31 -3.42
CA LEU D 311 1.58 -33.88 -3.78
C LEU D 311 1.95 -33.64 -5.27
N PRO D 312 1.18 -32.82 -6.05
CA PRO D 312 1.54 -32.55 -7.45
C PRO D 312 2.92 -31.88 -7.56
N PRO D 313 3.57 -32.02 -8.72
CA PRO D 313 4.89 -31.35 -8.93
C PRO D 313 4.80 -29.81 -8.78
N TRP D 314 5.85 -29.13 -8.31
CA TRP D 314 5.83 -27.65 -8.24
C TRP D 314 6.31 -27.01 -9.54
N SER D 315 6.95 -27.80 -10.42
CA SER D 315 7.55 -27.26 -11.60
C SER D 315 7.38 -28.21 -12.77
N LYS D 316 7.69 -27.71 -13.95
CA LYS D 316 7.71 -28.54 -15.21
C LYS D 316 9.06 -29.17 -15.47
N MET D 317 10.01 -29.03 -14.53
CA MET D 317 11.28 -29.68 -14.72
C MET D 317 11.18 -31.18 -14.47
N LYS D 318 11.48 -31.93 -15.54
CA LYS D 318 11.38 -33.36 -15.60
C LYS D 318 12.07 -33.98 -14.40
N ASN D 319 13.19 -33.35 -14.04
CA ASN D 319 14.20 -33.86 -13.13
C ASN D 319 14.27 -33.13 -11.78
N ASP D 320 13.39 -32.14 -11.56
CA ASP D 320 13.45 -31.25 -10.33
C ASP D 320 12.11 -30.62 -10.06
N HIS D 321 11.12 -31.44 -9.68
CA HIS D 321 9.76 -30.94 -9.58
C HIS D 321 9.09 -31.37 -8.28
N ILE D 322 9.89 -31.92 -7.36
CA ILE D 322 9.36 -32.24 -6.02
C ILE D 322 10.41 -31.91 -4.94
N GLU D 323 9.96 -31.21 -3.91
CA GLU D 323 10.83 -30.80 -2.79
C GLU D 323 11.32 -31.95 -1.90
N PRO D 324 12.54 -31.81 -1.36
CA PRO D 324 12.98 -32.82 -0.41
C PRO D 324 12.34 -32.62 0.98
N ILE D 325 12.45 -33.66 1.80
CA ILE D 325 11.98 -33.67 3.17
C ILE D 325 13.20 -33.77 4.13
N GLU D 326 13.02 -33.28 5.35
CA GLU D 326 14.11 -33.31 6.30
C GLU D 326 14.47 -34.69 6.79
N TRP D 327 15.74 -35.09 6.71
CA TRP D 327 16.18 -36.39 7.28
C TRP D 327 17.24 -36.24 8.41
N ASP D 328 16.78 -36.35 9.65
CA ASP D 328 17.69 -36.20 10.84
C ASP D 328 18.78 -37.26 10.79
N VAL D 329 20.05 -36.84 10.75
CA VAL D 329 21.19 -37.80 10.67
C VAL D 329 22.00 -37.87 11.96
N MET D 330 21.50 -37.21 13.03
CA MET D 330 22.23 -37.21 14.30
C MET D 330 21.90 -38.45 15.13
N GLU D 331 22.65 -38.75 16.18
CA GLU D 331 22.34 -39.89 17.06
C GLU D 331 20.89 -39.88 17.55
N ASN D 332 20.14 -40.94 17.26
CA ASN D 332 18.75 -40.97 17.66
C ASN D 332 18.21 -42.37 17.35
N PRO D 333 18.09 -43.23 18.37
CA PRO D 333 17.60 -44.61 18.10
C PRO D 333 16.19 -44.69 17.59
N PHE D 334 15.43 -43.59 17.73
CA PHE D 334 14.05 -43.54 17.28
C PHE D 334 13.89 -43.52 15.78
N THR D 335 15.00 -43.26 15.06
CA THR D 335 14.98 -43.28 13.61
C THR D 335 14.58 -44.65 13.06
N ASP D 336 14.89 -45.69 13.83
CA ASP D 336 14.55 -47.10 13.51
C ASP D 336 13.21 -47.61 14.06
N LEU D 337 12.39 -46.73 14.58
CA LEU D 337 11.04 -47.12 14.97
C LEU D 337 10.26 -47.70 13.81
N VAL D 338 10.45 -47.10 12.62
CA VAL D 338 9.98 -47.73 11.40
C VAL D 338 11.20 -48.08 10.59
N SER D 339 11.09 -49.20 9.89
CA SER D 339 12.22 -49.74 9.21
C SER D 339 12.24 -49.09 7.83
N LEU D 340 12.87 -47.93 7.76
CA LEU D 340 12.84 -47.18 6.52
C LEU D 340 13.95 -46.17 6.53
N GLN D 341 14.83 -46.27 5.54
CA GLN D 341 15.96 -45.35 5.46
C GLN D 341 16.17 -44.87 4.00
N PRO D 342 16.79 -43.69 3.82
CA PRO D 342 17.12 -43.24 2.48
C PRO D 342 18.18 -44.13 1.86
N SER D 343 18.17 -44.17 0.52
CA SER D 343 19.26 -44.72 -0.25
C SER D 343 19.74 -43.66 -1.27
N LYS D 344 21.03 -43.30 -1.25
CA LYS D 344 21.55 -42.19 -2.09
C LYS D 344 20.61 -40.96 -2.04
N GLY D 345 20.15 -40.63 -0.83
CA GLY D 345 19.34 -39.41 -0.60
C GLY D 345 17.94 -39.44 -1.19
N MET D 346 17.42 -40.64 -1.41
CA MET D 346 16.04 -40.81 -1.75
C MET D 346 15.41 -41.84 -0.81
N VAL D 347 14.16 -41.57 -0.47
CA VAL D 347 13.37 -42.55 0.22
C VAL D 347 12.37 -43.12 -0.76
N HIS D 348 12.39 -44.46 -0.82
CA HIS D 348 11.36 -45.23 -1.54
C HIS D 348 10.18 -45.56 -0.59
N ILE D 349 9.03 -44.97 -0.86
CA ILE D 349 7.81 -44.98 -0.09
C ILE D 349 7.31 -46.46 0.04
N PRO D 350 7.02 -46.97 1.27
CA PRO D 350 6.32 -48.30 1.32
C PRO D 350 4.98 -48.30 0.60
N LYS D 351 4.68 -49.35 -0.17
CA LYS D 351 3.40 -49.46 -0.83
C LYS D 351 2.39 -50.45 -0.26
N GLY D 352 2.73 -51.17 0.82
CA GLY D 352 1.77 -52.14 1.36
C GLY D 352 0.54 -51.52 2.03
N LYS D 353 -0.42 -52.35 2.40
CA LYS D 353 -1.61 -51.88 3.15
C LYS D 353 -1.30 -51.04 4.40
N GLY D 354 -2.18 -50.11 4.72
CA GLY D 354 -2.09 -49.33 5.89
C GLY D 354 -0.88 -48.46 5.69
N ILE D 355 0.04 -48.49 6.66
CA ILE D 355 1.31 -47.74 6.50
C ILE D 355 2.45 -48.58 5.90
N GLY D 356 2.18 -49.85 5.66
CA GLY D 356 3.06 -50.62 4.82
C GLY D 356 4.35 -51.04 5.49
N THR D 357 4.37 -50.99 6.80
CA THR D 357 5.55 -51.27 7.59
C THR D 357 5.09 -51.54 9.04
N GLU D 358 5.96 -52.09 9.86
CA GLU D 358 5.63 -52.28 11.29
C GLU D 358 6.47 -51.40 12.22
N ILE D 359 5.91 -50.99 13.35
CA ILE D 359 6.64 -50.34 14.46
C ILE D 359 7.59 -51.33 15.14
N ASN D 360 8.84 -50.93 15.34
CA ASN D 360 9.80 -51.83 15.86
C ASN D 360 9.68 -51.89 17.38
N MET D 361 9.07 -52.95 17.91
CA MET D 361 8.85 -53.05 19.36
C MET D 361 10.08 -53.32 20.20
N GLU D 362 11.15 -53.84 19.59
CA GLU D 362 12.39 -53.95 20.32
C GLU D 362 12.79 -52.59 20.80
N ILE D 363 12.63 -51.58 19.92
CA ILE D 363 13.04 -50.19 20.24
C ILE D 363 12.07 -49.63 21.27
N VAL D 364 10.80 -49.89 21.09
CA VAL D 364 9.80 -49.32 22.00
C VAL D 364 10.10 -49.85 23.41
N ASN D 365 10.37 -51.14 23.54
CA ASN D 365 10.63 -51.73 24.85
C ASN D 365 11.93 -51.25 25.49
N ARG D 366 12.99 -51.10 24.71
CA ARG D 366 14.32 -50.73 25.22
C ARG D 366 14.42 -49.28 25.73
N TYR D 367 13.58 -48.38 25.21
CA TYR D 367 13.69 -46.97 25.54
C TYR D 367 12.50 -46.49 26.32
N LYS D 368 11.69 -47.41 26.88
CA LYS D 368 10.62 -46.98 27.81
C LYS D 368 11.15 -45.84 28.71
N TRP D 369 10.41 -44.74 28.77
CA TRP D 369 10.79 -43.65 29.66
C TRP D 369 10.58 -44.10 31.14
N ASP D 370 11.58 -43.80 31.96
CA ASP D 370 11.56 -44.07 33.43
C ASP D 370 10.72 -43.13 34.30
N GLY D 371 10.20 -42.04 33.71
CA GLY D 371 9.40 -41.05 34.42
C GLY D 371 10.17 -39.79 34.88
N SER D 372 11.48 -39.74 34.66
CA SER D 372 12.31 -38.61 35.14
C SER D 372 12.22 -37.42 34.24
N ALA D 373 12.40 -36.23 34.84
CA ALA D 373 12.48 -34.96 34.15
C ALA D 373 13.73 -34.19 34.71
N TYR D 374 13.60 -32.89 34.96
CA TYR D 374 14.74 -32.01 35.22
C TYR D 374 15.71 -32.56 36.33
N GLU D 375 15.16 -32.98 37.48
CA GLU D 375 15.98 -33.45 38.58
C GLU D 375 16.74 -34.70 38.22
N GLY D 376 16.14 -35.55 37.39
CA GLY D 376 16.81 -36.76 36.94
C GLY D 376 17.86 -36.47 35.88
N HIS D 377 17.81 -35.31 35.25
CA HIS D 377 18.81 -35.04 34.24
C HIS D 377 19.92 -34.09 34.67
N LEU E 3 -27.47 -3.54 -45.72
CA LEU E 3 -26.20 -3.85 -46.47
C LEU E 3 -26.03 -5.39 -46.61
N VAL E 4 -24.91 -5.86 -47.16
CA VAL E 4 -24.85 -7.26 -47.65
C VAL E 4 -24.86 -8.34 -46.55
N LYS E 5 -25.54 -9.44 -46.86
CA LYS E 5 -25.66 -10.56 -45.98
C LYS E 5 -24.69 -11.69 -46.32
N ILE E 6 -24.36 -12.45 -45.26
CA ILE E 6 -23.56 -13.66 -45.35
C ILE E 6 -24.45 -14.79 -45.89
N VAL E 7 -24.05 -15.37 -47.00
CA VAL E 7 -24.86 -16.47 -47.53
C VAL E 7 -24.28 -17.87 -47.38
N ARG E 8 -22.96 -18.01 -47.36
CA ARG E 8 -22.35 -19.34 -47.29
C ARG E 8 -21.03 -19.21 -46.52
N ILE E 9 -20.76 -20.24 -45.70
CA ILE E 9 -19.48 -20.36 -44.98
C ILE E 9 -18.87 -21.75 -45.17
N GLU E 10 -17.67 -21.76 -45.76
CA GLU E 10 -16.90 -22.97 -45.96
C GLU E 10 -15.81 -23.09 -44.89
N THR E 11 -15.60 -24.31 -44.43
CA THR E 11 -14.62 -24.59 -43.37
C THR E 11 -13.64 -25.62 -43.86
N PHE E 12 -12.40 -25.52 -43.36
CA PHE E 12 -11.29 -26.37 -43.78
C PHE E 12 -10.36 -26.78 -42.61
N PRO E 13 -10.77 -27.77 -41.81
CA PRO E 13 -9.88 -28.44 -40.84
C PRO E 13 -8.66 -29.06 -41.54
N LEU E 14 -7.46 -28.66 -41.09
CA LEU E 14 -6.24 -29.18 -41.67
C LEU E 14 -5.38 -29.88 -40.66
N PHE E 15 -4.66 -30.90 -41.08
CA PHE E 15 -3.95 -31.70 -40.10
C PHE E 15 -2.66 -32.23 -40.69
N HIS E 16 -1.59 -32.22 -39.90
CA HIS E 16 -0.31 -32.75 -40.36
C HIS E 16 0.31 -33.47 -39.18
N ARG E 17 0.58 -34.77 -39.26
CA ARG E 17 1.36 -35.47 -38.24
C ARG E 17 2.82 -35.13 -38.45
N LEU E 18 3.52 -34.66 -37.39
CA LEU E 18 4.94 -34.32 -37.49
C LEU E 18 5.88 -35.53 -37.66
N GLU E 19 6.77 -35.43 -38.65
CA GLU E 19 7.84 -36.39 -38.90
C GLU E 19 8.74 -36.59 -37.67
N LYS E 20 9.23 -35.46 -37.14
CA LYS E 20 10.10 -35.42 -35.98
C LYS E 20 9.44 -34.48 -34.94
N PRO E 21 8.99 -35.05 -33.80
CA PRO E 21 8.33 -34.27 -32.76
C PRO E 21 9.33 -33.29 -32.10
N TYR E 22 8.81 -32.20 -31.59
CA TYR E 22 9.66 -31.29 -30.82
C TYR E 22 8.82 -30.74 -29.69
N GLY E 23 9.46 -29.96 -28.82
CA GLY E 23 8.78 -29.62 -27.66
C GLY E 23 9.33 -28.48 -26.85
N ASP E 24 8.57 -28.26 -25.79
CA ASP E 24 8.85 -27.29 -24.75
C ASP E 24 8.60 -27.88 -23.33
N ALA E 25 8.53 -27.02 -22.30
CA ALA E 25 8.33 -27.51 -20.93
C ALA E 25 6.99 -28.29 -20.82
N ASN E 26 5.99 -28.00 -21.69
CA ASN E 26 4.71 -28.77 -21.64
C ASN E 26 4.77 -30.16 -22.29
N GLY E 27 5.90 -30.44 -22.95
CA GLY E 27 6.16 -31.74 -23.57
C GLY E 27 6.21 -31.67 -25.09
N PHE E 28 6.20 -32.84 -25.73
CA PHE E 28 6.32 -32.95 -27.20
C PHE E 28 5.03 -32.77 -27.97
N LYS E 29 5.14 -31.95 -29.02
CA LYS E 29 4.15 -31.74 -30.02
C LYS E 29 4.35 -32.84 -31.07
N ARG E 30 3.26 -33.52 -31.40
CA ARG E 30 3.23 -34.68 -32.30
C ARG E 30 2.65 -34.36 -33.72
N TYR E 31 1.95 -33.22 -33.83
CA TYR E 31 1.28 -32.80 -35.02
C TYR E 31 0.96 -31.33 -34.96
N ARG E 32 0.69 -30.77 -36.12
CA ARG E 32 0.16 -29.42 -36.25
C ARG E 32 -1.19 -29.47 -36.93
N THR E 33 -1.95 -28.41 -36.72
CA THR E 33 -3.31 -28.28 -37.18
C THR E 33 -3.54 -26.84 -37.54
N CYS E 34 -4.70 -26.64 -38.15
CA CYS E 34 -5.17 -25.37 -38.66
C CYS E 34 -6.68 -25.55 -38.93
N TYR E 35 -7.46 -24.48 -38.71
CA TYR E 35 -8.82 -24.48 -39.13
C TYR E 35 -9.14 -23.20 -39.88
N LEU E 36 -9.32 -23.33 -41.19
CA LEU E 36 -9.62 -22.16 -42.06
C LEU E 36 -11.10 -22.02 -42.33
N ILE E 37 -11.59 -20.78 -42.39
CA ILE E 37 -12.94 -20.51 -42.79
C ILE E 37 -12.96 -19.53 -43.89
N ARG E 38 -13.96 -19.72 -44.73
CA ARG E 38 -14.21 -18.85 -45.87
C ARG E 38 -15.65 -18.41 -45.81
N ILE E 39 -15.86 -17.15 -45.50
CA ILE E 39 -17.21 -16.61 -45.36
C ILE E 39 -17.46 -15.91 -46.70
N ILE E 40 -18.60 -16.25 -47.36
CA ILE E 40 -18.97 -15.63 -48.65
C ILE E 40 -20.21 -14.78 -48.48
N THR E 41 -20.21 -13.60 -49.11
CA THR E 41 -21.40 -12.73 -49.01
C THR E 41 -22.28 -12.80 -50.28
N GLU E 42 -23.38 -12.04 -50.27
CA GLU E 42 -24.34 -11.98 -51.40
C GLU E 42 -23.69 -11.48 -52.66
N SER E 43 -23.01 -10.35 -52.58
CA SER E 43 -22.30 -9.79 -53.71
C SER E 43 -21.15 -10.66 -54.25
N GLY E 44 -20.85 -11.79 -53.61
CA GLY E 44 -19.70 -12.59 -54.02
C GLY E 44 -18.39 -12.23 -53.34
N ILE E 45 -18.39 -11.12 -52.58
CA ILE E 45 -17.21 -10.80 -51.73
C ILE E 45 -17.05 -11.86 -50.61
N ASP E 46 -15.86 -12.45 -50.56
CA ASP E 46 -15.51 -13.38 -49.49
C ASP E 46 -14.31 -12.89 -48.65
N GLY E 47 -14.15 -13.52 -47.50
CA GLY E 47 -12.93 -13.35 -46.74
C GLY E 47 -12.62 -14.64 -46.01
N TRP E 48 -11.35 -14.77 -45.66
CA TRP E 48 -10.82 -15.89 -44.91
C TRP E 48 -10.47 -15.47 -43.47
N GLY E 49 -10.72 -16.41 -42.56
CA GLY E 49 -10.23 -16.42 -41.19
C GLY E 49 -9.63 -17.78 -40.82
N GLU E 50 -8.89 -17.78 -39.71
CA GLU E 50 -8.12 -18.91 -39.20
C GLU E 50 -8.27 -18.98 -37.68
N CYS E 51 -8.55 -20.15 -37.12
CA CYS E 51 -8.45 -20.32 -35.66
C CYS E 51 -7.69 -21.62 -35.32
N VAL E 52 -7.25 -21.79 -34.05
CA VAL E 52 -6.64 -23.07 -33.67
C VAL E 52 -7.29 -23.63 -32.40
N ASP E 53 -7.61 -24.93 -32.39
CA ASP E 53 -8.13 -25.57 -31.19
C ASP E 53 -8.27 -27.04 -31.54
N TRP E 54 -8.42 -27.92 -30.54
CA TRP E 54 -8.77 -29.34 -30.78
C TRP E 54 -9.88 -29.51 -31.87
N LEU E 55 -9.54 -30.27 -32.93
CA LEU E 55 -10.28 -30.14 -34.17
C LEU E 55 -11.68 -30.71 -34.07
N PRO E 56 -11.82 -31.90 -33.47
CA PRO E 56 -13.16 -32.46 -33.35
C PRO E 56 -14.14 -31.54 -32.67
N ALA E 57 -13.72 -30.82 -31.65
CA ALA E 57 -14.65 -29.95 -30.95
C ALA E 57 -14.84 -28.66 -31.71
N LEU E 58 -13.82 -28.28 -32.45
CA LEU E 58 -13.83 -27.03 -33.17
C LEU E 58 -14.77 -27.16 -34.34
N HIS E 59 -14.61 -28.23 -35.09
CA HIS E 59 -15.53 -28.56 -36.20
C HIS E 59 -17.01 -28.58 -35.83
N VAL E 60 -17.35 -29.29 -34.76
CA VAL E 60 -18.73 -29.40 -34.36
C VAL E 60 -19.24 -28.02 -33.95
N GLY E 61 -18.35 -27.24 -33.34
CA GLY E 61 -18.66 -25.87 -32.94
C GLY E 61 -19.09 -25.01 -34.10
N PHE E 62 -18.32 -25.02 -35.17
CA PHE E 62 -18.65 -24.22 -36.35
C PHE E 62 -19.92 -24.70 -37.10
N THR E 63 -19.99 -25.99 -37.43
CA THR E 63 -21.06 -26.51 -38.27
C THR E 63 -22.39 -26.44 -37.57
N LYS E 64 -22.38 -26.76 -36.27
CA LYS E 64 -23.59 -26.87 -35.49
C LYS E 64 -24.08 -25.60 -34.77
N ARG E 65 -23.23 -24.59 -34.58
CA ARG E 65 -23.71 -23.38 -33.94
C ARG E 65 -23.30 -22.13 -34.67
N ILE E 66 -22.01 -21.96 -34.89
CA ILE E 66 -21.51 -20.69 -35.45
C ILE E 66 -22.02 -20.37 -36.86
N ILE E 67 -21.94 -21.32 -37.76
CA ILE E 67 -22.37 -21.08 -39.14
C ILE E 67 -23.91 -20.87 -39.24
N PRO E 68 -24.72 -21.72 -38.59
CA PRO E 68 -26.15 -21.40 -38.62
C PRO E 68 -26.50 -20.03 -38.01
N PHE E 69 -25.68 -19.57 -37.05
CA PHE E 69 -25.90 -18.25 -36.45
C PHE E 69 -25.61 -17.17 -37.50
N LEU E 70 -24.52 -17.36 -38.25
CA LEU E 70 -23.99 -16.33 -39.12
C LEU E 70 -24.79 -16.14 -40.42
N LEU E 71 -25.35 -17.24 -40.93
CA LEU E 71 -26.05 -17.19 -42.22
C LEU E 71 -27.20 -16.17 -42.13
N GLY E 72 -27.20 -15.26 -43.12
CA GLY E 72 -28.26 -14.28 -43.21
C GLY E 72 -27.95 -13.04 -42.40
N LYS E 73 -26.72 -12.97 -41.87
CA LYS E 73 -26.40 -11.84 -41.03
C LYS E 73 -25.68 -10.76 -41.78
N GLN E 74 -25.95 -9.55 -41.34
CA GLN E 74 -25.22 -8.35 -41.73
C GLN E 74 -23.68 -8.50 -41.70
N ALA E 75 -23.06 -8.76 -42.85
CA ALA E 75 -21.58 -8.84 -42.88
C ALA E 75 -20.84 -7.60 -42.39
N GLY E 76 -21.49 -6.45 -42.38
CA GLY E 76 -20.83 -5.21 -41.98
C GLY E 76 -20.89 -4.96 -40.47
N SER E 77 -21.59 -5.83 -39.75
CA SER E 77 -21.77 -5.67 -38.32
C SER E 77 -20.68 -6.45 -37.56
N ARG E 78 -19.43 -6.11 -37.83
CA ARG E 78 -18.33 -6.94 -37.40
C ARG E 78 -18.26 -6.93 -35.88
N LEU E 79 -18.25 -5.72 -35.32
CA LEU E 79 -18.10 -5.56 -33.86
C LEU E 79 -19.14 -6.40 -33.16
N SER E 80 -20.39 -6.11 -33.48
CA SER E 80 -21.54 -6.79 -32.90
C SER E 80 -21.56 -8.35 -33.02
N LEU E 81 -21.30 -8.85 -34.22
CA LEU E 81 -21.38 -10.30 -34.46
C LEU E 81 -20.22 -11.01 -33.75
N VAL E 82 -19.04 -10.35 -33.69
CA VAL E 82 -17.90 -10.94 -33.01
C VAL E 82 -18.16 -11.01 -31.52
N ARG E 83 -18.64 -9.91 -30.94
CA ARG E 83 -19.02 -9.87 -29.50
C ARG E 83 -19.96 -11.03 -29.10
N THR E 84 -20.97 -11.25 -29.91
CA THR E 84 -21.95 -12.34 -29.70
C THR E 84 -21.29 -13.74 -29.71
N ILE E 85 -20.52 -14.04 -30.74
CA ILE E 85 -19.81 -15.33 -30.86
C ILE E 85 -18.83 -15.61 -29.69
N GLN E 86 -18.11 -14.56 -29.24
CA GLN E 86 -17.14 -14.65 -28.14
C GLN E 86 -17.67 -15.37 -26.88
N LYS E 87 -18.92 -15.12 -26.54
CA LYS E 87 -19.62 -15.83 -25.47
C LYS E 87 -19.59 -17.35 -25.64
N TRP E 88 -20.08 -17.90 -26.75
CA TRP E 88 -20.12 -19.37 -26.93
C TRP E 88 -18.77 -20.01 -27.20
N HIS E 89 -17.88 -19.26 -27.86
CA HIS E 89 -16.65 -19.83 -28.46
C HIS E 89 -15.69 -18.71 -28.81
N GLN E 90 -14.77 -18.45 -27.88
CA GLN E 90 -13.80 -17.40 -28.08
C GLN E 90 -12.85 -17.62 -29.28
N ARG E 91 -12.28 -18.84 -29.36
CA ARG E 91 -11.41 -19.22 -30.49
C ARG E 91 -12.01 -18.88 -31.83
N ALA E 92 -13.32 -19.14 -31.98
CA ALA E 92 -14.00 -19.00 -33.29
C ALA E 92 -14.19 -17.54 -33.70
N ALA E 93 -14.42 -16.71 -32.69
CA ALA E 93 -14.73 -15.32 -32.83
C ALA E 93 -13.57 -14.71 -33.54
N SER E 94 -12.38 -15.20 -33.24
CA SER E 94 -11.23 -14.67 -33.90
C SER E 94 -11.28 -14.89 -35.41
N ALA E 95 -11.54 -16.14 -35.81
CA ALA E 95 -11.59 -16.54 -37.26
C ALA E 95 -12.60 -15.69 -37.98
N VAL E 96 -13.78 -15.54 -37.40
CA VAL E 96 -14.84 -14.75 -37.99
C VAL E 96 -14.44 -13.26 -38.12
N SER E 97 -13.84 -12.67 -37.06
CA SER E 97 -13.43 -11.25 -37.17
C SER E 97 -12.50 -11.05 -38.35
N MET E 98 -11.61 -12.01 -38.59
CA MET E 98 -10.64 -11.87 -39.70
C MET E 98 -11.35 -11.90 -41.07
N ALA E 99 -12.27 -12.87 -41.23
CA ALA E 99 -12.99 -13.06 -42.48
C ALA E 99 -13.79 -11.79 -42.77
N LEU E 100 -14.56 -11.33 -41.78
CA LEU E 100 -15.29 -10.07 -41.92
C LEU E 100 -14.40 -8.90 -42.19
N THR E 101 -13.17 -8.91 -41.69
CA THR E 101 -12.27 -7.79 -41.96
C THR E 101 -11.76 -7.83 -43.42
N GLU E 102 -11.42 -9.01 -43.93
CA GLU E 102 -11.08 -9.07 -45.37
C GLU E 102 -12.22 -8.51 -46.29
N ILE E 103 -13.45 -8.88 -45.94
CA ILE E 103 -14.67 -8.47 -46.64
C ILE E 103 -14.79 -6.96 -46.59
N ALA E 104 -14.66 -6.40 -45.38
CA ALA E 104 -14.69 -4.96 -45.19
C ALA E 104 -13.68 -4.27 -46.08
N ALA E 105 -12.43 -4.72 -46.06
CA ALA E 105 -11.38 -4.09 -46.89
C ALA E 105 -11.67 -4.16 -48.46
N LYS E 106 -11.99 -5.35 -48.95
CA LYS E 106 -12.34 -5.61 -50.38
C LYS E 106 -13.51 -4.69 -50.82
N ALA E 107 -14.58 -4.73 -50.05
CA ALA E 107 -15.72 -3.90 -50.31
C ALA E 107 -15.32 -2.44 -50.28
N ALA E 108 -14.31 -2.07 -49.47
CA ALA E 108 -13.87 -0.68 -49.39
C ALA E 108 -12.87 -0.35 -50.46
N ASP E 109 -12.47 -1.34 -51.22
CA ASP E 109 -11.42 -1.18 -52.22
C ASP E 109 -10.08 -0.62 -51.68
N CYS E 110 -9.63 -1.20 -50.57
CA CYS E 110 -8.39 -0.81 -49.91
C CYS E 110 -7.89 -2.06 -49.21
N SER E 111 -6.65 -1.96 -48.73
CA SER E 111 -6.03 -3.04 -47.97
C SER E 111 -6.47 -2.88 -46.52
N VAL E 112 -6.23 -3.92 -45.74
CA VAL E 112 -6.62 -3.99 -44.35
C VAL E 112 -5.96 -2.90 -43.54
N CYS E 113 -4.69 -2.63 -43.81
CA CYS E 113 -3.93 -1.58 -43.13
C CYS E 113 -4.56 -0.19 -43.31
N GLU E 114 -4.94 0.12 -44.54
CA GLU E 114 -5.64 1.34 -44.88
C GLU E 114 -7.06 1.44 -44.23
N LEU E 115 -7.82 0.34 -44.23
CA LEU E 115 -9.05 0.26 -43.48
C LEU E 115 -8.86 0.76 -42.02
N TRP E 116 -7.70 0.39 -41.44
CA TRP E 116 -7.35 0.75 -40.05
C TRP E 116 -6.72 2.12 -39.82
N GLY E 117 -6.60 2.94 -40.87
CA GLY E 117 -6.06 4.30 -40.79
C GLY E 117 -4.71 4.48 -41.44
N GLY E 118 -4.27 3.44 -42.14
CA GLY E 118 -3.01 3.47 -42.88
C GLY E 118 -1.85 3.03 -42.01
N ARG E 119 -0.83 2.46 -42.64
CA ARG E 119 0.28 1.97 -41.86
C ARG E 119 1.31 3.06 -41.51
N TYR E 120 2.18 2.70 -40.58
CA TYR E 120 3.27 3.53 -40.14
C TYR E 120 4.53 3.08 -40.84
N ARG E 121 4.62 1.80 -41.21
CA ARG E 121 5.84 1.27 -41.76
C ARG E 121 5.43 0.03 -42.57
N GLU E 122 6.32 -0.50 -43.39
CA GLU E 122 6.01 -1.70 -44.18
C GLU E 122 6.99 -2.86 -44.06
N GLU E 123 7.97 -2.71 -43.17
CA GLU E 123 8.89 -3.78 -42.81
C GLU E 123 8.75 -4.07 -41.28
N ILE E 124 8.60 -5.36 -40.92
CA ILE E 124 8.44 -5.69 -39.50
C ILE E 124 9.49 -6.67 -39.16
N PRO E 125 10.20 -6.45 -38.05
CA PRO E 125 11.18 -7.47 -37.65
C PRO E 125 10.52 -8.70 -37.00
N VAL E 126 11.16 -9.85 -37.16
CA VAL E 126 10.62 -11.06 -36.56
C VAL E 126 11.78 -11.79 -35.88
N TYR E 127 11.46 -12.69 -34.92
CA TYR E 127 12.47 -13.58 -34.36
C TYR E 127 12.14 -15.03 -34.68
N ALA E 128 13.17 -15.85 -34.89
CA ALA E 128 12.99 -17.25 -35.23
C ALA E 128 12.61 -17.95 -33.96
N SER E 129 11.49 -18.64 -33.92
CA SER E 129 11.03 -19.21 -32.65
C SER E 129 11.14 -20.70 -32.68
N PHE E 130 11.89 -21.30 -31.73
CA PHE E 130 12.15 -22.73 -31.77
C PHE E 130 11.44 -23.50 -30.64
N GLN E 131 11.13 -24.76 -30.95
CA GLN E 131 10.75 -25.75 -29.90
C GLN E 131 11.98 -26.64 -29.71
N SER E 132 12.79 -26.31 -28.70
CA SER E 132 14.18 -26.73 -28.68
C SER E 132 14.37 -28.13 -28.21
N TYR E 133 13.41 -28.68 -27.45
CA TYR E 133 13.54 -30.02 -26.95
C TYR E 133 13.04 -30.99 -28.01
N SER E 134 13.74 -32.10 -28.06
CA SER E 134 13.41 -33.19 -28.94
C SER E 134 13.75 -34.44 -28.17
N ASP E 135 13.31 -35.57 -28.69
CA ASP E 135 13.25 -36.77 -27.88
C ASP E 135 14.48 -37.61 -28.11
N SER E 136 15.57 -37.19 -27.49
CA SER E 136 16.90 -37.77 -27.74
C SER E 136 17.93 -37.19 -26.78
N PRO E 137 18.88 -38.04 -26.35
CA PRO E 137 20.04 -37.68 -25.53
C PRO E 137 20.90 -36.61 -26.21
N GLN E 138 20.81 -36.50 -27.54
CA GLN E 138 21.61 -35.56 -28.33
C GLN E 138 20.79 -34.31 -28.67
N TRP E 139 19.72 -34.03 -27.91
CA TRP E 139 18.83 -32.91 -28.24
C TRP E 139 19.53 -31.55 -28.29
N ILE E 140 20.57 -31.40 -27.49
CA ILE E 140 21.31 -30.11 -27.50
C ILE E 140 22.02 -29.91 -28.82
N SER E 141 22.81 -30.91 -29.28
CA SER E 141 23.48 -30.73 -30.60
C SER E 141 22.44 -30.57 -31.73
N ARG E 142 21.28 -31.24 -31.65
CA ARG E 142 20.21 -31.04 -32.66
C ARG E 142 19.68 -29.60 -32.65
N SER E 143 19.51 -29.08 -31.43
CA SER E 143 19.02 -27.73 -31.28
C SER E 143 20.01 -26.76 -31.89
N VAL E 144 21.28 -26.93 -31.53
CA VAL E 144 22.38 -26.09 -32.04
C VAL E 144 22.38 -26.03 -33.62
N SER E 145 22.13 -27.18 -34.27
CA SER E 145 22.05 -27.29 -35.76
C SER E 145 20.82 -26.63 -36.32
N ASN E 146 19.66 -26.82 -35.72
CA ASN E 146 18.47 -26.10 -36.12
C ASN E 146 18.72 -24.62 -36.12
N VAL E 147 19.33 -24.15 -35.04
CA VAL E 147 19.49 -22.73 -34.86
C VAL E 147 20.51 -22.20 -35.88
N GLU E 148 21.58 -22.96 -36.16
CA GLU E 148 22.62 -22.43 -37.07
C GLU E 148 21.94 -22.34 -38.43
N ALA E 149 21.05 -23.29 -38.74
CA ALA E 149 20.38 -23.32 -40.05
C ALA E 149 19.59 -22.07 -40.27
N GLN E 150 19.00 -21.49 -39.23
CA GLN E 150 18.19 -20.27 -39.41
C GLN E 150 19.03 -19.01 -39.34
N LEU E 151 20.13 -19.03 -38.57
CA LEU E 151 21.02 -17.91 -38.54
C LEU E 151 21.66 -17.69 -39.95
N LYS E 152 21.79 -18.76 -40.71
CA LYS E 152 22.33 -18.64 -42.07
C LYS E 152 21.30 -17.93 -42.97
N LYS E 153 20.06 -17.79 -42.50
CA LYS E 153 19.06 -17.05 -43.25
C LYS E 153 18.95 -15.63 -42.84
N GLY E 154 19.87 -15.20 -42.00
CA GLY E 154 19.96 -13.77 -41.59
C GLY E 154 18.97 -13.27 -40.52
N PHE E 155 18.37 -14.25 -39.84
CA PHE E 155 17.68 -14.03 -38.55
C PHE E 155 18.67 -13.55 -37.50
N GLU E 156 18.29 -12.52 -36.75
CA GLU E 156 19.21 -11.96 -35.78
C GLU E 156 18.68 -12.03 -34.34
N GLN E 157 17.53 -12.64 -34.12
CA GLN E 157 16.93 -12.85 -32.78
C GLN E 157 16.29 -14.23 -32.82
N ILE E 158 16.40 -15.00 -31.72
CA ILE E 158 15.80 -16.33 -31.68
C ILE E 158 15.08 -16.46 -30.35
N LYS E 159 14.09 -17.34 -30.26
CA LYS E 159 13.54 -17.72 -29.00
C LYS E 159 13.73 -19.18 -28.90
N VAL E 160 14.25 -19.61 -27.76
CA VAL E 160 14.47 -21.01 -27.47
C VAL E 160 13.83 -21.42 -26.09
N LYS E 161 13.69 -22.72 -25.83
CA LYS E 161 12.91 -23.20 -24.65
C LYS E 161 13.80 -23.56 -23.44
N ILE E 162 13.39 -23.15 -22.24
CA ILE E 162 14.01 -23.65 -21.01
C ILE E 162 12.88 -24.19 -20.08
N GLY E 163 13.25 -24.74 -18.90
CA GLY E 163 12.24 -25.10 -17.87
C GLY E 163 11.66 -26.49 -17.99
N GLY E 164 12.03 -27.25 -19.04
CA GLY E 164 11.58 -28.63 -19.26
C GLY E 164 12.48 -29.65 -18.63
N THR E 165 13.68 -29.22 -18.26
CA THR E 165 14.65 -30.10 -17.58
C THR E 165 15.43 -29.35 -16.48
N SER E 166 16.37 -30.00 -15.80
CA SER E 166 17.08 -29.29 -14.73
C SER E 166 17.79 -27.97 -15.15
N PHE E 167 17.94 -27.04 -14.20
CA PHE E 167 18.68 -25.80 -14.40
C PHE E 167 20.03 -26.08 -15.04
N LYS E 168 20.77 -27.01 -14.46
CA LYS E 168 22.13 -27.34 -14.95
C LYS E 168 22.12 -27.72 -16.44
N GLU E 169 21.12 -28.50 -16.85
CA GLU E 169 21.05 -29.06 -18.19
C GLU E 169 20.61 -27.97 -19.12
N ASP E 170 19.65 -27.15 -18.65
CA ASP E 170 19.26 -26.00 -19.49
C ASP E 170 20.36 -25.00 -19.73
N VAL E 171 21.13 -24.71 -18.70
CA VAL E 171 22.29 -23.80 -18.85
C VAL E 171 23.29 -24.37 -19.90
N ARG E 172 23.64 -25.66 -19.81
CA ARG E 172 24.50 -26.37 -20.80
C ARG E 172 24.07 -26.09 -22.27
N HIS E 173 22.76 -26.19 -22.51
CA HIS E 173 22.13 -25.90 -23.82
C HIS E 173 22.31 -24.45 -24.17
N ILE E 174 21.98 -23.50 -23.25
CA ILE E 174 22.07 -22.09 -23.64
C ILE E 174 23.54 -21.74 -23.90
N ASN E 175 24.43 -22.23 -23.07
CA ASN E 175 25.90 -22.06 -23.29
C ASN E 175 26.34 -22.53 -24.66
N ALA E 176 25.87 -23.69 -25.10
CA ALA E 176 26.26 -24.27 -26.39
C ALA E 176 25.77 -23.32 -27.47
N LEU E 177 24.58 -22.75 -27.32
CA LEU E 177 24.12 -21.66 -28.20
C LEU E 177 24.94 -20.43 -28.16
N GLN E 178 25.37 -19.98 -26.98
CA GLN E 178 26.32 -18.89 -26.97
C GLN E 178 27.62 -19.18 -27.74
N HIS E 179 28.10 -20.42 -27.75
CA HIS E 179 29.32 -20.80 -28.52
C HIS E 179 29.10 -20.85 -30.04
N THR E 180 27.84 -20.77 -30.49
CA THR E 180 27.51 -20.95 -31.88
C THR E 180 26.82 -19.73 -32.46
N ALA E 181 25.70 -19.31 -31.86
CA ALA E 181 25.06 -18.01 -32.22
C ALA E 181 25.93 -16.79 -31.90
N GLY E 182 26.58 -16.80 -30.73
CA GLY E 182 27.38 -15.67 -30.27
C GLY E 182 26.58 -14.45 -29.78
N SER E 183 27.30 -13.41 -29.42
CA SER E 183 26.73 -12.27 -28.72
C SER E 183 26.11 -11.23 -29.64
N SER E 184 26.22 -11.39 -30.95
CA SER E 184 25.54 -10.49 -31.87
C SER E 184 24.07 -10.92 -32.08
N ILE E 185 23.65 -12.09 -31.59
CA ILE E 185 22.28 -12.61 -31.81
C ILE E 185 21.47 -12.41 -30.50
N THR E 186 20.32 -11.76 -30.56
CA THR E 186 19.53 -11.57 -29.35
C THR E 186 18.79 -12.91 -29.13
N MET E 187 18.86 -13.45 -27.93
CA MET E 187 18.28 -14.73 -27.55
C MET E 187 17.17 -14.53 -26.49
N ILE E 188 15.98 -15.09 -26.74
CA ILE E 188 14.84 -15.05 -25.86
C ILE E 188 14.74 -16.42 -25.23
N LEU E 189 14.67 -16.44 -23.89
CA LEU E 189 14.51 -17.71 -23.19
C LEU E 189 13.03 -17.83 -22.77
N ASP E 190 12.38 -18.92 -23.15
CA ASP E 190 10.99 -19.12 -22.85
C ASP E 190 10.83 -20.32 -21.91
N ALA E 191 10.27 -20.06 -20.72
CA ALA E 191 10.14 -21.07 -19.62
C ALA E 191 8.76 -21.75 -19.59
N ASN E 192 7.81 -21.16 -20.33
CA ASN E 192 6.46 -21.74 -20.42
C ASN E 192 5.88 -22.06 -19.04
N GLN E 193 5.97 -21.06 -18.16
CA GLN E 193 5.41 -21.13 -16.79
C GLN E 193 5.93 -22.28 -15.94
N SER E 194 7.18 -22.74 -16.19
CA SER E 194 7.70 -23.90 -15.48
C SER E 194 8.09 -23.54 -14.06
N TYR E 195 8.44 -22.29 -13.84
CA TYR E 195 9.08 -21.88 -12.58
C TYR E 195 8.20 -21.20 -11.52
N ASP E 196 8.76 -21.09 -10.30
CA ASP E 196 8.38 -20.04 -9.37
C ASP E 196 9.54 -19.01 -9.34
N ALA E 197 9.36 -17.92 -8.61
CA ALA E 197 10.37 -16.86 -8.49
C ALA E 197 11.83 -17.28 -8.17
N ALA E 198 12.03 -18.10 -7.13
CA ALA E 198 13.35 -18.55 -6.78
C ALA E 198 14.01 -19.37 -7.89
N ALA E 199 13.25 -20.26 -8.51
CA ALA E 199 13.77 -21.02 -9.61
C ALA E 199 14.19 -20.11 -10.83
N ALA E 200 13.37 -19.12 -11.15
CA ALA E 200 13.65 -18.26 -12.28
C ALA E 200 14.87 -17.38 -11.96
N PHE E 201 15.01 -17.00 -10.68
CA PHE E 201 16.09 -16.13 -10.24
C PHE E 201 17.48 -16.81 -10.38
N LYS E 202 17.54 -18.12 -10.34
CA LYS E 202 18.80 -18.82 -10.56
C LYS E 202 19.50 -18.33 -11.87
N TRP E 203 18.70 -17.83 -12.81
CA TRP E 203 19.24 -17.48 -14.13
C TRP E 203 20.02 -16.15 -14.01
N GLU E 204 19.79 -15.41 -12.91
CA GLU E 204 20.25 -14.03 -12.81
C GLU E 204 21.75 -13.95 -12.78
N ARG E 205 22.41 -14.94 -12.23
CA ARG E 205 23.86 -14.98 -12.25
C ARG E 205 24.37 -14.99 -13.70
N TYR E 206 23.62 -15.63 -14.62
CA TYR E 206 23.91 -15.56 -16.08
C TYR E 206 23.44 -14.21 -16.74
N PHE E 207 22.23 -13.76 -16.46
CA PHE E 207 21.71 -12.51 -17.01
C PHE E 207 22.69 -11.40 -16.68
N SER E 208 23.34 -11.53 -15.53
CA SER E 208 24.30 -10.55 -15.07
C SER E 208 25.55 -10.42 -15.91
N GLU E 209 25.79 -11.41 -16.77
CA GLU E 209 27.04 -11.52 -17.50
C GLU E 209 26.80 -11.37 -19.00
N TRP E 210 25.86 -12.18 -19.50
CA TRP E 210 25.36 -12.19 -20.87
C TRP E 210 24.86 -10.86 -21.27
N THR E 211 25.18 -10.48 -22.49
CA THR E 211 24.80 -9.17 -22.94
C THR E 211 23.69 -9.30 -23.99
N ASN E 212 23.30 -10.53 -24.37
CA ASN E 212 22.40 -10.72 -25.52
C ASN E 212 21.04 -11.39 -25.24
N ILE E 213 20.53 -11.27 -24.01
CA ILE E 213 19.26 -11.87 -23.62
C ILE E 213 18.13 -10.90 -23.91
N GLY E 214 17.24 -11.25 -24.82
CA GLY E 214 16.20 -10.28 -25.15
C GLY E 214 15.13 -10.09 -24.09
N TRP E 215 14.63 -11.20 -23.62
CA TRP E 215 13.76 -11.27 -22.47
C TRP E 215 13.60 -12.68 -21.95
N LEU E 216 12.98 -12.76 -20.76
CA LEU E 216 12.67 -14.00 -20.10
C LEU E 216 11.19 -14.07 -20.23
N GLU E 217 10.72 -15.10 -20.94
CA GLU E 217 9.34 -15.20 -21.27
C GLU E 217 8.56 -16.15 -20.38
N GLU E 218 7.42 -15.65 -19.90
CA GLU E 218 6.56 -16.46 -18.97
C GLU E 218 7.29 -17.35 -17.96
N PRO E 219 8.12 -16.79 -17.10
CA PRO E 219 8.77 -17.66 -16.16
C PRO E 219 7.79 -18.36 -15.22
N LEU E 220 6.68 -17.69 -14.85
CA LEU E 220 5.77 -18.16 -13.80
C LEU E 220 4.34 -18.29 -14.35
N PRO E 221 3.51 -19.08 -13.65
CA PRO E 221 2.06 -19.04 -13.82
C PRO E 221 1.55 -17.64 -13.48
N PHE E 222 0.38 -17.31 -14.00
CA PHE E 222 -0.23 -15.97 -13.86
C PHE E 222 -1.28 -15.78 -12.76
N ASP E 223 -1.47 -16.81 -11.93
CA ASP E 223 -2.51 -16.78 -10.90
C ASP E 223 -2.27 -15.70 -9.86
N GLN E 224 -0.99 -15.36 -9.63
CA GLN E 224 -0.54 -14.37 -8.65
C GLN E 224 0.28 -13.22 -9.32
N PRO E 225 -0.38 -12.21 -9.87
CA PRO E 225 0.42 -11.15 -10.54
C PRO E 225 1.50 -10.49 -9.65
N GLN E 226 1.25 -10.40 -8.35
CA GLN E 226 2.28 -9.82 -7.47
C GLN E 226 3.61 -10.57 -7.54
N ASP E 227 3.60 -11.87 -7.79
CA ASP E 227 4.89 -12.54 -7.88
C ASP E 227 5.63 -12.14 -9.16
N TYR E 228 4.90 -11.80 -10.24
CA TYR E 228 5.54 -11.20 -11.43
C TYR E 228 6.19 -9.86 -11.08
N ALA E 229 5.45 -8.98 -10.41
CA ALA E 229 6.01 -7.69 -10.10
C ALA E 229 7.25 -7.82 -9.24
N MET E 230 7.27 -8.82 -8.38
CA MET E 230 8.43 -9.02 -7.49
C MET E 230 9.65 -9.58 -8.25
N LEU E 231 9.42 -10.60 -9.06
CA LEU E 231 10.52 -11.20 -9.80
C LEU E 231 11.08 -10.17 -10.78
N ARG E 232 10.17 -9.43 -11.39
CA ARG E 232 10.61 -8.41 -12.37
C ARG E 232 11.62 -7.39 -11.82
N SER E 233 11.37 -6.96 -10.57
CA SER E 233 12.24 -5.97 -9.91
C SER E 233 13.56 -6.61 -9.52
N ARG E 234 13.67 -7.95 -9.60
CA ARG E 234 14.92 -8.61 -9.23
C ARG E 234 15.87 -9.02 -10.34
N LEU E 235 15.41 -8.96 -11.59
CA LEU E 235 16.09 -9.54 -12.72
C LEU E 235 16.67 -8.44 -13.55
N SER E 236 17.75 -8.80 -14.19
CA SER E 236 18.51 -8.00 -15.11
C SER E 236 17.98 -7.94 -16.53
N VAL E 237 16.97 -8.73 -16.83
CA VAL E 237 16.45 -8.68 -18.18
C VAL E 237 14.95 -8.51 -18.05
N PRO E 238 14.33 -7.94 -19.07
CA PRO E 238 12.89 -7.76 -19.14
C PRO E 238 12.10 -9.03 -19.13
N VAL E 239 10.85 -8.90 -18.71
CA VAL E 239 10.00 -10.09 -18.57
C VAL E 239 8.82 -9.91 -19.51
N ALA E 240 8.53 -10.94 -20.32
CA ALA E 240 7.40 -10.89 -21.23
C ALA E 240 6.38 -11.93 -20.86
N GLY E 241 5.12 -11.62 -21.15
CA GLY E 241 4.12 -12.71 -21.22
C GLY E 241 2.67 -12.37 -21.62
N GLY E 242 1.81 -13.35 -21.37
CA GLY E 242 0.39 -13.23 -21.53
C GLY E 242 -0.19 -13.81 -22.80
N GLU E 243 0.45 -14.85 -23.36
CA GLU E 243 -0.04 -15.44 -24.62
C GLU E 243 -1.43 -16.01 -24.50
N ASN E 244 -1.83 -16.41 -23.29
CA ASN E 244 -3.16 -16.95 -23.11
C ASN E 244 -4.21 -15.95 -22.69
N MET E 245 -3.87 -14.65 -22.65
CA MET E 245 -4.82 -13.67 -22.14
C MET E 245 -5.88 -13.51 -23.22
N LYS E 246 -7.15 -13.46 -22.82
CA LYS E 246 -8.28 -13.56 -23.74
C LYS E 246 -8.62 -12.19 -24.29
N GLY E 247 -8.00 -11.13 -23.76
CA GLY E 247 -8.11 -9.78 -24.32
C GLY E 247 -7.66 -8.67 -23.38
N PRO E 248 -7.84 -7.41 -23.81
CA PRO E 248 -7.34 -6.24 -23.06
C PRO E 248 -7.84 -6.18 -21.59
N ALA E 249 -9.07 -6.57 -21.28
CA ALA E 249 -9.54 -6.56 -19.86
C ALA E 249 -8.68 -7.40 -18.88
N GLN E 250 -8.04 -8.45 -19.41
CA GLN E 250 -7.13 -9.27 -18.59
C GLN E 250 -5.73 -8.71 -18.49
N TYR E 251 -5.30 -7.92 -19.48
CA TYR E 251 -3.99 -7.28 -19.35
C TYR E 251 -4.06 -6.12 -18.38
N VAL E 252 -5.23 -5.50 -18.25
CA VAL E 252 -5.32 -4.20 -17.62
C VAL E 252 -4.73 -4.39 -16.18
N PRO E 253 -5.23 -5.37 -15.43
CA PRO E 253 -4.69 -5.57 -14.06
C PRO E 253 -3.20 -5.96 -14.03
N LEU E 254 -2.68 -6.61 -15.09
CA LEU E 254 -1.22 -6.92 -15.09
C LEU E 254 -0.40 -5.66 -15.30
N LEU E 255 -0.84 -4.80 -16.21
CA LEU E 255 -0.18 -3.52 -16.47
C LEU E 255 -0.27 -2.59 -15.24
N SER E 256 -1.43 -2.40 -14.63
CA SER E 256 -1.54 -1.56 -13.40
C SER E 256 -0.59 -2.02 -12.30
N GLN E 257 -0.31 -3.32 -12.22
CA GLN E 257 0.49 -3.88 -11.12
C GLN E 257 1.98 -4.01 -11.48
N ARG E 258 2.31 -3.61 -12.71
CA ARG E 258 3.70 -3.56 -13.21
C ARG E 258 4.31 -4.96 -13.25
N CYS E 259 3.54 -5.89 -13.78
CA CYS E 259 3.92 -7.27 -13.81
C CYS E 259 4.91 -7.64 -14.97
N LEU E 260 4.86 -6.90 -16.07
CA LEU E 260 5.46 -7.28 -17.39
C LEU E 260 6.13 -6.09 -18.08
N ASP E 261 7.31 -6.30 -18.65
CA ASP E 261 7.88 -5.31 -19.59
C ASP E 261 7.27 -5.37 -20.99
N ILE E 262 6.79 -6.55 -21.36
CA ILE E 262 6.31 -6.77 -22.71
C ILE E 262 5.08 -7.68 -22.65
N ILE E 263 3.95 -7.28 -23.25
CA ILE E 263 2.83 -8.21 -23.47
C ILE E 263 2.88 -9.01 -24.80
N GLN E 264 2.30 -10.22 -24.80
CA GLN E 264 2.43 -11.02 -26.00
C GLN E 264 1.04 -11.53 -26.42
N PRO E 265 0.14 -10.61 -26.85
CA PRO E 265 -1.17 -11.14 -27.23
C PRO E 265 -1.10 -12.05 -28.49
N ASP E 266 -2.03 -12.99 -28.60
CA ASP E 266 -2.09 -13.83 -29.80
C ASP E 266 -3.47 -13.57 -30.46
N VAL E 267 -3.44 -13.19 -31.73
CA VAL E 267 -4.68 -13.04 -32.53
C VAL E 267 -5.61 -14.23 -32.31
N MET E 268 -5.10 -15.45 -32.34
CA MET E 268 -6.00 -16.57 -32.21
C MET E 268 -6.49 -16.85 -30.79
N HIS E 269 -5.90 -16.15 -29.81
CA HIS E 269 -6.30 -16.32 -28.38
C HIS E 269 -7.17 -15.20 -27.86
N VAL E 270 -7.05 -14.04 -28.45
CA VAL E 270 -7.90 -12.90 -28.02
C VAL E 270 -9.24 -12.94 -28.76
N ASN E 271 -10.16 -12.11 -28.30
CA ASN E 271 -11.50 -12.11 -28.84
C ASN E 271 -11.61 -11.40 -30.19
N GLY E 272 -10.85 -11.81 -31.19
CA GLY E 272 -10.94 -11.09 -32.46
C GLY E 272 -9.88 -10.05 -32.76
N ILE E 273 -9.79 -9.70 -34.04
CA ILE E 273 -8.69 -8.85 -34.49
C ILE E 273 -8.78 -7.39 -33.92
N ASP E 274 -9.99 -6.84 -33.84
CA ASP E 274 -10.12 -5.49 -33.28
C ASP E 274 -9.65 -5.45 -31.81
N GLU E 275 -10.04 -6.48 -31.04
CA GLU E 275 -9.63 -6.63 -29.65
C GLU E 275 -8.11 -6.85 -29.53
N PHE E 276 -7.52 -7.56 -30.51
CA PHE E 276 -6.08 -7.75 -30.57
C PHE E 276 -5.36 -6.44 -30.77
N ARG E 277 -5.83 -5.57 -31.69
CA ARG E 277 -5.25 -4.26 -31.87
C ARG E 277 -5.36 -3.38 -30.58
N ASP E 278 -6.45 -3.58 -29.83
CA ASP E 278 -6.68 -2.85 -28.52
C ASP E 278 -5.68 -3.29 -27.48
N CYS E 279 -5.37 -4.60 -27.46
CA CYS E 279 -4.21 -5.04 -26.62
C CYS E 279 -2.91 -4.28 -26.94
N LEU E 280 -2.55 -4.17 -28.22
CA LEU E 280 -1.33 -3.47 -28.61
C LEU E 280 -1.32 -2.00 -28.19
N GLN E 281 -2.41 -1.27 -28.46
CA GLN E 281 -2.52 0.17 -28.10
C GLN E 281 -2.57 0.34 -26.57
N LEU E 282 -3.22 -0.60 -25.87
CA LEU E 282 -3.23 -0.60 -24.34
C LEU E 282 -1.79 -0.61 -23.79
N ALA E 283 -0.95 -1.42 -24.42
CA ALA E 283 0.42 -1.52 -24.02
C ALA E 283 1.08 -0.14 -24.28
N ARG E 284 0.86 0.39 -25.48
CA ARG E 284 1.29 1.77 -25.77
C ARG E 284 0.85 2.76 -24.69
N TYR E 285 -0.43 2.81 -24.40
CA TYR E 285 -0.90 3.75 -23.31
C TYR E 285 -0.38 3.51 -21.88
N PHE E 286 -0.10 2.27 -21.52
CA PHE E 286 0.66 1.97 -20.30
C PHE E 286 2.17 2.22 -20.39
N GLY E 287 2.71 2.46 -21.56
CA GLY E 287 4.15 2.53 -21.67
C GLY E 287 4.89 1.19 -21.65
N VAL E 288 4.25 0.08 -22.01
CA VAL E 288 4.94 -1.22 -22.07
C VAL E 288 4.91 -1.68 -23.52
N ARG E 289 5.85 -2.52 -23.90
CA ARG E 289 5.96 -3.04 -25.30
C ARG E 289 5.00 -4.17 -25.58
N ALA E 290 4.83 -4.51 -26.83
CA ALA E 290 3.90 -5.56 -27.21
C ALA E 290 4.55 -6.32 -28.39
N SER E 291 4.73 -7.62 -28.19
CA SER E 291 5.33 -8.53 -29.21
C SER E 291 4.35 -9.69 -29.39
N ALA E 292 3.62 -9.65 -30.49
CA ALA E 292 2.60 -10.65 -30.78
C ALA E 292 3.18 -12.05 -30.77
N HIS E 293 2.36 -12.93 -30.25
CA HIS E 293 2.69 -14.31 -30.09
C HIS E 293 2.02 -15.02 -31.23
N ALA E 294 2.69 -16.03 -31.78
CA ALA E 294 2.18 -16.67 -32.94
C ALA E 294 2.88 -17.98 -33.20
N TYR E 295 2.95 -18.87 -32.22
CA TYR E 295 3.46 -20.20 -32.47
C TYR E 295 2.68 -20.88 -33.62
N ASP E 296 1.35 -20.89 -33.53
CA ASP E 296 0.51 -21.31 -34.61
C ASP E 296 0.12 -20.08 -35.38
N GLY E 297 -0.49 -20.25 -36.54
CA GLY E 297 -0.94 -19.08 -37.29
C GLY E 297 -0.08 -18.75 -38.51
N SER E 298 -0.75 -18.36 -39.57
CA SER E 298 -0.15 -18.08 -40.86
C SER E 298 -0.93 -16.92 -41.50
N LEU E 299 -2.22 -17.14 -41.66
CA LEU E 299 -3.13 -16.07 -42.05
C LEU E 299 -3.34 -15.13 -40.83
N SER E 300 -3.49 -15.70 -39.64
CA SER E 300 -3.59 -14.92 -38.41
C SER E 300 -2.28 -14.14 -38.14
N ARG E 301 -1.12 -14.74 -38.40
CA ARG E 301 0.17 -14.12 -38.29
C ARG E 301 0.27 -12.90 -39.17
N LEU E 302 -0.27 -13.04 -40.39
CA LEU E 302 -0.34 -11.92 -41.33
C LEU E 302 -1.14 -10.74 -40.76
N TYR E 303 -2.25 -11.05 -40.11
CA TYR E 303 -3.02 -10.02 -39.41
C TYR E 303 -2.23 -9.38 -38.27
N ALA E 304 -1.49 -10.18 -37.52
CA ALA E 304 -0.50 -9.65 -36.53
C ALA E 304 0.50 -8.69 -37.16
N LEU E 305 1.05 -9.05 -38.34
CA LEU E 305 1.96 -8.19 -39.09
C LEU E 305 1.32 -6.86 -39.51
N PHE E 306 0.11 -6.94 -40.06
CA PHE E 306 -0.68 -5.76 -40.37
C PHE E 306 -0.83 -4.86 -39.14
N ALA E 307 -1.29 -5.43 -38.03
CA ALA E 307 -1.45 -4.66 -36.77
C ALA E 307 -0.17 -3.94 -36.30
N GLN E 308 0.97 -4.61 -36.45
CA GLN E 308 2.24 -4.12 -35.98
C GLN E 308 2.63 -2.96 -36.90
N ALA E 309 2.28 -3.05 -38.17
CA ALA E 309 2.62 -1.98 -39.15
C ALA E 309 1.76 -0.73 -38.91
N CYS E 310 0.58 -0.94 -38.35
CA CYS E 310 -0.26 0.18 -37.92
C CYS E 310 -0.05 0.67 -36.46
N LEU E 311 0.97 0.12 -35.77
CA LEU E 311 1.26 0.51 -34.39
C LEU E 311 2.28 1.65 -34.34
N PRO E 312 2.05 2.61 -33.44
CA PRO E 312 3.05 3.66 -33.35
C PRO E 312 4.38 3.16 -32.72
N PRO E 313 5.51 3.93 -32.93
CA PRO E 313 6.85 3.58 -32.39
C PRO E 313 6.79 3.51 -30.88
N TRP E 314 7.59 2.63 -30.25
CA TRP E 314 7.50 2.53 -28.74
C TRP E 314 8.56 3.38 -28.07
N SER E 315 9.60 3.74 -28.83
CA SER E 315 10.70 4.58 -28.36
C SER E 315 10.95 5.67 -29.41
N LYS E 316 11.83 6.60 -29.05
CA LYS E 316 12.38 7.56 -29.98
C LYS E 316 13.72 7.12 -30.60
N MET E 317 14.08 5.85 -30.49
CA MET E 317 15.33 5.38 -31.09
C MET E 317 15.09 5.16 -32.57
N LYS E 318 15.87 5.88 -33.36
CA LYS E 318 15.61 5.90 -34.82
C LYS E 318 15.69 4.47 -35.44
N ASN E 319 16.55 3.61 -34.90
CA ASN E 319 16.54 2.25 -35.43
C ASN E 319 16.22 1.14 -34.42
N ASP E 320 15.49 1.50 -33.36
CA ASP E 320 14.95 0.50 -32.42
C ASP E 320 13.66 1.00 -31.75
N HIS E 321 12.56 0.95 -32.46
CA HIS E 321 11.34 1.60 -32.04
C HIS E 321 10.11 0.78 -32.43
N ILE E 322 10.29 -0.44 -32.92
CA ILE E 322 9.14 -1.32 -33.16
C ILE E 322 9.54 -2.73 -32.74
N GLU E 323 8.65 -3.37 -32.00
CA GLU E 323 8.86 -4.73 -31.49
C GLU E 323 8.77 -5.75 -32.61
N PRO E 324 9.51 -6.86 -32.49
CA PRO E 324 9.40 -7.95 -33.42
C PRO E 324 8.22 -8.85 -33.04
N ILE E 325 7.89 -9.72 -33.96
CA ILE E 325 6.77 -10.64 -33.87
C ILE E 325 7.39 -12.03 -33.96
N GLU E 326 6.75 -13.04 -33.36
CA GLU E 326 7.23 -14.40 -33.38
C GLU E 326 7.13 -15.09 -34.75
N TRP E 327 8.23 -15.69 -35.22
CA TRP E 327 8.27 -16.49 -36.44
C TRP E 327 8.64 -17.94 -36.15
N ASP E 328 7.62 -18.80 -36.05
CA ASP E 328 7.80 -20.20 -35.85
C ASP E 328 8.65 -20.75 -37.03
N VAL E 329 9.81 -21.33 -36.70
CA VAL E 329 10.67 -21.94 -37.71
C VAL E 329 10.79 -23.46 -37.63
N MET E 330 9.92 -24.11 -36.86
CA MET E 330 9.86 -25.55 -36.78
C MET E 330 9.00 -26.16 -37.94
N GLU E 331 9.24 -27.43 -38.30
CA GLU E 331 8.39 -28.15 -39.26
C GLU E 331 6.91 -27.83 -39.08
N ASN E 332 6.34 -27.18 -40.09
CA ASN E 332 4.93 -26.91 -40.13
C ASN E 332 4.58 -26.50 -41.56
N PRO E 333 3.81 -27.33 -42.27
CA PRO E 333 3.57 -26.98 -43.69
C PRO E 333 2.57 -25.82 -43.83
N PHE E 334 1.85 -25.52 -42.76
CA PHE E 334 0.92 -24.39 -42.72
C PHE E 334 1.55 -22.99 -42.75
N THR E 335 2.86 -22.90 -42.57
CA THR E 335 3.57 -21.66 -42.73
C THR E 335 3.39 -21.08 -44.12
N ASP E 336 3.11 -21.95 -45.10
CA ASP E 336 2.93 -21.56 -46.51
C ASP E 336 1.48 -21.39 -46.99
N LEU E 337 0.50 -21.42 -46.08
CA LEU E 337 -0.89 -21.12 -46.49
C LEU E 337 -0.94 -19.73 -47.08
N VAL E 338 -0.02 -18.89 -46.68
CA VAL E 338 0.05 -17.51 -47.11
C VAL E 338 1.52 -17.38 -47.57
N SER E 339 1.75 -16.83 -48.75
CA SER E 339 3.11 -16.89 -49.26
C SER E 339 3.91 -15.66 -48.82
N LEU E 340 4.53 -15.77 -47.67
CA LEU E 340 5.16 -14.63 -47.01
C LEU E 340 6.09 -15.19 -45.98
N GLN E 341 7.36 -14.91 -46.21
CA GLN E 341 8.45 -15.26 -45.34
C GLN E 341 9.32 -14.04 -45.20
N PRO E 342 10.08 -13.97 -44.07
CA PRO E 342 11.07 -12.89 -43.91
C PRO E 342 12.28 -13.09 -44.82
N SER E 343 12.99 -12.00 -45.10
CA SER E 343 14.36 -12.09 -45.58
C SER E 343 15.22 -11.33 -44.59
N LYS E 344 16.31 -11.95 -44.17
CA LYS E 344 17.19 -11.41 -43.13
C LYS E 344 16.45 -10.81 -41.91
N GLY E 345 15.41 -11.53 -41.45
CA GLY E 345 14.70 -11.19 -40.19
C GLY E 345 13.67 -10.09 -40.33
N MET E 346 13.34 -9.71 -41.57
CA MET E 346 12.31 -8.71 -41.78
C MET E 346 11.26 -9.23 -42.75
N VAL E 347 10.00 -8.94 -42.43
CA VAL E 347 8.88 -9.29 -43.28
C VAL E 347 8.43 -8.00 -43.92
N HIS E 348 8.37 -8.04 -45.24
CA HIS E 348 7.85 -6.95 -46.03
C HIS E 348 6.38 -7.19 -46.22
N ILE E 349 5.60 -6.30 -45.63
CA ILE E 349 4.15 -6.34 -45.62
C ILE E 349 3.58 -6.20 -47.05
N PRO E 350 2.64 -7.11 -47.43
CA PRO E 350 1.84 -6.86 -48.69
C PRO E 350 0.96 -5.60 -48.66
N LYS E 351 1.03 -4.79 -49.71
CA LYS E 351 0.35 -3.49 -49.74
C LYS E 351 -0.95 -3.49 -50.57
N GLY E 352 -1.29 -4.65 -51.13
CA GLY E 352 -2.46 -4.78 -51.99
C GLY E 352 -3.79 -4.70 -51.28
N LYS E 353 -4.85 -4.58 -52.08
CA LYS E 353 -6.25 -4.57 -51.61
C LYS E 353 -6.58 -5.86 -50.91
N GLY E 354 -7.51 -5.76 -49.94
CA GLY E 354 -7.75 -6.84 -48.99
C GLY E 354 -6.50 -7.21 -48.20
N ILE E 355 -6.22 -8.51 -48.07
CA ILE E 355 -4.99 -8.96 -47.45
C ILE E 355 -3.80 -8.99 -48.39
N GLY E 356 -4.00 -8.63 -49.65
CA GLY E 356 -2.88 -8.36 -50.58
C GLY E 356 -2.13 -9.62 -50.98
N THR E 357 -2.76 -10.76 -50.85
CA THR E 357 -2.14 -12.04 -51.16
C THR E 357 -3.24 -13.10 -51.18
N GLU E 358 -2.93 -14.33 -51.61
CA GLU E 358 -3.99 -15.33 -51.59
C GLU E 358 -3.60 -16.57 -50.79
N ILE E 359 -4.63 -17.26 -50.29
CA ILE E 359 -4.45 -18.55 -49.68
C ILE E 359 -3.98 -19.59 -50.71
N ASN E 360 -2.86 -20.24 -50.39
CA ASN E 360 -2.38 -21.40 -51.15
C ASN E 360 -3.30 -22.60 -50.99
N MET E 361 -4.23 -22.76 -51.93
CA MET E 361 -5.20 -23.92 -51.97
C MET E 361 -4.57 -25.29 -52.14
N GLU E 362 -3.36 -25.36 -52.67
CA GLU E 362 -2.65 -26.62 -52.68
C GLU E 362 -2.49 -27.21 -51.28
N ILE E 363 -1.94 -26.39 -50.36
CA ILE E 363 -1.80 -26.79 -48.96
C ILE E 363 -3.18 -27.17 -48.36
N VAL E 364 -4.18 -26.32 -48.61
CA VAL E 364 -5.51 -26.57 -48.11
C VAL E 364 -6.03 -27.97 -48.50
N ASN E 365 -5.90 -28.34 -49.78
CA ASN E 365 -6.44 -29.64 -50.21
C ASN E 365 -5.52 -30.76 -49.81
N ARG E 366 -4.20 -30.53 -49.86
CA ARG E 366 -3.21 -31.53 -49.42
C ARG E 366 -3.33 -31.95 -47.92
N TYR E 367 -3.68 -30.99 -47.08
CA TYR E 367 -3.74 -31.26 -45.63
C TYR E 367 -5.12 -31.44 -45.05
N LYS E 368 -6.15 -31.54 -45.92
CA LYS E 368 -7.51 -31.89 -45.47
C LYS E 368 -7.45 -32.88 -44.32
N TRP E 369 -8.16 -32.55 -43.24
CA TRP E 369 -8.31 -33.44 -42.08
C TRP E 369 -9.29 -34.59 -42.35
N ASP E 370 -8.92 -35.84 -42.06
CA ASP E 370 -9.83 -36.99 -42.31
C ASP E 370 -10.95 -37.21 -41.29
N GLY E 371 -11.15 -36.26 -40.36
CA GLY E 371 -12.25 -36.37 -39.42
C GLY E 371 -11.96 -37.19 -38.17
N SER E 372 -10.85 -37.94 -38.18
CA SER E 372 -10.52 -38.76 -37.02
C SER E 372 -9.44 -38.12 -36.16
N ALA E 373 -9.52 -38.38 -34.86
CA ALA E 373 -8.62 -37.78 -33.88
C ALA E 373 -7.38 -38.65 -33.68
N TYR E 374 -6.19 -38.05 -33.87
CA TYR E 374 -4.92 -38.52 -33.27
C TYR E 374 -5.20 -38.79 -31.78
N GLU E 375 -4.42 -39.62 -31.10
CA GLU E 375 -4.55 -39.76 -29.62
C GLU E 375 -6.01 -39.96 -29.08
N LEU F 3 -4.19 5.81 -52.77
CA LEU F 3 -3.01 6.68 -52.97
C LEU F 3 -3.34 8.19 -53.11
N VAL F 4 -4.63 8.54 -53.11
CA VAL F 4 -5.10 9.94 -53.36
C VAL F 4 -4.59 11.02 -52.37
N LYS F 5 -3.83 11.99 -52.91
CA LYS F 5 -3.19 13.04 -52.14
C LYS F 5 -4.13 14.20 -51.83
N ILE F 6 -3.77 14.98 -50.81
CA ILE F 6 -4.43 16.23 -50.45
C ILE F 6 -3.87 17.39 -51.28
N VAL F 7 -4.79 18.13 -51.89
CA VAL F 7 -4.44 19.22 -52.78
C VAL F 7 -4.93 20.57 -52.26
N ARG F 8 -5.90 20.54 -51.34
CA ARG F 8 -6.46 21.80 -50.87
C ARG F 8 -7.21 21.72 -49.52
N ILE F 9 -7.02 22.77 -48.70
CA ILE F 9 -7.69 22.89 -47.42
C ILE F 9 -8.26 24.30 -47.25
N GLU F 10 -9.54 24.34 -46.94
CA GLU F 10 -10.27 25.55 -46.64
C GLU F 10 -10.51 25.58 -45.14
N THR F 11 -10.43 26.75 -44.51
CA THR F 11 -10.79 26.87 -43.08
C THR F 11 -11.83 27.95 -42.83
N PHE F 12 -12.72 27.68 -41.89
CA PHE F 12 -13.81 28.58 -41.58
C PHE F 12 -13.82 28.91 -40.07
N PRO F 13 -13.01 29.91 -39.64
CA PRO F 13 -13.21 30.47 -38.30
C PRO F 13 -14.60 31.15 -38.12
N LEU F 14 -15.33 30.77 -37.09
CA LEU F 14 -16.66 31.32 -36.78
C LEU F 14 -16.75 31.95 -35.40
N PHE F 15 -17.70 32.87 -35.24
CA PHE F 15 -17.81 33.67 -34.05
C PHE F 15 -19.23 34.14 -33.89
N HIS F 16 -19.67 34.22 -32.64
CA HIS F 16 -21.00 34.73 -32.31
C HIS F 16 -20.88 35.38 -30.93
N ARG F 17 -21.23 36.66 -30.84
CA ARG F 17 -21.33 37.32 -29.53
C ARG F 17 -22.64 36.89 -28.89
N LEU F 18 -22.61 36.63 -27.56
CA LEU F 18 -23.81 36.17 -26.89
C LEU F 18 -24.81 37.29 -26.64
N GLU F 19 -26.09 37.03 -26.92
CA GLU F 19 -27.12 38.02 -26.62
C GLU F 19 -27.14 38.25 -25.09
N LYS F 20 -27.36 37.18 -24.31
CA LYS F 20 -27.25 37.18 -22.83
C LYS F 20 -26.12 36.23 -22.38
N PRO F 21 -25.24 36.73 -21.48
CA PRO F 21 -24.18 35.84 -20.99
C PRO F 21 -24.69 34.83 -19.95
N TYR F 22 -23.95 33.73 -19.86
CA TYR F 22 -24.25 32.66 -18.92
C TYR F 22 -22.95 31.98 -18.49
N GLY F 23 -22.97 31.36 -17.33
CA GLY F 23 -21.75 30.72 -16.88
C GLY F 23 -21.76 29.59 -15.87
N ASP F 24 -20.54 29.23 -15.49
CA ASP F 24 -20.24 28.19 -14.55
C ASP F 24 -19.26 28.74 -13.51
N ALA F 25 -18.75 27.89 -12.62
CA ALA F 25 -17.81 28.35 -11.58
C ALA F 25 -16.61 29.18 -12.09
N ASN F 26 -16.19 28.95 -13.34
CA ASN F 26 -15.13 29.75 -14.00
C ASN F 26 -15.52 31.13 -14.53
N GLY F 27 -16.81 31.47 -14.44
CA GLY F 27 -17.27 32.77 -14.86
C GLY F 27 -18.17 32.77 -16.09
N PHE F 28 -18.55 33.97 -16.51
CA PHE F 28 -19.59 34.16 -17.50
C PHE F 28 -18.97 33.99 -18.84
N LYS F 29 -19.65 33.27 -19.71
CA LYS F 29 -19.25 33.18 -21.11
C LYS F 29 -19.94 34.30 -21.92
N ARG F 30 -19.20 34.89 -22.87
CA ARG F 30 -19.58 36.12 -23.57
C ARG F 30 -19.80 35.88 -25.07
N TYR F 31 -19.25 34.77 -25.57
CA TYR F 31 -19.33 34.47 -26.99
C TYR F 31 -19.23 32.95 -27.20
N ARG F 32 -19.37 32.51 -28.44
CA ARG F 32 -19.12 31.13 -28.87
C ARG F 32 -18.35 31.21 -30.16
N THR F 33 -17.53 30.20 -30.39
CA THR F 33 -16.70 30.14 -31.59
C THR F 33 -16.72 28.73 -32.13
N CYS F 34 -15.91 28.49 -33.13
CA CYS F 34 -15.96 27.22 -33.80
C CYS F 34 -14.97 27.44 -34.89
N TYR F 35 -14.38 26.40 -35.43
CA TYR F 35 -13.38 26.58 -36.43
C TYR F 35 -13.45 25.33 -37.26
N LEU F 36 -13.94 25.45 -38.48
CA LEU F 36 -14.11 24.26 -39.29
C LEU F 36 -13.10 24.22 -40.38
N ILE F 37 -12.68 23.01 -40.74
CA ILE F 37 -11.78 22.81 -41.83
C ILE F 37 -12.41 21.83 -42.82
N ARG F 38 -11.97 21.92 -44.06
CA ARG F 38 -12.48 21.09 -45.15
C ARG F 38 -11.27 20.65 -45.96
N ILE F 39 -10.97 19.37 -45.88
CA ILE F 39 -9.87 18.76 -46.63
C ILE F 39 -10.41 18.23 -47.99
N ILE F 40 -9.70 18.56 -49.08
CA ILE F 40 -10.12 18.20 -50.45
C ILE F 40 -8.99 17.45 -51.08
N THR F 41 -9.28 16.27 -51.62
CA THR F 41 -8.25 15.47 -52.23
C THR F 41 -8.20 15.70 -53.75
N GLU F 42 -7.24 15.04 -54.38
CA GLU F 42 -7.03 15.04 -55.85
C GLU F 42 -8.23 14.51 -56.62
N SER F 43 -8.95 13.57 -56.00
CA SER F 43 -10.08 12.96 -56.63
C SER F 43 -11.41 13.68 -56.37
N GLY F 44 -11.42 14.77 -55.62
CA GLY F 44 -12.68 15.49 -55.46
C GLY F 44 -13.40 15.15 -54.16
N ILE F 45 -13.06 14.01 -53.54
CA ILE F 45 -13.64 13.60 -52.26
C ILE F 45 -13.15 14.58 -51.18
N ASP F 46 -14.08 15.13 -50.41
CA ASP F 46 -13.73 16.07 -49.36
C ASP F 46 -14.16 15.59 -47.96
N GLY F 47 -13.55 16.20 -46.95
CA GLY F 47 -13.82 15.89 -45.55
C GLY F 47 -13.76 17.12 -44.70
N TRP F 48 -14.73 17.24 -43.81
CA TRP F 48 -14.81 18.31 -42.85
C TRP F 48 -14.34 17.91 -41.45
N GLY F 49 -13.63 18.83 -40.80
CA GLY F 49 -13.23 18.67 -39.42
C GLY F 49 -13.53 19.91 -38.60
N GLU F 50 -13.69 19.70 -37.29
CA GLU F 50 -13.99 20.82 -36.38
C GLU F 50 -13.01 20.89 -35.18
N CYS F 51 -12.65 22.10 -34.77
CA CYS F 51 -11.88 22.32 -33.53
C CYS F 51 -12.27 23.62 -32.81
N VAL F 52 -11.74 23.83 -31.61
CA VAL F 52 -12.09 25.00 -30.80
C VAL F 52 -10.86 25.37 -30.00
N ASP F 53 -10.58 26.67 -29.98
CA ASP F 53 -9.49 27.27 -29.22
C ASP F 53 -9.58 28.73 -29.60
N TRP F 54 -8.91 29.60 -28.87
CA TRP F 54 -8.83 31.02 -29.19
C TRP F 54 -8.37 31.24 -30.65
N LEU F 55 -9.23 31.89 -31.42
CA LEU F 55 -9.10 31.96 -32.87
C LEU F 55 -7.82 32.57 -33.44
N PRO F 56 -7.41 33.77 -32.99
CA PRO F 56 -6.18 34.34 -33.53
C PRO F 56 -5.03 33.33 -33.60
N ALA F 57 -4.75 32.67 -32.47
CA ALA F 57 -3.77 31.57 -32.43
C ALA F 57 -4.14 30.30 -33.22
N LEU F 58 -5.40 29.89 -33.20
CA LEU F 58 -5.79 28.70 -33.95
C LEU F 58 -5.67 28.92 -35.46
N HIS F 59 -5.89 30.16 -35.87
CA HIS F 59 -5.87 30.47 -37.26
C HIS F 59 -4.48 30.49 -37.87
N VAL F 60 -3.52 31.14 -37.20
CA VAL F 60 -2.09 31.06 -37.64
C VAL F 60 -1.54 29.64 -37.65
N GLY F 61 -1.86 28.87 -36.62
CA GLY F 61 -1.48 27.47 -36.56
C GLY F 61 -1.83 26.74 -37.83
N PHE F 62 -3.08 26.88 -38.26
CA PHE F 62 -3.51 26.34 -39.55
C PHE F 62 -2.82 26.94 -40.78
N THR F 63 -2.92 28.23 -41.01
CA THR F 63 -2.43 28.75 -42.28
C THR F 63 -0.92 28.66 -42.47
N LYS F 64 -0.17 28.85 -41.38
CA LYS F 64 1.29 28.89 -41.44
C LYS F 64 2.00 27.56 -41.11
N ARG F 65 1.29 26.53 -40.70
CA ARG F 65 2.02 25.33 -40.38
C ARG F 65 1.30 24.07 -40.79
N ILE F 66 0.02 23.95 -40.45
CA ILE F 66 -0.63 22.66 -40.65
C ILE F 66 -0.93 22.55 -42.11
N ILE F 67 -1.55 23.60 -42.65
CA ILE F 67 -1.97 23.53 -44.06
C ILE F 67 -0.79 23.28 -45.01
N PRO F 68 0.28 24.08 -44.91
CA PRO F 68 1.50 23.74 -45.68
C PRO F 68 2.02 22.32 -45.45
N PHE F 69 1.89 21.77 -44.23
CA PHE F 69 2.34 20.40 -43.96
C PHE F 69 1.45 19.39 -44.66
N LEU F 70 0.16 19.65 -44.62
CA LEU F 70 -0.79 18.66 -45.13
C LEU F 70 -0.88 18.52 -46.67
N LEU F 71 -0.74 19.65 -47.38
CA LEU F 71 -0.79 19.64 -48.85
C LEU F 71 0.23 18.69 -49.45
N GLY F 72 -0.22 17.80 -50.32
CA GLY F 72 0.67 16.89 -51.03
C GLY F 72 0.82 15.55 -50.35
N LYS F 73 0.28 15.47 -49.12
CA LYS F 73 0.25 14.25 -48.34
C LYS F 73 -0.82 13.23 -48.75
N GLN F 74 -0.47 11.96 -48.64
CA GLN F 74 -1.45 10.92 -48.80
C GLN F 74 -2.51 11.03 -47.69
N ALA F 75 -3.75 11.34 -48.10
CA ALA F 75 -4.88 11.47 -47.17
C ALA F 75 -5.21 10.15 -46.52
N GLY F 76 -4.75 9.04 -47.12
CA GLY F 76 -4.97 7.69 -46.60
C GLY F 76 -4.15 7.34 -45.36
N SER F 77 -3.10 8.11 -45.09
CA SER F 77 -2.23 7.86 -43.94
C SER F 77 -2.72 8.57 -42.71
N ARG F 78 -3.89 8.21 -42.21
CA ARG F 78 -4.52 9.01 -41.16
C ARG F 78 -3.80 8.94 -39.80
N LEU F 79 -3.49 7.71 -39.35
CA LEU F 79 -2.81 7.53 -38.06
C LEU F 79 -1.50 8.35 -37.99
N SER F 80 -0.75 8.22 -39.09
CA SER F 80 0.55 8.79 -39.22
C SER F 80 0.49 10.30 -39.20
N LEU F 81 -0.35 10.88 -40.06
CA LEU F 81 -0.52 12.36 -40.13
C LEU F 81 -1.02 13.02 -38.83
N VAL F 82 -2.01 12.40 -38.20
CA VAL F 82 -2.60 12.98 -37.00
C VAL F 82 -1.55 12.99 -35.87
N ARG F 83 -0.83 11.88 -35.71
CA ARG F 83 0.21 11.75 -34.66
C ARG F 83 1.35 12.77 -34.83
N THR F 84 1.75 13.02 -36.08
CA THR F 84 2.67 14.09 -36.35
C THR F 84 2.14 15.46 -35.92
N ILE F 85 0.88 15.73 -36.22
CA ILE F 85 0.30 17.05 -35.95
C ILE F 85 0.09 17.26 -34.43
N GLN F 86 -0.33 16.20 -33.75
CA GLN F 86 -0.45 16.17 -32.30
C GLN F 86 0.67 16.92 -31.56
N LYS F 87 1.92 16.68 -31.97
CA LYS F 87 3.10 17.32 -31.36
C LYS F 87 3.22 18.83 -31.57
N TRP F 88 2.71 19.34 -32.68
CA TRP F 88 2.68 20.79 -32.87
C TRP F 88 1.46 21.33 -32.17
N HIS F 89 0.37 20.57 -32.24
CA HIS F 89 -0.90 21.18 -32.05
C HIS F 89 -2.02 20.18 -31.85
N GLN F 90 -2.26 19.94 -30.57
CA GLN F 90 -3.28 19.05 -30.06
C GLN F 90 -4.69 19.22 -30.72
N ARG F 91 -5.26 20.42 -30.60
CA ARG F 91 -6.62 20.74 -31.09
C ARG F 91 -6.79 20.57 -32.59
N ALA F 92 -5.82 21.05 -33.38
CA ALA F 92 -5.82 20.84 -34.83
C ALA F 92 -5.83 19.38 -35.20
N ALA F 93 -5.07 18.55 -34.49
CA ALA F 93 -5.00 17.11 -34.79
C ALA F 93 -6.37 16.49 -34.92
N SER F 94 -7.31 16.94 -34.10
CA SER F 94 -8.62 16.27 -34.06
C SER F 94 -9.53 16.70 -35.22
N ALA F 95 -9.46 17.98 -35.58
CA ALA F 95 -10.07 18.48 -36.81
C ALA F 95 -9.53 17.68 -37.99
N VAL F 96 -8.22 17.69 -38.22
CA VAL F 96 -7.61 16.84 -39.29
C VAL F 96 -8.08 15.38 -39.25
N SER F 97 -8.08 14.78 -38.06
CA SER F 97 -8.53 13.38 -37.92
C SER F 97 -9.96 13.10 -38.38
N MET F 98 -10.88 14.02 -38.02
CA MET F 98 -12.30 13.93 -38.47
C MET F 98 -12.36 14.08 -39.99
N ALA F 99 -11.75 15.13 -40.50
CA ALA F 99 -11.71 15.38 -41.91
C ALA F 99 -11.24 14.15 -42.70
N LEU F 100 -10.15 13.52 -42.26
CA LEU F 100 -9.62 12.36 -42.94
C LEU F 100 -10.49 11.12 -42.76
N THR F 101 -11.40 11.14 -41.78
CA THR F 101 -12.17 9.95 -41.52
C THR F 101 -13.32 9.99 -42.47
N GLU F 102 -13.91 11.18 -42.64
CA GLU F 102 -14.97 11.39 -43.63
C GLU F 102 -14.53 10.93 -45.03
N ILE F 103 -13.34 11.35 -45.45
CA ILE F 103 -12.78 10.97 -46.73
C ILE F 103 -12.66 9.46 -46.79
N ALA F 104 -12.13 8.86 -45.73
CA ALA F 104 -11.89 7.43 -45.74
C ALA F 104 -13.19 6.69 -46.00
N ALA F 105 -14.25 7.18 -45.34
CA ALA F 105 -15.52 6.49 -45.32
C ALA F 105 -16.19 6.68 -46.70
N LYS F 106 -16.09 7.90 -47.25
CA LYS F 106 -16.63 8.24 -48.58
C LYS F 106 -16.02 7.34 -49.62
N ALA F 107 -14.68 7.26 -49.64
CA ALA F 107 -13.97 6.45 -50.60
C ALA F 107 -14.22 4.94 -50.49
N ALA F 108 -14.68 4.52 -49.31
CA ALA F 108 -14.99 3.11 -49.05
C ALA F 108 -16.44 2.85 -49.36
N ASP F 109 -17.15 3.90 -49.80
CA ASP F 109 -18.57 3.87 -50.06
C ASP F 109 -19.33 3.35 -48.86
N CYS F 110 -19.03 3.92 -47.69
CA CYS F 110 -19.73 3.50 -46.48
C CYS F 110 -19.83 4.63 -45.45
N SER F 111 -20.60 4.36 -44.39
CA SER F 111 -20.70 5.32 -43.29
C SER F 111 -19.49 5.24 -42.37
N VAL F 112 -19.35 6.25 -41.53
CA VAL F 112 -18.28 6.26 -40.52
C VAL F 112 -18.42 5.06 -39.57
N CYS F 113 -19.60 4.81 -39.01
CA CYS F 113 -19.80 3.65 -38.15
C CYS F 113 -19.42 2.33 -38.81
N GLU F 114 -19.80 2.13 -40.08
CA GLU F 114 -19.37 0.97 -40.85
C GLU F 114 -17.85 0.85 -41.03
N LEU F 115 -17.22 1.98 -41.33
CA LEU F 115 -15.78 2.03 -41.39
C LEU F 115 -15.15 1.41 -40.12
N TRP F 116 -15.77 1.72 -38.98
CA TRP F 116 -15.29 1.32 -37.66
C TRP F 116 -15.66 -0.12 -37.24
N GLY F 117 -16.50 -0.80 -38.00
CA GLY F 117 -16.91 -2.16 -37.71
C GLY F 117 -18.42 -2.29 -37.53
N GLY F 118 -19.12 -1.18 -37.69
CA GLY F 118 -20.59 -1.21 -37.65
C GLY F 118 -21.14 -0.88 -36.27
N ARG F 119 -22.31 -0.24 -36.23
CA ARG F 119 -22.92 0.18 -34.99
C ARG F 119 -23.49 -0.99 -34.13
N TYR F 120 -23.67 -0.74 -32.83
CA TYR F 120 -24.42 -1.62 -31.93
C TYR F 120 -25.88 -1.21 -31.85
N ARG F 121 -26.11 0.09 -31.94
CA ARG F 121 -27.44 0.66 -31.79
C ARG F 121 -27.48 1.87 -32.72
N GLU F 122 -28.63 2.52 -32.80
CA GLU F 122 -28.81 3.71 -33.66
C GLU F 122 -29.50 4.86 -32.96
N GLU F 123 -29.85 4.65 -31.70
CA GLU F 123 -30.45 5.67 -30.85
C GLU F 123 -29.46 5.95 -29.66
N ILE F 124 -29.06 7.18 -29.41
CA ILE F 124 -28.18 7.49 -28.27
C ILE F 124 -28.85 8.46 -27.30
N PRO F 125 -28.93 8.10 -26.00
CA PRO F 125 -29.51 9.04 -25.05
C PRO F 125 -28.58 10.26 -24.80
N VAL F 126 -29.17 11.40 -24.47
CA VAL F 126 -28.42 12.62 -24.32
C VAL F 126 -28.98 13.41 -23.14
N TYR F 127 -28.14 14.21 -22.49
CA TYR F 127 -28.65 15.03 -21.40
C TYR F 127 -28.57 16.51 -21.72
N ALA F 128 -29.60 17.27 -21.30
CA ALA F 128 -29.61 18.69 -21.48
C ALA F 128 -28.69 19.38 -20.47
N SER F 129 -27.77 20.16 -20.99
CA SER F 129 -26.63 20.63 -20.25
C SER F 129 -26.73 22.14 -20.20
N PHE F 130 -26.73 22.73 -19.00
CA PHE F 130 -26.92 24.17 -18.86
C PHE F 130 -25.73 24.88 -18.24
N GLN F 131 -25.47 26.11 -18.67
CA GLN F 131 -24.67 27.02 -17.86
C GLN F 131 -25.61 27.83 -17.02
N SER F 132 -25.87 27.36 -15.79
CA SER F 132 -26.96 27.83 -14.95
C SER F 132 -26.81 29.24 -14.47
N TYR F 133 -25.58 29.75 -14.42
CA TYR F 133 -25.37 31.06 -13.81
C TYR F 133 -25.67 32.15 -14.82
N SER F 134 -26.32 33.20 -14.32
CA SER F 134 -26.53 34.39 -15.13
C SER F 134 -26.18 35.63 -14.32
N ASP F 135 -25.87 36.69 -15.05
CA ASP F 135 -25.43 37.95 -14.43
C ASP F 135 -26.57 38.80 -13.83
N SER F 136 -27.42 38.15 -13.03
CA SER F 136 -28.59 38.78 -12.49
C SER F 136 -28.88 38.25 -11.10
N PRO F 137 -29.38 39.14 -10.22
CA PRO F 137 -29.89 38.75 -8.92
C PRO F 137 -31.03 37.75 -9.00
N GLN F 138 -31.73 37.70 -10.13
CA GLN F 138 -32.82 36.72 -10.31
C GLN F 138 -32.36 35.43 -11.01
N TRP F 139 -31.08 35.10 -10.90
CA TRP F 139 -30.46 34.01 -11.65
C TRP F 139 -31.13 32.64 -11.40
N ILE F 140 -31.45 32.33 -10.15
CA ILE F 140 -32.10 31.06 -9.83
C ILE F 140 -33.40 30.89 -10.63
N SER F 141 -34.21 31.96 -10.78
CA SER F 141 -35.53 31.78 -11.43
C SER F 141 -35.42 31.70 -12.96
N ARG F 142 -34.44 32.41 -13.53
CA ARG F 142 -34.12 32.26 -14.94
C ARG F 142 -33.69 30.83 -15.22
N SER F 143 -33.16 30.16 -14.19
CA SER F 143 -32.58 28.81 -14.33
C SER F 143 -33.70 27.80 -14.26
N VAL F 144 -34.49 27.89 -13.21
CA VAL F 144 -35.76 27.12 -13.14
C VAL F 144 -36.58 27.23 -14.46
N SER F 145 -36.69 28.43 -15.02
N SER F 145 -36.72 28.45 -14.98
CA SER F 145 -37.47 28.65 -16.25
CA SER F 145 -37.42 28.71 -16.23
C SER F 145 -36.84 28.08 -17.52
C SER F 145 -36.80 27.97 -17.39
N ASN F 146 -35.52 28.24 -17.67
CA ASN F 146 -34.77 27.56 -18.76
C ASN F 146 -34.79 26.05 -18.68
N VAL F 147 -34.63 25.53 -17.48
CA VAL F 147 -34.70 24.10 -17.29
C VAL F 147 -36.09 23.61 -17.63
N GLU F 148 -37.14 24.37 -17.25
CA GLU F 148 -38.51 23.95 -17.54
C GLU F 148 -38.78 23.83 -19.05
N ALA F 149 -38.35 24.85 -19.81
CA ALA F 149 -38.49 24.82 -21.26
C ALA F 149 -37.95 23.54 -21.88
N GLN F 150 -36.82 23.05 -21.36
CA GLN F 150 -36.17 21.88 -21.93
C GLN F 150 -36.83 20.59 -21.49
N LEU F 151 -37.42 20.58 -20.30
CA LEU F 151 -38.15 19.41 -19.86
C LEU F 151 -39.48 19.20 -20.63
N LYS F 152 -40.01 20.27 -21.23
CA LYS F 152 -41.22 20.13 -22.03
C LYS F 152 -40.86 19.55 -23.40
N LYS F 153 -39.60 19.72 -23.81
CA LYS F 153 -39.00 19.05 -24.95
C LYS F 153 -38.77 17.53 -24.79
N GLY F 154 -38.88 17.04 -23.56
CA GLY F 154 -38.85 15.61 -23.31
C GLY F 154 -37.50 15.03 -22.92
N PHE F 155 -36.57 15.88 -22.51
CA PHE F 155 -35.32 15.43 -21.88
C PHE F 155 -35.64 14.88 -20.50
N GLU F 156 -34.96 13.80 -20.16
CA GLU F 156 -35.18 13.15 -18.84
C GLU F 156 -33.99 13.28 -17.89
N GLN F 157 -32.92 13.95 -18.35
CA GLN F 157 -31.68 14.07 -17.64
C GLN F 157 -31.15 15.41 -18.01
N ILE F 158 -30.69 16.14 -17.00
CA ILE F 158 -30.10 17.48 -17.20
C ILE F 158 -28.75 17.62 -16.46
N LYS F 159 -27.94 18.55 -16.91
CA LYS F 159 -26.77 18.95 -16.13
C LYS F 159 -26.81 20.44 -15.78
N VAL F 160 -26.45 20.75 -14.55
CA VAL F 160 -26.47 22.15 -14.10
C VAL F 160 -25.23 22.47 -13.21
N LYS F 161 -25.00 23.78 -13.04
CA LYS F 161 -23.78 24.27 -12.46
C LYS F 161 -23.87 24.60 -10.95
N ILE F 162 -22.89 24.07 -10.21
CA ILE F 162 -22.63 24.45 -8.79
C ILE F 162 -21.17 24.90 -8.64
N GLY F 163 -20.84 25.46 -7.47
CA GLY F 163 -19.48 25.82 -7.13
C GLY F 163 -19.06 27.23 -7.34
N GLY F 164 -19.96 28.04 -7.90
CA GLY F 164 -19.71 29.41 -8.27
C GLY F 164 -20.02 30.46 -7.22
N THR F 165 -20.78 30.04 -6.22
CA THR F 165 -21.32 30.87 -5.14
C THR F 165 -21.36 29.95 -3.90
N SER F 166 -21.58 30.52 -2.72
CA SER F 166 -21.75 29.75 -1.46
C SER F 166 -22.44 28.41 -1.58
N PHE F 167 -22.07 27.48 -0.70
CA PHE F 167 -22.85 26.24 -0.58
C PHE F 167 -24.34 26.50 -0.43
N LYS F 168 -24.67 27.53 0.35
CA LYS F 168 -26.01 27.74 0.79
C LYS F 168 -26.85 28.24 -0.38
N GLU F 169 -26.29 29.14 -1.18
CA GLU F 169 -26.96 29.61 -2.37
C GLU F 169 -27.08 28.59 -3.50
N ASP F 170 -26.03 27.80 -3.73
CA ASP F 170 -26.12 26.72 -4.70
C ASP F 170 -27.20 25.71 -4.26
N VAL F 171 -27.18 25.31 -2.99
CA VAL F 171 -28.26 24.48 -2.45
C VAL F 171 -29.70 25.02 -2.69
N ARG F 172 -29.94 26.34 -2.55
CA ARG F 172 -31.27 26.92 -2.91
C ARG F 172 -31.54 26.72 -4.41
N HIS F 173 -30.50 26.84 -5.20
CA HIS F 173 -30.66 26.63 -6.62
C HIS F 173 -31.14 25.20 -6.97
N ILE F 174 -30.59 24.20 -6.30
CA ILE F 174 -30.76 22.82 -6.70
C ILE F 174 -32.07 22.33 -6.15
N ASN F 175 -32.44 22.80 -4.95
CA ASN F 175 -33.82 22.61 -4.42
C ASN F 175 -34.91 23.17 -5.32
N ALA F 176 -34.70 24.38 -5.80
CA ALA F 176 -35.62 25.01 -6.71
C ALA F 176 -35.77 24.20 -7.99
N LEU F 177 -34.66 23.66 -8.50
CA LEU F 177 -34.72 22.81 -9.67
C LEU F 177 -35.37 21.49 -9.34
N GLN F 178 -35.12 20.98 -8.15
CA GLN F 178 -35.65 19.68 -7.73
C GLN F 178 -37.14 19.69 -7.36
N HIS F 179 -37.73 20.88 -7.21
CA HIS F 179 -39.11 21.04 -6.72
C HIS F 179 -39.92 21.56 -7.88
N THR F 180 -39.42 21.27 -9.07
CA THR F 180 -40.16 21.30 -10.31
C THR F 180 -39.99 19.90 -10.89
N ALA F 181 -38.95 19.78 -11.73
CA ALA F 181 -38.47 18.53 -12.33
C ALA F 181 -38.94 17.23 -11.67
N GLY F 182 -38.75 17.14 -10.35
CA GLY F 182 -39.13 15.93 -9.60
C GLY F 182 -38.16 14.77 -9.72
N SER F 183 -38.43 13.66 -9.04
CA SER F 183 -37.48 12.50 -9.05
C SER F 183 -37.38 11.61 -10.33
N SER F 184 -38.23 11.87 -11.34
CA SER F 184 -38.19 11.12 -12.62
C SER F 184 -37.13 11.64 -13.61
N ILE F 185 -36.68 12.87 -13.36
CA ILE F 185 -35.57 13.52 -14.04
C ILE F 185 -34.22 13.30 -13.32
N THR F 186 -33.26 12.77 -14.04
CA THR F 186 -31.90 12.62 -13.54
C THR F 186 -31.16 13.96 -13.56
N MET F 187 -30.62 14.32 -12.40
CA MET F 187 -29.90 15.58 -12.25
C MET F 187 -28.39 15.38 -12.04
N ILE F 188 -27.60 16.07 -12.85
CA ILE F 188 -26.17 16.00 -12.80
C ILE F 188 -25.67 17.34 -12.23
N LEU F 189 -24.74 17.29 -11.29
CA LEU F 189 -24.27 18.52 -10.67
C LEU F 189 -22.79 18.69 -11.11
N ASP F 190 -22.47 19.81 -11.75
CA ASP F 190 -21.15 20.06 -12.26
C ASP F 190 -20.43 21.19 -11.49
N ALA F 191 -19.33 20.84 -10.84
CA ALA F 191 -18.66 21.76 -9.97
C ALA F 191 -17.51 22.51 -10.61
N ASN F 192 -17.14 22.11 -11.83
CA ASN F 192 -16.06 22.74 -12.59
C ASN F 192 -14.83 23.01 -11.69
N GLN F 193 -14.47 21.99 -10.92
CA GLN F 193 -13.24 21.96 -10.14
C GLN F 193 -13.18 23.07 -9.09
N SER F 194 -14.34 23.50 -8.56
CA SER F 194 -14.40 24.55 -7.56
C SER F 194 -13.85 24.15 -6.17
N TYR F 195 -14.04 22.87 -5.79
CA TYR F 195 -13.97 22.41 -4.40
C TYR F 195 -12.71 21.69 -3.99
N ASP F 196 -12.47 21.63 -2.69
CA ASP F 196 -11.59 20.57 -2.17
C ASP F 196 -12.49 19.44 -1.65
N ALA F 197 -11.96 18.33 -1.14
CA ALA F 197 -12.82 17.23 -0.75
C ALA F 197 -13.86 17.60 0.29
N ALA F 198 -13.48 18.45 1.26
CA ALA F 198 -14.35 18.88 2.38
C ALA F 198 -15.53 19.65 1.86
N ALA F 199 -15.24 20.64 1.02
CA ALA F 199 -16.30 21.39 0.43
C ALA F 199 -17.25 20.51 -0.44
N ALA F 200 -16.69 19.56 -1.17
CA ALA F 200 -17.51 18.67 -2.00
C ALA F 200 -18.37 17.78 -1.11
N PHE F 201 -17.81 17.30 0.01
CA PHE F 201 -18.51 16.41 0.88
C PHE F 201 -19.74 17.02 1.56
N LYS F 202 -19.79 18.34 1.67
CA LYS F 202 -20.96 18.97 2.32
C LYS F 202 -22.28 18.60 1.62
N TRP F 203 -22.20 18.21 0.34
CA TRP F 203 -23.39 17.94 -0.48
C TRP F 203 -23.95 16.56 -0.16
N GLU F 204 -23.14 15.75 0.54
CA GLU F 204 -23.50 14.39 0.85
C GLU F 204 -24.75 14.34 1.73
N ARG F 205 -24.88 15.27 2.71
CA ARG F 205 -26.14 15.26 3.45
C ARG F 205 -27.39 15.49 2.54
N TYR F 206 -27.27 16.24 1.46
CA TYR F 206 -28.36 16.22 0.48
C TYR F 206 -28.38 15.04 -0.49
N PHE F 207 -27.22 14.55 -0.92
CA PHE F 207 -27.20 13.32 -1.75
C PHE F 207 -27.97 12.15 -1.10
N SER F 208 -27.86 12.04 0.22
CA SER F 208 -28.61 11.04 0.98
C SER F 208 -30.15 11.17 0.88
N GLU F 209 -30.67 12.38 0.62
CA GLU F 209 -32.12 12.65 0.48
C GLU F 209 -32.65 12.45 -0.96
N TRP F 210 -31.84 12.83 -1.95
CA TRP F 210 -32.15 12.69 -3.38
C TRP F 210 -31.88 11.26 -3.85
N THR F 211 -32.60 10.82 -4.88
CA THR F 211 -32.40 9.50 -5.50
C THR F 211 -32.11 9.71 -6.98
N ASN F 212 -32.27 10.96 -7.43
CA ASN F 212 -32.13 11.24 -8.81
C ASN F 212 -30.83 11.96 -9.24
N ILE F 213 -29.79 12.02 -8.41
CA ILE F 213 -28.52 12.59 -8.91
C ILE F 213 -27.75 11.58 -9.79
N GLY F 214 -27.51 11.97 -11.04
CA GLY F 214 -26.81 11.11 -12.00
C GLY F 214 -25.36 10.93 -11.68
N TRP F 215 -24.65 12.04 -11.42
CA TRP F 215 -23.29 12.04 -10.89
C TRP F 215 -22.93 13.41 -10.38
N LEU F 216 -21.81 13.49 -9.67
CA LEU F 216 -21.18 14.75 -9.34
C LEU F 216 -19.96 14.98 -10.28
N GLU F 217 -19.97 16.04 -11.06
CA GLU F 217 -18.95 16.19 -12.09
C GLU F 217 -17.83 17.10 -11.61
N GLU F 218 -16.59 16.58 -11.74
CA GLU F 218 -15.30 17.25 -11.45
C GLU F 218 -15.39 18.13 -10.25
N PRO F 219 -15.67 17.51 -9.09
CA PRO F 219 -15.73 18.33 -7.88
C PRO F 219 -14.39 19.07 -7.61
N LEU F 220 -13.27 18.42 -8.04
CA LEU F 220 -11.90 18.79 -7.63
C LEU F 220 -10.95 18.90 -8.80
N PRO F 221 -9.83 19.63 -8.60
CA PRO F 221 -8.76 19.66 -9.55
C PRO F 221 -8.17 18.25 -9.65
N PHE F 222 -7.48 17.97 -10.76
CA PHE F 222 -7.03 16.62 -11.01
C PHE F 222 -5.58 16.38 -10.67
N ASP F 223 -4.94 17.33 -9.99
CA ASP F 223 -3.51 17.17 -9.66
C ASP F 223 -3.21 16.04 -8.69
N GLN F 224 -4.14 15.79 -7.76
CA GLN F 224 -4.04 14.74 -6.73
C GLN F 224 -5.08 13.64 -6.97
N PRO F 225 -4.85 12.70 -7.89
CA PRO F 225 -5.75 11.53 -8.00
C PRO F 225 -6.18 10.82 -6.69
N GLN F 226 -5.29 10.73 -5.70
CA GLN F 226 -5.69 10.12 -4.43
C GLN F 226 -6.90 10.83 -3.73
N ASP F 227 -7.00 12.13 -3.91
CA ASP F 227 -8.10 12.88 -3.41
C ASP F 227 -9.39 12.43 -4.03
N TYR F 228 -9.39 12.21 -5.37
CA TYR F 228 -10.59 11.66 -6.05
C TYR F 228 -10.98 10.31 -5.49
N ALA F 229 -10.00 9.43 -5.29
CA ALA F 229 -10.31 8.05 -4.87
C ALA F 229 -10.86 8.12 -3.44
N MET F 230 -10.23 8.94 -2.60
CA MET F 230 -10.74 9.23 -1.24
C MET F 230 -12.19 9.70 -1.27
N LEU F 231 -12.44 10.75 -2.06
CA LEU F 231 -13.78 11.37 -2.10
C LEU F 231 -14.84 10.41 -2.67
N ARG F 232 -14.49 9.70 -3.73
CA ARG F 232 -15.43 8.72 -4.32
C ARG F 232 -15.97 7.75 -3.28
N SER F 233 -15.10 7.33 -2.35
CA SER F 233 -15.46 6.39 -1.33
C SER F 233 -16.30 6.96 -0.20
N ARG F 234 -16.54 8.26 -0.23
CA ARG F 234 -17.28 8.92 0.79
C ARG F 234 -18.64 9.36 0.31
N LEU F 235 -18.82 9.43 -1.00
CA LEU F 235 -20.10 9.91 -1.59
C LEU F 235 -21.02 8.79 -1.97
N SER F 236 -22.33 9.06 -1.80
CA SER F 236 -23.45 8.19 -2.22
C SER F 236 -23.82 8.33 -3.69
N VAL F 237 -23.14 9.19 -4.46
CA VAL F 237 -23.37 9.33 -5.89
C VAL F 237 -22.08 9.07 -6.67
N PRO F 238 -22.18 8.69 -7.98
CA PRO F 238 -20.97 8.56 -8.75
C PRO F 238 -20.24 9.90 -8.95
N VAL F 239 -18.97 9.78 -9.28
CA VAL F 239 -18.09 10.89 -9.57
C VAL F 239 -17.59 10.73 -11.02
N ALA F 240 -17.76 11.78 -11.78
CA ALA F 240 -17.23 11.77 -13.16
C ALA F 240 -16.22 12.87 -13.40
N GLY F 241 -15.37 12.72 -14.42
CA GLY F 241 -14.56 13.82 -14.95
C GLY F 241 -13.56 13.42 -16.07
N GLY F 242 -12.64 14.34 -16.36
CA GLY F 242 -11.58 14.05 -17.31
C GLY F 242 -11.80 14.75 -18.64
N GLU F 243 -12.71 15.72 -18.64
CA GLU F 243 -12.97 16.57 -19.80
C GLU F 243 -11.71 17.19 -20.50
N ASN F 244 -10.70 17.60 -19.71
CA ASN F 244 -9.45 18.16 -20.26
C ASN F 244 -8.32 17.17 -20.49
N MET F 245 -8.55 15.87 -20.34
CA MET F 245 -7.47 14.87 -20.44
C MET F 245 -7.11 14.70 -21.93
N LYS F 246 -5.83 14.65 -22.28
CA LYS F 246 -5.46 14.67 -23.71
C LYS F 246 -5.60 13.33 -24.49
N GLY F 247 -5.73 12.21 -23.77
CA GLY F 247 -5.87 10.91 -24.39
C GLY F 247 -5.80 9.80 -23.40
N PRO F 248 -5.89 8.54 -23.89
CA PRO F 248 -5.98 7.34 -23.06
C PRO F 248 -4.83 7.24 -22.02
N ALA F 249 -3.61 7.60 -22.39
CA ALA F 249 -2.46 7.58 -21.43
C ALA F 249 -2.70 8.41 -20.16
N GLN F 250 -3.46 9.50 -20.31
CA GLN F 250 -3.74 10.38 -19.16
C GLN F 250 -4.79 9.81 -18.23
N TYR F 251 -5.73 9.04 -18.77
CA TYR F 251 -6.74 8.33 -17.97
C TYR F 251 -6.25 7.13 -17.20
N VAL F 252 -5.29 6.42 -17.78
CA VAL F 252 -4.84 5.15 -17.20
C VAL F 252 -4.52 5.30 -15.71
N PRO F 253 -3.67 6.27 -15.30
CA PRO F 253 -3.46 6.35 -13.85
C PRO F 253 -4.76 6.65 -13.06
N LEU F 254 -5.65 7.51 -13.59
CA LEU F 254 -6.88 7.79 -12.90
C LEU F 254 -7.68 6.50 -12.73
N LEU F 255 -7.71 5.66 -13.78
CA LEU F 255 -8.49 4.40 -13.71
C LEU F 255 -7.82 3.34 -12.90
N SER F 256 -6.50 3.25 -12.94
CA SER F 256 -5.80 2.23 -12.07
C SER F 256 -5.97 2.51 -10.59
N GLN F 257 -6.08 3.80 -10.27
CA GLN F 257 -6.29 4.25 -8.92
C GLN F 257 -7.76 4.38 -8.47
N ARG F 258 -8.71 3.92 -9.29
CA ARG F 258 -10.12 3.91 -8.91
C ARG F 258 -10.67 5.29 -8.52
N CYS F 259 -10.14 6.27 -9.25
CA CYS F 259 -10.53 7.65 -9.09
C CYS F 259 -11.94 8.08 -9.50
N LEU F 260 -12.51 7.46 -10.55
CA LEU F 260 -13.76 7.98 -11.18
C LEU F 260 -14.69 6.85 -11.55
N ASP F 261 -16.01 7.06 -11.49
CA ASP F 261 -16.96 6.08 -11.96
C ASP F 261 -17.17 6.24 -13.46
N ILE F 262 -16.97 7.44 -13.96
CA ILE F 262 -17.32 7.80 -15.37
C ILE F 262 -16.22 8.74 -15.82
N ILE F 263 -15.66 8.46 -16.99
CA ILE F 263 -14.76 9.39 -17.70
C ILE F 263 -15.50 10.18 -18.78
N GLN F 264 -15.01 11.34 -19.10
CA GLN F 264 -15.73 12.24 -20.00
C GLN F 264 -14.80 12.82 -20.97
N PRO F 265 -14.31 12.01 -21.91
CA PRO F 265 -13.48 12.57 -22.96
C PRO F 265 -14.24 13.55 -23.89
N ASP F 266 -13.54 14.55 -24.41
CA ASP F 266 -14.07 15.44 -25.44
C ASP F 266 -13.28 15.18 -26.76
N VAL F 267 -13.97 14.85 -27.83
CA VAL F 267 -13.31 14.64 -29.13
C VAL F 267 -12.31 15.75 -29.46
N MET F 268 -12.73 16.99 -29.22
CA MET F 268 -11.92 18.16 -29.56
C MET F 268 -10.75 18.44 -28.60
N HIS F 269 -10.70 17.71 -27.46
CA HIS F 269 -9.63 17.85 -26.49
C HIS F 269 -8.63 16.73 -26.57
N VAL F 270 -9.01 15.63 -27.21
CA VAL F 270 -8.11 14.48 -27.39
C VAL F 270 -7.31 14.51 -28.69
N ASN F 271 -6.40 13.57 -28.81
CA ASN F 271 -5.48 13.57 -29.92
C ASN F 271 -6.14 12.87 -31.15
N GLY F 272 -7.29 13.40 -31.61
CA GLY F 272 -8.08 12.71 -32.66
C GLY F 272 -9.12 11.66 -32.30
N ILE F 273 -10.03 11.43 -33.23
CA ILE F 273 -11.15 10.51 -33.13
C ILE F 273 -10.78 9.05 -32.80
N ASP F 274 -9.70 8.53 -33.40
CA ASP F 274 -9.20 7.22 -33.09
C ASP F 274 -8.79 7.11 -31.58
N GLU F 275 -8.07 8.11 -31.10
CA GLU F 275 -7.67 8.23 -29.70
C GLU F 275 -8.90 8.46 -28.81
N PHE F 276 -9.91 9.20 -29.30
CA PHE F 276 -11.15 9.41 -28.56
C PHE F 276 -11.84 8.06 -28.38
N ARG F 277 -11.92 7.31 -29.49
CA ARG F 277 -12.52 5.96 -29.46
C ARG F 277 -11.75 5.10 -28.44
N ASP F 278 -10.44 5.17 -28.48
CA ASP F 278 -9.63 4.37 -27.55
C ASP F 278 -9.87 4.71 -26.05
N CYS F 279 -10.11 5.97 -25.71
CA CYS F 279 -10.64 6.36 -24.34
C CYS F 279 -11.90 5.59 -23.92
N LEU F 280 -12.92 5.63 -24.78
CA LEU F 280 -14.16 4.91 -24.51
C LEU F 280 -13.91 3.42 -24.26
N GLN F 281 -13.20 2.77 -25.17
CA GLN F 281 -12.90 1.35 -25.06
C GLN F 281 -12.05 1.08 -23.76
N LEU F 282 -11.08 1.95 -23.50
CA LEU F 282 -10.23 1.91 -22.30
C LEU F 282 -11.07 1.85 -21.03
N ALA F 283 -12.07 2.74 -20.93
CA ALA F 283 -13.10 2.72 -19.86
C ALA F 283 -13.76 1.34 -19.73
N ARG F 284 -14.25 0.84 -20.85
CA ARG F 284 -14.87 -0.49 -20.89
C ARG F 284 -13.92 -1.58 -20.37
N TYR F 285 -12.66 -1.55 -20.76
CA TYR F 285 -11.74 -2.56 -20.31
C TYR F 285 -11.43 -2.46 -18.82
N PHE F 286 -11.52 -1.26 -18.28
CA PHE F 286 -11.37 -1.06 -16.83
C PHE F 286 -12.65 -1.25 -16.08
N GLY F 287 -13.75 -1.49 -16.77
CA GLY F 287 -15.04 -1.57 -16.10
C GLY F 287 -15.63 -0.29 -15.54
N VAL F 288 -15.28 0.86 -16.14
CA VAL F 288 -15.90 2.14 -15.77
C VAL F 288 -16.65 2.73 -16.99
N ARG F 289 -17.47 3.75 -16.75
CA ARG F 289 -18.34 4.30 -17.78
C ARG F 289 -17.74 5.50 -18.46
N ALA F 290 -18.27 5.85 -19.62
CA ALA F 290 -17.67 6.89 -20.38
C ALA F 290 -18.81 7.61 -21.04
N SER F 291 -18.82 8.93 -20.85
CA SER F 291 -19.91 9.74 -21.27
C SER F 291 -19.23 10.95 -21.89
N ALA F 292 -19.38 11.07 -23.19
CA ALA F 292 -18.61 12.06 -23.94
C ALA F 292 -18.97 13.46 -23.51
N HIS F 293 -17.96 14.32 -23.51
CA HIS F 293 -18.12 15.66 -23.05
C HIS F 293 -18.26 16.48 -24.31
N ALA F 294 -19.10 17.51 -24.32
CA ALA F 294 -19.32 18.20 -25.60
C ALA F 294 -19.97 19.59 -25.49
N TYR F 295 -19.55 20.38 -24.48
CA TYR F 295 -20.01 21.76 -24.31
C TYR F 295 -20.01 22.56 -25.62
N ASP F 296 -18.88 22.50 -26.31
CA ASP F 296 -18.69 23.04 -27.64
C ASP F 296 -18.69 21.85 -28.51
N GLY F 297 -19.07 22.04 -29.76
CA GLY F 297 -18.99 20.96 -30.74
C GLY F 297 -20.32 20.65 -31.39
N SER F 298 -20.32 20.42 -32.71
N SER F 298 -20.31 20.47 -32.72
CA SER F 298 -21.53 20.10 -33.48
CA SER F 298 -21.50 20.22 -33.53
C SER F 298 -21.23 19.05 -34.51
C SER F 298 -21.17 19.06 -34.43
N LEU F 299 -20.21 19.32 -35.31
CA LEU F 299 -19.64 18.29 -36.12
C LEU F 299 -18.87 17.25 -35.25
N SER F 300 -18.14 17.72 -34.21
CA SER F 300 -17.40 16.77 -33.33
C SER F 300 -18.34 15.96 -32.46
N ARG F 301 -19.46 16.59 -32.09
CA ARG F 301 -20.48 15.95 -31.31
C ARG F 301 -21.11 14.80 -32.07
N LEU F 302 -21.25 14.97 -33.38
CA LEU F 302 -21.79 13.94 -34.23
C LEU F 302 -20.84 12.73 -34.23
N TYR F 303 -19.54 13.01 -34.29
CA TYR F 303 -18.47 11.97 -34.19
C TYR F 303 -18.51 11.27 -32.82
N ALA F 304 -18.75 12.04 -31.77
CA ALA F 304 -18.96 11.45 -30.44
C ALA F 304 -20.20 10.54 -30.42
N LEU F 305 -21.28 10.92 -31.13
CA LEU F 305 -22.43 10.05 -31.32
C LEU F 305 -22.12 8.77 -32.11
N PHE F 306 -21.40 8.87 -33.23
CA PHE F 306 -21.06 7.66 -33.95
C PHE F 306 -20.28 6.68 -33.03
N ALA F 307 -19.26 7.22 -32.38
CA ALA F 307 -18.44 6.49 -31.42
C ALA F 307 -19.29 5.80 -30.35
N GLN F 308 -20.27 6.49 -29.80
CA GLN F 308 -21.09 5.91 -28.76
C GLN F 308 -21.95 4.79 -29.36
N ALA F 309 -22.32 4.94 -30.63
CA ALA F 309 -23.17 3.94 -31.30
C ALA F 309 -22.37 2.66 -31.58
N CYS F 310 -21.06 2.81 -31.73
CA CYS F 310 -20.17 1.65 -31.90
C CYS F 310 -19.50 1.20 -30.60
N LEU F 311 -19.99 1.67 -29.46
CA LEU F 311 -19.50 1.21 -28.16
C LEU F 311 -20.35 0.02 -27.69
N PRO F 312 -19.72 -1.06 -27.14
CA PRO F 312 -20.59 -2.08 -26.54
C PRO F 312 -21.29 -1.64 -25.25
N PRO F 313 -22.35 -2.37 -24.86
CA PRO F 313 -23.10 -2.03 -23.66
C PRO F 313 -22.18 -2.06 -22.42
N TRP F 314 -22.41 -1.18 -21.46
CA TRP F 314 -21.70 -1.30 -20.18
C TRP F 314 -22.34 -2.26 -19.17
N SER F 315 -23.64 -2.53 -19.27
CA SER F 315 -24.33 -3.39 -18.28
C SER F 315 -25.10 -4.52 -18.98
N LYS F 316 -25.76 -5.39 -18.21
CA LYS F 316 -26.65 -6.42 -18.80
C LYS F 316 -28.11 -6.01 -18.71
N MET F 317 -28.34 -4.73 -18.44
CA MET F 317 -29.69 -4.19 -18.18
C MET F 317 -30.24 -3.83 -19.53
N LYS F 318 -31.30 -4.54 -19.92
CA LYS F 318 -32.01 -4.37 -21.23
C LYS F 318 -32.24 -2.91 -21.57
N ASN F 319 -32.69 -2.19 -20.53
CA ASN F 319 -33.14 -0.83 -20.59
C ASN F 319 -32.10 0.19 -20.24
N ASP F 320 -30.94 -0.22 -19.74
CA ASP F 320 -29.99 0.78 -19.17
C ASP F 320 -28.51 0.39 -19.33
N HIS F 321 -27.98 0.50 -20.54
CA HIS F 321 -26.69 -0.10 -20.85
C HIS F 321 -25.85 0.71 -21.80
N ILE F 322 -26.27 1.96 -22.04
CA ILE F 322 -25.42 2.90 -22.81
C ILE F 322 -25.55 4.28 -22.17
N GLU F 323 -24.41 4.97 -22.09
CA GLU F 323 -24.35 6.21 -21.37
C GLU F 323 -24.81 7.37 -22.26
N PRO F 324 -25.45 8.39 -21.65
CA PRO F 324 -25.81 9.57 -22.43
C PRO F 324 -24.55 10.40 -22.81
N ILE F 325 -24.72 11.26 -23.81
CA ILE F 325 -23.75 12.15 -24.37
C ILE F 325 -24.23 13.52 -23.94
N GLU F 326 -23.31 14.46 -23.77
CA GLU F 326 -23.71 15.79 -23.32
C GLU F 326 -24.36 16.61 -24.47
N TRP F 327 -25.51 17.23 -24.22
CA TRP F 327 -26.14 18.07 -25.25
C TRP F 327 -26.26 19.51 -24.77
N ASP F 328 -25.31 20.36 -25.14
CA ASP F 328 -25.43 21.77 -24.77
C ASP F 328 -26.77 22.41 -25.26
N VAL F 329 -27.53 22.97 -24.33
CA VAL F 329 -28.81 23.60 -24.68
C VAL F 329 -28.86 25.12 -24.57
N MET F 330 -27.70 25.77 -24.46
CA MET F 330 -27.63 27.20 -24.27
C MET F 330 -27.61 27.88 -25.63
N GLU F 331 -27.89 29.19 -25.69
CA GLU F 331 -27.75 29.99 -26.95
C GLU F 331 -26.48 29.63 -27.70
N ASN F 332 -26.63 28.96 -28.86
CA ASN F 332 -25.48 28.64 -29.67
C ASN F 332 -25.89 28.25 -31.11
N PRO F 333 -25.76 29.19 -32.06
CA PRO F 333 -26.16 28.94 -33.45
C PRO F 333 -25.44 27.74 -34.10
N PHE F 334 -24.19 27.54 -33.69
CA PHE F 334 -23.35 26.49 -34.21
C PHE F 334 -23.91 25.07 -34.01
N THR F 335 -24.99 24.94 -33.25
CA THR F 335 -25.61 23.65 -32.97
C THR F 335 -26.28 23.13 -34.20
N ASP F 336 -26.56 24.08 -35.10
CA ASP F 336 -27.26 23.84 -36.37
C ASP F 336 -26.31 23.55 -37.53
N LEU F 337 -25.01 23.67 -37.29
CA LEU F 337 -24.01 23.38 -38.29
C LEU F 337 -24.14 22.00 -38.87
N VAL F 338 -24.76 21.09 -38.12
CA VAL F 338 -25.33 19.90 -38.74
C VAL F 338 -26.81 19.85 -38.33
N SER F 339 -27.61 19.14 -39.12
CA SER F 339 -29.07 19.06 -38.90
C SER F 339 -29.49 17.83 -38.12
N LEU F 340 -29.16 17.81 -36.82
CA LEU F 340 -29.42 16.69 -35.95
C LEU F 340 -29.79 17.27 -34.59
N GLN F 341 -30.97 16.95 -34.08
CA GLN F 341 -31.34 17.34 -32.72
C GLN F 341 -31.87 16.12 -32.01
N PRO F 342 -31.88 16.19 -30.66
CA PRO F 342 -32.55 15.14 -29.89
C PRO F 342 -34.05 15.22 -30.08
N SER F 343 -34.66 14.07 -29.93
CA SER F 343 -36.09 13.92 -29.91
C SER F 343 -36.42 13.20 -28.60
N LYS F 344 -37.01 13.91 -27.65
CA LYS F 344 -37.33 13.37 -26.31
C LYS F 344 -36.08 12.79 -25.56
N GLY F 345 -34.99 13.54 -25.62
CA GLY F 345 -33.70 13.13 -25.06
C GLY F 345 -33.05 11.91 -25.70
N MET F 346 -33.36 11.67 -26.98
CA MET F 346 -32.72 10.57 -27.71
C MET F 346 -32.30 11.10 -29.05
N VAL F 347 -31.12 10.75 -29.53
CA VAL F 347 -30.69 11.20 -30.85
C VAL F 347 -30.65 10.01 -31.79
N HIS F 348 -31.20 10.14 -33.00
CA HIS F 348 -31.12 9.09 -34.03
C HIS F 348 -29.89 9.29 -34.89
N ILE F 349 -29.03 8.29 -34.89
CA ILE F 349 -27.76 8.34 -35.62
C ILE F 349 -28.03 8.31 -37.16
N PRO F 350 -27.56 9.34 -37.92
CA PRO F 350 -27.45 9.24 -39.38
C PRO F 350 -26.83 7.91 -39.81
N LYS F 351 -27.43 7.27 -40.81
CA LYS F 351 -26.94 6.02 -41.36
C LYS F 351 -26.21 6.19 -42.68
N GLY F 352 -26.29 7.38 -43.29
CA GLY F 352 -25.75 7.58 -44.64
C GLY F 352 -24.25 7.43 -44.75
N LYS F 353 -23.76 7.29 -45.99
CA LYS F 353 -22.32 7.28 -46.25
C LYS F 353 -21.66 8.57 -45.80
N GLY F 354 -20.35 8.52 -45.61
CA GLY F 354 -19.62 9.56 -44.89
C GLY F 354 -20.24 9.78 -43.53
N ILE F 355 -20.56 11.04 -43.23
CA ILE F 355 -21.31 11.42 -42.02
C ILE F 355 -22.85 11.43 -42.15
N GLY F 356 -23.35 10.99 -43.31
CA GLY F 356 -24.80 10.84 -43.56
C GLY F 356 -25.56 12.14 -43.43
N THR F 357 -24.83 13.25 -43.52
CA THR F 357 -25.39 14.58 -43.30
C THR F 357 -24.46 15.65 -43.86
N GLU F 358 -24.97 16.89 -43.94
CA GLU F 358 -24.28 17.97 -44.63
C GLU F 358 -24.04 19.11 -43.66
N ILE F 359 -22.95 19.84 -43.90
CA ILE F 359 -22.64 21.07 -43.15
C ILE F 359 -23.50 22.22 -43.63
N ASN F 360 -24.19 22.85 -42.70
CA ASN F 360 -25.09 23.95 -43.00
C ASN F 360 -24.39 25.22 -43.46
N MET F 361 -24.22 25.39 -44.78
CA MET F 361 -23.45 26.51 -45.31
C MET F 361 -24.04 27.89 -44.97
N GLU F 362 -25.35 27.96 -44.71
CA GLU F 362 -25.96 29.22 -44.27
C GLU F 362 -25.27 29.69 -42.97
N ILE F 363 -25.18 28.78 -41.99
CA ILE F 363 -24.53 29.05 -40.68
C ILE F 363 -23.06 29.47 -40.86
N VAL F 364 -22.34 28.74 -41.69
CA VAL F 364 -20.95 29.03 -41.96
C VAL F 364 -20.77 30.44 -42.55
N ASN F 365 -21.65 30.84 -43.46
CA ASN F 365 -21.54 32.18 -44.05
C ASN F 365 -21.91 33.29 -43.07
N ARG F 366 -23.07 33.15 -42.47
CA ARG F 366 -23.60 34.08 -41.47
C ARG F 366 -22.57 34.45 -40.37
N TYR F 367 -21.76 33.48 -39.92
CA TYR F 367 -20.91 33.71 -38.74
C TYR F 367 -19.40 33.84 -38.95
N LYS F 368 -18.94 33.88 -40.20
CA LYS F 368 -17.54 34.16 -40.55
C LYS F 368 -16.92 35.10 -39.53
N TRP F 369 -15.75 34.74 -39.04
CA TRP F 369 -15.06 35.55 -38.03
C TRP F 369 -14.46 36.78 -38.72
N ASP F 370 -14.76 37.97 -38.20
CA ASP F 370 -14.34 39.20 -38.88
C ASP F 370 -12.82 39.42 -38.80
N GLY F 371 -12.20 38.95 -37.72
CA GLY F 371 -10.71 38.93 -37.60
C GLY F 371 -10.16 39.55 -36.32
N SER F 372 -11.05 40.02 -35.44
CA SER F 372 -10.66 40.77 -34.22
C SER F 372 -10.76 39.91 -32.96
N ALA F 373 -10.36 40.47 -31.81
CA ALA F 373 -10.53 39.75 -30.52
C ALA F 373 -11.45 40.51 -29.56
N TYR F 374 -12.45 39.80 -29.03
CA TYR F 374 -13.33 40.31 -27.99
C TYR F 374 -12.50 40.95 -26.84
N GLU F 375 -12.78 42.19 -26.37
CA GLU F 375 -13.69 43.26 -26.95
C GLU F 375 -15.08 43.50 -26.31
N ALA G 2 20.32 47.23 0.33
CA ALA G 2 21.43 48.05 0.91
C ALA G 2 22.50 47.15 1.53
N LEU G 3 23.69 47.72 1.71
CA LEU G 3 24.67 47.17 2.66
C LEU G 3 24.40 47.47 4.18
N VAL G 4 23.43 48.38 4.47
CA VAL G 4 23.03 48.81 5.85
C VAL G 4 23.01 47.78 7.03
N LYS G 5 23.63 48.18 8.15
CA LYS G 5 23.90 47.30 9.27
C LYS G 5 22.96 47.53 10.46
N ILE G 6 22.72 46.46 11.18
CA ILE G 6 22.01 46.49 12.42
C ILE G 6 22.98 47.07 13.42
N VAL G 7 22.56 48.11 14.12
CA VAL G 7 23.43 48.74 15.10
C VAL G 7 22.90 48.66 16.51
N ARG G 8 21.59 48.49 16.68
CA ARG G 8 21.05 48.35 18.00
C ARG G 8 19.87 47.38 18.04
N ILE G 9 19.77 46.57 19.12
CA ILE G 9 18.54 45.81 19.38
C ILE G 9 17.89 45.99 20.76
N GLU G 10 16.63 46.41 20.74
CA GLU G 10 15.90 46.60 22.00
C GLU G 10 14.95 45.44 22.30
N THR G 11 14.83 45.05 23.57
CA THR G 11 13.97 43.93 23.95
C THR G 11 12.87 44.38 24.94
N PHE G 12 11.66 43.84 24.80
CA PHE G 12 10.48 44.25 25.58
C PHE G 12 9.65 43.02 25.99
N PRO G 13 10.11 42.31 27.03
CA PRO G 13 9.29 41.26 27.53
C PRO G 13 8.12 41.84 28.39
N LEU G 14 6.92 41.32 28.15
CA LEU G 14 5.68 41.79 28.81
C LEU G 14 4.92 40.65 29.49
N PHE G 15 4.25 41.01 30.57
CA PHE G 15 3.61 40.05 31.41
C PHE G 15 2.30 40.66 31.87
N HIS G 16 1.27 39.83 31.91
CA HIS G 16 0.00 40.21 32.48
C HIS G 16 -0.63 39.03 33.20
N ARG G 17 -0.88 39.19 34.50
CA ARG G 17 -1.50 38.17 35.33
C ARG G 17 -3.02 38.22 35.08
N LEU G 18 -3.69 37.09 34.85
CA LEU G 18 -5.14 37.15 34.52
C LEU G 18 -6.00 37.44 35.74
N GLU G 19 -7.02 38.26 35.59
CA GLU G 19 -7.95 38.44 36.69
C GLU G 19 -8.80 37.22 37.00
N LYS G 20 -9.31 36.57 35.95
CA LYS G 20 -10.02 35.30 36.05
C LYS G 20 -9.36 34.31 35.07
N PRO G 21 -8.84 33.20 35.56
CA PRO G 21 -8.26 32.11 34.81
C PRO G 21 -9.23 31.58 33.74
N TYR G 22 -8.69 31.12 32.60
CA TYR G 22 -9.51 30.38 31.62
C TYR G 22 -8.69 29.30 31.02
N GLY G 23 -9.33 28.35 30.33
CA GLY G 23 -8.62 27.20 29.93
C GLY G 23 -9.14 26.37 28.78
N ASP G 24 -8.34 25.35 28.50
CA ASP G 24 -8.67 24.30 27.59
C ASP G 24 -8.33 22.94 28.22
N ALA G 25 -8.34 21.87 27.42
CA ALA G 25 -8.01 20.51 27.95
C ALA G 25 -6.59 20.40 28.59
N ASN G 26 -5.73 21.34 28.30
CA ASN G 26 -4.42 21.40 28.93
C ASN G 26 -4.43 22.04 30.33
N GLY G 27 -5.57 22.60 30.74
CA GLY G 27 -5.69 23.22 32.05
C GLY G 27 -5.83 24.75 31.92
N PHE G 28 -5.74 25.42 33.06
CA PHE G 28 -6.07 26.82 33.17
C PHE G 28 -4.87 27.68 32.96
N LYS G 29 -5.13 28.78 32.24
CA LYS G 29 -4.17 29.83 31.99
C LYS G 29 -4.21 30.88 33.12
N ARG G 30 -3.05 31.29 33.60
CA ARG G 30 -3.00 32.19 34.80
C ARG G 30 -2.43 33.58 34.41
N TYR G 31 -1.72 33.64 33.27
CA TYR G 31 -1.16 34.91 32.76
C TYR G 31 -1.03 34.79 31.25
N ARG G 32 -0.82 35.94 30.61
CA ARG G 32 -0.48 36.00 29.22
C ARG G 32 0.82 36.79 29.21
N THR G 33 1.65 36.52 28.22
CA THR G 33 2.91 37.24 28.07
C THR G 33 3.10 37.58 26.61
N CYS G 34 4.08 38.44 26.32
CA CYS G 34 4.39 38.82 24.93
C CYS G 34 5.85 39.21 24.91
N TYR G 35 6.61 38.95 23.83
CA TYR G 35 8.04 39.36 23.83
C TYR G 35 8.30 40.14 22.58
N LEU G 36 8.56 41.45 22.68
CA LEU G 36 8.84 42.20 21.46
C LEU G 36 10.29 42.57 21.38
N ILE G 37 10.71 42.79 20.16
CA ILE G 37 12.02 43.27 19.84
C ILE G 37 11.95 44.40 18.82
N ARG G 38 12.97 45.26 18.92
CA ARG G 38 13.12 46.34 18.00
C ARG G 38 14.52 46.33 17.47
N ILE G 39 14.65 46.14 16.17
CA ILE G 39 15.94 46.14 15.52
C ILE G 39 16.14 47.47 14.81
N ILE G 40 17.23 48.15 15.14
CA ILE G 40 17.53 49.48 14.59
C ILE G 40 18.77 49.38 13.66
N THR G 41 18.65 49.94 12.46
CA THR G 41 19.72 49.95 11.47
C THR G 41 20.53 51.27 11.49
N GLU G 42 21.71 51.26 10.81
CA GLU G 42 22.62 52.44 10.82
C GLU G 42 21.85 53.72 10.44
N SER G 43 21.00 53.58 9.41
CA SER G 43 20.22 54.69 8.88
C SER G 43 19.03 55.10 9.74
N GLY G 44 18.77 54.38 10.83
CA GLY G 44 17.66 54.72 11.68
C GLY G 44 16.39 53.96 11.33
N ILE G 45 16.37 53.30 10.16
CA ILE G 45 15.20 52.45 9.84
C ILE G 45 15.08 51.36 10.92
N ASP G 46 13.91 51.19 11.51
CA ASP G 46 13.78 50.06 12.43
C ASP G 46 12.63 49.11 12.08
N GLY G 47 12.60 47.98 12.78
CA GLY G 47 11.60 46.97 12.53
C GLY G 47 11.31 46.27 13.82
N TRP G 48 10.03 45.91 14.04
CA TRP G 48 9.66 45.18 15.25
C TRP G 48 9.31 43.73 15.04
N GLY G 49 9.44 42.93 16.09
CA GLY G 49 9.07 41.51 16.02
C GLY G 49 8.58 41.04 17.37
N GLU G 50 7.93 39.88 17.40
CA GLU G 50 7.19 39.41 18.54
C GLU G 50 7.45 37.93 18.55
N CYS G 51 7.76 37.38 19.73
CA CYS G 51 7.78 35.96 19.87
C CYS G 51 7.14 35.54 21.18
N VAL G 52 6.98 34.24 21.34
CA VAL G 52 6.40 33.72 22.55
C VAL G 52 7.16 32.53 23.11
N ASP G 53 7.43 32.58 24.41
CA ASP G 53 8.04 31.42 25.10
C ASP G 53 8.22 31.78 26.56
N TRP G 54 8.59 30.83 27.39
CA TRP G 54 8.75 31.13 28.80
C TRP G 54 9.77 32.33 28.95
N LEU G 55 9.39 33.43 29.63
CA LEU G 55 10.26 34.62 29.53
C LEU G 55 11.68 34.51 30.12
N PRO G 56 11.89 33.96 31.34
CA PRO G 56 13.30 33.91 31.78
C PRO G 56 14.28 33.39 30.69
N ALA G 57 13.99 32.21 30.16
CA ALA G 57 14.80 31.56 29.10
C ALA G 57 14.88 32.40 27.83
N LEU G 58 13.74 32.93 27.42
CA LEU G 58 13.68 33.70 26.17
C LEU G 58 14.57 34.95 26.29
N HIS G 59 14.42 35.62 27.42
CA HIS G 59 15.10 36.87 27.61
C HIS G 59 16.60 36.70 27.56
N VAL G 60 17.08 35.72 28.30
CA VAL G 60 18.49 35.34 28.29
C VAL G 60 19.02 34.90 26.91
N GLY G 61 18.18 34.24 26.11
CA GLY G 61 18.59 33.88 24.75
C GLY G 61 18.89 35.09 23.86
N PHE G 62 18.02 36.10 23.96
CA PHE G 62 18.24 37.38 23.27
C PHE G 62 19.44 38.14 23.78
N THR G 63 19.46 38.38 25.07
CA THR G 63 20.48 39.24 25.63
C THR G 63 21.85 38.59 25.58
N LYS G 64 21.94 37.28 25.74
CA LYS G 64 23.26 36.59 25.70
C LYS G 64 23.76 35.97 24.35
N ARG G 65 22.86 35.63 23.43
CA ARG G 65 23.28 34.97 22.14
C ARG G 65 22.87 35.76 20.92
N ILE G 66 21.56 35.96 20.80
CA ILE G 66 20.99 36.41 19.57
C ILE G 66 21.39 37.85 19.31
N ILE G 67 21.25 38.73 20.29
CA ILE G 67 21.66 40.13 20.03
C ILE G 67 23.17 40.25 19.74
N PRO G 68 24.05 39.69 20.61
CA PRO G 68 25.47 39.69 20.24
C PRO G 68 25.74 39.23 18.79
N PHE G 69 25.00 38.23 18.29
CA PHE G 69 25.26 37.74 16.92
C PHE G 69 24.76 38.70 15.88
N LEU G 70 23.66 39.40 16.18
CA LEU G 70 23.01 40.25 15.14
C LEU G 70 23.72 41.58 14.95
N LEU G 71 24.25 42.13 16.03
CA LEU G 71 24.93 43.43 15.95
C LEU G 71 26.00 43.44 14.87
N GLY G 72 25.90 44.39 13.94
CA GLY G 72 26.84 44.55 12.81
C GLY G 72 26.53 43.76 11.54
N LYS G 73 25.48 42.91 11.57
CA LYS G 73 25.06 42.13 10.42
C LYS G 73 24.25 43.00 9.47
N GLN G 74 24.28 42.67 8.17
CA GLN G 74 23.54 43.44 7.19
C GLN G 74 22.08 43.01 7.32
N ALA G 75 21.20 43.99 7.55
CA ALA G 75 19.79 43.82 7.83
C ALA G 75 19.12 43.20 6.62
N GLY G 76 19.70 43.44 5.45
CA GLY G 76 19.26 42.86 4.17
C GLY G 76 19.49 41.36 3.91
N SER G 77 20.30 40.69 4.73
CA SER G 77 20.51 39.23 4.53
C SER G 77 19.51 38.45 5.37
N ARG G 78 18.26 38.64 5.02
CA ARG G 78 17.17 38.19 5.88
C ARG G 78 17.09 36.65 5.90
N LEU G 79 17.00 36.02 4.72
CA LEU G 79 16.98 34.54 4.65
C LEU G 79 18.16 33.89 5.42
N SER G 80 19.38 34.32 5.07
CA SER G 80 20.61 33.86 5.69
C SER G 80 20.56 34.01 7.24
N LEU G 81 20.34 35.22 7.77
CA LEU G 81 20.29 35.42 9.24
C LEU G 81 19.24 34.55 10.00
N VAL G 82 17.99 34.56 9.51
CA VAL G 82 16.89 33.81 10.14
C VAL G 82 17.26 32.32 10.15
N ARG G 83 17.75 31.84 9.01
CA ARG G 83 18.22 30.45 8.98
C ARG G 83 19.31 30.10 10.05
N THR G 84 20.27 31.00 10.28
CA THR G 84 21.27 30.79 11.33
C THR G 84 20.62 30.68 12.71
N ILE G 85 19.80 31.67 13.04
CA ILE G 85 19.16 31.76 14.32
C ILE G 85 18.25 30.56 14.56
N GLN G 86 17.56 30.08 13.53
CA GLN G 86 16.63 28.96 13.69
C GLN G 86 17.27 27.70 14.31
N LYS G 87 18.51 27.43 13.93
CA LYS G 87 19.24 26.26 14.44
C LYS G 87 19.32 26.35 15.94
N TRP G 88 19.75 27.49 16.47
CA TRP G 88 19.78 27.72 17.92
C TRP G 88 18.36 27.77 18.46
N HIS G 89 17.68 28.86 18.11
CA HIS G 89 16.47 29.26 18.79
C HIS G 89 15.33 29.53 17.81
N GLN G 90 14.50 28.53 17.60
CA GLN G 90 13.40 28.64 16.64
C GLN G 90 12.36 29.78 16.94
N ARG G 91 12.03 29.98 18.24
CA ARG G 91 11.06 31.02 18.65
C ARG G 91 11.53 32.42 18.27
N ALA G 92 12.84 32.62 18.42
CA ALA G 92 13.47 33.92 18.27
C ALA G 92 13.60 34.26 16.81
N ALA G 93 13.88 33.24 15.99
CA ALA G 93 14.06 33.47 14.54
C ALA G 93 12.81 34.13 13.93
N SER G 94 11.70 33.74 14.49
CA SER G 94 10.41 34.21 14.05
C SER G 94 10.25 35.78 14.26
N ALA G 95 10.54 36.24 15.47
CA ALA G 95 10.56 37.63 15.84
C ALA G 95 11.59 38.38 14.98
N VAL G 96 12.82 37.85 14.90
CA VAL G 96 13.82 38.38 13.99
C VAL G 96 13.35 38.52 12.54
N SER G 97 12.57 37.56 12.01
CA SER G 97 12.23 37.64 10.56
C SER G 97 11.27 38.80 10.29
N MET G 98 10.27 38.96 11.19
CA MET G 98 9.37 40.08 11.17
C MET G 98 10.16 41.40 11.23
N ALA G 99 11.05 41.57 12.19
CA ALA G 99 11.75 42.87 12.31
C ALA G 99 12.41 43.25 10.99
N LEU G 100 13.18 42.29 10.43
CA LEU G 100 13.89 42.42 9.18
C LEU G 100 13.00 42.67 7.98
N THR G 101 11.77 42.11 8.01
CA THR G 101 10.77 42.30 6.96
C THR G 101 10.19 43.72 7.03
N GLU G 102 9.85 44.22 8.21
CA GLU G 102 9.49 45.63 8.31
C GLU G 102 10.56 46.58 7.68
N ILE G 103 11.82 46.27 7.97
CA ILE G 103 12.96 47.12 7.60
C ILE G 103 13.02 47.08 6.09
N ALA G 104 12.87 45.88 5.52
CA ALA G 104 12.94 45.68 4.04
C ALA G 104 11.86 46.52 3.34
N ALA G 105 10.67 46.50 3.92
CA ALA G 105 9.53 47.22 3.37
C ALA G 105 9.71 48.75 3.51
N LYS G 106 10.20 49.22 4.65
CA LYS G 106 10.40 50.69 4.80
C LYS G 106 11.58 51.10 3.88
N ALA G 107 12.66 50.29 3.82
CA ALA G 107 13.76 50.63 2.88
C ALA G 107 13.33 50.66 1.42
N ALA G 108 12.34 49.83 1.07
CA ALA G 108 11.84 49.79 -0.28
C ALA G 108 10.76 50.79 -0.50
N ASP G 109 10.36 51.53 0.53
CA ASP G 109 9.27 52.52 0.38
C ASP G 109 7.92 51.89 -0.07
N CYS G 110 7.56 50.74 0.52
CA CYS G 110 6.31 50.02 0.18
C CYS G 110 5.79 49.34 1.41
N SER G 111 4.65 48.73 1.27
CA SER G 111 4.08 47.94 2.36
C SER G 111 4.63 46.50 2.27
N VAL G 112 4.52 45.77 3.37
CA VAL G 112 4.86 44.37 3.43
C VAL G 112 4.22 43.57 2.32
N CYS G 113 2.91 43.65 2.15
CA CYS G 113 2.21 42.96 1.03
C CYS G 113 2.72 43.29 -0.36
N GLU G 114 3.04 44.57 -0.55
CA GLU G 114 3.70 44.98 -1.79
C GLU G 114 5.08 44.31 -1.98
N LEU G 115 5.84 44.26 -0.86
CA LEU G 115 7.14 43.61 -0.85
C LEU G 115 7.02 42.18 -1.35
N TRP G 116 5.88 41.53 -1.05
CA TRP G 116 5.62 40.14 -1.40
C TRP G 116 4.99 39.91 -2.81
N GLY G 117 4.84 40.97 -3.61
CA GLY G 117 4.20 40.88 -4.93
C GLY G 117 2.77 41.40 -5.03
N GLY G 118 2.28 42.00 -3.94
CA GLY G 118 0.94 42.62 -3.88
C GLY G 118 -0.19 41.73 -3.36
N ARG G 119 -1.15 42.28 -2.64
CA ARG G 119 -2.24 41.47 -2.05
C ARG G 119 -3.26 40.99 -3.09
N TYR G 120 -3.97 39.90 -2.81
CA TYR G 120 -5.12 39.50 -3.65
C TYR G 120 -6.38 40.26 -3.15
N ARG G 121 -6.42 40.64 -1.88
CA ARG G 121 -7.64 41.21 -1.31
C ARG G 121 -7.24 42.09 -0.13
N GLU G 122 -8.20 42.87 0.37
CA GLU G 122 -7.98 43.88 1.45
C GLU G 122 -8.72 43.53 2.81
N GLU G 123 -9.64 42.56 2.76
CA GLU G 123 -10.42 42.12 3.92
C GLU G 123 -10.26 40.63 4.22
N ILE G 124 -10.06 40.27 5.47
CA ILE G 124 -9.79 38.87 5.85
C ILE G 124 -10.80 38.52 6.94
N PRO G 125 -11.57 37.43 6.74
CA PRO G 125 -12.46 37.00 7.84
C PRO G 125 -11.68 36.33 9.01
N VAL G 126 -12.24 36.40 10.21
CA VAL G 126 -11.63 35.88 11.40
C VAL G 126 -12.71 35.08 12.11
N TYR G 127 -12.33 34.19 13.01
CA TYR G 127 -13.34 33.61 13.92
C TYR G 127 -12.97 33.99 15.38
N ALA G 128 -14.00 34.23 16.23
CA ALA G 128 -13.79 34.46 17.67
C ALA G 128 -13.41 33.18 18.38
N SER G 129 -12.28 33.18 19.10
CA SER G 129 -11.68 31.99 19.63
C SER G 129 -11.63 32.02 21.19
N PHE G 130 -12.25 31.03 21.81
CA PHE G 130 -12.46 30.99 23.24
C PHE G 130 -11.63 30.00 23.96
N GLN G 131 -11.26 30.35 25.20
CA GLN G 131 -10.81 29.40 26.17
C GLN G 131 -12.00 29.13 27.09
N SER G 132 -12.76 28.09 26.75
CA SER G 132 -14.11 27.92 27.24
C SER G 132 -14.21 27.46 28.67
N TYR G 133 -13.19 26.73 29.13
CA TYR G 133 -13.23 26.26 30.51
C TYR G 133 -12.85 27.38 31.49
N SER G 134 -13.50 27.34 32.64
CA SER G 134 -13.16 28.19 33.79
C SER G 134 -13.39 27.46 35.11
N ASP G 135 -12.78 27.97 36.15
CA ASP G 135 -12.76 27.35 37.49
C ASP G 135 -14.09 27.49 38.23
N SER G 136 -15.16 26.88 37.72
CA SER G 136 -16.49 27.13 38.27
C SER G 136 -17.44 26.00 37.86
N PRO G 137 -18.33 25.58 38.79
CA PRO G 137 -19.53 24.77 38.51
C PRO G 137 -20.46 25.45 37.52
N GLN G 138 -20.34 26.76 37.37
CA GLN G 138 -21.21 27.50 36.43
C GLN G 138 -20.51 27.78 35.07
N TRP G 139 -19.46 27.01 34.76
CA TRP G 139 -18.55 27.37 33.62
C TRP G 139 -19.29 27.37 32.34
N ILE G 140 -20.23 26.44 32.17
CA ILE G 140 -21.02 26.39 30.92
C ILE G 140 -21.75 27.70 30.70
N SER G 141 -22.50 28.16 31.71
CA SER G 141 -23.32 29.37 31.48
C SER G 141 -22.38 30.59 31.36
N ARG G 142 -21.21 30.57 31.99
CA ARG G 142 -20.20 31.65 31.71
C ARG G 142 -19.73 31.68 30.26
N SER G 143 -19.50 30.47 29.70
CA SER G 143 -19.11 30.34 28.28
C SER G 143 -20.23 30.77 27.37
N VAL G 144 -21.44 30.30 27.65
CA VAL G 144 -22.62 30.78 26.89
C VAL G 144 -22.69 32.31 26.90
N SER G 145 -22.59 32.93 28.09
CA SER G 145 -22.60 34.41 28.20
C SER G 145 -21.42 35.06 27.43
N ASN G 146 -20.24 34.46 27.52
CA ASN G 146 -19.10 35.00 26.78
C ASN G 146 -19.35 34.99 25.28
N VAL G 147 -19.83 33.85 24.80
CA VAL G 147 -20.14 33.61 23.38
C VAL G 147 -21.24 34.58 22.95
N GLU G 148 -22.33 34.69 23.72
CA GLU G 148 -23.40 35.65 23.37
C GLU G 148 -22.83 37.05 23.10
N ALA G 149 -21.90 37.46 23.94
CA ALA G 149 -21.37 38.80 23.92
C ALA G 149 -20.65 39.06 22.62
N GLN G 150 -19.83 38.08 22.19
CA GLN G 150 -19.05 38.25 20.98
C GLN G 150 -19.91 38.10 19.81
N LEU G 151 -21.00 37.32 19.90
CA LEU G 151 -21.92 37.25 18.76
C LEU G 151 -22.63 38.59 18.44
N LYS G 152 -22.87 39.39 19.47
CA LYS G 152 -23.44 40.72 19.30
C LYS G 152 -22.44 41.63 18.56
N LYS G 153 -21.15 41.33 18.61
CA LYS G 153 -20.21 42.09 17.76
C LYS G 153 -20.23 41.68 16.30
N GLY G 154 -20.99 40.64 15.97
CA GLY G 154 -21.18 40.33 14.58
C GLY G 154 -20.15 39.32 14.07
N PHE G 155 -19.51 38.61 15.00
CA PHE G 155 -18.78 37.37 14.65
C PHE G 155 -19.77 36.33 14.11
N GLU G 156 -19.44 35.75 12.98
CA GLU G 156 -20.24 34.71 12.40
C GLU G 156 -19.65 33.30 12.59
N GLN G 157 -18.45 33.20 13.19
CA GLN G 157 -17.85 31.89 13.51
C GLN G 157 -17.10 31.94 14.80
N ILE G 158 -17.07 30.81 15.50
CA ILE G 158 -16.45 30.73 16.84
C ILE G 158 -15.69 29.45 17.00
N LYS G 159 -14.72 29.44 17.90
CA LYS G 159 -14.06 28.19 18.25
C LYS G 159 -14.14 28.06 19.74
N VAL G 160 -14.48 26.86 20.20
CA VAL G 160 -14.63 26.57 21.60
C VAL G 160 -13.95 25.26 21.92
N LYS G 161 -13.77 25.04 23.21
CA LYS G 161 -12.90 23.98 23.62
C LYS G 161 -13.72 22.78 24.07
N ILE G 162 -13.24 21.59 23.69
CA ILE G 162 -13.80 20.29 24.19
C ILE G 162 -12.62 19.43 24.69
N GLY G 163 -12.88 18.28 25.32
CA GLY G 163 -11.79 17.38 25.61
C GLY G 163 -11.25 17.45 27.02
N GLY G 164 -11.67 18.49 27.79
CA GLY G 164 -11.09 18.73 29.14
C GLY G 164 -11.93 18.16 30.25
N THR G 165 -13.10 17.64 29.90
CA THR G 165 -13.95 16.97 30.86
C THR G 165 -14.72 15.89 30.10
N SER G 166 -15.56 15.12 30.77
CA SER G 166 -16.26 14.01 30.12
C SER G 166 -16.97 14.37 28.80
N PHE G 167 -17.15 13.36 27.94
CA PHE G 167 -17.95 13.53 26.72
C PHE G 167 -19.37 14.05 27.04
N LYS G 168 -20.01 13.48 28.06
CA LYS G 168 -21.37 13.93 28.36
C LYS G 168 -21.42 15.46 28.77
N GLU G 169 -20.49 15.91 29.61
CA GLU G 169 -20.47 17.32 30.05
C GLU G 169 -20.11 18.24 28.89
N ASP G 170 -19.13 17.78 28.08
CA ASP G 170 -18.75 18.59 26.93
C ASP G 170 -19.91 18.76 26.03
N VAL G 171 -20.69 17.67 25.82
CA VAL G 171 -21.85 17.76 24.92
C VAL G 171 -22.94 18.71 25.50
N ARG G 172 -23.15 18.67 26.83
CA ARG G 172 -24.09 19.65 27.45
C ARG G 172 -23.59 21.04 27.14
N HIS G 173 -22.24 21.25 27.16
CA HIS G 173 -21.72 22.61 26.87
C HIS G 173 -22.04 23.03 25.46
N ILE G 174 -21.70 22.18 24.48
CA ILE G 174 -21.89 22.50 23.09
C ILE G 174 -23.38 22.66 22.71
N ASN G 175 -24.26 21.79 23.25
CA ASN G 175 -25.71 21.94 23.06
C ASN G 175 -26.25 23.33 23.59
N ALA G 176 -25.83 23.72 24.78
CA ALA G 176 -26.12 25.09 25.27
C ALA G 176 -25.70 26.16 24.26
N LEU G 177 -24.45 26.09 23.78
CA LEU G 177 -24.00 26.95 22.68
C LEU G 177 -24.87 26.87 21.44
N GLN G 178 -25.22 25.65 21.03
CA GLN G 178 -26.06 25.47 19.84
C GLN G 178 -27.43 26.18 20.05
N HIS G 179 -28.02 26.05 21.23
N HIS G 179 -28.00 26.06 21.25
CA HIS G 179 -29.31 26.71 21.50
CA HIS G 179 -29.31 26.67 21.60
C HIS G 179 -29.23 28.26 21.44
C HIS G 179 -29.29 28.23 21.59
N THR G 180 -28.18 28.82 22.04
CA THR G 180 -28.00 30.27 22.05
C THR G 180 -27.54 30.85 20.71
N ALA G 181 -26.65 30.17 19.97
CA ALA G 181 -26.16 30.72 18.67
C ALA G 181 -27.12 30.49 17.51
N GLY G 182 -27.67 29.27 17.44
CA GLY G 182 -28.52 28.84 16.33
C GLY G 182 -27.64 28.49 15.15
N SER G 183 -28.29 28.11 14.05
CA SER G 183 -27.57 27.41 12.99
C SER G 183 -26.87 28.31 11.95
N SER G 184 -26.94 29.63 12.12
CA SER G 184 -26.32 30.49 11.15
C SER G 184 -24.87 30.92 11.60
N ILE G 185 -24.51 30.57 12.83
CA ILE G 185 -23.14 30.72 13.32
C ILE G 185 -22.31 29.40 13.06
N THR G 186 -21.12 29.52 12.46
CA THR G 186 -20.22 28.36 12.36
C THR G 186 -19.49 28.08 13.69
N MET G 187 -19.46 26.82 14.09
CA MET G 187 -18.81 26.44 15.31
C MET G 187 -17.66 25.44 15.03
N ILE G 188 -16.50 25.76 15.56
CA ILE G 188 -15.32 24.97 15.44
C ILE G 188 -15.08 24.37 16.83
N LEU G 189 -14.87 23.05 16.90
CA LEU G 189 -14.59 22.39 18.21
C LEU G 189 -13.14 21.97 18.31
N ASP G 190 -12.53 22.43 19.38
CA ASP G 190 -11.10 22.29 19.58
C ASP G 190 -10.84 21.37 20.75
N ALA G 191 -10.31 20.20 20.42
CA ALA G 191 -10.05 19.18 21.39
C ALA G 191 -8.64 19.26 21.93
N ASN G 192 -7.74 20.07 21.37
CA ASN G 192 -6.41 20.14 21.91
C ASN G 192 -5.75 18.78 22.17
N GLN G 193 -5.84 17.84 21.22
CA GLN G 193 -5.15 16.54 21.37
C GLN G 193 -5.56 15.67 22.54
N SER G 194 -6.77 15.92 23.07
CA SER G 194 -7.32 15.15 24.16
C SER G 194 -7.58 13.65 23.87
N TYR G 195 -7.94 13.36 22.65
CA TYR G 195 -8.63 12.10 22.34
C TYR G 195 -7.77 11.07 21.67
N ASP G 196 -8.29 9.87 21.55
CA ASP G 196 -7.87 8.90 20.58
C ASP G 196 -9.00 8.81 19.61
N ALA G 197 -8.85 8.04 18.51
CA ALA G 197 -9.83 8.09 17.41
C ALA G 197 -11.25 7.69 17.83
N ALA G 198 -11.35 6.69 18.70
CA ALA G 198 -12.66 6.23 19.12
C ALA G 198 -13.38 7.33 19.95
N ALA G 199 -12.64 8.07 20.79
CA ALA G 199 -13.27 9.08 21.69
C ALA G 199 -13.71 10.23 20.80
N ALA G 200 -12.84 10.63 19.84
CA ALA G 200 -13.21 11.64 18.85
C ALA G 200 -14.44 11.23 18.09
N PHE G 201 -14.48 9.97 17.65
CA PHE G 201 -15.60 9.47 16.86
C PHE G 201 -16.96 9.56 17.57
N LYS G 202 -16.96 9.52 18.89
CA LYS G 202 -18.19 9.72 19.62
C LYS G 202 -18.99 10.93 19.20
N TRP G 203 -18.30 11.97 18.70
CA TRP G 203 -18.95 13.23 18.32
C TRP G 203 -19.67 13.06 16.99
N GLU G 204 -19.40 11.96 16.28
CA GLU G 204 -19.93 11.81 14.90
C GLU G 204 -21.49 11.84 14.82
N ARG G 205 -22.13 11.25 15.81
CA ARG G 205 -23.56 11.20 15.87
C ARG G 205 -24.23 12.56 16.09
N TYR G 206 -23.50 13.53 16.68
CA TYR G 206 -23.91 14.94 16.68
C TYR G 206 -23.46 15.66 15.43
N PHE G 207 -22.32 15.24 14.86
CA PHE G 207 -21.87 15.91 13.63
C PHE G 207 -22.90 15.69 12.51
N SER G 208 -23.51 14.50 12.45
CA SER G 208 -24.46 14.15 11.43
C SER G 208 -25.70 15.00 11.45
N GLU G 209 -26.12 15.32 12.66
CA GLU G 209 -27.30 16.08 12.99
C GLU G 209 -27.00 17.58 12.80
N TRP G 210 -25.97 18.11 13.44
CA TRP G 210 -25.63 19.54 13.35
C TRP G 210 -25.20 19.91 11.98
N THR G 211 -25.52 21.13 11.55
CA THR G 211 -25.13 21.59 10.19
C THR G 211 -24.11 22.73 10.22
N ASN G 212 -23.69 23.14 11.40
CA ASN G 212 -22.86 24.34 11.44
C ASN G 212 -21.48 24.09 12.01
N ILE G 213 -20.96 22.86 11.95
CA ILE G 213 -19.61 22.59 12.44
C ILE G 213 -18.61 22.89 11.37
N GLY G 214 -17.68 23.82 11.66
CA GLY G 214 -16.69 24.26 10.71
C GLY G 214 -15.57 23.21 10.63
N TRP G 215 -15.12 22.77 11.77
CA TRP G 215 -14.18 21.69 11.75
C TRP G 215 -13.92 21.20 13.17
N LEU G 216 -13.36 19.99 13.27
CA LEU G 216 -12.93 19.44 14.50
C LEU G 216 -11.45 19.69 14.52
N GLU G 217 -10.97 20.34 15.59
CA GLU G 217 -9.59 20.81 15.68
C GLU G 217 -8.72 19.94 16.56
N GLU G 218 -7.63 19.42 15.94
CA GLU G 218 -6.59 18.57 16.62
C GLU G 218 -7.15 17.56 17.60
N PRO G 219 -8.05 16.66 17.13
CA PRO G 219 -8.59 15.71 18.08
C PRO G 219 -7.55 14.76 18.73
N LEU G 220 -6.47 14.44 18.00
CA LEU G 220 -5.44 13.49 18.43
C LEU G 220 -4.06 14.15 18.45
N PRO G 221 -3.10 13.57 19.20
CA PRO G 221 -1.68 13.90 19.11
C PRO G 221 -1.18 13.56 17.69
N PHE G 222 -0.01 14.08 17.30
CA PHE G 222 0.46 13.87 15.92
C PHE G 222 1.51 12.80 15.71
N ASP G 223 1.72 11.95 16.70
CA ASP G 223 2.79 10.94 16.57
C ASP G 223 2.49 9.90 15.49
N GLN G 224 1.21 9.66 15.22
CA GLN G 224 0.72 8.62 14.32
C GLN G 224 -0.14 9.29 13.25
N PRO G 225 0.50 9.86 12.23
CA PRO G 225 -0.29 10.40 11.07
C PRO G 225 -1.39 9.48 10.54
N GLN G 226 -1.16 8.16 10.52
CA GLN G 226 -2.18 7.28 9.87
C GLN G 226 -3.49 7.29 10.69
N ASP G 227 -3.39 7.65 11.98
CA ASP G 227 -4.59 7.72 12.80
C ASP G 227 -5.43 8.92 12.35
N TYR G 228 -4.75 10.03 12.02
CA TYR G 228 -5.48 11.18 11.42
C TYR G 228 -6.22 10.84 10.14
N ALA G 229 -5.49 10.14 9.26
CA ALA G 229 -6.05 9.80 7.91
C ALA G 229 -7.26 8.88 8.06
N MET G 230 -7.18 7.94 8.98
CA MET G 230 -8.29 7.01 9.29
C MET G 230 -9.52 7.73 9.89
N LEU G 231 -9.28 8.51 10.93
CA LEU G 231 -10.30 9.33 11.53
C LEU G 231 -10.96 10.30 10.58
N ARG G 232 -10.16 11.06 9.83
CA ARG G 232 -10.68 11.95 8.82
C ARG G 232 -11.63 11.17 7.91
N SER G 233 -11.32 9.92 7.55
CA SER G 233 -12.21 9.24 6.60
C SER G 233 -13.56 8.83 7.22
N ARG G 234 -13.71 8.97 8.54
CA ARG G 234 -14.91 8.47 9.23
C ARG G 234 -15.85 9.59 9.66
N LEU G 235 -15.35 10.81 9.65
CA LEU G 235 -16.13 11.93 10.12
C LEU G 235 -16.83 12.69 9.02
N SER G 236 -17.91 13.36 9.41
CA SER G 236 -18.75 14.13 8.57
C SER G 236 -18.37 15.59 8.56
N VAL G 237 -17.38 15.96 9.35
CA VAL G 237 -16.86 17.36 9.31
C VAL G 237 -15.35 17.37 8.98
N PRO G 238 -14.85 18.50 8.43
CA PRO G 238 -13.39 18.49 8.19
C PRO G 238 -12.51 18.41 9.47
N VAL G 239 -11.27 17.94 9.32
CA VAL G 239 -10.33 17.91 10.43
C VAL G 239 -9.20 18.93 10.14
N ALA G 240 -8.86 19.68 11.17
CA ALA G 240 -7.79 20.73 11.11
C ALA G 240 -6.70 20.49 12.17
N GLY G 241 -5.46 20.92 11.93
CA GLY G 241 -4.41 20.86 12.94
C GLY G 241 -3.04 21.29 12.48
N GLY G 242 -2.08 21.15 13.39
CA GLY G 242 -0.68 21.42 13.07
C GLY G 242 -0.18 22.74 13.61
N GLU G 243 -0.81 23.23 14.66
CA GLU G 243 -0.37 24.51 15.27
C GLU G 243 1.09 24.44 15.84
N ASN G 244 1.58 23.25 16.19
CA ASN G 244 2.92 23.12 16.71
C ASN G 244 4.05 22.77 15.68
N MET G 245 3.70 22.68 14.41
CA MET G 245 4.66 22.26 13.36
C MET G 245 5.58 23.41 13.14
N LYS G 246 6.85 23.09 12.94
CA LYS G 246 7.90 24.13 12.83
C LYS G 246 8.01 24.70 11.41
N GLY G 247 7.41 24.05 10.42
CA GLY G 247 7.57 24.59 9.08
C GLY G 247 7.08 23.65 8.03
N PRO G 248 7.16 24.07 6.73
CA PRO G 248 6.65 23.20 5.67
C PRO G 248 7.14 21.76 5.68
N ALA G 249 8.42 21.53 5.95
CA ALA G 249 8.98 20.18 5.97
C ALA G 249 8.16 19.20 6.82
N GLN G 250 7.65 19.71 7.94
CA GLN G 250 6.85 18.91 8.88
C GLN G 250 5.48 18.63 8.36
N TYR G 251 4.97 19.54 7.56
CA TYR G 251 3.63 19.41 7.06
C TYR G 251 3.54 18.44 5.89
N VAL G 252 4.67 18.20 5.22
CA VAL G 252 4.64 17.47 3.93
C VAL G 252 4.16 16.06 4.16
N PRO G 253 4.78 15.31 5.06
CA PRO G 253 4.29 13.93 5.32
C PRO G 253 2.81 13.87 5.66
N LEU G 254 2.31 14.82 6.48
CA LEU G 254 0.86 14.88 6.82
C LEU G 254 -0.05 15.01 5.57
N LEU G 255 0.39 15.85 4.66
CA LEU G 255 -0.36 16.20 3.49
C LEU G 255 -0.26 15.11 2.44
N SER G 256 0.92 14.50 2.33
CA SER G 256 1.12 13.31 1.46
C SER G 256 0.17 12.19 1.89
N GLN G 257 0.00 12.04 3.21
CA GLN G 257 -0.81 10.98 3.78
C GLN G 257 -2.28 11.37 3.98
N ARG G 258 -2.72 12.50 3.46
CA ARG G 258 -4.16 12.94 3.61
C ARG G 258 -4.66 12.97 5.07
N CYS G 259 -3.90 13.59 5.95
CA CYS G 259 -4.20 13.59 7.37
C CYS G 259 -5.23 14.64 7.74
N LEU G 260 -5.26 15.74 6.95
CA LEU G 260 -5.90 17.01 7.34
C LEU G 260 -6.59 17.69 6.18
N ASP G 261 -7.79 18.19 6.43
CA ASP G 261 -8.45 19.16 5.55
C ASP G 261 -7.88 20.59 5.57
N ILE G 262 -7.44 21.01 6.75
CA ILE G 262 -6.99 22.39 7.04
C ILE G 262 -5.74 22.32 7.88
N ILE G 263 -4.66 22.98 7.44
CA ILE G 263 -3.49 23.10 8.25
C ILE G 263 -3.57 24.50 8.97
N GLN G 264 -2.96 24.58 10.15
CA GLN G 264 -3.05 25.79 11.00
C GLN G 264 -1.64 26.23 11.49
N PRO G 265 -0.78 26.71 10.57
CA PRO G 265 0.50 27.13 11.08
C PRO G 265 0.39 28.38 11.91
N ASP G 266 1.40 28.63 12.75
CA ASP G 266 1.41 29.82 13.60
C ASP G 266 2.71 30.56 13.34
N VAL G 267 2.66 31.85 13.06
CA VAL G 267 3.86 32.63 12.71
C VAL G 267 4.95 32.40 13.74
N MET G 268 4.54 32.38 15.00
CA MET G 268 5.50 32.34 16.09
C MET G 268 5.98 30.95 16.45
N HIS G 269 5.45 29.95 15.74
CA HIS G 269 5.84 28.57 15.93
C HIS G 269 6.64 28.04 14.76
N VAL G 270 6.59 28.72 13.61
CA VAL G 270 7.35 28.20 12.46
C VAL G 270 8.66 29.01 12.35
N ASN G 271 9.56 28.65 11.46
CA ASN G 271 10.85 29.35 11.40
C ASN G 271 10.80 30.71 10.68
N GLY G 272 10.18 31.74 11.25
CA GLY G 272 10.08 33.05 10.52
C GLY G 272 8.96 33.21 9.49
N ILE G 273 8.66 34.45 9.08
CA ILE G 273 7.49 34.77 8.21
C ILE G 273 7.56 34.19 6.80
N ASP G 274 8.76 34.10 6.21
CA ASP G 274 8.93 33.48 4.90
C ASP G 274 8.58 31.98 4.89
N GLU G 275 9.04 31.21 5.86
CA GLU G 275 8.55 29.81 5.97
C GLU G 275 7.06 29.71 6.26
N PHE G 276 6.51 30.63 7.04
CA PHE G 276 5.06 30.62 7.33
C PHE G 276 4.28 30.74 6.04
N ARG G 277 4.65 31.74 5.22
CA ARG G 277 4.02 31.92 3.95
C ARG G 277 4.21 30.64 3.07
N ASP G 278 5.37 29.98 3.17
CA ASP G 278 5.58 28.71 2.46
C ASP G 278 4.60 27.65 2.99
N CYS G 279 4.33 27.65 4.29
CA CYS G 279 3.35 26.69 4.86
C CYS G 279 2.01 26.93 4.19
N LEU G 280 1.59 28.21 4.09
CA LEU G 280 0.36 28.56 3.33
C LEU G 280 0.31 28.07 1.86
N GLN G 281 1.31 28.41 1.06
CA GLN G 281 1.36 28.00 -0.35
C GLN G 281 1.44 26.50 -0.51
N LEU G 282 2.15 25.82 0.38
CA LEU G 282 2.26 24.38 0.40
C LEU G 282 0.85 23.78 0.41
N ALA G 283 0.03 24.28 1.31
CA ALA G 283 -1.33 23.83 1.43
C ALA G 283 -2.03 24.02 0.06
N ARG G 284 -1.87 25.18 -0.58
CA ARG G 284 -2.54 25.46 -1.87
C ARG G 284 -2.06 24.46 -2.95
N TYR G 285 -0.76 24.18 -2.96
CA TYR G 285 -0.27 23.19 -3.90
C TYR G 285 -0.78 21.80 -3.67
N PHE G 286 -0.99 21.42 -2.40
CA PHE G 286 -1.64 20.15 -2.04
C PHE G 286 -3.18 20.08 -2.22
N GLY G 287 -3.80 21.23 -2.45
CA GLY G 287 -5.25 21.20 -2.64
C GLY G 287 -5.89 21.13 -1.29
N VAL G 288 -5.20 21.61 -0.24
CA VAL G 288 -5.79 21.63 1.15
C VAL G 288 -5.84 23.12 1.68
N ARG G 289 -6.70 23.38 2.66
CA ARG G 289 -6.86 24.74 3.21
C ARG G 289 -5.86 25.03 4.35
N ALA G 290 -5.75 26.31 4.66
CA ALA G 290 -4.73 26.80 5.59
C ALA G 290 -5.43 27.95 6.32
N SER G 291 -5.50 27.86 7.64
CA SER G 291 -6.07 28.91 8.45
C SER G 291 -5.11 29.10 9.62
N ALA G 292 -4.50 30.27 9.68
CA ALA G 292 -3.45 30.57 10.64
C ALA G 292 -3.92 30.41 12.06
N HIS G 293 -3.06 29.88 12.90
CA HIS G 293 -3.29 29.77 14.31
C HIS G 293 -2.70 31.01 15.04
N ALA G 294 -3.36 31.46 16.10
CA ALA G 294 -2.96 32.72 16.69
C ALA G 294 -3.61 32.88 18.06
N TYR G 295 -3.37 31.93 18.95
CA TYR G 295 -3.88 32.05 20.29
C TYR G 295 -3.18 33.26 20.93
N ASP G 296 -1.86 33.29 20.82
CA ASP G 296 -1.05 34.44 21.26
C ASP G 296 -0.73 35.16 19.96
N GLY G 297 -0.43 36.45 20.03
CA GLY G 297 -0.04 37.14 18.83
C GLY G 297 -0.84 38.39 18.57
N SER G 298 -0.14 39.43 18.14
CA SER G 298 -0.76 40.71 17.81
C SER G 298 -0.02 41.30 16.67
N LEU G 299 1.21 41.76 16.93
CA LEU G 299 2.11 42.05 15.84
C LEU G 299 2.23 40.83 14.91
N SER G 300 2.42 39.64 15.45
CA SER G 300 2.60 38.51 14.53
C SER G 300 1.26 38.10 13.95
N ARG G 301 0.16 38.47 14.57
CA ARG G 301 -1.09 38.15 13.96
C ARG G 301 -1.28 39.08 12.75
N LEU G 302 -0.74 40.28 12.83
CA LEU G 302 -0.79 41.23 11.69
C LEU G 302 -0.11 40.64 10.47
N TYR G 303 1.07 40.04 10.67
CA TYR G 303 1.75 39.31 9.59
C TYR G 303 0.94 38.15 9.03
N ALA G 304 0.24 37.38 9.89
CA ALA G 304 -0.62 36.30 9.35
C ALA G 304 -1.70 36.90 8.49
N LEU G 305 -2.19 38.10 8.86
CA LEU G 305 -3.18 38.83 8.06
C LEU G 305 -2.65 39.26 6.73
N PHE G 306 -1.43 39.81 6.71
CA PHE G 306 -0.77 40.20 5.44
C PHE G 306 -0.59 38.99 4.54
N ALA G 307 -0.06 37.93 5.13
CA ALA G 307 0.14 36.66 4.42
C ALA G 307 -1.18 36.07 3.85
N GLN G 308 -2.29 36.13 4.59
CA GLN G 308 -3.58 35.70 4.06
C GLN G 308 -4.09 36.58 2.90
N ALA G 309 -3.85 37.89 2.99
CA ALA G 309 -4.28 38.80 1.96
C ALA G 309 -3.53 38.60 0.64
N CYS G 310 -2.31 38.06 0.76
CA CYS G 310 -1.45 37.73 -0.36
C CYS G 310 -1.62 36.29 -0.83
N LEU G 311 -2.62 35.57 -0.31
CA LEU G 311 -2.80 34.15 -0.64
C LEU G 311 -3.85 33.99 -1.74
N PRO G 312 -3.57 33.17 -2.79
CA PRO G 312 -4.58 32.91 -3.80
C PRO G 312 -5.85 32.37 -3.13
N PRO G 313 -7.03 32.51 -3.77
CA PRO G 313 -8.27 31.82 -3.30
C PRO G 313 -8.17 30.31 -3.34
N TRP G 314 -8.79 29.61 -2.39
CA TRP G 314 -8.79 28.13 -2.40
C TRP G 314 -9.95 27.54 -3.21
N SER G 315 -10.90 28.36 -3.64
CA SER G 315 -12.07 27.83 -4.34
C SER G 315 -12.53 28.81 -5.34
N LYS G 316 -13.45 28.34 -6.16
CA LYS G 316 -14.10 29.17 -7.19
C LYS G 316 -15.44 29.80 -6.70
N MET G 317 -15.74 29.67 -5.42
CA MET G 317 -16.97 30.22 -4.86
C MET G 317 -16.73 31.71 -4.68
N LYS G 318 -17.43 32.52 -5.47
CA LYS G 318 -17.28 34.02 -5.40
C LYS G 318 -17.33 34.61 -3.99
N ASN G 319 -18.17 34.06 -3.13
CA ASN G 319 -18.20 34.56 -1.74
C ASN G 319 -17.73 33.57 -0.63
N ASP G 320 -17.01 32.51 -1.02
CA ASP G 320 -16.41 31.62 -0.02
C ASP G 320 -15.03 31.04 -0.46
N HIS G 321 -14.02 31.91 -0.53
CA HIS G 321 -12.79 31.47 -1.18
C HIS G 321 -11.50 31.85 -0.44
N ILE G 322 -11.63 32.27 0.80
CA ILE G 322 -10.44 32.53 1.56
C ILE G 322 -10.76 32.12 2.98
N GLU G 323 -9.84 31.40 3.62
CA GLU G 323 -10.07 30.84 4.95
C GLU G 323 -10.00 31.94 6.04
N PRO G 324 -10.72 31.75 7.17
CA PRO G 324 -10.57 32.74 8.26
C PRO G 324 -9.27 32.54 9.06
N ILE G 325 -8.89 33.52 9.86
CA ILE G 325 -7.79 33.45 10.81
C ILE G 325 -8.37 33.42 12.21
N GLU G 326 -7.63 32.84 13.16
CA GLU G 326 -8.04 32.80 14.54
C GLU G 326 -7.99 34.19 15.28
N TRP G 327 -9.09 34.59 15.89
CA TRP G 327 -9.07 35.85 16.64
C TRP G 327 -9.40 35.64 18.12
N ASP G 328 -8.37 35.57 18.98
CA ASP G 328 -8.52 35.33 20.38
C ASP G 328 -9.34 36.48 21.00
N VAL G 329 -10.44 36.13 21.66
CA VAL G 329 -11.37 37.11 22.30
C VAL G 329 -11.31 37.04 23.85
N MET G 330 -10.39 36.23 24.38
CA MET G 330 -10.24 36.20 25.81
C MET G 330 -9.44 37.45 26.39
N GLU G 331 -9.58 37.74 27.68
CA GLU G 331 -8.86 38.86 28.32
C GLU G 331 -7.40 38.74 27.91
N ASN G 332 -6.93 39.72 27.14
CA ASN G 332 -5.54 39.85 26.80
C ASN G 332 -5.26 41.26 26.41
N PRO G 333 -4.53 41.98 27.26
CA PRO G 333 -4.23 43.39 26.96
C PRO G 333 -3.33 43.52 25.77
N PHE G 334 -2.56 42.47 25.45
CA PHE G 334 -1.68 42.47 24.30
C PHE G 334 -2.36 42.45 22.96
N THR G 335 -3.68 42.26 22.95
CA THR G 335 -4.40 42.31 21.70
C THR G 335 -4.32 43.74 21.14
N ASP G 336 -4.05 44.69 22.04
CA ASP G 336 -3.93 46.06 21.63
C ASP G 336 -2.56 46.60 21.35
N LEU G 337 -1.53 45.75 21.26
CA LEU G 337 -0.22 46.28 20.89
C LEU G 337 -0.27 46.89 19.52
N VAL G 338 -1.06 46.27 18.65
CA VAL G 338 -1.30 46.79 17.29
C VAL G 338 -2.76 47.26 17.32
N SER G 339 -3.07 48.45 16.80
CA SER G 339 -4.43 48.94 16.98
C SER G 339 -5.25 48.50 15.77
N LEU G 340 -5.89 47.33 15.89
CA LEU G 340 -6.51 46.60 14.74
C LEU G 340 -7.46 45.53 15.24
N GLN G 341 -8.74 45.64 14.86
CA GLN G 341 -9.81 44.74 15.36
C GLN G 341 -10.78 44.48 14.24
N PRO G 342 -11.41 43.29 14.25
CA PRO G 342 -12.39 43.07 13.19
C PRO G 342 -13.68 43.90 13.41
N SER G 343 -14.41 44.20 12.30
CA SER G 343 -15.82 44.57 12.40
C SER G 343 -16.63 43.52 11.76
N LYS G 344 -17.62 43.04 12.53
CA LYS G 344 -18.54 42.02 12.08
C LYS G 344 -17.71 40.90 11.46
N GLY G 345 -16.68 40.48 12.21
CA GLY G 345 -15.83 39.37 11.86
C GLY G 345 -14.94 39.53 10.65
N MET G 346 -14.69 40.76 10.20
CA MET G 346 -13.83 40.98 9.04
C MET G 346 -12.77 41.96 9.45
N VAL G 347 -11.53 41.68 9.08
CA VAL G 347 -10.44 42.59 9.38
C VAL G 347 -10.05 43.23 8.10
N HIS G 348 -9.91 44.56 8.15
CA HIS G 348 -9.52 45.38 7.03
C HIS G 348 -8.05 45.72 7.23
N ILE G 349 -7.25 45.18 6.31
CA ILE G 349 -5.78 45.21 6.28
C ILE G 349 -5.25 46.68 6.13
N PRO G 350 -4.32 47.10 7.01
CA PRO G 350 -3.68 48.39 6.77
C PRO G 350 -2.89 48.33 5.45
N LYS G 351 -2.93 49.43 4.71
CA LYS G 351 -2.39 49.48 3.34
C LYS G 351 -1.12 50.34 3.22
N GLY G 352 -0.81 51.07 4.30
CA GLY G 352 0.34 51.99 4.33
C GLY G 352 1.71 51.35 4.38
N LYS G 353 2.75 52.20 4.27
CA LYS G 353 4.15 51.71 4.30
C LYS G 353 4.58 50.92 5.51
N GLY G 354 5.44 49.93 5.29
CA GLY G 354 5.97 49.12 6.40
C GLY G 354 4.81 48.16 6.73
N ILE G 355 4.52 48.04 8.03
CA ILE G 355 3.30 47.41 8.53
C ILE G 355 2.06 48.31 8.51
N GLY G 356 2.21 49.56 8.06
CA GLY G 356 1.05 50.44 7.90
C GLY G 356 0.35 50.82 9.17
N THR G 357 1.02 50.61 10.29
CA THR G 357 0.44 50.87 11.60
C THR G 357 1.57 50.97 12.61
N GLU G 358 1.25 51.50 13.80
CA GLU G 358 2.24 51.69 14.87
C GLU G 358 1.99 50.74 16.04
N ILE G 359 3.06 50.35 16.72
CA ILE G 359 2.98 49.60 17.98
C ILE G 359 2.55 50.57 19.06
N ASN G 360 1.64 50.12 19.90
CA ASN G 360 1.17 50.96 21.00
C ASN G 360 2.11 50.88 22.21
N MET G 361 3.05 51.85 22.31
CA MET G 361 4.07 51.92 23.43
C MET G 361 3.53 52.05 24.86
N GLU G 362 2.32 52.57 24.99
CA GLU G 362 1.64 52.60 26.27
C GLU G 362 1.40 51.20 26.78
N ILE G 363 1.09 50.28 25.89
CA ILE G 363 0.91 48.89 26.32
C ILE G 363 2.26 48.27 26.70
N VAL G 364 3.26 48.42 25.84
CA VAL G 364 4.65 48.02 26.20
C VAL G 364 5.06 48.55 27.58
N ASN G 365 4.91 49.86 27.77
CA ASN G 365 5.33 50.47 29.04
C ASN G 365 4.50 50.01 30.22
N ARG G 366 3.19 49.85 30.05
CA ARG G 366 2.32 49.32 31.13
C ARG G 366 2.59 47.88 31.58
N TYR G 367 2.92 46.98 30.66
CA TYR G 367 3.01 45.58 31.04
C TYR G 367 4.45 45.02 31.12
N LYS G 368 5.42 45.93 31.15
CA LYS G 368 6.81 45.59 31.42
C LYS G 368 7.01 44.43 32.42
N TRP G 369 7.68 43.36 31.99
CA TRP G 369 7.98 42.22 32.89
C TRP G 369 8.98 42.57 34.01
N ASP G 370 8.66 42.19 35.26
CA ASP G 370 9.46 42.58 36.43
C ASP G 370 10.65 41.65 36.70
N GLY G 371 10.81 40.60 35.90
CA GLY G 371 11.97 39.75 36.01
C GLY G 371 11.70 38.45 36.75
N SER G 372 10.71 38.43 37.64
CA SER G 372 10.46 37.20 38.38
C SER G 372 9.65 36.14 37.59
N ALA G 373 9.87 34.87 37.94
CA ALA G 373 8.99 33.81 37.44
C ALA G 373 7.73 33.77 38.27
N TYR G 374 6.73 33.07 37.75
CA TYR G 374 5.47 32.86 38.42
C TYR G 374 5.79 31.55 39.14
N GLU G 375 6.10 31.69 40.45
CA GLU G 375 6.78 30.66 41.28
C GLU G 375 7.08 29.29 40.64
N ALA H 2 4.07 51.27 -4.31
CA ALA H 2 3.54 52.11 -5.45
C ALA H 2 2.17 51.72 -6.05
N LEU H 3 1.38 52.76 -6.37
CA LEU H 3 0.20 52.64 -7.26
C LEU H 3 0.52 52.93 -8.74
N VAL H 4 1.81 53.02 -9.08
CA VAL H 4 2.28 53.35 -10.42
C VAL H 4 1.73 52.35 -11.48
N LYS H 5 1.24 52.88 -12.60
CA LYS H 5 0.51 52.09 -13.58
C LYS H 5 1.38 51.68 -14.79
N ILE H 6 0.99 50.60 -15.46
CA ILE H 6 1.61 50.20 -16.72
C ILE H 6 1.08 51.11 -17.84
N VAL H 7 2.02 51.76 -18.52
CA VAL H 7 1.64 52.71 -19.56
C VAL H 7 1.98 52.23 -20.97
N ARG H 8 3.00 51.40 -21.10
CA ARG H 8 3.49 50.99 -22.40
C ARG H 8 4.17 49.59 -22.35
N ILE H 9 3.86 48.74 -23.32
CA ILE H 9 4.59 47.46 -23.44
C ILE H 9 5.18 47.33 -24.86
N GLU H 10 6.47 47.06 -24.95
CA GLU H 10 7.11 46.79 -26.24
C GLU H 10 7.45 45.31 -26.30
N THR H 11 7.46 44.75 -27.49
CA THR H 11 7.79 43.32 -27.61
C THR H 11 8.88 43.09 -28.63
N PHE H 12 9.66 42.04 -28.43
CA PHE H 12 10.74 41.79 -29.37
C PHE H 12 10.87 40.30 -29.78
N PRO H 13 10.00 39.81 -30.71
CA PRO H 13 10.29 38.48 -31.30
C PRO H 13 11.66 38.40 -32.02
N LEU H 14 12.46 37.38 -31.68
CA LEU H 14 13.82 37.26 -32.24
C LEU H 14 13.99 35.90 -32.90
N PHE H 15 14.76 35.82 -33.98
CA PHE H 15 14.89 34.56 -34.74
C PHE H 15 16.29 34.40 -35.33
N HIS H 16 16.86 33.21 -35.17
CA HIS H 16 18.15 32.93 -35.77
C HIS H 16 18.15 31.54 -36.39
N ARG H 17 18.45 31.45 -37.68
CA ARG H 17 18.53 30.15 -38.33
C ARG H 17 19.91 29.53 -38.08
N LEU H 18 19.95 28.23 -37.75
CA LEU H 18 21.22 27.57 -37.45
C LEU H 18 22.03 27.29 -38.71
N GLU H 19 23.30 27.68 -38.63
CA GLU H 19 24.34 27.38 -39.63
C GLU H 19 24.50 25.89 -39.81
N LYS H 20 24.58 25.15 -38.70
CA LYS H 20 24.60 23.68 -38.73
C LYS H 20 23.61 23.17 -37.67
N PRO H 21 22.74 22.23 -38.01
CA PRO H 21 21.77 21.76 -37.04
C PRO H 21 22.37 20.82 -35.98
N TYR H 22 21.59 20.62 -34.93
CA TYR H 22 21.95 19.66 -33.91
C TYR H 22 20.70 19.22 -33.22
N GLY H 23 20.77 18.08 -32.56
CA GLY H 23 19.61 17.70 -31.81
C GLY H 23 19.81 16.66 -30.76
N ASP H 24 18.68 16.06 -30.47
CA ASP H 24 18.44 15.12 -29.39
C ASP H 24 17.46 14.10 -29.90
N ALA H 25 16.93 13.26 -29.00
CA ALA H 25 16.04 12.17 -29.48
C ALA H 25 14.73 12.66 -30.10
N ASN H 26 14.32 13.90 -29.84
CA ASN H 26 13.17 14.45 -30.58
C ASN H 26 13.56 15.03 -31.94
N GLY H 27 14.83 14.93 -32.35
CA GLY H 27 15.16 15.25 -33.74
C GLY H 27 15.99 16.50 -33.84
N PHE H 28 16.29 16.96 -35.04
CA PHE H 28 17.21 18.10 -35.23
C PHE H 28 16.54 19.45 -35.07
N LYS H 29 17.29 20.38 -34.49
CA LYS H 29 16.92 21.75 -34.29
C LYS H 29 17.46 22.55 -35.47
N ARG H 30 16.65 23.47 -35.98
CA ARG H 30 17.04 24.20 -37.22
C ARG H 30 17.18 25.69 -36.99
N TYR H 31 16.62 26.19 -35.87
CA TYR H 31 16.63 27.62 -35.53
C TYR H 31 16.49 27.82 -34.02
N ARG H 32 16.86 29.00 -33.56
CA ARG H 32 16.60 29.40 -32.18
C ARG H 32 15.69 30.60 -32.28
N THR H 33 14.79 30.69 -31.32
CA THR H 33 13.99 31.90 -31.14
C THR H 33 14.13 32.42 -29.72
N CYS H 34 13.54 33.58 -29.48
CA CYS H 34 13.56 34.17 -28.18
C CYS H 34 12.50 35.26 -28.30
N TYR H 35 11.86 35.64 -27.20
CA TYR H 35 10.80 36.62 -27.27
C TYR H 35 10.86 37.50 -26.05
N LEU H 36 11.37 38.72 -26.20
CA LEU H 36 11.50 39.68 -25.11
C LEU H 36 10.28 40.59 -25.05
N ILE H 37 9.95 41.05 -23.84
CA ILE H 37 8.94 42.09 -23.61
C ILE H 37 9.56 43.14 -22.76
N ARG H 38 9.02 44.35 -22.80
CA ARG H 38 9.51 45.41 -21.96
C ARG H 38 8.29 46.16 -21.53
N ILE H 39 8.12 46.27 -20.22
CA ILE H 39 6.95 46.86 -19.65
C ILE H 39 7.40 48.19 -19.08
N ILE H 40 6.77 49.28 -19.49
CA ILE H 40 7.09 50.59 -18.95
C ILE H 40 5.96 51.09 -18.08
N THR H 41 6.31 51.63 -16.93
CA THR H 41 5.35 52.25 -16.04
C THR H 41 5.30 53.79 -16.21
N GLU H 42 4.22 54.37 -15.66
CA GLU H 42 3.98 55.80 -15.45
C GLU H 42 5.22 56.64 -15.06
N SER H 43 5.87 56.23 -13.97
CA SER H 43 7.10 56.85 -13.52
C SER H 43 8.29 56.61 -14.41
N GLY H 44 8.15 55.78 -15.45
CA GLY H 44 9.29 55.51 -16.34
C GLY H 44 10.33 54.46 -15.90
N ILE H 45 10.11 53.80 -14.75
CA ILE H 45 10.85 52.60 -14.38
C ILE H 45 10.44 51.50 -15.35
N ASP H 46 11.38 50.79 -15.96
CA ASP H 46 10.97 49.70 -16.87
C ASP H 46 11.51 48.35 -16.41
N GLY H 47 10.98 47.29 -16.98
CA GLY H 47 11.51 45.94 -16.78
C GLY H 47 11.22 44.99 -17.93
N TRP H 48 12.14 44.07 -18.10
CA TRP H 48 12.19 43.15 -19.19
C TRP H 48 11.87 41.74 -18.78
N GLY H 49 11.20 41.02 -19.67
CA GLY H 49 10.97 39.60 -19.49
C GLY H 49 11.11 38.80 -20.76
N GLU H 50 11.23 37.48 -20.65
CA GLU H 50 11.51 36.62 -21.81
C GLU H 50 10.60 35.39 -21.71
N CYS H 51 10.10 34.88 -22.85
CA CYS H 51 9.36 33.64 -22.91
C CYS H 51 9.69 32.93 -24.21
N VAL H 52 9.09 31.76 -24.39
CA VAL H 52 9.38 30.97 -25.57
C VAL H 52 8.19 30.13 -25.99
N ASP H 53 7.96 30.18 -27.31
CA ASP H 53 6.96 29.37 -27.96
C ASP H 53 7.08 29.69 -29.41
N TRP H 54 6.31 28.98 -30.22
CA TRP H 54 6.18 29.30 -31.64
C TRP H 54 5.75 30.78 -31.82
N LEU H 55 6.68 31.57 -32.40
CA LEU H 55 6.55 33.02 -32.54
C LEU H 55 5.21 33.58 -33.05
N PRO H 56 4.69 33.04 -34.18
CA PRO H 56 3.43 33.49 -34.76
C PRO H 56 2.27 33.54 -33.77
N ALA H 57 2.07 32.44 -33.02
CA ALA H 57 1.03 32.32 -31.98
C ALA H 57 1.38 33.08 -30.71
N LEU H 58 2.66 33.04 -30.32
CA LEU H 58 3.08 33.84 -29.23
C LEU H 58 2.83 35.33 -29.51
N HIS H 59 3.07 35.76 -30.75
CA HIS H 59 3.01 37.18 -31.04
C HIS H 59 1.60 37.80 -30.99
N VAL H 60 0.65 37.14 -31.65
CA VAL H 60 -0.77 37.51 -31.55
C VAL H 60 -1.32 37.35 -30.14
N GLY H 61 -0.85 36.37 -29.37
CA GLY H 61 -1.24 36.24 -27.96
C GLY H 61 -0.98 37.53 -27.24
N PHE H 62 0.28 37.97 -27.26
CA PHE H 62 0.63 39.21 -26.60
C PHE H 62 -0.07 40.45 -27.16
N THR H 63 -0.01 40.63 -28.47
CA THR H 63 -0.54 41.85 -29.05
C THR H 63 -2.03 42.02 -28.92
N LYS H 64 -2.79 40.94 -29.03
CA LYS H 64 -4.23 41.05 -29.05
C LYS H 64 -4.93 40.82 -27.70
N ARG H 65 -4.27 40.14 -26.77
CA ARG H 65 -4.91 39.88 -25.48
C ARG H 65 -4.13 40.42 -24.26
N ILE H 66 -2.85 40.06 -24.15
CA ILE H 66 -2.11 40.28 -22.91
C ILE H 66 -1.77 41.75 -22.75
N ILE H 67 -1.36 42.38 -23.85
CA ILE H 67 -1.02 43.79 -23.79
C ILE H 67 -2.24 44.70 -23.47
N PRO H 68 -3.33 44.62 -24.28
CA PRO H 68 -4.60 45.19 -23.89
C PRO H 68 -4.99 45.02 -22.42
N PHE H 69 -4.77 43.82 -21.86
CA PHE H 69 -5.20 43.58 -20.48
C PHE H 69 -4.32 44.35 -19.52
N LEU H 70 -3.03 44.37 -19.85
CA LEU H 70 -1.98 44.92 -19.00
C LEU H 70 -1.89 46.45 -18.90
N LEU H 71 -2.17 47.18 -19.97
CA LEU H 71 -2.23 48.66 -19.86
C LEU H 71 -3.17 49.20 -18.77
N GLY H 72 -2.70 50.17 -18.00
CA GLY H 72 -3.53 50.78 -16.98
C GLY H 72 -3.52 50.07 -15.65
N LYS H 73 -2.94 48.87 -15.64
CA LYS H 73 -2.94 48.07 -14.43
C LYS H 73 -1.78 48.51 -13.54
N GLN H 74 -1.91 48.19 -12.25
CA GLN H 74 -0.87 48.49 -11.27
C GLN H 74 0.26 47.48 -11.38
N ALA H 75 1.43 47.96 -11.79
CA ALA H 75 2.67 47.13 -11.79
C ALA H 75 2.99 46.41 -10.47
N GLY H 76 2.45 46.90 -9.35
CA GLY H 76 2.67 46.32 -8.03
C GLY H 76 1.86 45.07 -7.72
N SER H 77 0.79 44.83 -8.49
CA SER H 77 -0.05 43.64 -8.25
C SER H 77 0.47 42.43 -8.99
N ARG H 78 1.71 42.04 -8.69
CA ARG H 78 2.38 41.05 -9.53
C ARG H 78 1.73 39.68 -9.36
N LEU H 79 1.47 39.29 -8.10
CA LEU H 79 0.94 37.94 -7.87
C LEU H 79 -0.36 37.82 -8.65
N SER H 80 -1.22 38.80 -8.39
CA SER H 80 -2.58 38.87 -8.91
C SER H 80 -2.62 38.92 -10.47
N LEU H 81 -1.83 39.81 -11.07
CA LEU H 81 -1.76 39.96 -12.54
C LEU H 81 -1.21 38.72 -13.21
N VAL H 82 -0.17 38.15 -12.61
CA VAL H 82 0.44 36.95 -13.19
C VAL H 82 -0.56 35.77 -13.11
N ARG H 83 -1.33 35.64 -12.02
CA ARG H 83 -2.29 34.55 -11.89
C ARG H 83 -3.39 34.55 -12.95
N THR H 84 -3.85 35.74 -13.32
CA THR H 84 -4.89 35.93 -14.35
C THR H 84 -4.44 35.57 -15.76
N ILE H 85 -3.29 36.11 -16.14
CA ILE H 85 -2.62 35.75 -17.35
C ILE H 85 -2.38 34.23 -17.43
N GLN H 86 -1.89 33.61 -16.35
CA GLN H 86 -1.63 32.15 -16.34
C GLN H 86 -2.81 31.38 -16.98
N LYS H 87 -4.03 31.78 -16.65
CA LYS H 87 -5.27 31.18 -17.15
C LYS H 87 -5.40 31.11 -18.67
N TRP H 88 -5.09 32.17 -19.40
CA TRP H 88 -5.17 32.13 -20.88
C TRP H 88 -3.82 31.76 -21.51
N HIS H 89 -2.73 32.20 -20.89
CA HIS H 89 -1.46 32.07 -21.56
C HIS H 89 -0.35 31.78 -20.61
N GLN H 90 -0.14 30.49 -20.40
CA GLN H 90 0.90 29.96 -19.56
C GLN H 90 2.26 30.67 -19.73
N ARG H 91 2.75 30.63 -20.97
CA ARG H 91 4.13 31.00 -21.31
C ARG H 91 4.37 32.49 -21.18
N ALA H 92 3.30 33.28 -21.40
CA ALA H 92 3.38 34.73 -21.36
C ALA H 92 3.46 35.23 -19.94
N ALA H 93 2.71 34.59 -19.05
CA ALA H 93 2.80 34.87 -17.61
C ALA H 93 4.28 34.91 -17.11
N SER H 94 5.09 33.90 -17.40
CA SER H 94 6.49 33.94 -16.94
C SER H 94 7.26 35.21 -17.38
N ALA H 95 7.09 35.65 -18.62
CA ALA H 95 7.75 36.86 -19.12
C ALA H 95 7.23 38.09 -18.40
N VAL H 96 5.93 38.11 -18.14
CA VAL H 96 5.36 39.23 -17.37
C VAL H 96 5.87 39.29 -15.92
N SER H 97 5.87 38.11 -15.25
CA SER H 97 6.37 38.07 -13.86
C SER H 97 7.82 38.56 -13.70
N MET H 98 8.68 38.18 -14.66
CA MET H 98 10.03 38.74 -14.78
C MET H 98 10.10 40.26 -14.85
N ALA H 99 9.29 40.86 -15.72
CA ALA H 99 9.36 42.31 -15.91
C ALA H 99 8.93 43.02 -14.65
N LEU H 100 7.86 42.53 -14.05
CA LEU H 100 7.26 43.16 -12.89
C LEU H 100 8.15 43.04 -11.66
N THR H 101 8.90 41.94 -11.58
CA THR H 101 9.94 41.75 -10.57
C THR H 101 11.07 42.79 -10.77
N GLU H 102 11.50 42.96 -12.02
CA GLU H 102 12.53 43.95 -12.27
C GLU H 102 12.05 45.36 -11.93
N ILE H 103 10.82 45.68 -12.31
CA ILE H 103 10.18 46.93 -11.92
C ILE H 103 10.21 47.01 -10.40
N ALA H 104 9.73 45.95 -9.74
CA ALA H 104 9.69 45.98 -8.26
C ALA H 104 11.04 46.30 -7.62
N ALA H 105 12.10 45.56 -7.97
CA ALA H 105 13.43 45.76 -7.38
C ALA H 105 13.89 47.19 -7.65
N LYS H 106 13.68 47.69 -8.86
CA LYS H 106 14.12 49.04 -9.26
C LYS H 106 13.44 50.08 -8.34
N ALA H 107 12.10 50.05 -8.29
CA ALA H 107 11.38 50.92 -7.36
C ALA H 107 11.84 50.76 -5.87
N ALA H 108 12.20 49.53 -5.48
CA ALA H 108 12.76 49.27 -4.14
C ALA H 108 14.17 49.82 -3.88
N ASP H 109 14.80 50.33 -4.93
CA ASP H 109 16.24 50.62 -4.97
C ASP H 109 17.09 49.43 -4.48
N CYS H 110 16.84 48.22 -5.00
CA CYS H 110 17.62 47.04 -4.55
C CYS H 110 17.81 46.07 -5.72
N SER H 111 18.63 45.02 -5.57
CA SER H 111 18.71 43.98 -6.59
C SER H 111 17.52 43.06 -6.45
N VAL H 112 17.27 42.23 -7.48
CA VAL H 112 16.28 41.17 -7.31
C VAL H 112 16.52 40.21 -6.13
N CYS H 113 17.74 39.77 -5.96
CA CYS H 113 18.05 38.85 -4.88
C CYS H 113 17.70 39.53 -3.56
N GLU H 114 18.05 40.81 -3.41
CA GLU H 114 17.70 41.54 -2.19
C GLU H 114 16.21 41.62 -1.97
N LEU H 115 15.48 41.84 -3.06
CA LEU H 115 14.04 41.90 -2.98
C LEU H 115 13.48 40.60 -2.40
N TRP H 116 14.03 39.47 -2.86
CA TRP H 116 13.62 38.21 -2.36
C TRP H 116 14.08 37.86 -0.94
N GLY H 117 14.90 38.70 -0.30
CA GLY H 117 15.31 38.45 1.09
C GLY H 117 16.80 38.22 1.29
N GLY H 118 17.56 38.32 0.20
CA GLY H 118 19.01 38.37 0.30
C GLY H 118 19.65 37.05 -0.10
N ARG H 119 20.72 37.11 -0.90
CA ARG H 119 21.36 35.93 -1.40
C ARG H 119 22.00 35.09 -0.24
N TYR H 120 22.14 33.80 -0.46
CA TYR H 120 23.02 33.01 0.37
C TYR H 120 24.47 32.99 -0.18
N ARG H 121 24.68 33.16 -1.49
CA ARG H 121 26.01 32.96 -2.01
C ARG H 121 26.02 33.75 -3.29
N GLU H 122 27.18 33.99 -3.86
CA GLU H 122 27.17 34.75 -5.11
C GLU H 122 27.76 34.02 -6.30
N GLU H 123 28.16 32.79 -6.12
CA GLU H 123 28.59 32.03 -7.26
C GLU H 123 27.78 30.77 -7.38
N ILE H 124 27.40 30.46 -8.63
CA ILE H 124 26.53 29.34 -8.94
C ILE H 124 27.23 28.42 -9.96
N PRO H 125 27.32 27.11 -9.66
CA PRO H 125 27.98 26.24 -10.59
C PRO H 125 27.02 25.94 -11.77
N VAL H 126 27.58 25.69 -12.95
CA VAL H 126 26.77 25.35 -14.10
C VAL H 126 27.38 24.14 -14.81
N TYR H 127 26.55 23.46 -15.58
CA TYR H 127 26.97 22.37 -16.45
C TYR H 127 26.81 22.78 -17.94
N ALA H 128 27.75 22.29 -18.74
CA ALA H 128 27.74 22.59 -20.19
C ALA H 128 26.77 21.64 -20.82
N SER H 129 25.75 22.21 -21.46
CA SER H 129 24.68 21.36 -21.93
C SER H 129 24.72 21.27 -23.46
N PHE H 130 24.74 20.05 -23.98
CA PHE H 130 25.02 19.73 -25.41
C PHE H 130 23.84 19.10 -26.12
N GLN H 131 23.65 19.47 -27.39
CA GLN H 131 22.72 18.74 -28.27
C GLN H 131 23.57 17.85 -29.17
N SER H 132 23.84 16.63 -28.73
CA SER H 132 24.95 15.82 -29.24
C SER H 132 24.79 15.20 -30.63
N TYR H 133 23.57 15.12 -31.12
CA TYR H 133 23.40 14.49 -32.41
C TYR H 133 23.62 15.54 -33.53
N SER H 134 24.26 15.11 -34.61
CA SER H 134 24.41 15.97 -35.79
C SER H 134 24.10 15.14 -37.03
N ASP H 135 23.72 15.82 -38.13
CA ASP H 135 23.36 15.12 -39.35
C ASP H 135 24.63 14.74 -40.09
N SER H 136 25.23 13.62 -39.68
CA SER H 136 26.49 13.20 -40.28
C SER H 136 26.91 11.86 -39.76
N PRO H 137 27.51 11.02 -40.61
CA PRO H 137 27.93 9.72 -40.05
C PRO H 137 29.15 9.88 -39.11
N GLN H 138 29.76 11.07 -39.09
CA GLN H 138 30.86 11.32 -38.16
C GLN H 138 30.36 11.97 -36.85
N TRP H 139 29.04 11.96 -36.57
CA TRP H 139 28.51 12.64 -35.34
C TRP H 139 29.25 12.28 -34.04
N ILE H 140 29.64 11.02 -33.83
CA ILE H 140 30.38 10.73 -32.62
C ILE H 140 31.66 11.60 -32.51
N SER H 141 32.56 11.54 -33.49
CA SER H 141 33.79 12.31 -33.34
C SER H 141 33.57 13.80 -33.28
N ARG H 142 32.54 14.33 -33.90
CA ARG H 142 32.20 15.73 -33.65
C ARG H 142 31.76 16.02 -32.19
N SER H 143 30.93 15.15 -31.62
CA SER H 143 30.48 15.35 -30.24
C SER H 143 31.70 15.38 -29.35
N VAL H 144 32.58 14.38 -29.50
CA VAL H 144 33.78 14.29 -28.72
C VAL H 144 34.54 15.61 -28.80
N SER H 145 34.70 16.14 -30.03
CA SER H 145 35.39 17.47 -30.25
C SER H 145 34.71 18.60 -29.57
N ASN H 146 33.39 18.63 -29.72
CA ASN H 146 32.62 19.74 -29.16
C ASN H 146 32.74 19.72 -27.66
N VAL H 147 32.63 18.52 -27.09
CA VAL H 147 32.79 18.36 -25.61
C VAL H 147 34.17 18.81 -25.19
N GLU H 148 35.19 18.32 -25.91
CA GLU H 148 36.56 18.70 -25.60
C GLU H 148 36.76 20.20 -25.56
N ALA H 149 36.22 20.94 -26.53
CA ALA H 149 36.39 22.37 -26.53
C ALA H 149 35.85 23.03 -25.25
N GLN H 150 34.79 22.48 -24.68
CA GLN H 150 34.26 23.07 -23.42
C GLN H 150 34.99 22.63 -22.14
N LEU H 151 35.51 21.39 -22.11
CA LEU H 151 36.41 20.98 -21.01
C LEU H 151 37.62 21.88 -20.93
N LYS H 152 38.08 22.35 -22.09
CA LYS H 152 39.27 23.17 -22.15
C LYS H 152 38.94 24.48 -21.52
N LYS H 153 37.68 24.91 -21.67
CA LYS H 153 37.18 26.10 -20.99
C LYS H 153 36.90 25.89 -19.46
N GLY H 154 37.13 24.70 -18.89
CA GLY H 154 37.09 24.56 -17.42
C GLY H 154 35.74 24.13 -16.83
N PHE H 155 34.81 23.78 -17.68
CA PHE H 155 33.59 23.13 -17.21
C PHE H 155 34.02 21.81 -16.64
N GLU H 156 33.46 21.52 -15.48
CA GLU H 156 33.72 20.29 -14.75
C GLU H 156 32.50 19.33 -14.78
N GLN H 157 31.42 19.77 -15.39
CA GLN H 157 30.22 18.93 -15.58
C GLN H 157 29.55 19.21 -16.94
N ILE H 158 28.94 18.17 -17.54
CA ILE H 158 28.40 18.21 -18.88
C ILE H 158 27.14 17.37 -18.99
N LYS H 159 26.22 17.78 -19.85
CA LYS H 159 25.08 16.95 -20.18
C LYS H 159 25.04 16.64 -21.68
N VAL H 160 24.78 15.39 -22.04
CA VAL H 160 24.74 14.96 -23.44
C VAL H 160 23.51 14.11 -23.68
N LYS H 161 23.19 13.91 -24.96
CA LYS H 161 21.96 13.30 -25.35
C LYS H 161 22.09 11.86 -25.62
N ILE H 162 21.12 11.08 -25.22
CA ILE H 162 21.05 9.68 -25.61
C ILE H 162 19.59 9.36 -26.00
N GLY H 163 19.37 8.15 -26.45
CA GLY H 163 18.03 7.68 -26.72
C GLY H 163 17.50 7.93 -28.12
N GLY H 164 18.28 8.62 -28.96
CA GLY H 164 17.84 8.88 -30.37
C GLY H 164 18.33 7.87 -31.41
N THR H 165 19.20 6.95 -31.00
CA THR H 165 19.64 5.87 -31.85
C THR H 165 19.76 4.59 -31.00
N SER H 166 20.04 3.46 -31.63
CA SER H 166 20.21 2.22 -30.89
C SER H 166 21.01 2.39 -29.57
N PHE H 167 20.69 1.54 -28.61
CA PHE H 167 21.52 1.42 -27.42
C PHE H 167 23.03 1.18 -27.73
N LYS H 168 23.29 0.19 -28.57
CA LYS H 168 24.62 -0.10 -29.06
C LYS H 168 25.37 1.19 -29.54
N GLU H 169 24.76 2.02 -30.38
CA GLU H 169 25.42 3.25 -30.92
C GLU H 169 25.58 4.35 -29.85
N ASP H 170 24.54 4.51 -29.02
CA ASP H 170 24.65 5.52 -27.96
C ASP H 170 25.73 5.09 -26.96
N VAL H 171 25.79 3.83 -26.55
CA VAL H 171 26.85 3.43 -25.65
C VAL H 171 28.26 3.72 -26.25
N ARG H 172 28.44 3.43 -27.54
CA ARG H 172 29.68 3.76 -28.23
C ARG H 172 30.00 5.26 -28.16
N HIS H 173 28.99 6.12 -28.30
CA HIS H 173 29.17 7.55 -28.15
C HIS H 173 29.51 7.87 -26.68
N ILE H 174 28.79 7.27 -25.76
CA ILE H 174 29.05 7.65 -24.34
C ILE H 174 30.44 7.11 -23.89
N ASN H 175 30.83 5.89 -24.30
CA ASN H 175 32.24 5.42 -24.06
C ASN H 175 33.30 6.30 -24.60
N ALA H 176 33.08 6.84 -25.78
CA ALA H 176 34.10 7.76 -26.32
C ALA H 176 34.17 9.01 -25.46
N LEU H 177 33.01 9.53 -25.03
CA LEU H 177 32.99 10.70 -24.19
C LEU H 177 33.67 10.44 -22.88
N GLN H 178 33.37 9.28 -22.26
CA GLN H 178 33.98 8.86 -21.03
C GLN H 178 35.49 8.86 -21.10
N HIS H 179 36.01 8.32 -22.19
CA HIS H 179 37.44 8.11 -22.38
C HIS H 179 38.20 9.42 -22.56
N THR H 180 37.55 10.40 -23.16
CA THR H 180 38.13 11.73 -23.33
C THR H 180 37.99 12.64 -22.08
N ALA H 181 36.81 12.67 -21.48
CA ALA H 181 36.55 13.46 -20.27
C ALA H 181 37.22 12.91 -19.02
N GLY H 182 37.15 11.59 -18.83
CA GLY H 182 37.67 10.98 -17.60
C GLY H 182 36.80 11.19 -16.34
N SER H 183 37.15 10.45 -15.27
CA SER H 183 36.30 10.35 -14.07
C SER H 183 36.22 11.65 -13.25
N SER H 184 37.02 12.67 -13.59
CA SER H 184 36.85 13.95 -12.88
C SER H 184 35.77 14.86 -13.47
N ILE H 185 35.21 14.48 -14.62
CA ILE H 185 34.10 15.22 -15.22
C ILE H 185 32.80 14.51 -14.88
N THR H 186 31.86 15.25 -14.27
CA THR H 186 30.48 14.76 -14.12
C THR H 186 29.74 14.72 -15.45
N MET H 187 29.25 13.51 -15.78
CA MET H 187 28.51 13.34 -17.01
C MET H 187 27.03 13.11 -16.73
N ILE H 188 26.18 13.86 -17.42
CA ILE H 188 24.77 13.69 -17.24
C ILE H 188 24.24 13.10 -18.55
N LEU H 189 23.44 12.04 -18.50
CA LEU H 189 22.80 11.46 -19.75
C LEU H 189 21.36 11.79 -19.82
N ASP H 190 21.02 12.56 -20.83
CA ASP H 190 19.67 12.99 -21.09
C ASP H 190 18.99 12.18 -22.23
N ALA H 191 18.00 11.34 -21.85
CA ALA H 191 17.21 10.53 -22.74
C ALA H 191 15.96 11.12 -23.41
N ASN H 192 15.57 12.36 -23.03
CA ASN H 192 14.39 13.09 -23.57
C ASN H 192 13.21 12.15 -23.75
N GLN H 193 12.94 11.39 -22.67
CA GLN H 193 11.73 10.54 -22.59
C GLN H 193 11.74 9.46 -23.70
N SER H 194 12.91 9.08 -24.19
CA SER H 194 12.93 8.12 -25.32
C SER H 194 12.42 6.73 -24.91
N TYR H 195 12.66 6.34 -23.64
CA TYR H 195 12.63 4.94 -23.29
C TYR H 195 11.41 4.52 -22.50
N ASP H 196 11.21 3.19 -22.41
CA ASP H 196 10.48 2.60 -21.32
C ASP H 196 11.48 2.12 -20.23
N ALA H 197 11.00 1.51 -19.15
CA ALA H 197 11.91 1.16 -18.02
C ALA H 197 12.96 0.13 -18.37
N ALA H 198 12.57 -0.86 -19.21
CA ALA H 198 13.48 -1.91 -19.62
C ALA H 198 14.63 -1.30 -20.42
N ALA H 199 14.36 -0.31 -21.25
CA ALA H 199 15.42 0.20 -22.13
C ALA H 199 16.33 1.12 -21.30
N ALA H 200 15.71 1.87 -20.36
CA ALA H 200 16.55 2.67 -19.45
C ALA H 200 17.47 1.78 -18.63
N PHE H 201 16.96 0.69 -18.05
CA PHE H 201 17.75 -0.25 -17.27
C PHE H 201 18.90 -0.94 -18.00
N LYS H 202 18.85 -1.01 -19.32
CA LYS H 202 20.00 -1.58 -20.06
C LYS H 202 21.28 -0.84 -19.69
N TRP H 203 21.17 0.48 -19.42
CA TRP H 203 22.33 1.26 -18.99
C TRP H 203 22.98 0.86 -17.68
N GLU H 204 22.30 0.10 -16.83
CA GLU H 204 22.67 -0.06 -15.43
C GLU H 204 23.99 -0.77 -15.36
N ARG H 205 24.20 -1.72 -16.27
CA ARG H 205 25.44 -2.43 -16.29
C ARG H 205 26.65 -1.52 -16.60
N TYR H 206 26.41 -0.37 -17.24
CA TYR H 206 27.45 0.67 -17.37
C TYR H 206 27.55 1.58 -16.13
N PHE H 207 26.40 1.94 -15.57
CA PHE H 207 26.31 2.74 -14.34
C PHE H 207 26.96 2.05 -13.14
N SER H 208 26.90 0.71 -13.09
CA SER H 208 27.58 -0.17 -12.14
C SER H 208 29.05 0.17 -12.02
N GLU H 209 29.66 0.31 -13.18
CA GLU H 209 31.07 0.60 -13.33
C GLU H 209 31.48 2.06 -13.33
N TRP H 210 30.68 2.98 -13.88
CA TRP H 210 31.11 4.40 -14.02
C TRP H 210 31.02 5.12 -12.67
N THR H 211 31.81 6.14 -12.41
CA THR H 211 31.83 6.68 -11.06
C THR H 211 31.37 8.13 -11.10
N ASN H 212 31.19 8.65 -12.33
CA ASN H 212 31.04 10.10 -12.53
C ASN H 212 29.69 10.53 -13.16
N ILE H 213 28.68 9.65 -13.13
CA ILE H 213 27.35 10.00 -13.71
C ILE H 213 26.59 10.94 -12.75
N GLY H 214 26.33 12.16 -13.16
CA GLY H 214 25.54 13.11 -12.31
C GLY H 214 24.14 12.56 -12.09
N TRP H 215 23.47 12.22 -13.18
CA TRP H 215 22.13 11.64 -13.18
C TRP H 215 21.67 11.15 -14.57
N LEU H 216 20.65 10.31 -14.60
CA LEU H 216 19.93 9.99 -15.84
C LEU H 216 18.67 10.90 -15.92
N GLU H 217 18.63 11.73 -16.94
CA GLU H 217 17.59 12.73 -17.08
C GLU H 217 16.42 12.24 -17.97
N GLU H 218 15.18 12.45 -17.47
CA GLU H 218 13.89 12.14 -18.15
C GLU H 218 13.96 10.87 -18.99
N PRO H 219 14.35 9.74 -18.33
CA PRO H 219 14.47 8.61 -19.27
C PRO H 219 13.11 8.17 -19.85
N LEU H 220 12.00 8.45 -19.14
CA LEU H 220 10.66 7.97 -19.52
C LEU H 220 9.69 9.12 -19.65
N PRO H 221 8.55 8.92 -20.37
CA PRO H 221 7.46 9.93 -20.32
C PRO H 221 6.82 9.99 -18.91
N PHE H 222 6.09 11.03 -18.55
CA PHE H 222 5.61 11.17 -17.16
C PHE H 222 4.19 10.72 -16.88
N ASP H 223 3.55 10.08 -17.85
CA ASP H 223 2.16 9.67 -17.63
C ASP H 223 2.01 8.68 -16.44
N GLN H 224 3.02 7.82 -16.21
CA GLN H 224 2.98 6.80 -15.17
C GLN H 224 4.05 7.07 -14.09
N PRO H 225 3.76 7.97 -13.13
CA PRO H 225 4.68 8.24 -12.06
C PRO H 225 5.21 6.99 -11.38
N GLN H 226 4.40 5.95 -11.20
CA GLN H 226 4.93 4.75 -10.46
C GLN H 226 6.08 4.06 -11.20
N ASP H 227 6.10 4.21 -12.54
CA ASP H 227 7.18 3.66 -13.33
C ASP H 227 8.50 4.41 -13.05
N TYR H 228 8.42 5.73 -12.82
CA TYR H 228 9.63 6.48 -12.31
C TYR H 228 10.08 5.99 -10.95
N ALA H 229 9.14 5.75 -10.02
CA ALA H 229 9.48 5.21 -8.69
C ALA H 229 10.13 3.83 -8.84
N MET H 230 9.53 2.93 -9.62
CA MET H 230 10.14 1.61 -9.85
C MET H 230 11.58 1.72 -10.46
N LEU H 231 11.72 2.45 -11.57
CA LEU H 231 13.04 2.69 -12.21
C LEU H 231 14.08 3.27 -11.27
N ARG H 232 13.67 4.30 -10.55
CA ARG H 232 14.59 4.97 -9.64
C ARG H 232 15.25 4.01 -8.64
N SER H 233 14.42 3.13 -8.12
CA SER H 233 14.79 2.14 -7.16
C SER H 233 15.72 1.05 -7.72
N ARG H 234 15.77 0.88 -9.05
CA ARG H 234 16.64 -0.11 -9.67
C ARG H 234 17.99 0.42 -10.19
N LEU H 235 18.14 1.70 -10.34
CA LEU H 235 19.35 2.20 -10.93
C LEU H 235 20.29 2.66 -9.86
N SER H 236 21.55 2.66 -10.23
CA SER H 236 22.67 3.04 -9.43
C SER H 236 23.01 4.49 -9.48
N VAL H 237 22.23 5.27 -10.21
CA VAL H 237 22.54 6.71 -10.35
C VAL H 237 21.22 7.39 -10.14
N PRO H 238 21.26 8.66 -9.76
CA PRO H 238 20.05 9.45 -9.60
C PRO H 238 19.25 9.68 -10.92
N VAL H 239 17.94 9.95 -10.75
CA VAL H 239 17.03 10.29 -11.85
C VAL H 239 16.51 11.70 -11.61
N ALA H 240 16.54 12.51 -12.65
CA ALA H 240 16.02 13.88 -12.68
C ALA H 240 14.99 14.07 -13.76
N GLY H 241 14.06 15.01 -13.57
CA GLY H 241 13.16 15.37 -14.64
C GLY H 241 12.16 16.40 -14.19
N GLY H 242 11.20 16.68 -15.04
CA GLY H 242 10.16 17.66 -14.72
C GLY H 242 10.27 18.95 -15.49
N GLU H 243 10.98 18.99 -16.65
CA GLU H 243 11.25 20.24 -17.32
C GLU H 243 9.94 20.86 -17.89
N ASN H 244 8.93 20.04 -18.10
CA ASN H 244 7.68 20.52 -18.67
C ASN H 244 6.57 20.63 -17.62
N MET H 245 6.88 20.50 -16.35
CA MET H 245 5.84 20.70 -15.31
C MET H 245 5.48 22.18 -15.29
N LYS H 246 4.18 22.50 -15.12
CA LYS H 246 3.74 23.91 -15.13
C LYS H 246 3.89 24.60 -13.76
N GLY H 247 4.16 23.82 -12.73
CA GLY H 247 4.40 24.43 -11.44
C GLY H 247 4.38 23.44 -10.29
N PRO H 248 4.52 23.97 -9.07
CA PRO H 248 4.66 23.19 -7.81
C PRO H 248 3.54 22.16 -7.71
N ALA H 249 2.30 22.50 -8.08
CA ALA H 249 1.24 21.52 -7.85
C ALA H 249 1.45 20.25 -8.68
N GLN H 250 2.04 20.39 -9.88
CA GLN H 250 2.39 19.21 -10.67
C GLN H 250 3.58 18.38 -10.13
N TYR H 251 4.54 18.99 -9.46
CA TYR H 251 5.60 18.24 -8.82
C TYR H 251 5.22 17.49 -7.55
N VAL H 252 4.26 18.05 -6.79
CA VAL H 252 3.86 17.44 -5.53
C VAL H 252 3.54 15.90 -5.63
N PRO H 253 2.63 15.47 -6.53
CA PRO H 253 2.51 13.96 -6.49
C PRO H 253 3.77 13.16 -6.97
N LEU H 254 4.64 13.77 -7.76
CA LEU H 254 5.86 13.09 -8.20
C LEU H 254 6.77 12.90 -6.98
N LEU H 255 6.74 13.89 -6.09
CA LEU H 255 7.60 13.90 -4.90
C LEU H 255 7.05 13.01 -3.77
N SER H 256 5.73 13.13 -3.54
CA SER H 256 5.01 12.20 -2.61
C SER H 256 5.22 10.76 -3.04
N GLN H 257 5.30 10.46 -4.33
CA GLN H 257 5.51 9.07 -4.78
C GLN H 257 6.97 8.66 -4.91
N ARG H 258 7.87 9.57 -4.58
CA ARG H 258 9.30 9.26 -4.59
C ARG H 258 9.84 8.92 -6.03
N CYS H 259 9.37 9.67 -7.03
CA CYS H 259 9.73 9.48 -8.48
C CYS H 259 11.11 10.02 -8.89
N LEU H 260 11.61 11.02 -8.17
CA LEU H 260 12.77 11.78 -8.68
C LEU H 260 13.76 12.10 -7.61
N ASP H 261 15.05 12.07 -7.98
CA ASP H 261 16.11 12.54 -7.10
C ASP H 261 16.26 14.08 -7.26
N ILE H 262 15.94 14.62 -8.43
CA ILE H 262 16.25 15.99 -8.73
C ILE H 262 15.13 16.42 -9.64
N ILE H 263 14.48 17.53 -9.35
CA ILE H 263 13.48 18.10 -10.25
C ILE H 263 14.16 19.23 -11.09
N GLN H 264 13.60 19.58 -12.27
CA GLN H 264 14.25 20.51 -13.15
C GLN H 264 13.25 21.45 -13.70
N PRO H 265 12.76 22.39 -12.84
CA PRO H 265 11.74 23.37 -13.36
C PRO H 265 12.44 24.33 -14.29
N ASP H 266 11.72 24.87 -15.27
CA ASP H 266 12.32 25.80 -16.25
C ASP H 266 11.55 27.08 -15.99
N VAL H 267 12.24 28.19 -15.80
CA VAL H 267 11.57 29.48 -15.50
C VAL H 267 10.49 29.80 -16.58
N MET H 268 10.76 29.45 -17.85
CA MET H 268 9.83 29.75 -18.92
C MET H 268 8.75 28.71 -19.08
N HIS H 269 8.78 27.63 -18.30
CA HIS H 269 7.69 26.68 -18.41
C HIS H 269 6.68 26.73 -17.28
N VAL H 270 7.08 27.32 -16.15
CA VAL H 270 6.22 27.35 -14.93
C VAL H 270 5.43 28.67 -14.90
N ASN H 271 4.49 28.81 -13.97
CA ASN H 271 3.65 30.01 -14.03
C ASN H 271 4.32 31.24 -13.37
N GLY H 272 5.43 31.76 -13.91
CA GLY H 272 6.07 32.94 -13.30
C GLY H 272 7.18 32.62 -12.32
N ILE H 273 7.91 33.65 -11.88
CA ILE H 273 9.21 33.46 -11.20
C ILE H 273 8.99 33.09 -9.73
N ASP H 274 7.90 33.57 -9.17
CA ASP H 274 7.54 33.28 -7.81
C ASP H 274 7.14 31.79 -7.69
N GLU H 275 6.38 31.32 -8.70
CA GLU H 275 5.98 29.94 -8.76
C GLU H 275 7.23 29.07 -8.97
N PHE H 276 8.16 29.59 -9.76
CA PHE H 276 9.49 28.92 -9.93
C PHE H 276 10.26 28.82 -8.61
N ARG H 277 10.38 29.93 -7.90
CA ARG H 277 10.98 29.89 -6.61
C ARG H 277 10.30 28.87 -5.69
N ASP H 278 8.98 28.77 -5.78
CA ASP H 278 8.18 27.78 -5.02
C ASP H 278 8.53 26.33 -5.39
N CYS H 279 8.87 26.07 -6.64
CA CYS H 279 9.30 24.75 -7.06
C CYS H 279 10.61 24.36 -6.38
N LEU H 280 11.56 25.29 -6.34
CA LEU H 280 12.83 25.01 -5.72
C LEU H 280 12.66 24.77 -4.24
N GLN H 281 11.86 25.65 -3.61
CA GLN H 281 11.67 25.56 -2.15
C GLN H 281 10.96 24.27 -1.84
N LEU H 282 10.04 23.92 -2.72
CA LEU H 282 9.27 22.67 -2.51
C LEU H 282 10.17 21.43 -2.57
N ALA H 283 11.10 21.43 -3.50
CA ALA H 283 12.10 20.35 -3.54
C ALA H 283 12.86 20.34 -2.19
N ARG H 284 13.32 21.51 -1.72
CA ARG H 284 13.94 21.54 -0.36
C ARG H 284 13.10 20.86 0.75
N TYR H 285 11.85 21.27 0.85
CA TYR H 285 10.97 20.75 1.87
C TYR H 285 10.75 19.24 1.76
N PHE H 286 10.76 18.73 0.55
CA PHE H 286 10.71 17.29 0.33
C PHE H 286 12.07 16.52 0.48
N GLY H 287 13.17 17.22 0.65
CA GLY H 287 14.45 16.53 0.78
C GLY H 287 14.99 16.08 -0.60
N VAL H 288 14.51 16.72 -1.66
CA VAL H 288 15.02 16.38 -2.99
C VAL H 288 15.80 17.55 -3.57
N ARG H 289 16.54 17.29 -4.63
CA ARG H 289 17.37 18.38 -5.14
C ARG H 289 16.65 19.11 -6.27
N ALA H 290 17.18 20.26 -6.65
CA ALA H 290 16.52 21.04 -7.72
C ALA H 290 17.60 21.64 -8.57
N SER H 291 17.54 21.38 -9.87
CA SER H 291 18.52 21.89 -10.80
C SER H 291 17.78 22.51 -12.02
N ALA H 292 17.77 23.84 -12.10
CA ALA H 292 16.99 24.58 -13.15
C ALA H 292 17.34 24.17 -14.56
N HIS H 293 16.32 23.88 -15.36
CA HIS H 293 16.47 23.58 -16.76
C HIS H 293 16.54 24.90 -17.55
N ALA H 294 17.40 24.95 -18.57
CA ALA H 294 17.58 26.18 -19.35
C ALA H 294 18.18 25.91 -20.75
N TYR H 295 17.46 25.12 -21.56
CA TYR H 295 17.83 24.87 -22.97
C TYR H 295 17.76 26.21 -23.75
N ASP H 296 16.61 26.89 -23.63
CA ASP H 296 16.45 28.24 -24.15
C ASP H 296 16.61 29.16 -22.95
N GLY H 297 16.82 30.44 -23.16
CA GLY H 297 16.86 31.26 -21.98
C GLY H 297 18.16 31.97 -21.79
N SER H 298 18.09 33.26 -21.53
N SER H 298 18.08 33.24 -21.49
CA SER H 298 19.28 34.05 -21.20
CA SER H 298 19.26 34.06 -21.29
C SER H 298 18.87 35.00 -20.10
C SER H 298 18.94 35.09 -20.21
N LEU H 299 17.84 35.82 -20.39
CA LEU H 299 17.28 36.65 -19.34
C LEU H 299 16.58 35.75 -18.35
N SER H 300 15.78 34.84 -18.83
CA SER H 300 15.15 33.88 -17.89
C SER H 300 16.22 33.08 -17.15
N ARG H 301 17.29 32.70 -17.84
CA ARG H 301 18.38 31.97 -17.16
C ARG H 301 19.02 32.81 -16.03
N LEU H 302 19.12 34.11 -16.23
CA LEU H 302 19.62 35.02 -15.20
C LEU H 302 18.73 34.96 -13.96
N TYR H 303 17.40 34.96 -14.15
CA TYR H 303 16.51 34.86 -12.98
C TYR H 303 16.71 33.51 -12.27
N ALA H 304 16.90 32.44 -13.05
CA ALA H 304 17.08 31.09 -12.55
C ALA H 304 18.33 31.11 -11.70
N LEU H 305 19.35 31.85 -12.15
CA LEU H 305 20.57 32.04 -11.39
C LEU H 305 20.38 32.83 -10.06
N PHE H 306 19.62 33.94 -10.12
CA PHE H 306 19.19 34.67 -8.89
C PHE H 306 18.49 33.75 -7.92
N ALA H 307 17.47 33.01 -8.39
CA ALA H 307 16.78 32.07 -7.52
C ALA H 307 17.71 31.07 -6.85
N GLN H 308 18.67 30.51 -7.58
CA GLN H 308 19.61 29.56 -6.98
C GLN H 308 20.51 30.19 -5.94
N ALA H 309 20.90 31.44 -6.17
CA ALA H 309 21.67 32.19 -5.14
C ALA H 309 20.85 32.46 -3.89
N CYS H 310 19.53 32.45 -4.03
CA CYS H 310 18.73 32.68 -2.85
C CYS H 310 18.21 31.36 -2.21
N LEU H 311 18.68 30.19 -2.68
CA LEU H 311 18.20 28.90 -2.16
C LEU H 311 19.14 28.38 -1.05
N PRO H 312 18.60 27.86 0.08
CA PRO H 312 19.50 27.33 1.07
C PRO H 312 20.22 26.09 0.54
N PRO H 313 21.33 25.72 1.19
CA PRO H 313 22.11 24.54 0.85
C PRO H 313 21.23 23.30 0.96
N TRP H 314 21.46 22.30 0.08
CA TRP H 314 20.75 21.00 0.17
C TRP H 314 21.48 19.98 1.02
N SER H 315 22.78 20.18 1.29
CA SER H 315 23.56 19.24 2.10
C SER H 315 24.39 20.03 3.06
N LYS H 316 25.08 19.29 3.97
CA LYS H 316 26.06 19.89 4.94
C LYS H 316 27.50 19.80 4.43
N MET H 317 27.68 19.32 3.19
CA MET H 317 29.03 19.25 2.63
C MET H 317 29.49 20.65 2.32
N LYS H 318 30.56 21.10 2.99
CA LYS H 318 31.01 22.49 2.86
C LYS H 318 31.35 22.89 1.35
N ASN H 319 31.77 21.92 0.52
CA ASN H 319 32.14 22.13 -0.89
C ASN H 319 31.16 21.57 -1.94
N ASP H 320 29.97 21.14 -1.51
CA ASP H 320 29.08 20.43 -2.43
C ASP H 320 27.64 20.53 -1.94
N HIS H 321 27.09 21.74 -1.96
CA HIS H 321 25.82 21.91 -1.28
C HIS H 321 24.90 22.78 -2.07
N ILE H 322 25.22 23.04 -3.35
CA ILE H 322 24.19 23.71 -4.15
C ILE H 322 24.22 23.13 -5.55
N GLU H 323 23.04 22.96 -6.13
CA GLU H 323 22.91 22.25 -7.41
C GLU H 323 23.37 23.13 -8.56
N PRO H 324 24.01 22.51 -9.59
CA PRO H 324 24.36 23.40 -10.69
C PRO H 324 23.09 23.67 -11.51
N ILE H 325 23.21 24.57 -12.48
CA ILE H 325 22.12 24.92 -13.34
C ILE H 325 22.55 24.67 -14.80
N GLU H 326 21.58 24.52 -15.70
CA GLU H 326 21.89 24.16 -17.09
C GLU H 326 22.44 25.34 -17.92
N TRP H 327 23.64 25.16 -18.52
CA TRP H 327 24.22 26.15 -19.43
C TRP H 327 24.33 25.63 -20.88
N ASP H 328 23.38 25.96 -21.76
CA ASP H 328 23.40 25.53 -23.18
C ASP H 328 24.73 26.07 -23.82
N VAL H 329 25.57 25.19 -24.40
CA VAL H 329 26.87 25.63 -25.04
C VAL H 329 26.85 25.48 -26.60
N MET H 330 25.64 25.18 -27.12
CA MET H 330 25.40 25.04 -28.58
C MET H 330 25.27 26.44 -29.23
N GLU H 331 25.47 26.54 -30.57
CA GLU H 331 25.34 27.85 -31.25
C GLU H 331 23.97 28.53 -30.97
N ASN H 332 24.01 29.67 -30.33
CA ASN H 332 22.78 30.39 -30.07
C ASN H 332 23.22 31.82 -29.78
N PRO H 333 22.91 32.77 -30.70
CA PRO H 333 23.36 34.15 -30.43
C PRO H 333 22.69 34.83 -29.25
N PHE H 334 21.59 34.26 -28.77
CA PHE H 334 20.83 34.90 -27.67
C PHE H 334 21.47 34.63 -26.29
N THR H 335 22.53 33.82 -26.23
CA THR H 335 23.27 33.65 -24.99
C THR H 335 23.91 34.97 -24.56
N ASP H 336 24.13 35.90 -25.50
CA ASP H 336 24.67 37.23 -25.15
C ASP H 336 23.63 38.36 -24.96
N LEU H 337 22.35 38.01 -24.91
CA LEU H 337 21.37 39.02 -24.59
C LEU H 337 21.71 39.65 -23.27
N VAL H 338 22.16 38.86 -22.29
CA VAL H 338 22.81 39.43 -21.10
C VAL H 338 24.29 39.09 -21.15
N SER H 339 25.12 39.99 -20.66
CA SER H 339 26.55 39.76 -20.83
C SER H 339 27.02 38.99 -19.62
N LEU H 340 26.68 37.69 -19.57
CA LEU H 340 27.05 36.89 -18.41
C LEU H 340 27.46 35.49 -18.79
N GLN H 341 28.68 35.09 -18.43
CA GLN H 341 29.14 33.79 -18.92
C GLN H 341 29.91 33.13 -17.79
N PRO H 342 29.92 31.79 -17.73
CA PRO H 342 30.70 31.06 -16.72
C PRO H 342 32.15 31.34 -16.85
N SER H 343 32.84 31.26 -15.72
CA SER H 343 34.26 31.10 -15.73
C SER H 343 34.63 29.84 -14.97
N LYS H 344 35.23 28.92 -15.70
CA LYS H 344 35.55 27.58 -15.22
C LYS H 344 34.37 26.90 -14.56
N GLY H 345 33.23 26.99 -15.25
CA GLY H 345 31.98 26.34 -14.84
C GLY H 345 31.29 26.97 -13.60
N MET H 346 31.64 28.22 -13.26
CA MET H 346 30.95 29.01 -12.23
C MET H 346 30.43 30.33 -12.84
N VAL H 347 29.21 30.70 -12.51
CA VAL H 347 28.68 32.02 -12.80
C VAL H 347 28.71 32.87 -11.53
N HIS H 348 29.40 34.01 -11.59
CA HIS H 348 29.28 35.07 -10.61
C HIS H 348 28.05 35.96 -10.89
N ILE H 349 27.15 35.99 -9.91
CA ILE H 349 25.85 36.65 -9.96
C ILE H 349 26.04 38.16 -9.95
N PRO H 350 25.46 38.91 -10.94
CA PRO H 350 25.54 40.38 -10.81
C PRO H 350 24.80 40.83 -9.51
N LYS H 351 25.30 41.87 -8.86
CA LYS H 351 24.74 42.32 -7.59
C LYS H 351 24.13 43.71 -7.64
N GLY H 352 24.13 44.34 -8.80
CA GLY H 352 23.58 45.72 -8.91
C GLY H 352 22.07 45.78 -8.82
N LYS H 353 21.51 46.99 -8.68
CA LYS H 353 20.07 47.19 -8.57
C LYS H 353 19.35 46.59 -9.76
N GLY H 354 18.10 46.16 -9.53
CA GLY H 354 17.30 45.49 -10.55
C GLY H 354 17.96 44.16 -10.86
N ILE H 355 18.17 43.90 -12.14
CA ILE H 355 18.85 42.70 -12.58
C ILE H 355 20.35 42.91 -12.67
N GLY H 356 20.84 44.10 -12.34
CA GLY H 356 22.29 44.33 -12.17
C GLY H 356 23.13 44.18 -13.49
N THR H 357 22.46 44.32 -14.63
CA THR H 357 23.05 44.15 -15.95
C THR H 357 22.06 44.69 -16.98
N GLU H 358 22.47 44.82 -18.23
CA GLU H 358 21.58 45.38 -19.24
C GLU H 358 21.46 44.45 -20.41
N ILE H 359 20.30 44.52 -21.04
CA ILE H 359 19.99 43.83 -22.29
C ILE H 359 20.86 44.41 -23.43
N ASN H 360 21.45 43.51 -24.21
CA ASN H 360 22.32 43.92 -25.29
C ASN H 360 21.45 44.18 -26.53
N MET H 361 21.19 45.46 -26.81
CA MET H 361 20.26 45.90 -27.87
C MET H 361 20.75 45.62 -29.29
N GLU H 362 22.06 45.47 -29.41
CA GLU H 362 22.66 45.09 -30.66
C GLU H 362 22.14 43.73 -31.16
N ILE H 363 22.29 42.70 -30.32
CA ILE H 363 21.62 41.41 -30.51
C ILE H 363 20.11 41.56 -30.79
N VAL H 364 19.43 42.35 -29.98
CA VAL H 364 17.99 42.47 -30.12
C VAL H 364 17.66 42.99 -31.53
N ASN H 365 18.37 44.07 -31.94
CA ASN H 365 18.16 44.66 -33.26
C ASN H 365 18.62 43.73 -34.39
N ARG H 366 19.73 43.03 -34.20
CA ARG H 366 20.26 42.17 -35.26
C ARG H 366 19.32 41.01 -35.64
N TYR H 367 18.57 40.49 -34.68
CA TYR H 367 17.85 39.24 -34.94
C TYR H 367 16.35 39.41 -34.94
N LYS H 368 15.88 40.65 -35.03
CA LYS H 368 14.48 40.92 -35.23
C LYS H 368 13.87 39.89 -36.19
N TRP H 369 12.75 39.32 -35.78
CA TRP H 369 11.99 38.34 -36.59
C TRP H 369 11.24 39.07 -37.68
N ASP H 370 11.37 38.57 -38.92
CA ASP H 370 10.71 39.22 -40.08
C ASP H 370 9.20 38.96 -40.18
N GLY H 371 8.69 38.13 -39.26
CA GLY H 371 7.28 37.80 -39.26
C GLY H 371 6.95 36.57 -40.05
N SER H 372 7.93 35.99 -40.72
CA SER H 372 7.70 34.78 -41.49
C SER H 372 7.76 33.52 -40.61
N ALA H 373 7.18 32.41 -41.07
CA ALA H 373 7.33 31.13 -40.36
C ALA H 373 8.23 30.15 -41.10
N TYR H 374 9.09 29.50 -40.32
CA TYR H 374 10.15 28.64 -40.85
C TYR H 374 9.66 27.50 -41.72
N GLU H 375 10.22 27.47 -42.93
CA GLU H 375 10.51 26.22 -43.66
C GLU H 375 11.65 26.52 -44.64
#